data_7CWL
#
_entry.id   7CWL
#
loop_
_entity.id
_entity.type
_entity.pdbx_description
1 polymer 'Spike glycoprotein'
2 polymer 'Fab P17 heavy chain'
3 polymer 'Fab P17 light chain'
4 non-polymer 2-acetamido-2-deoxy-beta-D-glucopyranose
#
loop_
_entity_poly.entity_id
_entity_poly.type
_entity_poly.pdbx_seq_one_letter_code
_entity_poly.pdbx_strand_id
1 'polypeptide(L)'
;MFVFLVLLPLVSSQCVNLTTRTQLPPAYTNSFTRGVYYPDKVFRSSVLHSTQDLFLPFFSNVTWFHAIHVSGTNGTKRFD
NPVLPFNDGVYFASTEKSNIIRGWIFGTTLDSKTQSLLIVNNATNVVIKVCEFQFCNDPFLGVYYHKNNKSWMESEFRVY
SSANNCTFEYVSQPFLMDLEGKQGNFKNLREFVFKNIDGYFKIYSKHTPINLVRDLPQGFSALEPLVDLPIGINITRFQT
LLALHRSYLTPGDSSSGWTAGAAAYYVGYLQPRTFLLKYNENGTITDAVDCALDPLSETKCTLKSFTVEKGIYQTSNFRV
QPTESIVRFPNITNLCPFGEVFNATRFASVYAWNRKRISNCVADYSVLYNSASFSTFKCYGVSPTKLNDLCFTNVYADSF
VIRGDEVRQIAPGQTGKIADYNYKLPDDFTGCVIAWNSNNLDSKVGGNYNYLYRLFRKSNLKPFERDISTEIYQAGSTPC
NGVEGFNCYFPLQSYGFQPTNGVGYQPYRVVVLSFELLHAPATVCGPKKSTNLVKNKCVNFNFNGLTGTGVLTESNKKFL
PFQQFGRDIADTTDAVRDPQTLEILDITPCSFGGVSVITPGTNTSNQVAVLYQDVNCTEVPVAIHADQLTPTWRVYSTGS
NVFQTRAGCLIGAEHVNNSYECDIPIGAGICASYQTQTNSPRRARSVASQSIIAYTMSLGAENSVAYSNNSIAIPTNFTI
SVTTEILPVSMTKTSVDCTMYICGDSTECSNLLLQYGSFCTQLNRALTGIAVEQDKNTQEVFAQVKQIYKTPPIKDFGGF
NFSQILPDPSKPSKRSFIEDLLFNKVTLADAGFIKQYGDCLGDIAARDLICAQKFNGLTVLPPLLTDEMIAQYTSALLAG
TITSGWTFGAGAALQIPFAMQMAYRFNGIGVTQNVLYENQKLIANQFNSAIGKIQDSLSSTASALGKLQDVVNQNAQALN
TLVKQLSSNFGAISSVLNDILSRLDKVEAEVQIDRLITGRLQSLQTYVTQQLIRAAEIRASANLAATKMSECVLGQSKRV
DFCGKGYHLMSFPQSAPHGVVFLHVTYVPAQEKNFTTAPAICHDGKAHFPREGVFVSNGTHWFVTQRNFYEPQIITTDNT
FVSGNCDVVIGIVNNTVYDPLQPELDSFKEELDKYFKNHTSPDVDLGDISGINASVVNIQKEIDRLNEVAKNLNESLIDL
QELGKYEQYIKWPWYIWLGFIAGLIAIVMVTIMLCCMTSCCSCLKGCCSCGSCCKFDEDDSEPVLKGVKLHYT
;
A,B,C
2 'polypeptide(L)'
;QQLVESGGGVVQPGRSLRLSCAASGFTFSSYAMHWVRQAPGKGLEWVAVISYDGSNKYYADSVKGRFTISRDNSKNTLYL
QMNSLRAEDTAVYYCARHATLMNNKDIWGQGTLVTVSSAS
;
G,H,I
3 'polypeptide(L)'
;GDIQLTQSPSSLSASVGDRVTITCRASQSISSYLNWYQQKPGKAPKLLIYAASSLQSGVPSRFSGSGSGTDFTLTISSLQ
PEDFATYYCQQSYSTPRTFGQGTKVEIK
;
L,J,K
#
# COMPACT_ATOMS: atom_id res chain seq x y z
N GLN A 14 -38.25 -45.51 -36.32
CA GLN A 14 -37.32 -46.63 -36.22
C GLN A 14 -37.26 -47.15 -34.78
N CYS A 15 -36.15 -46.83 -34.11
CA CYS A 15 -35.90 -47.28 -32.74
C CYS A 15 -35.98 -48.81 -32.62
N VAL A 16 -35.52 -49.51 -33.66
CA VAL A 16 -35.46 -51.00 -33.57
C VAL A 16 -34.56 -51.35 -32.38
N ASN A 17 -34.97 -52.30 -31.54
CA ASN A 17 -34.18 -52.55 -30.31
C ASN A 17 -33.67 -54.00 -30.21
N LEU A 18 -32.36 -54.17 -29.98
CA LEU A 18 -31.81 -55.54 -29.73
C LEU A 18 -31.08 -55.46 -28.39
N THR A 19 -31.55 -56.17 -27.36
CA THR A 19 -30.92 -56.02 -26.02
C THR A 19 -29.91 -57.14 -25.74
N THR A 20 -30.21 -58.37 -26.16
CA THR A 20 -29.32 -59.56 -25.92
C THR A 20 -29.39 -59.94 -24.43
N ARG A 21 -28.54 -60.87 -23.99
CA ARG A 21 -28.57 -61.34 -22.57
C ARG A 21 -27.15 -61.37 -21.99
N THR A 22 -26.33 -60.35 -22.28
CA THR A 22 -24.91 -60.42 -21.82
C THR A 22 -24.67 -59.60 -20.55
N GLN A 23 -24.31 -60.27 -19.45
CA GLN A 23 -23.92 -59.55 -18.21
C GLN A 23 -22.58 -60.14 -17.77
N LEU A 24 -21.54 -59.32 -17.60
CA LEU A 24 -20.19 -59.91 -17.32
C LEU A 24 -19.32 -58.93 -16.50
N PRO A 25 -18.31 -59.39 -15.70
CA PRO A 25 -17.40 -58.46 -15.06
C PRO A 25 -16.61 -57.70 -16.10
N PRO A 26 -16.60 -56.37 -16.05
CA PRO A 26 -15.88 -55.61 -17.07
C PRO A 26 -14.40 -55.96 -17.04
N ALA A 27 -13.88 -56.35 -18.20
CA ALA A 27 -12.49 -56.76 -18.29
C ALA A 27 -11.65 -55.50 -18.22
N TYR A 28 -10.79 -55.42 -17.21
CA TYR A 28 -10.03 -54.21 -16.99
C TYR A 28 -8.66 -54.32 -17.63
N THR A 29 -7.91 -53.24 -17.54
CA THR A 29 -6.56 -53.20 -18.09
C THR A 29 -5.83 -52.05 -17.40
N ASN A 30 -4.59 -51.85 -17.81
CA ASN A 30 -3.70 -50.88 -17.17
C ASN A 30 -3.13 -50.00 -18.26
N SER A 31 -3.50 -48.72 -18.24
CA SER A 31 -2.90 -47.77 -19.17
C SER A 31 -1.53 -47.39 -18.62
N PHE A 32 -0.49 -47.71 -19.37
CA PHE A 32 0.86 -47.62 -18.82
C PHE A 32 1.32 -46.17 -18.91
N THR A 33 1.62 -45.74 -20.13
CA THR A 33 1.79 -44.32 -20.46
C THR A 33 0.77 -44.00 -21.53
N ARG A 34 -0.26 -43.23 -21.19
CA ARG A 34 -1.35 -43.07 -22.13
C ARG A 34 -2.10 -41.78 -21.82
N GLY A 35 -2.83 -41.31 -22.83
CA GLY A 35 -3.71 -40.17 -22.66
C GLY A 35 -3.03 -38.86 -22.34
N VAL A 36 -1.88 -38.59 -22.96
CA VAL A 36 -1.19 -37.33 -22.79
C VAL A 36 -1.35 -36.52 -24.07
N TYR A 37 -2.17 -35.47 -23.99
CA TYR A 37 -2.43 -34.59 -25.11
C TYR A 37 -1.64 -33.31 -24.91
N TYR A 38 -1.79 -32.38 -25.86
CA TYR A 38 -1.13 -31.10 -25.75
C TYR A 38 -2.12 -30.09 -25.19
N PRO A 39 -1.98 -29.67 -23.94
CA PRO A 39 -2.96 -28.73 -23.38
C PRO A 39 -2.60 -27.28 -23.61
N ASP A 40 -2.28 -26.92 -24.86
CA ASP A 40 -2.01 -25.57 -25.36
C ASP A 40 -1.62 -25.66 -26.82
N LYS A 41 -1.71 -24.52 -27.50
CA LYS A 41 -1.21 -24.37 -28.85
C LYS A 41 0.25 -23.94 -28.88
N VAL A 42 0.78 -23.50 -27.74
CA VAL A 42 2.08 -22.87 -27.68
C VAL A 42 3.15 -23.89 -28.01
N PHE A 43 4.01 -23.54 -28.96
CA PHE A 43 5.09 -24.41 -29.38
C PHE A 43 6.26 -24.29 -28.41
N ARG A 44 6.65 -25.42 -27.82
CA ARG A 44 7.80 -25.46 -26.93
C ARG A 44 8.75 -26.55 -27.39
N SER A 45 10.04 -26.36 -27.09
CA SER A 45 11.09 -27.22 -27.61
C SER A 45 11.98 -27.67 -26.46
N SER A 46 12.00 -28.98 -26.20
CA SER A 46 12.93 -29.60 -25.25
C SER A 46 12.95 -28.88 -23.91
N VAL A 47 11.79 -28.68 -23.32
CA VAL A 47 11.66 -28.06 -22.01
C VAL A 47 10.76 -28.95 -21.17
N LEU A 48 10.85 -28.81 -19.85
CA LEU A 48 9.96 -29.54 -18.96
C LEU A 48 8.88 -28.59 -18.45
N HIS A 49 7.67 -28.76 -18.94
CA HIS A 49 6.55 -27.91 -18.59
C HIS A 49 5.61 -28.67 -17.68
N SER A 50 5.02 -27.99 -16.71
CA SER A 50 4.22 -28.62 -15.68
C SER A 50 2.90 -27.87 -15.52
N THR A 51 1.80 -28.57 -15.74
CA THR A 51 0.47 -28.05 -15.48
C THR A 51 -0.35 -29.09 -14.73
N GLN A 52 -1.34 -28.61 -13.98
CA GLN A 52 -2.31 -29.47 -13.31
C GLN A 52 -3.62 -29.35 -14.07
N ASP A 53 -3.99 -30.41 -14.78
CA ASP A 53 -5.14 -30.42 -15.65
C ASP A 53 -5.78 -31.80 -15.61
N LEU A 54 -6.99 -31.89 -16.16
CA LEU A 54 -7.65 -33.17 -16.30
C LEU A 54 -6.86 -34.08 -17.23
N PHE A 55 -6.52 -35.27 -16.76
CA PHE A 55 -5.88 -36.29 -17.58
C PHE A 55 -6.37 -37.65 -17.13
N LEU A 56 -5.94 -38.69 -17.85
CA LEU A 56 -6.08 -40.06 -17.39
C LEU A 56 -4.78 -40.45 -16.70
N PRO A 57 -4.75 -40.55 -15.38
CA PRO A 57 -3.48 -40.80 -14.69
C PRO A 57 -2.89 -42.15 -15.06
N PHE A 58 -1.58 -42.20 -14.99
CA PHE A 58 -0.88 -43.42 -15.44
C PHE A 58 -1.25 -44.61 -14.58
N PHE A 59 -1.09 -45.79 -15.16
CA PHE A 59 -1.43 -47.05 -14.45
C PHE A 59 -2.81 -46.90 -13.82
N SER A 60 -3.84 -46.68 -14.66
CA SER A 60 -5.21 -46.56 -14.13
C SER A 60 -6.10 -47.70 -14.59
N ASN A 61 -7.28 -47.85 -13.96
CA ASN A 61 -8.15 -48.98 -14.34
C ASN A 61 -8.89 -48.56 -15.59
N VAL A 62 -8.66 -49.28 -16.68
CA VAL A 62 -9.30 -48.90 -17.94
C VAL A 62 -10.27 -50.01 -18.32
N THR A 63 -11.53 -49.66 -18.46
CA THR A 63 -12.60 -50.68 -18.59
C THR A 63 -12.70 -51.11 -20.05
N TRP A 64 -11.97 -52.16 -20.43
CA TRP A 64 -12.11 -52.67 -21.82
C TRP A 64 -13.59 -53.05 -21.97
N PHE A 65 -14.26 -52.57 -23.02
CA PHE A 65 -15.70 -52.83 -23.22
C PHE A 65 -15.96 -53.26 -24.66
N HIS A 66 -16.70 -54.35 -24.86
CA HIS A 66 -16.94 -54.86 -26.23
C HIS A 66 -18.39 -54.56 -26.65
N ALA A 67 -18.56 -53.72 -27.68
CA ALA A 67 -19.92 -53.41 -28.18
C ALA A 67 -20.55 -54.67 -28.78
N ILE A 68 -19.79 -55.44 -29.57
CA ILE A 68 -20.29 -56.74 -30.13
C ILE A 68 -19.24 -57.80 -29.75
N HIS A 69 -19.66 -58.93 -29.16
CA HIS A 69 -18.63 -59.89 -28.69
C HIS A 69 -18.99 -61.34 -29.01
N VAL A 70 -18.28 -61.98 -29.95
CA VAL A 70 -18.48 -63.39 -30.18
C VAL A 70 -17.65 -64.21 -29.20
N SER A 71 -18.34 -65.02 -28.40
CA SER A 71 -17.72 -66.06 -27.59
C SER A 71 -18.16 -67.38 -28.21
N GLY A 72 -17.23 -68.08 -28.85
CA GLY A 72 -17.58 -69.09 -29.82
C GLY A 72 -18.28 -70.35 -29.34
N THR A 73 -19.48 -70.57 -29.90
CA THR A 73 -20.04 -71.91 -30.05
C THR A 73 -20.52 -72.01 -31.49
N ASN A 74 -21.56 -71.25 -31.85
CA ASN A 74 -21.73 -70.74 -33.20
C ASN A 74 -22.35 -69.36 -33.08
N GLY A 75 -21.77 -68.37 -33.75
CA GLY A 75 -22.32 -67.03 -33.64
C GLY A 75 -22.20 -66.50 -32.23
N THR A 76 -23.34 -66.16 -31.63
CA THR A 76 -23.45 -65.59 -30.29
C THR A 76 -22.72 -64.25 -30.21
N LYS A 77 -23.31 -63.27 -30.90
CA LYS A 77 -22.84 -61.90 -30.85
C LYS A 77 -23.50 -61.16 -29.70
N ARG A 78 -22.68 -60.61 -28.80
CA ARG A 78 -23.16 -60.02 -27.55
C ARG A 78 -23.09 -58.51 -27.64
N PHE A 79 -24.26 -57.87 -27.69
CA PHE A 79 -24.37 -56.41 -27.74
C PHE A 79 -24.51 -55.91 -26.32
N ASP A 80 -23.41 -55.41 -25.75
CA ASP A 80 -23.39 -54.99 -24.36
C ASP A 80 -23.30 -53.49 -24.12
N ASN A 81 -23.08 -52.67 -25.16
CA ASN A 81 -22.52 -51.35 -24.88
C ASN A 81 -23.47 -50.50 -24.05
N PRO A 82 -23.13 -50.18 -22.80
CA PRO A 82 -24.05 -49.45 -21.94
C PRO A 82 -24.00 -47.95 -22.17
N VAL A 83 -25.07 -47.28 -21.75
CA VAL A 83 -24.98 -45.85 -21.51
C VAL A 83 -24.02 -45.62 -20.36
N LEU A 84 -23.04 -44.74 -20.57
CA LEU A 84 -22.01 -44.61 -19.57
C LEU A 84 -21.94 -43.17 -19.09
N PRO A 85 -21.75 -42.96 -17.79
CA PRO A 85 -21.63 -41.59 -17.28
C PRO A 85 -20.37 -40.93 -17.82
N PHE A 86 -20.41 -39.61 -17.97
CA PHE A 86 -19.23 -38.86 -18.40
C PHE A 86 -18.28 -38.62 -17.23
N ASN A 87 -18.79 -38.41 -16.03
CA ASN A 87 -18.01 -38.14 -14.82
C ASN A 87 -17.18 -36.88 -15.08
N ASP A 88 -15.90 -36.86 -14.70
CA ASP A 88 -15.05 -35.70 -14.90
C ASP A 88 -14.65 -35.50 -16.36
N GLY A 89 -13.91 -36.45 -16.93
CA GLY A 89 -13.63 -36.44 -18.34
C GLY A 89 -13.54 -37.86 -18.84
N VAL A 90 -13.45 -37.99 -20.16
CA VAL A 90 -13.54 -39.29 -20.80
C VAL A 90 -12.37 -39.49 -21.76
N TYR A 91 -11.81 -40.69 -21.73
CA TYR A 91 -10.79 -41.15 -22.66
C TYR A 91 -11.38 -42.29 -23.48
N PHE A 92 -10.86 -42.50 -24.68
CA PHE A 92 -11.37 -43.55 -25.55
C PHE A 92 -10.25 -44.11 -26.42
N ALA A 93 -10.31 -45.40 -26.68
CA ALA A 93 -9.31 -46.07 -27.52
C ALA A 93 -9.94 -47.26 -28.21
N SER A 94 -9.50 -47.52 -29.44
CA SER A 94 -10.02 -48.65 -30.21
C SER A 94 -9.02 -49.03 -31.28
N THR A 95 -9.17 -50.25 -31.79
CA THR A 95 -8.36 -50.73 -32.91
C THR A 95 -9.21 -50.77 -34.17
N GLU A 96 -10.09 -51.77 -34.27
CA GLU A 96 -11.15 -51.82 -35.26
C GLU A 96 -10.60 -51.68 -36.69
N LYS A 97 -9.81 -52.67 -37.09
CA LYS A 97 -9.32 -52.68 -38.49
C LYS A 97 -10.53 -52.46 -39.39
N SER A 98 -11.62 -53.19 -39.13
CA SER A 98 -12.89 -52.93 -39.86
C SER A 98 -13.71 -52.00 -38.97
N ASN A 99 -13.87 -50.74 -39.38
CA ASN A 99 -14.55 -49.78 -38.46
C ASN A 99 -15.99 -50.23 -38.26
N ILE A 100 -16.42 -50.27 -37.00
CA ILE A 100 -17.85 -50.59 -36.70
C ILE A 100 -18.26 -49.43 -35.81
N ILE A 101 -17.31 -48.57 -35.48
CA ILE A 101 -17.54 -47.47 -34.56
C ILE A 101 -17.52 -46.17 -35.33
N ARG A 102 -18.41 -45.25 -34.98
CA ARG A 102 -18.54 -44.01 -35.73
C ARG A 102 -18.43 -42.80 -34.80
N GLY A 103 -19.34 -42.70 -33.84
CA GLY A 103 -19.40 -41.54 -32.98
C GLY A 103 -20.02 -41.88 -31.65
N TRP A 104 -20.33 -40.85 -30.88
CA TRP A 104 -20.84 -41.03 -29.53
C TRP A 104 -22.05 -40.11 -29.34
N ILE A 105 -22.88 -40.44 -28.35
CA ILE A 105 -24.20 -39.81 -28.19
C ILE A 105 -24.18 -38.68 -27.18
N PHE A 106 -23.00 -38.19 -26.79
CA PHE A 106 -22.80 -37.50 -25.52
C PHE A 106 -23.93 -36.53 -25.21
N GLY A 107 -24.43 -36.55 -23.97
CA GLY A 107 -25.53 -35.63 -23.63
C GLY A 107 -26.07 -35.80 -22.23
N THR A 108 -26.36 -34.68 -21.56
CA THR A 108 -26.90 -34.69 -20.16
C THR A 108 -28.26 -35.41 -20.19
N THR A 109 -29.07 -35.11 -21.21
CA THR A 109 -30.41 -35.75 -21.37
C THR A 109 -30.40 -36.62 -22.63
N LEU A 110 -30.01 -37.89 -22.49
CA LEU A 110 -29.96 -38.83 -23.61
C LEU A 110 -31.31 -38.84 -24.33
N ASP A 111 -31.90 -37.67 -24.39
CA ASP A 111 -33.31 -37.47 -24.74
C ASP A 111 -33.45 -36.00 -25.13
N SER A 112 -34.68 -35.54 -25.30
CA SER A 112 -34.92 -34.10 -25.35
C SER A 112 -34.78 -33.51 -23.95
N LYS A 113 -35.12 -32.23 -23.82
CA LYS A 113 -35.02 -31.40 -22.62
C LYS A 113 -33.60 -30.92 -22.38
N THR A 114 -32.59 -31.52 -23.02
CA THR A 114 -31.23 -31.02 -23.01
C THR A 114 -30.72 -31.02 -24.44
N GLN A 115 -29.57 -30.40 -24.65
CA GLN A 115 -28.95 -30.52 -25.95
C GLN A 115 -28.41 -31.94 -26.12
N SER A 116 -27.86 -32.21 -27.30
CA SER A 116 -27.29 -33.52 -27.55
C SER A 116 -26.03 -33.36 -28.38
N LEU A 117 -24.95 -34.00 -27.94
CA LEU A 117 -23.76 -34.04 -28.77
C LEU A 117 -23.77 -35.32 -29.61
N LEU A 118 -23.93 -35.16 -30.93
CA LEU A 118 -23.91 -36.34 -31.85
C LEU A 118 -22.77 -36.17 -32.86
N ILE A 119 -21.58 -36.68 -32.54
CA ILE A 119 -20.40 -36.56 -33.45
C ILE A 119 -20.40 -37.72 -34.44
N VAL A 120 -21.27 -37.67 -35.46
CA VAL A 120 -21.38 -38.81 -36.43
C VAL A 120 -20.45 -38.57 -37.63
N ASN A 121 -19.49 -39.47 -37.85
CA ASN A 121 -18.59 -39.35 -39.03
C ASN A 121 -19.45 -39.46 -40.29
N ASN A 122 -20.41 -40.39 -40.32
CA ASN A 122 -21.28 -40.62 -41.51
C ASN A 122 -20.47 -41.38 -42.57
N ALA A 123 -19.22 -41.73 -42.28
CA ALA A 123 -18.35 -42.48 -43.21
C ALA A 123 -18.18 -41.72 -44.52
N THR A 124 -18.31 -40.40 -44.49
CA THR A 124 -17.77 -39.53 -45.55
C THR A 124 -16.99 -38.40 -44.89
N ASN A 125 -17.70 -37.33 -44.53
CA ASN A 125 -17.04 -36.21 -43.81
C ASN A 125 -17.76 -36.14 -42.46
N VAL A 126 -16.99 -36.12 -41.36
CA VAL A 126 -17.68 -36.18 -40.05
C VAL A 126 -18.67 -35.03 -39.98
N VAL A 127 -19.93 -35.32 -39.66
CA VAL A 127 -20.90 -34.19 -39.46
C VAL A 127 -21.12 -34.06 -37.95
N ILE A 128 -20.47 -33.10 -37.34
CA ILE A 128 -20.59 -32.95 -35.86
C ILE A 128 -21.91 -32.27 -35.58
N LYS A 129 -22.75 -32.91 -34.77
CA LYS A 129 -24.04 -32.30 -34.49
C LYS A 129 -24.17 -32.05 -33.00
N VAL A 130 -24.47 -30.80 -32.66
CA VAL A 130 -24.94 -30.45 -31.32
C VAL A 130 -26.37 -29.97 -31.48
N CYS A 131 -27.32 -30.78 -31.04
CA CYS A 131 -28.73 -30.54 -31.32
C CYS A 131 -29.55 -31.05 -30.14
N GLU A 132 -30.87 -31.11 -30.33
CA GLU A 132 -31.78 -31.81 -29.42
C GLU A 132 -32.39 -32.97 -30.20
N PHE A 133 -32.06 -34.19 -29.80
CA PHE A 133 -32.57 -35.38 -30.46
C PHE A 133 -33.47 -36.17 -29.53
N GLN A 134 -34.05 -37.24 -30.08
CA GLN A 134 -34.65 -38.30 -29.29
C GLN A 134 -33.85 -39.57 -29.53
N PHE A 135 -33.04 -39.96 -28.56
CA PHE A 135 -32.25 -41.17 -28.72
C PHE A 135 -33.03 -42.39 -28.25
N CYS A 136 -33.01 -43.44 -29.06
CA CYS A 136 -33.80 -44.63 -28.80
C CYS A 136 -33.22 -45.38 -27.61
N ASN A 137 -33.87 -46.49 -27.26
CA ASN A 137 -33.37 -47.34 -26.18
C ASN A 137 -32.12 -48.11 -26.57
N ASP A 138 -31.96 -48.45 -27.85
CA ASP A 138 -30.78 -49.17 -28.34
C ASP A 138 -30.25 -48.43 -29.57
N PRO A 139 -29.70 -47.24 -29.39
CA PRO A 139 -29.29 -46.45 -30.55
C PRO A 139 -28.01 -46.96 -31.19
N PHE A 140 -27.94 -46.84 -32.51
CA PHE A 140 -26.75 -47.13 -33.31
C PHE A 140 -27.11 -46.82 -34.76
N LEU A 141 -26.09 -46.60 -35.58
CA LEU A 141 -26.28 -46.25 -36.98
C LEU A 141 -26.53 -47.51 -37.79
N GLY A 142 -27.67 -47.58 -38.46
CA GLY A 142 -27.91 -48.66 -39.38
C GLY A 142 -27.28 -48.37 -40.74
N VAL A 143 -26.77 -49.42 -41.36
CA VAL A 143 -26.21 -49.36 -42.71
C VAL A 143 -26.91 -50.40 -43.56
N TYR A 144 -27.25 -50.02 -44.77
CA TYR A 144 -27.94 -50.91 -45.69
C TYR A 144 -27.39 -50.66 -47.09
N TYR A 145 -27.97 -51.35 -48.09
CA TYR A 145 -27.51 -51.21 -49.49
C TYR A 145 -28.58 -50.42 -50.26
N HIS A 146 -28.21 -49.26 -50.82
CA HIS A 146 -29.20 -48.39 -51.50
C HIS A 146 -29.71 -49.03 -52.80
N LYS A 147 -28.94 -49.96 -53.38
CA LYS A 147 -29.34 -50.69 -54.62
C LYS A 147 -29.06 -49.82 -55.86
N ASN A 148 -28.57 -48.60 -55.63
CA ASN A 148 -28.24 -47.69 -56.77
C ASN A 148 -26.74 -47.45 -56.78
N ASN A 149 -26.07 -47.76 -57.90
CA ASN A 149 -24.60 -47.56 -58.02
C ASN A 149 -23.88 -48.42 -56.98
N LYS A 150 -24.46 -49.56 -56.59
CA LYS A 150 -23.82 -50.49 -55.63
C LYS A 150 -23.38 -49.72 -54.38
N SER A 151 -24.27 -48.89 -53.81
CA SER A 151 -23.85 -48.02 -52.67
C SER A 151 -24.43 -48.48 -51.33
N TRP A 152 -23.68 -48.28 -50.23
CA TRP A 152 -24.14 -48.58 -48.89
C TRP A 152 -24.46 -47.28 -48.18
N MET A 153 -25.74 -47.00 -47.97
CA MET A 153 -26.11 -45.83 -47.21
C MET A 153 -26.03 -46.13 -45.73
N GLU A 154 -26.27 -45.10 -44.93
CA GLU A 154 -26.33 -45.24 -43.48
C GLU A 154 -27.65 -44.65 -43.02
N SER A 155 -28.52 -45.48 -42.47
CA SER A 155 -29.75 -44.98 -41.87
C SER A 155 -29.37 -44.43 -40.50
N GLU A 156 -29.54 -43.12 -40.33
CA GLU A 156 -29.09 -42.46 -39.12
C GLU A 156 -30.17 -42.36 -38.07
N PHE A 157 -31.41 -42.71 -38.42
CA PHE A 157 -32.48 -42.62 -37.44
C PHE A 157 -32.71 -43.93 -36.73
N ARG A 158 -31.89 -44.95 -37.00
CA ARG A 158 -31.85 -46.11 -36.12
C ARG A 158 -31.18 -45.73 -34.80
N VAL A 159 -30.42 -44.64 -34.80
CA VAL A 159 -29.90 -44.06 -33.57
C VAL A 159 -31.04 -43.34 -32.86
N TYR A 160 -31.53 -42.28 -33.50
CA TYR A 160 -32.44 -41.33 -32.88
C TYR A 160 -33.64 -41.11 -33.76
N SER A 161 -34.81 -40.94 -33.13
CA SER A 161 -36.02 -40.69 -33.91
C SER A 161 -36.08 -39.25 -34.39
N SER A 162 -36.21 -38.31 -33.45
CA SER A 162 -36.41 -36.91 -33.80
C SER A 162 -35.06 -36.20 -33.92
N ALA A 163 -35.01 -35.27 -34.88
CA ALA A 163 -33.93 -34.29 -34.97
C ALA A 163 -34.58 -32.93 -35.19
N ASN A 164 -34.42 -32.03 -34.23
CA ASN A 164 -35.07 -30.73 -34.28
C ASN A 164 -34.39 -29.81 -33.27
N ASN A 165 -34.81 -28.54 -33.26
CA ASN A 165 -34.37 -27.52 -32.31
C ASN A 165 -32.88 -27.21 -32.43
N CYS A 166 -32.16 -27.87 -33.35
CA CYS A 166 -30.72 -28.01 -33.26
C CYS A 166 -29.99 -26.70 -33.02
N THR A 167 -29.09 -26.71 -32.05
CA THR A 167 -28.27 -25.56 -31.69
C THR A 167 -27.04 -25.38 -32.58
N PHE A 168 -26.33 -26.46 -32.90
CA PHE A 168 -25.06 -26.32 -33.59
C PHE A 168 -24.86 -27.44 -34.59
N GLU A 169 -24.07 -27.14 -35.61
CA GLU A 169 -23.73 -28.09 -36.67
C GLU A 169 -22.32 -27.76 -37.17
N TYR A 170 -21.60 -28.82 -37.55
CA TYR A 170 -20.25 -28.64 -38.09
C TYR A 170 -19.88 -29.85 -38.94
N VAL A 171 -18.91 -29.64 -39.84
CA VAL A 171 -18.39 -30.69 -40.70
C VAL A 171 -16.88 -30.54 -40.78
N SER A 172 -16.17 -31.65 -40.88
CA SER A 172 -14.71 -31.64 -41.00
C SER A 172 -14.26 -32.89 -41.74
N GLN A 173 -12.95 -32.99 -41.96
CA GLN A 173 -12.34 -34.19 -42.50
C GLN A 173 -12.42 -35.33 -41.49
N PRO A 174 -12.59 -36.56 -41.97
CA PRO A 174 -12.94 -37.65 -41.05
C PRO A 174 -11.87 -37.90 -40.00
N PHE A 175 -12.31 -37.91 -38.75
CA PHE A 175 -11.41 -38.23 -37.64
C PHE A 175 -11.03 -39.70 -37.70
N LEU A 176 -12.03 -40.57 -37.77
CA LEU A 176 -11.84 -41.98 -38.06
C LEU A 176 -11.29 -42.09 -39.48
N MET A 177 -10.19 -42.81 -39.64
CA MET A 177 -9.55 -42.95 -40.93
C MET A 177 -8.94 -44.34 -41.00
N ASP A 178 -9.00 -44.95 -42.17
CA ASP A 178 -8.35 -46.24 -42.35
C ASP A 178 -7.06 -46.07 -43.15
N LEU A 179 -6.28 -47.14 -43.21
CA LEU A 179 -5.14 -47.28 -44.09
C LEU A 179 -5.21 -48.66 -44.73
N GLU A 180 -5.14 -49.66 -43.85
CA GLU A 180 -5.30 -51.09 -44.12
C GLU A 180 -4.30 -51.56 -45.17
N GLY A 181 -4.68 -52.55 -45.99
CA GLY A 181 -3.72 -53.30 -46.79
C GLY A 181 -2.67 -54.03 -45.99
N LYS A 182 -2.71 -53.97 -44.66
CA LYS A 182 -1.62 -54.39 -43.79
C LYS A 182 -1.82 -55.76 -43.16
N GLN A 183 -2.93 -56.44 -43.45
CA GLN A 183 -3.27 -57.75 -42.88
C GLN A 183 -2.97 -57.80 -41.38
N GLY A 184 -3.29 -56.71 -40.70
CA GLY A 184 -2.95 -56.55 -39.31
C GLY A 184 -1.61 -55.87 -39.12
N ASN A 185 -0.97 -56.18 -37.98
CA ASN A 185 0.35 -55.67 -37.62
C ASN A 185 0.31 -54.17 -37.32
N PHE A 186 -0.78 -53.51 -37.72
CA PHE A 186 -1.11 -52.17 -37.26
C PHE A 186 -2.27 -52.21 -36.28
N LYS A 187 -3.42 -52.72 -36.73
CA LYS A 187 -4.69 -52.70 -36.02
C LYS A 187 -5.24 -51.28 -36.02
N ASN A 188 -4.42 -50.33 -36.45
CA ASN A 188 -4.76 -48.92 -36.51
C ASN A 188 -5.40 -48.48 -35.19
N LEU A 189 -4.60 -48.53 -34.13
CA LEU A 189 -5.11 -48.15 -32.82
C LEU A 189 -5.47 -46.67 -32.84
N ARG A 190 -6.71 -46.37 -32.46
CA ARG A 190 -7.27 -45.03 -32.59
C ARG A 190 -7.80 -44.59 -31.25
N GLU A 191 -7.38 -43.40 -30.81
CA GLU A 191 -7.71 -42.86 -29.51
C GLU A 191 -8.40 -41.52 -29.66
N PHE A 192 -9.37 -41.26 -28.79
CA PHE A 192 -10.08 -39.99 -28.82
C PHE A 192 -10.35 -39.55 -27.40
N VAL A 193 -9.92 -38.34 -27.07
CA VAL A 193 -10.12 -37.77 -25.74
C VAL A 193 -11.17 -36.68 -25.83
N PHE A 194 -12.06 -36.66 -24.83
CA PHE A 194 -13.21 -35.77 -24.83
C PHE A 194 -13.25 -35.08 -23.47
N LYS A 195 -13.10 -33.74 -23.50
CA LYS A 195 -13.15 -32.91 -22.26
C LYS A 195 -13.87 -31.60 -22.57
N ASN A 196 -15.05 -31.40 -21.98
CA ASN A 196 -15.86 -30.16 -22.23
C ASN A 196 -16.16 -29.46 -20.90
N ILE A 197 -15.91 -28.14 -20.83
CA ILE A 197 -16.17 -27.31 -19.62
C ILE A 197 -16.41 -25.86 -20.06
N ASP A 198 -15.47 -24.98 -19.70
CA ASP A 198 -15.45 -23.55 -20.03
C ASP A 198 -16.08 -23.22 -21.38
N GLY A 199 -17.18 -23.88 -21.71
CA GLY A 199 -17.83 -23.64 -22.98
C GLY A 199 -17.12 -24.25 -24.17
N TYR A 200 -15.92 -24.79 -23.99
CA TYR A 200 -15.20 -25.46 -25.07
C TYR A 200 -15.07 -26.94 -24.75
N PHE A 201 -15.81 -27.76 -25.49
CA PHE A 201 -15.61 -29.20 -25.50
C PHE A 201 -14.66 -29.50 -26.65
N LYS A 202 -13.46 -29.94 -26.33
CA LYS A 202 -12.40 -30.11 -27.31
C LYS A 202 -12.15 -31.58 -27.56
N ILE A 203 -11.85 -31.91 -28.81
CA ILE A 203 -11.66 -33.28 -29.24
C ILE A 203 -10.18 -33.48 -29.55
N TYR A 204 -9.67 -34.65 -29.21
CA TYR A 204 -8.29 -35.01 -29.45
C TYR A 204 -8.28 -36.35 -30.20
N SER A 205 -7.18 -36.63 -30.88
CA SER A 205 -7.13 -37.84 -31.71
C SER A 205 -5.69 -38.31 -31.81
N LYS A 206 -5.51 -39.44 -32.49
CA LYS A 206 -4.23 -40.07 -32.72
C LYS A 206 -4.49 -41.32 -33.55
N HIS A 207 -3.44 -41.79 -34.22
CA HIS A 207 -3.49 -43.06 -34.93
C HIS A 207 -2.15 -43.76 -34.74
N THR A 208 -2.18 -45.01 -34.29
CA THR A 208 -0.96 -45.70 -33.95
C THR A 208 -0.99 -47.14 -34.43
N PRO A 209 0.12 -47.66 -34.94
CA PRO A 209 0.23 -49.10 -35.17
C PRO A 209 0.40 -49.84 -33.85
N ILE A 210 -0.22 -51.01 -33.74
CA ILE A 210 0.00 -51.90 -32.61
C ILE A 210 0.04 -53.34 -33.11
N ASN A 211 1.10 -54.06 -32.76
CA ASN A 211 1.24 -55.47 -33.11
C ASN A 211 0.72 -56.40 -32.04
N LEU A 212 0.42 -55.90 -30.85
CA LEU A 212 -0.03 -56.76 -29.77
C LEU A 212 -1.46 -57.24 -30.04
N VAL A 213 -1.82 -58.36 -29.40
CA VAL A 213 -3.10 -58.99 -29.69
C VAL A 213 -4.25 -58.04 -29.37
N ARG A 214 -4.27 -57.49 -28.15
CA ARG A 214 -5.34 -56.56 -27.77
C ARG A 214 -4.81 -55.29 -27.11
N ASP A 215 -4.29 -55.44 -25.89
CA ASP A 215 -4.10 -54.31 -24.99
C ASP A 215 -2.94 -53.44 -25.44
N LEU A 216 -2.68 -52.38 -24.68
CA LEU A 216 -1.91 -51.22 -25.10
C LEU A 216 -0.41 -51.40 -24.84
N PRO A 217 0.44 -50.75 -25.63
CA PRO A 217 1.89 -50.84 -25.40
C PRO A 217 2.38 -49.84 -24.36
N GLN A 218 3.70 -49.74 -24.23
CA GLN A 218 4.34 -48.83 -23.29
C GLN A 218 4.60 -47.45 -23.87
N GLY A 219 4.30 -47.23 -25.15
CA GLY A 219 4.64 -45.99 -25.81
C GLY A 219 3.73 -44.84 -25.41
N PHE A 220 4.22 -43.63 -25.65
CA PHE A 220 3.48 -42.41 -25.38
C PHE A 220 2.68 -42.00 -26.62
N SER A 221 1.46 -41.51 -26.38
CA SER A 221 0.57 -41.08 -27.44
C SER A 221 0.21 -39.63 -27.23
N ALA A 222 0.67 -38.76 -28.12
CA ALA A 222 0.33 -37.35 -28.03
C ALA A 222 -0.88 -37.04 -28.91
N LEU A 223 -1.85 -36.33 -28.34
CA LEU A 223 -3.12 -36.07 -29.00
C LEU A 223 -3.26 -34.57 -29.21
N GLU A 224 -3.35 -34.16 -30.45
CA GLU A 224 -3.56 -32.74 -30.68
C GLU A 224 -5.04 -32.40 -30.56
N PRO A 225 -5.40 -31.19 -30.16
CA PRO A 225 -6.81 -30.79 -30.22
C PRO A 225 -7.26 -30.69 -31.67
N LEU A 226 -8.38 -31.32 -31.97
CA LEU A 226 -8.92 -31.23 -33.32
C LEU A 226 -9.65 -29.91 -33.52
N VAL A 227 -10.79 -29.74 -32.85
CA VAL A 227 -11.55 -28.50 -32.89
C VAL A 227 -11.92 -28.11 -31.48
N ASP A 228 -11.83 -26.82 -31.19
CA ASP A 228 -12.27 -26.28 -29.91
C ASP A 228 -13.64 -25.64 -30.10
N LEU A 229 -14.70 -26.33 -29.68
CA LEU A 229 -16.05 -25.84 -30.05
C LEU A 229 -16.79 -25.08 -28.95
N PRO A 230 -17.47 -23.97 -29.30
CA PRO A 230 -18.31 -23.24 -28.35
C PRO A 230 -19.53 -24.12 -28.08
N ILE A 231 -19.46 -24.93 -27.02
CA ILE A 231 -20.58 -25.84 -26.64
C ILE A 231 -21.45 -25.13 -25.60
N GLY A 232 -20.88 -24.81 -24.43
CA GLY A 232 -21.61 -24.11 -23.36
C GLY A 232 -22.50 -25.04 -22.54
N ILE A 233 -22.36 -26.36 -22.71
CA ILE A 233 -23.20 -27.33 -21.94
C ILE A 233 -22.29 -28.39 -21.30
N ASN A 234 -22.76 -29.03 -20.23
CA ASN A 234 -21.99 -30.08 -19.51
C ASN A 234 -22.70 -31.43 -19.70
N ILE A 235 -21.94 -32.46 -20.11
CA ILE A 235 -22.50 -33.82 -20.37
C ILE A 235 -22.06 -34.78 -19.26
N THR A 236 -23.01 -35.44 -18.60
CA THR A 236 -22.69 -36.38 -17.49
C THR A 236 -22.83 -37.85 -17.91
N ARG A 237 -23.46 -38.13 -19.06
CA ARG A 237 -23.63 -39.55 -19.51
C ARG A 237 -23.53 -39.63 -21.04
N PHE A 238 -23.27 -40.83 -21.57
CA PHE A 238 -23.14 -41.06 -23.01
C PHE A 238 -23.17 -42.55 -23.30
N GLN A 239 -23.04 -42.87 -24.58
CA GLN A 239 -22.84 -44.21 -25.11
C GLN A 239 -22.24 -44.04 -26.51
N THR A 240 -21.58 -45.08 -27.00
CA THR A 240 -20.94 -45.02 -28.32
C THR A 240 -21.99 -45.30 -29.39
N LEU A 241 -21.54 -45.28 -30.65
CA LEU A 241 -22.39 -45.58 -31.79
C LEU A 241 -21.79 -46.72 -32.60
N LEU A 242 -22.61 -47.29 -33.47
CA LEU A 242 -22.25 -48.53 -34.14
C LEU A 242 -22.67 -48.46 -35.60
N ALA A 243 -22.07 -49.31 -36.42
CA ALA A 243 -22.44 -49.48 -37.81
C ALA A 243 -22.67 -50.96 -38.06
N LEU A 244 -23.91 -51.32 -38.35
CA LEU A 244 -24.30 -52.71 -38.59
C LEU A 244 -25.01 -52.74 -39.95
N HIS A 245 -25.39 -53.93 -40.40
CA HIS A 245 -26.00 -54.04 -41.72
C HIS A 245 -27.03 -55.15 -41.76
N ARG A 246 -27.47 -55.48 -42.96
CA ARG A 246 -28.46 -56.53 -43.15
C ARG A 246 -27.87 -57.69 -43.95
N SER A 247 -28.28 -58.90 -43.60
CA SER A 247 -27.93 -60.07 -44.40
C SER A 247 -29.19 -60.70 -44.99
N TYR A 248 -28.99 -61.74 -45.79
CA TYR A 248 -30.09 -62.38 -46.49
C TYR A 248 -29.88 -63.89 -46.49
N LEU A 249 -30.91 -64.63 -46.94
CA LEU A 249 -31.25 -65.90 -46.30
C LEU A 249 -30.05 -66.81 -46.18
N THR A 250 -29.74 -67.16 -44.92
CA THR A 250 -28.72 -68.10 -44.51
C THR A 250 -29.21 -68.75 -43.22
N PRO A 251 -28.76 -69.97 -42.92
CA PRO A 251 -29.22 -70.58 -41.66
C PRO A 251 -28.62 -69.90 -40.43
N SER A 256 -34.27 -60.14 -38.43
CA SER A 256 -33.57 -59.38 -39.50
C SER A 256 -32.05 -59.51 -39.31
N GLY A 257 -31.28 -59.43 -40.40
CA GLY A 257 -29.80 -59.51 -40.30
C GLY A 257 -29.25 -58.39 -39.43
N TRP A 258 -28.28 -58.70 -38.56
CA TRP A 258 -27.58 -57.66 -37.74
C TRP A 258 -26.22 -58.18 -37.26
N THR A 259 -25.67 -57.63 -36.18
CA THR A 259 -24.41 -58.17 -35.53
C THR A 259 -23.22 -58.35 -36.50
N ALA A 260 -22.71 -57.27 -37.08
CA ALA A 260 -21.58 -57.34 -38.06
C ALA A 260 -20.21 -57.55 -37.38
N GLY A 261 -19.34 -58.40 -37.96
CA GLY A 261 -17.96 -58.65 -37.48
C GLY A 261 -17.86 -58.63 -35.97
N ALA A 262 -16.87 -57.91 -35.42
CA ALA A 262 -16.68 -57.85 -33.96
C ALA A 262 -16.41 -56.40 -33.55
N ALA A 263 -16.41 -56.11 -32.24
CA ALA A 263 -16.21 -54.75 -31.77
C ALA A 263 -15.82 -54.75 -30.30
N ALA A 264 -14.72 -54.04 -30.00
CA ALA A 264 -14.29 -53.81 -28.64
C ALA A 264 -13.52 -52.50 -28.59
N TYR A 265 -13.56 -51.85 -27.42
CA TYR A 265 -12.87 -50.59 -27.26
C TYR A 265 -12.47 -50.40 -25.80
N TYR A 266 -11.78 -49.29 -25.55
CA TYR A 266 -11.23 -48.95 -24.26
C TYR A 266 -11.80 -47.63 -23.78
N VAL A 267 -12.12 -47.56 -22.50
CA VAL A 267 -12.64 -46.35 -21.88
C VAL A 267 -12.00 -46.16 -20.52
N GLY A 268 -11.67 -44.92 -20.21
CA GLY A 268 -11.18 -44.53 -18.90
C GLY A 268 -11.58 -43.11 -18.61
N TYR A 269 -11.65 -42.75 -17.34
CA TYR A 269 -12.14 -41.43 -16.96
C TYR A 269 -10.97 -40.52 -16.61
N LEU A 270 -11.12 -39.24 -16.93
CA LEU A 270 -10.07 -38.27 -16.66
C LEU A 270 -10.09 -37.86 -15.19
N GLN A 271 -9.19 -36.95 -14.84
CA GLN A 271 -8.92 -36.60 -13.45
C GLN A 271 -7.86 -35.50 -13.40
N PRO A 272 -8.00 -34.51 -12.53
CA PRO A 272 -6.96 -33.48 -12.42
C PRO A 272 -5.68 -34.08 -11.85
N ARG A 273 -4.57 -33.85 -12.55
CA ARG A 273 -3.25 -34.30 -12.14
C ARG A 273 -2.22 -33.33 -12.70
N THR A 274 -1.08 -33.23 -12.02
CA THR A 274 0.00 -32.38 -12.46
C THR A 274 1.01 -33.24 -13.23
N PHE A 275 1.18 -32.96 -14.53
CA PHE A 275 2.08 -33.80 -15.38
C PHE A 275 3.36 -33.04 -15.73
N LEU A 276 4.43 -33.76 -16.08
CA LEU A 276 5.69 -33.10 -16.54
C LEU A 276 5.79 -33.27 -18.06
N LEU A 277 5.64 -32.19 -18.82
CA LEU A 277 5.61 -32.29 -20.30
C LEU A 277 7.00 -32.10 -20.90
N LYS A 278 7.70 -33.18 -21.27
CA LYS A 278 8.98 -33.04 -21.96
C LYS A 278 8.74 -32.93 -23.45
N TYR A 279 8.63 -31.65 -23.84
CA TYR A 279 8.40 -31.30 -25.24
C TYR A 279 9.72 -31.55 -25.93
N ASN A 280 9.70 -32.00 -27.17
CA ASN A 280 10.94 -32.36 -27.87
C ASN A 280 11.31 -31.13 -28.66
N GLU A 281 12.48 -31.12 -29.28
CA GLU A 281 12.94 -29.90 -29.96
C GLU A 281 11.89 -29.54 -31.00
N ASN A 282 11.29 -30.54 -31.61
CA ASN A 282 10.36 -30.27 -32.70
C ASN A 282 8.99 -29.95 -32.09
N GLY A 283 8.88 -29.89 -30.77
CA GLY A 283 7.61 -29.46 -30.15
C GLY A 283 6.70 -30.59 -29.70
N THR A 284 7.19 -31.81 -29.68
CA THR A 284 6.35 -33.00 -29.50
C THR A 284 6.69 -33.67 -28.18
N ILE A 285 5.70 -34.09 -27.39
CA ILE A 285 6.00 -34.64 -26.04
C ILE A 285 6.20 -36.15 -26.03
N THR A 286 7.37 -36.68 -25.61
CA THR A 286 7.50 -38.10 -25.33
C THR A 286 7.22 -38.39 -23.86
N ASP A 287 8.16 -38.09 -22.98
CA ASP A 287 8.03 -38.44 -21.57
C ASP A 287 7.13 -37.45 -20.86
N ALA A 288 6.09 -37.99 -20.24
CA ALA A 288 5.27 -37.27 -19.28
C ALA A 288 5.30 -38.05 -17.97
N VAL A 289 5.23 -37.33 -16.85
CA VAL A 289 5.29 -37.95 -15.54
C VAL A 289 4.21 -37.31 -14.66
N ASP A 290 3.39 -38.17 -14.04
CA ASP A 290 2.31 -37.69 -13.14
C ASP A 290 2.90 -37.56 -11.73
N CYS A 291 2.82 -36.37 -11.12
CA CYS A 291 3.39 -36.14 -9.77
C CYS A 291 2.65 -36.98 -8.71
N ALA A 292 1.33 -37.08 -8.79
CA ALA A 292 0.55 -37.79 -7.74
C ALA A 292 0.47 -39.28 -8.04
N LEU A 293 1.49 -39.85 -8.69
CA LEU A 293 1.51 -41.29 -8.95
C LEU A 293 1.99 -42.08 -7.74
N ASP A 294 3.25 -41.93 -7.38
CA ASP A 294 3.75 -42.56 -6.16
C ASP A 294 4.61 -41.54 -5.40
N PRO A 295 5.10 -41.88 -4.20
CA PRO A 295 6.03 -40.94 -3.54
C PRO A 295 7.31 -40.72 -4.33
N LEU A 296 7.58 -41.56 -5.33
CA LEU A 296 8.80 -41.41 -6.19
C LEU A 296 8.59 -40.34 -7.27
N SER A 297 7.47 -40.39 -8.01
CA SER A 297 7.23 -39.46 -9.15
C SER A 297 7.23 -37.99 -8.67
N GLU A 298 6.80 -37.75 -7.43
CA GLU A 298 6.79 -36.36 -6.88
C GLU A 298 8.23 -35.82 -6.88
N THR A 299 9.22 -36.68 -6.63
CA THR A 299 10.65 -36.24 -6.62
C THR A 299 11.03 -35.68 -8.00
N LYS A 300 10.57 -36.33 -9.07
CA LYS A 300 10.91 -35.87 -10.44
C LYS A 300 10.34 -34.47 -10.64
N CYS A 301 9.11 -34.22 -10.15
CA CYS A 301 8.49 -32.88 -10.26
C CYS A 301 9.31 -31.85 -9.45
N THR A 302 9.72 -32.22 -8.23
CA THR A 302 10.52 -31.31 -7.38
C THR A 302 11.87 -31.06 -8.04
N LEU A 303 12.51 -32.12 -8.55
CA LEU A 303 13.83 -32.00 -9.24
C LEU A 303 13.66 -31.24 -10.55
N LYS A 304 12.48 -31.34 -11.19
CA LYS A 304 12.27 -30.72 -12.53
C LYS A 304 13.27 -31.32 -13.51
N SER A 305 13.48 -32.64 -13.44
CA SER A 305 14.40 -33.33 -14.40
C SER A 305 14.02 -34.82 -14.49
N PHE A 306 13.78 -35.33 -15.70
CA PHE A 306 13.47 -36.74 -15.87
C PHE A 306 14.59 -37.67 -15.41
N THR A 307 15.77 -37.14 -15.13
CA THR A 307 16.82 -37.93 -14.52
C THR A 307 17.12 -37.34 -13.16
N VAL A 308 16.72 -38.07 -12.11
CA VAL A 308 16.98 -37.62 -10.76
C VAL A 308 18.28 -38.26 -10.32
N GLU A 309 19.30 -37.44 -10.18
CA GLU A 309 20.61 -37.93 -9.80
C GLU A 309 20.61 -38.39 -8.35
N LYS A 310 21.65 -39.16 -8.02
CA LYS A 310 21.76 -39.79 -6.72
C LYS A 310 21.65 -38.77 -5.59
N GLY A 311 21.17 -39.23 -4.45
CA GLY A 311 21.03 -38.41 -3.27
C GLY A 311 19.56 -38.20 -2.89
N ILE A 312 19.38 -37.74 -1.67
CA ILE A 312 18.08 -37.66 -1.03
C ILE A 312 17.41 -36.34 -1.38
N TYR A 313 16.10 -36.39 -1.56
CA TYR A 313 15.32 -35.22 -1.93
C TYR A 313 14.09 -35.13 -1.05
N GLN A 314 13.87 -33.97 -0.45
CA GLN A 314 12.61 -33.69 0.20
C GLN A 314 11.59 -33.35 -0.86
N THR A 315 10.46 -34.05 -0.84
CA THR A 315 9.43 -33.91 -1.86
C THR A 315 8.15 -33.28 -1.32
N SER A 316 7.52 -33.94 -0.35
CA SER A 316 6.26 -33.41 0.24
C SER A 316 6.15 -33.79 1.72
N ASN A 317 5.15 -33.22 2.40
CA ASN A 317 4.89 -33.48 3.85
C ASN A 317 3.52 -34.14 3.98
N PHE A 318 3.43 -35.22 4.77
CA PHE A 318 2.15 -35.94 4.95
C PHE A 318 1.59 -35.69 6.35
N ARG A 319 0.32 -35.28 6.41
CA ARG A 319 -0.38 -35.01 7.70
C ARG A 319 -1.60 -35.94 7.79
N VAL A 320 -1.77 -36.63 8.92
CA VAL A 320 -2.92 -37.58 9.07
C VAL A 320 -4.23 -36.79 9.00
N GLN A 321 -5.19 -37.30 8.21
CA GLN A 321 -6.52 -36.65 8.05
C GLN A 321 -7.36 -36.89 9.31
N PRO A 322 -8.26 -35.96 9.71
CA PRO A 322 -9.11 -36.15 10.89
C PRO A 322 -10.28 -37.06 10.50
N THR A 323 -10.42 -38.21 11.16
CA THR A 323 -11.51 -39.18 10.83
C THR A 323 -12.90 -38.51 10.84
N GLU A 324 -13.22 -37.70 11.85
CA GLU A 324 -14.59 -37.11 11.95
C GLU A 324 -14.58 -35.88 12.85
N SER A 325 -15.71 -35.15 12.93
CA SER A 325 -15.75 -33.88 13.71
C SER A 325 -16.39 -34.03 15.09
N ILE A 326 -15.86 -33.35 16.11
CA ILE A 326 -16.48 -33.36 17.44
C ILE A 326 -17.04 -31.96 17.68
N VAL A 327 -18.37 -31.87 17.81
CA VAL A 327 -18.97 -30.58 18.21
C VAL A 327 -19.45 -30.85 19.63
N ARG A 328 -18.83 -30.27 20.65
CA ARG A 328 -19.25 -30.63 22.03
C ARG A 328 -19.78 -29.40 22.75
N PHE A 329 -21.03 -29.01 22.46
CA PHE A 329 -21.67 -27.89 23.18
C PHE A 329 -22.00 -28.38 24.60
N PRO A 330 -22.11 -27.51 25.62
CA PRO A 330 -22.24 -27.99 27.01
C PRO A 330 -23.47 -28.83 27.33
N ASN A 334 -32.93 -24.08 26.66
CA ASN A 334 -33.86 -22.96 26.72
C ASN A 334 -34.25 -22.51 25.32
N LEU A 335 -34.63 -21.24 25.23
CA LEU A 335 -34.77 -20.52 23.98
C LEU A 335 -34.45 -19.05 24.26
N CYS A 336 -33.84 -18.40 23.30
CA CYS A 336 -33.50 -16.99 23.51
C CYS A 336 -34.67 -16.11 23.08
N PRO A 337 -35.00 -15.05 23.85
CA PRO A 337 -36.24 -14.31 23.64
C PRO A 337 -36.24 -13.37 22.43
N PHE A 338 -36.00 -13.93 21.25
CA PHE A 338 -36.01 -13.12 20.04
C PHE A 338 -37.44 -12.82 19.61
N GLY A 339 -38.39 -13.64 20.04
CA GLY A 339 -39.78 -13.27 19.88
C GLY A 339 -40.20 -12.19 20.87
N GLU A 340 -39.43 -12.01 21.93
CA GLU A 340 -39.68 -10.96 22.91
C GLU A 340 -38.87 -9.71 22.67
N VAL A 341 -37.82 -9.79 21.85
CA VAL A 341 -37.00 -8.63 21.52
C VAL A 341 -37.43 -8.10 20.17
N PHE A 342 -37.53 -9.00 19.20
CA PHE A 342 -37.72 -8.56 17.82
C PHE A 342 -39.18 -8.29 17.52
N ASN A 343 -40.08 -8.98 18.19
CA ASN A 343 -41.50 -8.66 18.11
C ASN A 343 -41.96 -7.82 19.29
N ALA A 344 -41.06 -7.09 19.94
CA ALA A 344 -41.41 -6.29 21.10
C ALA A 344 -42.27 -5.09 20.69
N THR A 345 -43.03 -4.58 21.65
CA THR A 345 -44.08 -3.63 21.32
C THR A 345 -43.66 -2.18 21.52
N ARG A 346 -42.55 -1.94 22.23
CA ARG A 346 -42.22 -0.59 22.65
C ARG A 346 -40.72 -0.45 22.81
N PHE A 347 -40.07 0.10 21.79
CA PHE A 347 -38.66 0.45 21.88
C PHE A 347 -38.52 1.88 22.36
N ALA A 348 -37.55 2.11 23.23
CA ALA A 348 -37.29 3.46 23.67
C ALA A 348 -36.47 4.21 22.63
N SER A 349 -36.22 5.48 22.90
CA SER A 349 -35.42 6.28 22.00
C SER A 349 -33.94 6.02 22.23
N VAL A 350 -33.12 6.87 21.62
CA VAL A 350 -31.69 6.61 21.59
C VAL A 350 -31.00 7.32 22.76
N TYR A 351 -31.69 8.24 23.42
CA TYR A 351 -31.10 8.89 24.57
C TYR A 351 -31.14 7.98 25.78
N ALA A 352 -32.08 7.04 25.79
CA ALA A 352 -32.26 6.07 26.87
C ALA A 352 -32.49 4.67 26.35
N TRP A 353 -31.66 4.20 25.43
CA TRP A 353 -31.87 2.94 24.74
C TRP A 353 -31.83 1.73 25.66
N ASN A 354 -32.70 0.77 25.36
CA ASN A 354 -32.85 -0.41 26.19
C ASN A 354 -31.79 -1.44 25.83
N ARG A 355 -31.24 -2.08 26.87
CA ARG A 355 -30.18 -3.06 26.73
C ARG A 355 -30.56 -4.30 27.49
N LYS A 356 -30.41 -5.46 26.86
CA LYS A 356 -30.85 -6.72 27.43
C LYS A 356 -29.70 -7.73 27.30
N ARG A 357 -29.05 -8.01 28.42
CA ARG A 357 -28.02 -9.03 28.47
C ARG A 357 -28.65 -10.40 28.30
N ILE A 358 -28.23 -11.12 27.28
CA ILE A 358 -28.82 -12.42 26.97
C ILE A 358 -27.72 -13.47 26.95
N SER A 359 -28.00 -14.58 27.63
CA SER A 359 -27.14 -15.75 27.74
C SER A 359 -28.01 -16.91 28.19
N ASN A 360 -27.42 -18.11 28.20
CA ASN A 360 -28.00 -19.33 28.76
C ASN A 360 -29.30 -19.72 28.04
N CYS A 361 -29.23 -19.75 26.72
CA CYS A 361 -30.36 -20.12 25.86
C CYS A 361 -29.80 -20.53 24.51
N VAL A 362 -30.67 -20.70 23.51
CA VAL A 362 -30.23 -21.17 22.20
C VAL A 362 -30.72 -20.21 21.12
N ALA A 363 -29.91 -20.11 20.06
CA ALA A 363 -30.10 -19.10 19.04
C ALA A 363 -30.99 -19.64 17.92
N ASP A 364 -31.96 -18.84 17.50
CA ASP A 364 -32.88 -19.19 16.43
C ASP A 364 -32.52 -18.50 15.13
N TYR A 365 -31.22 -18.44 14.81
CA TYR A 365 -30.64 -17.64 13.73
C TYR A 365 -31.21 -17.88 12.33
N SER A 366 -31.94 -18.98 12.15
CA SER A 366 -32.58 -19.30 10.88
C SER A 366 -33.57 -18.23 10.44
N VAL A 367 -34.60 -17.97 11.25
CA VAL A 367 -35.69 -17.10 10.83
C VAL A 367 -35.29 -15.64 10.80
N LEU A 368 -34.13 -15.31 11.36
CA LEU A 368 -33.51 -14.02 11.16
C LEU A 368 -33.32 -13.73 9.68
N TYR A 369 -32.80 -14.73 8.96
CA TYR A 369 -32.58 -14.56 7.53
C TYR A 369 -33.87 -14.83 6.78
N ASN A 370 -34.73 -15.68 7.34
CA ASN A 370 -36.00 -16.01 6.70
C ASN A 370 -37.04 -14.93 6.93
N SER A 371 -36.74 -13.93 7.76
CA SER A 371 -37.66 -12.81 7.97
C SER A 371 -37.84 -12.01 6.68
N ALA A 372 -36.75 -11.42 6.19
CA ALA A 372 -36.65 -10.79 4.86
C ALA A 372 -37.64 -9.64 4.66
N SER A 373 -38.11 -9.06 5.76
CA SER A 373 -38.86 -7.80 5.74
C SER A 373 -38.02 -6.65 6.28
N PHE A 374 -36.72 -6.82 6.35
CA PHE A 374 -35.83 -5.92 7.07
C PHE A 374 -35.02 -5.13 6.07
N SER A 375 -35.03 -3.80 6.21
CA SER A 375 -34.36 -2.91 5.28
C SER A 375 -32.85 -3.08 5.26
N THR A 376 -32.19 -2.77 6.36
CA THR A 376 -30.73 -2.76 6.41
C THR A 376 -30.26 -3.76 7.44
N PHE A 377 -29.74 -4.88 6.97
CA PHE A 377 -29.24 -5.95 7.87
C PHE A 377 -27.87 -6.44 7.39
N LYS A 378 -26.82 -6.01 8.10
CA LYS A 378 -25.42 -6.41 7.76
C LYS A 378 -24.69 -6.82 9.04
N CYS A 379 -23.69 -7.70 8.91
CA CYS A 379 -22.91 -8.16 10.09
C CYS A 379 -21.44 -7.76 9.89
N TYR A 380 -20.87 -7.04 10.86
CA TYR A 380 -19.45 -6.61 10.81
C TYR A 380 -18.55 -7.80 11.17
N GLY A 381 -17.29 -7.79 10.71
CA GLY A 381 -16.38 -8.90 10.99
C GLY A 381 -16.98 -10.23 10.54
N VAL A 382 -17.59 -10.97 11.48
CA VAL A 382 -18.20 -12.31 11.19
C VAL A 382 -19.45 -12.16 10.30
N SER A 383 -19.58 -13.04 9.30
CA SER A 383 -20.75 -13.06 8.38
C SER A 383 -21.98 -13.61 9.10
N PRO A 384 -23.20 -13.08 8.85
CA PRO A 384 -24.42 -13.55 9.51
C PRO A 384 -24.81 -15.01 9.22
N THR A 385 -24.69 -15.45 7.96
CA THR A 385 -25.10 -16.83 7.59
C THR A 385 -24.24 -17.87 8.32
N LYS A 386 -22.93 -17.65 8.38
CA LYS A 386 -21.99 -18.59 9.05
C LYS A 386 -22.29 -18.65 10.55
N LEU A 387 -22.60 -17.50 11.16
CA LEU A 387 -22.85 -17.40 12.62
C LEU A 387 -23.98 -18.34 13.08
N ASN A 388 -24.49 -19.21 12.21
CA ASN A 388 -25.56 -20.09 12.69
C ASN A 388 -25.08 -20.99 13.82
N ASP A 389 -23.91 -21.59 13.58
CA ASP A 389 -23.31 -22.64 14.47
C ASP A 389 -22.19 -22.11 15.35
N LEU A 390 -21.30 -21.24 14.85
CA LEU A 390 -20.25 -20.71 15.77
C LEU A 390 -20.99 -19.94 16.85
N CYS A 391 -20.69 -20.17 18.14
CA CYS A 391 -21.53 -19.46 19.14
C CYS A 391 -20.82 -18.51 20.10
N PHE A 392 -21.57 -18.05 21.10
CA PHE A 392 -21.23 -16.85 21.85
C PHE A 392 -21.28 -17.08 23.35
N THR A 393 -20.41 -16.39 24.07
CA THR A 393 -20.41 -16.49 25.52
C THR A 393 -21.55 -15.69 26.13
N ASN A 394 -21.70 -14.44 25.71
CA ASN A 394 -22.62 -13.51 26.35
C ASN A 394 -22.96 -12.37 25.41
N VAL A 395 -24.22 -12.29 25.00
CA VAL A 395 -24.56 -11.33 23.98
C VAL A 395 -25.28 -10.16 24.62
N TYR A 396 -25.17 -9.01 23.98
CA TYR A 396 -25.85 -7.80 24.42
C TYR A 396 -26.80 -7.39 23.31
N ALA A 397 -28.09 -7.47 23.60
CA ALA A 397 -29.11 -7.07 22.64
C ALA A 397 -29.66 -5.71 23.04
N ASP A 398 -29.26 -4.67 22.34
CA ASP A 398 -29.75 -3.34 22.69
C ASP A 398 -30.42 -2.69 21.48
N SER A 399 -31.58 -2.08 21.72
CA SER A 399 -32.39 -1.60 20.62
C SER A 399 -32.87 -0.19 20.86
N PHE A 400 -33.19 0.50 19.78
CA PHE A 400 -33.70 1.87 19.81
C PHE A 400 -34.34 2.17 18.47
N VAL A 401 -34.85 3.40 18.34
CA VAL A 401 -35.57 3.86 17.16
C VAL A 401 -34.93 5.15 16.66
N ILE A 402 -34.51 5.15 15.40
CA ILE A 402 -33.88 6.32 14.81
C ILE A 402 -34.53 6.60 13.46
N ARG A 403 -34.03 7.62 12.77
CA ARG A 403 -34.63 8.07 11.53
C ARG A 403 -34.12 7.28 10.34
N GLY A 404 -34.87 7.34 9.24
CA GLY A 404 -34.53 6.56 8.06
C GLY A 404 -33.34 7.13 7.30
N ASP A 405 -32.94 8.35 7.62
CA ASP A 405 -31.77 8.93 6.98
C ASP A 405 -30.51 8.69 7.80
N GLU A 406 -30.63 8.74 9.13
CA GLU A 406 -29.44 8.71 9.98
C GLU A 406 -28.92 7.31 10.23
N VAL A 407 -29.54 6.28 9.65
CA VAL A 407 -29.19 4.90 10.01
C VAL A 407 -27.84 4.52 9.43
N ARG A 408 -27.40 5.24 8.38
CA ARG A 408 -26.07 5.00 7.84
C ARG A 408 -25.00 5.53 8.79
N GLN A 409 -25.38 6.46 9.68
CA GLN A 409 -24.51 6.81 10.80
C GLN A 409 -24.24 5.60 11.67
N ILE A 410 -25.28 4.76 11.81
CA ILE A 410 -25.29 3.53 12.66
C ILE A 410 -24.32 2.47 12.13
N ALA A 411 -23.07 2.89 11.84
CA ALA A 411 -21.98 2.00 11.39
C ALA A 411 -20.83 2.22 12.38
N PRO A 412 -20.19 1.18 12.94
CA PRO A 412 -19.12 1.39 13.91
C PRO A 412 -17.96 2.18 13.29
N GLY A 413 -17.47 3.18 14.01
CA GLY A 413 -16.35 4.02 13.54
C GLY A 413 -16.79 5.18 12.66
N GLN A 414 -18.10 5.41 12.50
CA GLN A 414 -18.52 6.52 11.66
C GLN A 414 -18.84 7.72 12.53
N THR A 415 -19.27 8.80 11.89
CA THR A 415 -19.66 10.02 12.58
C THR A 415 -21.10 10.33 12.25
N GLY A 416 -21.54 11.50 12.70
CA GLY A 416 -22.93 11.87 12.66
C GLY A 416 -23.61 11.64 13.99
N LYS A 417 -24.76 12.32 14.16
CA LYS A 417 -25.27 12.71 15.48
C LYS A 417 -25.55 11.51 16.37
N ILE A 418 -26.16 10.47 15.81
CA ILE A 418 -26.52 9.28 16.58
C ILE A 418 -25.27 8.56 17.04
N ALA A 419 -24.25 8.51 16.19
CA ALA A 419 -23.00 7.93 16.64
C ALA A 419 -22.09 8.96 17.29
N ASP A 420 -22.51 10.21 17.39
CA ASP A 420 -21.62 11.18 18.01
C ASP A 420 -21.99 11.41 19.47
N TYR A 421 -23.28 11.53 19.75
CA TYR A 421 -23.70 11.91 21.09
C TYR A 421 -24.76 11.00 21.66
N ASN A 422 -25.28 10.05 20.89
CA ASN A 422 -26.45 9.28 21.26
C ASN A 422 -26.11 7.83 21.58
N TYR A 423 -25.45 7.13 20.67
CA TYR A 423 -25.16 5.71 20.83
C TYR A 423 -23.91 5.38 20.04
N LYS A 424 -22.93 4.76 20.67
CA LYS A 424 -21.62 4.65 20.05
C LYS A 424 -21.20 3.20 19.90
N LEU A 425 -21.13 2.74 18.66
CA LEU A 425 -20.47 1.49 18.33
C LEU A 425 -18.97 1.64 18.58
N PRO A 426 -18.30 0.57 19.01
CA PRO A 426 -16.89 0.69 19.40
C PRO A 426 -15.95 0.77 18.21
N ASP A 427 -14.65 0.77 18.48
CA ASP A 427 -13.67 0.77 17.41
C ASP A 427 -13.48 -0.62 16.82
N ASP A 428 -13.73 -1.65 17.65
CA ASP A 428 -13.67 -3.07 17.23
C ASP A 428 -14.99 -3.73 17.63
N PHE A 429 -15.99 -3.70 16.75
CA PHE A 429 -17.33 -4.28 17.05
C PHE A 429 -17.68 -5.38 16.04
N THR A 430 -18.02 -6.56 16.55
CA THR A 430 -18.39 -7.73 15.68
C THR A 430 -19.91 -7.93 15.68
N GLY A 431 -20.66 -7.02 16.31
CA GLY A 431 -22.12 -7.12 16.39
C GLY A 431 -22.82 -6.88 15.06
N CYS A 432 -24.02 -7.44 14.91
CA CYS A 432 -24.83 -7.30 13.67
C CYS A 432 -25.88 -6.18 13.85
N VAL A 433 -26.03 -5.32 12.85
CA VAL A 433 -26.98 -4.21 12.91
C VAL A 433 -28.20 -4.66 12.14
N ILE A 434 -29.31 -4.74 12.84
CA ILE A 434 -30.56 -5.12 12.23
C ILE A 434 -31.48 -3.92 12.21
N ALA A 435 -31.99 -3.59 11.04
CA ALA A 435 -32.69 -2.34 10.84
C ALA A 435 -33.88 -2.56 9.92
N TRP A 436 -35.05 -2.09 10.34
CA TRP A 436 -36.21 -2.10 9.48
C TRP A 436 -37.09 -0.92 9.80
N ASN A 437 -38.07 -0.72 8.96
CA ASN A 437 -39.06 0.34 9.12
C ASN A 437 -40.22 -0.16 9.96
N SER A 438 -40.70 0.72 10.83
CA SER A 438 -41.94 0.52 11.53
C SER A 438 -42.88 1.69 11.34
N ASN A 439 -43.06 2.13 10.09
CA ASN A 439 -43.83 3.34 9.80
C ASN A 439 -45.30 3.17 10.13
N ASN A 440 -45.82 1.94 10.01
CA ASN A 440 -47.22 1.70 10.30
C ASN A 440 -47.55 1.71 11.79
N LEU A 441 -46.56 1.75 12.65
CA LEU A 441 -46.78 1.75 14.10
C LEU A 441 -46.38 3.07 14.74
N ASP A 442 -45.14 3.51 14.52
CA ASP A 442 -44.55 4.63 15.24
C ASP A 442 -45.16 5.95 14.80
N SER A 443 -45.03 6.26 13.51
CA SER A 443 -45.50 7.54 13.00
C SER A 443 -47.01 7.58 12.96
N LYS A 444 -47.59 8.50 13.71
CA LYS A 444 -49.03 8.57 13.88
C LYS A 444 -49.55 9.89 13.35
N VAL A 445 -50.79 9.86 12.83
CA VAL A 445 -51.46 11.09 12.45
C VAL A 445 -51.81 11.89 13.70
N GLY A 446 -51.76 13.21 13.57
CA GLY A 446 -51.72 14.07 14.73
C GLY A 446 -50.34 14.27 15.30
N GLY A 447 -49.34 13.56 14.79
CA GLY A 447 -47.94 13.74 15.13
C GLY A 447 -47.45 12.75 16.16
N ASN A 448 -46.31 12.14 15.87
CA ASN A 448 -45.56 11.35 16.84
C ASN A 448 -44.44 12.23 17.36
N TYR A 449 -44.44 12.48 18.65
CA TYR A 449 -43.36 13.17 19.33
C TYR A 449 -42.99 12.48 20.63
N ASN A 450 -43.30 11.20 20.75
CA ASN A 450 -42.82 10.40 21.86
C ASN A 450 -41.31 10.28 21.82
N TYR A 451 -40.76 10.11 20.63
CA TYR A 451 -39.35 9.79 20.50
C TYR A 451 -38.47 11.02 20.68
N LEU A 452 -37.24 10.78 21.10
CA LEU A 452 -36.30 11.83 21.45
C LEU A 452 -34.90 11.40 21.01
N TYR A 453 -33.93 12.28 21.24
CA TYR A 453 -32.52 12.03 21.03
C TYR A 453 -31.76 13.18 21.67
N ARG A 454 -30.47 12.99 21.87
CA ARG A 454 -29.59 14.04 22.37
C ARG A 454 -28.88 14.68 21.19
N LEU A 455 -28.92 16.01 21.13
CA LEU A 455 -28.32 16.73 20.02
C LEU A 455 -26.96 17.32 20.37
N PHE A 456 -26.64 17.49 21.65
CA PHE A 456 -25.36 18.09 22.02
C PHE A 456 -24.84 17.51 23.32
N ARG A 457 -23.52 17.56 23.46
CA ARG A 457 -22.76 17.12 24.62
C ARG A 457 -21.36 17.68 24.44
N LYS A 458 -20.66 17.91 25.54
CA LYS A 458 -19.34 18.55 25.50
C LYS A 458 -18.21 17.61 25.13
N SER A 459 -18.51 16.38 24.69
CA SER A 459 -17.51 15.48 24.12
C SER A 459 -18.22 14.45 23.28
N ASN A 460 -17.45 13.76 22.44
CA ASN A 460 -17.97 12.58 21.77
C ASN A 460 -18.22 11.47 22.78
N LEU A 461 -19.07 10.53 22.41
CA LEU A 461 -19.61 9.58 23.36
C LEU A 461 -18.76 8.33 23.45
N LYS A 462 -18.52 7.89 24.67
CA LYS A 462 -17.79 6.66 24.91
C LYS A 462 -18.61 5.47 24.41
N PRO A 463 -17.96 4.38 23.96
CA PRO A 463 -18.71 3.32 23.27
C PRO A 463 -19.63 2.53 24.20
N PHE A 464 -20.84 2.28 23.71
CA PHE A 464 -21.94 1.58 24.38
C PHE A 464 -22.46 2.24 25.65
N GLU A 465 -22.12 3.49 25.91
CA GLU A 465 -22.59 4.11 27.14
C GLU A 465 -23.67 5.12 26.80
N ARG A 466 -24.86 4.91 27.36
CA ARG A 466 -25.98 5.84 27.15
C ARG A 466 -25.74 7.14 27.89
N ASP A 467 -26.61 8.11 27.63
CA ASP A 467 -26.53 9.42 28.27
C ASP A 467 -27.94 9.86 28.60
N ILE A 468 -28.36 9.60 29.84
CA ILE A 468 -29.69 10.00 30.29
C ILE A 468 -29.64 11.34 31.02
N SER A 469 -28.45 11.88 31.23
CA SER A 469 -28.29 13.14 31.95
C SER A 469 -28.81 14.29 31.11
N THR A 470 -30.01 14.76 31.45
CA THR A 470 -30.70 15.78 30.69
C THR A 470 -30.45 17.19 31.19
N GLU A 471 -29.32 17.42 31.86
CA GLU A 471 -28.96 18.75 32.33
C GLU A 471 -28.57 19.65 31.14
N ILE A 472 -28.52 20.93 31.39
CA ILE A 472 -28.21 21.92 30.36
C ILE A 472 -26.72 21.95 30.12
N TYR A 473 -26.31 21.86 28.86
CA TYR A 473 -24.93 22.08 28.48
C TYR A 473 -24.75 23.56 28.20
N GLN A 474 -23.58 24.08 28.54
CA GLN A 474 -23.28 25.50 28.39
C GLN A 474 -22.23 25.65 27.29
N ALA A 475 -22.68 25.95 26.07
CA ALA A 475 -21.77 26.03 24.94
C ALA A 475 -20.87 27.24 25.07
N GLY A 476 -21.44 28.42 25.23
CA GLY A 476 -20.67 29.58 25.60
C GLY A 476 -20.34 29.57 27.08
N SER A 477 -19.53 30.54 27.47
CA SER A 477 -18.98 30.57 28.81
C SER A 477 -19.97 31.07 29.86
N THR A 478 -21.09 31.66 29.46
CA THR A 478 -22.04 32.24 30.41
C THR A 478 -22.80 31.16 31.16
N PRO A 479 -22.65 31.06 32.48
CA PRO A 479 -23.23 29.92 33.20
C PRO A 479 -24.73 30.04 33.35
N CYS A 480 -25.45 29.07 32.79
CA CYS A 480 -26.89 29.00 32.93
C CYS A 480 -27.31 28.23 34.18
N ASN A 481 -26.53 27.22 34.56
CA ASN A 481 -26.62 26.52 35.85
C ASN A 481 -27.99 25.87 36.05
N GLY A 482 -28.29 24.90 35.19
CA GLY A 482 -29.46 24.06 35.34
C GLY A 482 -30.69 24.57 34.63
N VAL A 483 -31.00 25.85 34.74
CA VAL A 483 -32.10 26.45 34.00
C VAL A 483 -31.56 26.81 32.63
N GLU A 484 -32.45 26.95 31.66
CA GLU A 484 -32.06 27.33 30.32
C GLU A 484 -31.65 28.79 30.27
N GLY A 485 -31.09 29.22 29.15
CA GLY A 485 -30.74 30.62 28.99
C GLY A 485 -30.01 30.94 27.71
N PHE A 486 -29.07 31.89 27.78
CA PHE A 486 -28.30 32.29 26.62
C PHE A 486 -26.92 31.64 26.64
N ASN A 487 -26.45 31.29 25.42
CA ASN A 487 -25.26 30.54 25.05
C ASN A 487 -25.42 29.06 25.36
N CYS A 488 -26.52 28.69 26.00
CA CYS A 488 -26.79 27.33 26.40
C CYS A 488 -28.12 26.90 25.82
N TYR A 489 -28.21 25.63 25.42
CA TYR A 489 -29.43 25.10 24.87
C TYR A 489 -29.92 23.96 25.75
N PHE A 490 -31.12 23.50 25.44
CA PHE A 490 -31.62 22.27 26.03
C PHE A 490 -30.87 21.10 25.40
N PRO A 491 -30.62 20.01 26.14
CA PRO A 491 -29.89 18.90 25.54
C PRO A 491 -30.68 18.10 24.51
N LEU A 492 -31.93 17.78 24.78
CA LEU A 492 -32.65 16.80 24.00
C LEU A 492 -33.54 17.47 22.97
N GLN A 493 -33.97 16.68 21.99
CA GLN A 493 -34.92 17.13 20.99
C GLN A 493 -35.71 15.92 20.54
N SER A 494 -36.92 16.15 20.07
CA SER A 494 -37.71 15.06 19.52
C SER A 494 -37.34 14.81 18.07
N TYR A 495 -37.96 13.79 17.50
CA TYR A 495 -38.11 13.62 16.06
C TYR A 495 -39.51 14.07 15.70
N GLY A 496 -39.73 14.36 14.42
CA GLY A 496 -41.07 14.59 13.93
C GLY A 496 -41.52 13.43 13.06
N PHE A 497 -42.38 12.56 13.59
CA PHE A 497 -42.87 11.44 12.80
C PHE A 497 -44.36 11.57 12.56
N GLN A 498 -44.75 11.48 11.29
CA GLN A 498 -46.09 11.29 10.78
C GLN A 498 -45.96 10.40 9.55
N PRO A 499 -47.04 9.72 9.14
CA PRO A 499 -47.00 9.03 7.84
C PRO A 499 -47.02 9.96 6.63
N THR A 500 -47.13 11.27 6.86
CA THR A 500 -46.93 12.27 5.81
C THR A 500 -45.45 12.45 5.46
N ASN A 501 -44.55 11.84 6.22
CA ASN A 501 -43.13 11.92 5.91
C ASN A 501 -42.82 11.13 4.65
N GLY A 502 -41.73 11.51 3.99
CA GLY A 502 -41.22 10.71 2.90
C GLY A 502 -40.53 9.45 3.39
N VAL A 503 -40.03 8.67 2.44
CA VAL A 503 -39.46 7.35 2.75
C VAL A 503 -38.12 7.51 3.46
N GLY A 504 -37.45 8.64 3.25
CA GLY A 504 -36.19 8.87 3.94
C GLY A 504 -36.37 9.28 5.38
N TYR A 505 -37.58 9.69 5.76
CA TYR A 505 -37.86 10.15 7.11
C TYR A 505 -38.70 9.16 7.89
N GLN A 506 -38.61 7.87 7.57
CA GLN A 506 -39.44 6.88 8.23
C GLN A 506 -38.71 6.28 9.42
N PRO A 507 -39.42 5.92 10.49
CA PRO A 507 -38.74 5.43 11.68
C PRO A 507 -38.26 4.00 11.53
N TYR A 508 -36.99 3.81 11.86
CA TYR A 508 -36.39 2.49 11.89
C TYR A 508 -36.30 2.04 13.34
N ARG A 509 -36.67 0.79 13.57
CA ARG A 509 -36.49 0.17 14.88
C ARG A 509 -35.20 -0.63 14.83
N VAL A 510 -34.08 0.06 15.00
CA VAL A 510 -32.77 -0.56 14.90
C VAL A 510 -32.51 -1.34 16.17
N VAL A 511 -32.36 -2.63 16.04
CA VAL A 511 -31.85 -3.46 17.12
C VAL A 511 -30.45 -3.88 16.76
N VAL A 512 -29.54 -3.79 17.72
CA VAL A 512 -28.14 -4.08 17.53
C VAL A 512 -27.79 -5.26 18.40
N LEU A 513 -27.17 -6.26 17.80
CA LEU A 513 -26.70 -7.42 18.55
C LEU A 513 -25.18 -7.38 18.62
N SER A 514 -24.66 -7.52 19.83
CA SER A 514 -23.23 -7.41 20.03
C SER A 514 -22.75 -8.65 20.76
N PHE A 515 -21.55 -9.12 20.40
CA PHE A 515 -21.13 -10.42 20.86
C PHE A 515 -19.74 -10.31 21.45
N GLU A 516 -19.30 -11.39 22.10
CA GLU A 516 -18.00 -11.40 22.79
C GLU A 516 -17.54 -12.84 22.95
N LEU A 517 -16.39 -13.00 23.62
CA LEU A 517 -15.80 -14.30 23.91
C LEU A 517 -14.88 -14.17 25.12
N LEU A 518 -14.99 -15.10 26.06
CA LEU A 518 -14.33 -14.97 27.35
C LEU A 518 -13.88 -16.33 27.86
N HIS A 519 -13.26 -16.31 29.06
CA HIS A 519 -13.04 -17.50 29.88
C HIS A 519 -14.35 -18.21 30.22
N ALA A 520 -15.47 -17.48 30.25
CA ALA A 520 -16.81 -18.01 30.35
C ALA A 520 -17.12 -18.89 29.14
N PRO A 521 -17.93 -19.92 29.30
CA PRO A 521 -18.25 -20.79 28.17
C PRO A 521 -19.29 -20.14 27.27
N ALA A 522 -19.51 -20.80 26.14
CA ALA A 522 -20.50 -20.36 25.16
C ALA A 522 -21.88 -20.66 25.73
N THR A 523 -22.37 -19.79 26.59
CA THR A 523 -23.63 -20.04 27.28
C THR A 523 -24.84 -19.90 26.37
N VAL A 524 -24.77 -19.05 25.35
CA VAL A 524 -25.81 -18.96 24.34
C VAL A 524 -25.28 -19.57 23.05
N CYS A 525 -25.96 -20.60 22.55
CA CYS A 525 -25.38 -21.31 21.43
C CYS A 525 -26.47 -21.95 20.59
N GLY A 526 -26.29 -21.86 19.26
CA GLY A 526 -27.23 -22.42 18.34
C GLY A 526 -27.16 -23.94 18.28
N PRO A 527 -27.96 -24.54 17.39
CA PRO A 527 -28.04 -26.00 17.26
C PRO A 527 -26.79 -26.63 16.67
N SER A 530 -24.58 -31.82 19.91
CA SER A 530 -23.24 -32.18 20.40
C SER A 530 -22.92 -33.55 19.78
N THR A 531 -22.07 -33.60 18.75
CA THR A 531 -21.67 -34.93 18.19
C THR A 531 -21.04 -35.76 19.32
N ASN A 532 -21.17 -37.10 19.25
CA ASN A 532 -20.67 -37.96 20.36
C ASN A 532 -19.18 -37.71 20.55
N LEU A 533 -18.73 -37.57 21.80
CA LEU A 533 -17.31 -37.26 22.07
C LEU A 533 -16.42 -38.43 21.64
N VAL A 534 -15.47 -38.18 20.75
CA VAL A 534 -14.50 -39.24 20.32
C VAL A 534 -13.20 -39.01 21.10
N LYS A 535 -12.54 -40.08 21.56
CA LYS A 535 -11.29 -39.93 22.37
C LYS A 535 -10.16 -40.77 21.79
N ASN A 536 -8.92 -40.29 21.96
CA ASN A 536 -7.68 -40.99 21.51
C ASN A 536 -7.69 -41.22 19.99
N LYS A 537 -8.23 -40.27 19.22
CA LYS A 537 -8.26 -40.41 17.73
C LYS A 537 -8.07 -39.04 17.09
N CYS A 538 -7.47 -39.00 15.89
CA CYS A 538 -7.27 -37.72 15.15
C CYS A 538 -8.67 -37.25 14.69
N VAL A 539 -9.16 -36.16 15.27
CA VAL A 539 -10.50 -35.70 14.96
C VAL A 539 -10.43 -34.22 14.68
N ASN A 540 -11.50 -33.68 14.15
CA ASN A 540 -11.60 -32.25 13.87
C ASN A 540 -12.66 -31.70 14.81
N PHE A 541 -12.24 -31.05 15.90
CA PHE A 541 -13.12 -30.86 17.02
C PHE A 541 -13.60 -29.42 17.13
N ASN A 542 -14.82 -29.27 17.64
CA ASN A 542 -15.36 -27.98 18.07
C ASN A 542 -15.87 -28.13 19.49
N PHE A 543 -15.30 -27.35 20.41
CA PHE A 543 -15.73 -27.34 21.80
C PHE A 543 -16.25 -25.95 22.13
N ASN A 544 -17.57 -25.85 22.37
CA ASN A 544 -18.20 -24.61 22.79
C ASN A 544 -17.75 -23.44 21.91
N GLY A 545 -17.77 -23.66 20.60
CA GLY A 545 -17.30 -22.68 19.66
C GLY A 545 -15.81 -22.70 19.39
N LEU A 546 -15.01 -23.29 20.26
CA LEU A 546 -13.59 -23.46 19.99
C LEU A 546 -13.40 -24.57 18.96
N THR A 547 -12.77 -24.25 17.84
CA THR A 547 -12.52 -25.23 16.81
C THR A 547 -11.04 -25.57 16.76
N GLY A 548 -10.75 -26.81 16.40
CA GLY A 548 -9.38 -27.24 16.26
C GLY A 548 -9.37 -28.68 15.81
N THR A 549 -8.21 -29.10 15.31
CA THR A 549 -8.02 -30.46 14.83
C THR A 549 -6.81 -31.05 15.51
N GLY A 550 -7.01 -32.10 16.27
CA GLY A 550 -5.90 -32.69 16.98
C GLY A 550 -6.24 -34.07 17.49
N VAL A 551 -5.36 -34.60 18.33
CA VAL A 551 -5.57 -35.89 18.96
C VAL A 551 -5.99 -35.64 20.39
N LEU A 552 -7.26 -35.88 20.66
CA LEU A 552 -7.81 -35.64 21.99
C LEU A 552 -7.50 -36.83 22.88
N THR A 553 -6.87 -36.57 24.02
CA THR A 553 -6.47 -37.63 24.94
C THR A 553 -6.91 -37.25 26.34
N GLU A 554 -6.85 -38.23 27.24
CA GLU A 554 -6.95 -37.89 28.65
C GLU A 554 -5.69 -37.17 29.10
N SER A 555 -5.81 -36.35 30.13
CA SER A 555 -4.69 -35.55 30.57
C SER A 555 -4.81 -35.29 32.07
N ASN A 556 -3.65 -35.19 32.72
CA ASN A 556 -3.62 -35.01 34.16
C ASN A 556 -3.53 -33.56 34.60
N LYS A 557 -3.30 -32.63 33.68
CA LYS A 557 -3.22 -31.23 34.06
C LYS A 557 -4.57 -30.76 34.58
N LYS A 558 -4.54 -29.95 35.64
CA LYS A 558 -5.71 -29.67 36.44
C LYS A 558 -6.07 -28.18 36.35
N PHE A 559 -7.23 -27.88 35.76
CA PHE A 559 -7.67 -26.51 35.62
C PHE A 559 -8.11 -25.91 36.94
N LEU A 560 -8.19 -24.59 36.94
CA LEU A 560 -9.07 -23.91 37.87
C LEU A 560 -10.50 -23.97 37.35
N PRO A 561 -11.47 -24.05 38.25
CA PRO A 561 -12.85 -24.31 37.83
C PRO A 561 -13.43 -23.36 36.79
N PHE A 562 -13.21 -22.05 36.95
CA PHE A 562 -13.84 -21.10 36.05
C PHE A 562 -13.21 -21.10 34.67
N GLN A 563 -12.02 -21.66 34.53
CA GLN A 563 -11.23 -21.58 33.32
C GLN A 563 -11.87 -22.32 32.16
N GLN A 564 -11.40 -22.02 30.96
CA GLN A 564 -11.86 -22.69 29.76
C GLN A 564 -10.72 -23.39 29.04
N PHE A 565 -9.85 -22.64 28.36
CA PHE A 565 -8.78 -23.23 27.57
C PHE A 565 -7.50 -23.31 28.39
N GLY A 566 -6.85 -24.46 28.35
CA GLY A 566 -5.43 -24.49 28.61
C GLY A 566 -4.68 -23.96 27.41
N ARG A 567 -3.47 -23.49 27.64
CA ARG A 567 -2.64 -23.04 26.53
C ARG A 567 -1.19 -23.38 26.81
N ASP A 568 -0.32 -22.86 25.97
CA ASP A 568 1.08 -23.23 25.92
C ASP A 568 1.88 -21.97 25.69
N ILE A 569 3.20 -22.12 25.62
CA ILE A 569 4.09 -20.97 25.47
C ILE A 569 3.78 -20.21 24.19
N ALA A 570 3.32 -20.91 23.17
CA ALA A 570 3.03 -20.31 21.87
C ALA A 570 1.64 -19.70 21.79
N ASP A 571 0.88 -19.73 22.89
CA ASP A 571 -0.51 -19.25 22.94
C ASP A 571 -1.42 -20.22 22.20
N THR A 572 -0.83 -21.18 21.49
CA THR A 572 -1.59 -22.22 20.82
C THR A 572 -2.40 -23.02 21.82
N THR A 573 -3.61 -23.41 21.41
CA THR A 573 -4.49 -24.20 22.27
C THR A 573 -3.78 -25.50 22.61
N ASP A 574 -3.79 -25.86 23.88
CA ASP A 574 -3.15 -27.10 24.32
C ASP A 574 -4.13 -28.04 24.98
N ALA A 575 -4.65 -27.66 26.14
CA ALA A 575 -5.60 -28.49 26.86
C ALA A 575 -6.96 -27.82 26.83
N VAL A 576 -8.01 -28.65 26.86
CA VAL A 576 -9.38 -28.16 26.88
C VAL A 576 -10.16 -28.94 27.93
N ARG A 577 -11.34 -28.42 28.25
CA ARG A 577 -12.22 -29.02 29.24
C ARG A 577 -13.52 -29.39 28.56
N ASP A 578 -13.87 -30.66 28.62
CA ASP A 578 -15.09 -31.12 27.97
C ASP A 578 -16.28 -30.54 28.70
N PRO A 579 -17.09 -29.71 28.05
CA PRO A 579 -18.21 -29.08 28.79
C PRO A 579 -19.25 -30.05 29.33
N GLN A 580 -19.72 -31.02 28.54
CA GLN A 580 -20.83 -31.84 28.99
C GLN A 580 -20.47 -32.67 30.22
N THR A 581 -19.23 -33.13 30.29
CA THR A 581 -18.68 -33.66 31.52
C THR A 581 -17.27 -33.13 31.67
N LEU A 582 -17.01 -32.48 32.79
CA LEU A 582 -15.77 -31.73 32.90
C LEU A 582 -14.61 -32.72 32.95
N GLU A 583 -13.73 -32.63 31.97
CA GLU A 583 -12.55 -33.46 31.95
C GLU A 583 -11.53 -32.72 31.12
N ILE A 584 -10.26 -32.96 31.42
CA ILE A 584 -9.19 -32.17 30.86
C ILE A 584 -8.58 -32.96 29.71
N LEU A 585 -8.81 -32.51 28.50
CA LEU A 585 -8.34 -33.20 27.31
C LEU A 585 -7.11 -32.47 26.79
N ASP A 586 -6.05 -33.23 26.49
CA ASP A 586 -4.94 -32.65 25.75
C ASP A 586 -5.33 -32.43 24.30
N ILE A 587 -4.39 -31.84 23.57
CA ILE A 587 -4.43 -31.75 22.12
C ILE A 587 -3.02 -32.07 21.63
N THR A 588 -2.84 -32.27 20.32
CA THR A 588 -1.51 -32.65 19.76
C THR A 588 -1.52 -32.48 18.23
N PRO A 589 -0.30 -32.18 17.52
CA PRO A 589 0.24 -31.88 15.93
C PRO A 589 0.49 -33.14 15.11
N CYS A 590 0.63 -32.97 13.78
CA CYS A 590 0.91 -34.08 12.83
C CYS A 590 2.40 -34.47 12.93
N SER A 591 2.76 -35.63 12.39
CA SER A 591 4.18 -36.10 12.47
C SER A 591 5.08 -35.08 11.74
N PHE A 592 4.64 -34.59 10.58
CA PHE A 592 5.39 -33.55 9.82
C PHE A 592 6.84 -34.03 9.57
N GLY A 593 7.80 -33.17 9.91
CA GLY A 593 9.19 -33.30 9.41
C GLY A 593 9.23 -33.12 7.91
N GLY A 594 8.92 -34.19 7.16
CA GLY A 594 8.90 -34.15 5.73
C GLY A 594 9.10 -35.52 5.12
N VAL A 595 8.54 -35.72 3.95
CA VAL A 595 8.83 -36.92 3.19
C VAL A 595 10.17 -36.73 2.51
N SER A 596 10.95 -37.79 2.41
CA SER A 596 12.24 -37.71 1.75
C SER A 596 12.41 -38.94 0.91
N VAL A 597 12.74 -38.76 -0.36
CA VAL A 597 12.89 -39.87 -1.28
C VAL A 597 14.37 -40.13 -1.43
N ILE A 598 14.82 -41.24 -0.86
CA ILE A 598 16.20 -41.67 -1.00
C ILE A 598 16.30 -42.48 -2.27
N THR A 599 17.12 -42.02 -3.20
CA THR A 599 17.26 -42.79 -4.42
C THR A 599 18.71 -42.86 -4.88
N PRO A 600 19.13 -44.03 -5.36
CA PRO A 600 20.24 -44.04 -6.31
C PRO A 600 19.81 -43.30 -7.55
N GLY A 601 20.81 -42.90 -8.35
CA GLY A 601 20.49 -42.20 -9.58
C GLY A 601 19.47 -42.96 -10.39
N THR A 602 18.55 -42.22 -11.01
CA THR A 602 17.49 -42.83 -11.85
C THR A 602 18.14 -43.70 -12.93
N ASN A 603 19.39 -43.37 -13.29
CA ASN A 603 20.16 -44.12 -14.31
C ASN A 603 20.40 -45.55 -13.80
N THR A 604 20.72 -45.68 -12.52
CA THR A 604 20.98 -47.01 -11.90
C THR A 604 19.67 -47.76 -11.68
N SER A 605 18.78 -47.22 -10.85
CA SER A 605 17.51 -47.86 -10.57
C SER A 605 16.37 -46.85 -10.63
N ASN A 606 15.17 -47.39 -10.81
CA ASN A 606 13.95 -46.66 -10.58
C ASN A 606 13.37 -46.92 -9.20
N GLN A 607 14.05 -47.71 -8.38
CA GLN A 607 13.57 -48.02 -7.05
C GLN A 607 13.99 -46.93 -6.09
N VAL A 608 13.10 -46.60 -5.16
CA VAL A 608 13.38 -45.57 -4.16
C VAL A 608 12.98 -46.08 -2.80
N ALA A 609 13.66 -45.57 -1.77
CA ALA A 609 13.29 -45.83 -0.39
C ALA A 609 12.84 -44.52 0.23
N VAL A 610 11.61 -44.50 0.72
CA VAL A 610 11.01 -43.30 1.29
C VAL A 610 11.38 -43.21 2.74
N LEU A 611 11.83 -42.03 3.16
CA LEU A 611 12.05 -41.73 4.57
C LEU A 611 10.97 -40.76 5.03
N TYR A 612 10.13 -41.20 5.95
CA TYR A 612 9.27 -40.30 6.69
C TYR A 612 10.07 -39.78 7.86
N GLN A 613 10.23 -38.46 7.94
CA GLN A 613 11.10 -37.86 8.93
C GLN A 613 10.37 -37.62 10.24
N ASP A 614 11.03 -37.97 11.33
CA ASP A 614 10.59 -37.59 12.67
C ASP A 614 9.16 -38.05 12.93
N VAL A 615 8.90 -39.35 12.72
CA VAL A 615 7.52 -39.89 12.92
C VAL A 615 7.59 -41.28 13.54
N ASN A 616 6.43 -41.85 13.84
CA ASN A 616 6.32 -43.22 14.41
C ASN A 616 5.75 -44.11 13.29
N CYS A 617 6.37 -45.26 13.06
CA CYS A 617 5.96 -46.17 11.95
C CYS A 617 4.56 -46.76 12.15
N THR A 618 3.59 -45.96 12.63
CA THR A 618 2.24 -46.46 12.72
C THR A 618 1.42 -45.84 11.61
N GLU A 619 1.27 -44.50 11.67
CA GLU A 619 0.34 -43.74 10.83
C GLU A 619 0.59 -43.92 9.35
N VAL A 620 1.70 -44.52 8.96
CA VAL A 620 1.96 -44.81 7.58
C VAL A 620 0.82 -45.62 6.97
N ASN A 641 8.28 -53.31 3.52
CA ASN A 641 9.44 -53.52 4.37
C ASN A 641 9.83 -52.26 5.13
N VAL A 642 9.51 -52.24 6.41
CA VAL A 642 9.60 -51.02 7.22
C VAL A 642 10.71 -51.18 8.25
N PHE A 643 11.33 -50.05 8.58
CA PHE A 643 12.38 -49.98 9.57
C PHE A 643 12.24 -48.66 10.32
N GLN A 644 12.50 -48.68 11.61
CA GLN A 644 12.46 -47.48 12.43
C GLN A 644 13.88 -46.99 12.65
N THR A 645 14.07 -45.68 12.51
CA THR A 645 15.39 -45.07 12.58
C THR A 645 15.44 -44.09 13.74
N ARG A 646 16.58 -43.41 13.84
CA ARG A 646 16.63 -42.21 14.67
C ARG A 646 15.98 -41.03 13.98
N ALA A 647 16.08 -40.97 12.65
CA ALA A 647 15.63 -39.78 11.93
C ALA A 647 14.17 -39.89 11.50
N GLY A 648 13.57 -41.06 11.62
CA GLY A 648 12.17 -41.19 11.30
C GLY A 648 11.87 -42.58 10.77
N CYS A 649 10.72 -42.69 10.12
CA CYS A 649 10.22 -43.96 9.63
C CYS A 649 10.70 -44.15 8.20
N LEU A 650 11.54 -45.15 7.99
CA LEU A 650 12.10 -45.43 6.69
C LEU A 650 11.36 -46.61 6.08
N ILE A 651 11.16 -46.57 4.77
CA ILE A 651 10.36 -47.57 4.06
C ILE A 651 11.07 -47.96 2.79
N GLY A 652 11.18 -49.26 2.55
CA GLY A 652 11.71 -49.74 1.31
C GLY A 652 13.21 -49.78 1.24
N ALA A 653 13.89 -49.86 2.39
CA ALA A 653 15.31 -50.13 2.40
C ALA A 653 15.62 -51.11 3.51
N GLU A 654 16.22 -52.22 3.15
CA GLU A 654 16.48 -53.29 4.11
C GLU A 654 17.63 -52.87 5.01
N HIS A 655 17.38 -52.89 6.32
CA HIS A 655 18.41 -52.62 7.30
C HIS A 655 19.59 -53.55 7.11
N VAL A 656 20.80 -53.01 7.14
CA VAL A 656 22.05 -53.81 6.95
C VAL A 656 22.99 -53.56 8.14
N ASN A 657 23.29 -54.62 8.90
CA ASN A 657 24.21 -54.51 10.07
C ASN A 657 25.59 -54.06 9.58
N ASN A 658 26.04 -54.61 8.45
CA ASN A 658 27.36 -54.26 7.86
C ASN A 658 27.46 -52.74 7.73
N SER A 659 28.36 -52.13 8.49
CA SER A 659 28.55 -50.69 8.48
C SER A 659 29.61 -50.31 7.45
N TYR A 660 29.25 -49.42 6.54
CA TYR A 660 30.13 -49.06 5.43
C TYR A 660 30.30 -47.55 5.40
N GLU A 661 30.97 -47.03 4.37
CA GLU A 661 31.15 -45.59 4.26
C GLU A 661 29.81 -44.91 4.01
N CYS A 662 29.64 -43.73 4.60
CA CYS A 662 28.43 -42.96 4.36
C CYS A 662 28.38 -42.54 2.90
N ASP A 663 27.24 -42.81 2.28
CA ASP A 663 27.13 -42.68 0.84
C ASP A 663 26.04 -41.69 0.47
N ILE A 664 24.80 -41.99 0.82
CA ILE A 664 23.73 -41.01 0.74
C ILE A 664 23.36 -40.62 2.17
N PRO A 665 23.72 -39.41 2.62
CA PRO A 665 23.49 -39.05 4.02
C PRO A 665 22.00 -38.88 4.29
N ILE A 666 21.54 -39.43 5.40
CA ILE A 666 20.13 -39.38 5.74
C ILE A 666 19.95 -38.55 6.99
N GLY A 667 20.27 -39.14 8.13
CA GLY A 667 20.27 -38.40 9.37
C GLY A 667 20.84 -39.26 10.47
N ALA A 668 21.39 -38.60 11.48
CA ALA A 668 21.85 -39.24 12.70
C ALA A 668 22.69 -40.48 12.42
N GLY A 669 23.55 -40.39 11.42
CA GLY A 669 24.45 -41.48 11.11
C GLY A 669 23.92 -42.49 10.13
N ILE A 670 22.61 -42.56 9.92
CA ILE A 670 22.04 -43.49 8.95
C ILE A 670 22.44 -43.01 7.56
N CYS A 671 23.07 -43.90 6.79
CA CYS A 671 23.49 -43.57 5.44
C CYS A 671 23.15 -44.73 4.52
N ALA A 672 22.53 -44.41 3.38
CA ALA A 672 21.99 -45.41 2.48
C ALA A 672 22.85 -45.54 1.23
N SER A 673 22.91 -46.75 0.69
CA SER A 673 23.57 -46.99 -0.58
C SER A 673 22.80 -48.06 -1.33
N TYR A 674 23.07 -48.15 -2.63
CA TYR A 674 22.20 -48.96 -3.49
C TYR A 674 22.52 -50.45 -3.47
N GLN A 675 23.79 -50.83 -3.35
CA GLN A 675 24.22 -52.17 -3.70
C GLN A 675 23.57 -53.22 -2.80
N THR A 676 23.61 -54.47 -3.26
CA THR A 676 23.28 -55.62 -2.42
C THR A 676 23.96 -55.55 -1.06
N SER A 689 18.02 -58.49 -7.74
CA SER A 689 18.68 -58.83 -6.48
C SER A 689 18.82 -57.61 -5.59
N GLN A 690 19.36 -56.55 -6.17
CA GLN A 690 19.80 -55.41 -5.39
C GLN A 690 18.63 -54.66 -4.75
N SER A 691 18.93 -53.99 -3.65
CA SER A 691 17.95 -53.21 -2.92
C SER A 691 18.69 -52.08 -2.20
N ILE A 692 18.00 -50.95 -2.08
CA ILE A 692 18.51 -49.86 -1.26
C ILE A 692 18.65 -50.34 0.17
N ILE A 693 19.79 -50.06 0.79
CA ILE A 693 20.01 -50.47 2.16
C ILE A 693 20.10 -49.24 3.05
N ALA A 694 20.16 -49.48 4.34
CA ALA A 694 20.34 -48.42 5.32
C ALA A 694 21.16 -49.01 6.45
N TYR A 695 22.16 -48.26 6.90
CA TYR A 695 23.09 -48.81 7.86
C TYR A 695 23.73 -47.67 8.62
N THR A 696 24.23 -47.97 9.80
CA THR A 696 24.98 -46.98 10.56
C THR A 696 26.28 -46.71 9.83
N MET A 697 26.52 -45.45 9.48
CA MET A 697 27.72 -45.11 8.75
C MET A 697 28.93 -45.40 9.61
N SER A 698 29.90 -46.10 9.04
CA SER A 698 31.22 -46.17 9.66
C SER A 698 31.93 -44.87 9.34
N LEU A 699 32.32 -44.14 10.37
CA LEU A 699 33.17 -42.98 10.13
C LEU A 699 34.54 -43.56 9.90
N GLY A 700 35.06 -43.42 8.68
CA GLY A 700 36.39 -43.89 8.38
C GLY A 700 36.52 -45.40 8.43
N ALA A 701 37.64 -45.91 7.92
CA ALA A 701 38.12 -47.23 8.28
C ALA A 701 38.90 -47.13 9.60
N GLU A 702 38.97 -48.24 10.31
CA GLU A 702 39.62 -48.24 11.62
C GLU A 702 41.08 -48.62 11.49
N ASN A 703 41.91 -47.97 12.30
CA ASN A 703 43.32 -48.30 12.45
C ASN A 703 43.69 -48.11 13.92
N SER A 704 44.70 -48.84 14.34
CA SER A 704 45.31 -48.61 15.64
C SER A 704 46.81 -48.55 15.42
N VAL A 705 47.40 -47.39 15.65
CA VAL A 705 48.82 -47.23 15.44
C VAL A 705 49.58 -48.12 16.40
N ALA A 706 50.61 -48.80 15.91
CA ALA A 706 51.40 -49.68 16.75
C ALA A 706 52.49 -48.83 17.37
N TYR A 707 52.36 -48.58 18.67
CA TYR A 707 53.09 -47.51 19.32
C TYR A 707 53.85 -48.05 20.52
N SER A 708 55.14 -47.69 20.60
CA SER A 708 56.01 -48.09 21.73
C SER A 708 56.81 -46.87 22.20
N ASN A 709 57.60 -47.02 23.26
CA ASN A 709 58.42 -45.90 23.81
C ASN A 709 59.47 -45.43 22.79
N ASN A 710 60.07 -46.36 22.03
CA ASN A 710 61.13 -45.97 21.06
C ASN A 710 60.75 -46.36 19.64
N SER A 711 59.50 -46.79 19.40
CA SER A 711 59.11 -47.19 18.06
C SER A 711 58.86 -45.98 17.17
N ILE A 712 59.63 -45.89 16.07
CA ILE A 712 59.45 -44.83 15.08
C ILE A 712 59.36 -45.46 13.70
N ALA A 713 58.59 -44.83 12.83
CA ALA A 713 58.41 -45.29 11.45
C ALA A 713 58.71 -44.12 10.51
N ILE A 714 59.79 -44.24 9.76
CA ILE A 714 60.29 -43.19 8.88
C ILE A 714 60.08 -43.62 7.44
N PRO A 715 59.39 -42.82 6.62
CA PRO A 715 59.10 -43.23 5.25
C PRO A 715 60.37 -43.35 4.43
N THR A 716 60.48 -44.47 3.68
CA THR A 716 61.67 -44.73 2.84
C THR A 716 61.36 -44.38 1.37
N ASN A 717 60.07 -44.36 1.02
CA ASN A 717 59.65 -44.02 -0.37
C ASN A 717 58.47 -43.04 -0.29
N PHE A 718 58.25 -42.25 -1.36
CA PHE A 718 57.14 -41.26 -1.35
C PHE A 718 56.57 -41.09 -2.75
N THR A 719 55.48 -40.32 -2.84
CA THR A 719 54.80 -40.02 -4.08
C THR A 719 54.68 -38.51 -4.20
N ILE A 720 54.43 -38.06 -5.43
CA ILE A 720 54.11 -36.67 -5.70
C ILE A 720 52.72 -36.67 -6.29
N SER A 721 51.75 -36.17 -5.54
CA SER A 721 50.38 -36.19 -5.98
C SER A 721 49.94 -34.80 -6.38
N VAL A 722 49.12 -34.72 -7.40
CA VAL A 722 48.55 -33.47 -7.86
C VAL A 722 47.06 -33.51 -7.56
N THR A 723 46.64 -32.71 -6.59
CA THR A 723 45.25 -32.70 -6.16
C THR A 723 44.60 -31.41 -6.61
N THR A 724 43.65 -31.53 -7.51
CA THR A 724 42.87 -30.39 -7.96
C THR A 724 42.12 -29.78 -6.79
N GLU A 725 42.13 -28.45 -6.71
CA GLU A 725 41.33 -27.72 -5.75
C GLU A 725 40.66 -26.58 -6.48
N ILE A 726 39.37 -26.38 -6.23
CA ILE A 726 38.54 -25.56 -7.08
C ILE A 726 37.78 -24.57 -6.22
N LEU A 727 37.79 -23.30 -6.62
CA LEU A 727 37.17 -22.24 -5.84
C LEU A 727 36.47 -21.27 -6.76
N PRO A 728 35.32 -20.74 -6.36
CA PRO A 728 34.74 -19.63 -7.09
C PRO A 728 35.59 -18.39 -6.92
N VAL A 729 35.42 -17.45 -7.84
CA VAL A 729 36.11 -16.18 -7.73
C VAL A 729 35.09 -15.07 -7.89
N SER A 730 34.43 -15.02 -9.03
CA SER A 730 33.39 -14.06 -9.27
C SER A 730 32.12 -14.78 -9.67
N MET A 731 31.02 -14.05 -9.62
CA MET A 731 29.72 -14.54 -10.05
C MET A 731 29.18 -13.62 -11.13
N THR A 732 28.17 -14.09 -11.83
CA THR A 732 27.66 -13.34 -12.98
C THR A 732 27.15 -11.98 -12.55
N LYS A 733 27.70 -10.94 -13.16
CA LYS A 733 27.29 -9.58 -12.84
C LYS A 733 25.94 -9.29 -13.46
N THR A 734 25.11 -8.55 -12.73
CA THR A 734 23.82 -8.16 -13.27
C THR A 734 23.51 -6.73 -12.85
N SER A 735 22.59 -6.14 -13.59
CA SER A 735 21.89 -4.94 -13.17
C SER A 735 20.44 -5.09 -13.59
N VAL A 736 19.55 -4.56 -12.76
CA VAL A 736 18.13 -4.73 -12.95
C VAL A 736 17.47 -3.37 -12.83
N ASP A 737 16.69 -2.99 -13.84
CA ASP A 737 16.03 -1.69 -13.81
C ASP A 737 14.71 -1.86 -13.11
N CYS A 738 14.62 -1.31 -11.91
CA CYS A 738 13.40 -1.37 -11.13
C CYS A 738 12.22 -0.80 -11.90
N THR A 739 12.37 0.40 -12.45
CA THR A 739 11.25 1.06 -13.10
C THR A 739 10.66 0.17 -14.18
N MET A 740 11.50 -0.40 -15.04
CA MET A 740 10.99 -1.23 -16.12
C MET A 740 10.54 -2.59 -15.60
N TYR A 741 11.31 -3.18 -14.68
CA TYR A 741 10.95 -4.49 -14.17
C TYR A 741 9.59 -4.46 -13.50
N ILE A 742 9.44 -3.63 -12.48
CA ILE A 742 8.18 -3.56 -11.77
C ILE A 742 7.06 -3.13 -12.71
N CYS A 743 7.24 -1.98 -13.33
CA CYS A 743 6.21 -1.39 -14.17
C CYS A 743 6.62 -1.59 -15.61
N GLY A 744 5.96 -2.49 -16.32
CA GLY A 744 6.36 -2.65 -17.69
C GLY A 744 5.99 -1.43 -18.49
N ASP A 745 6.98 -0.65 -18.91
CA ASP A 745 6.88 0.39 -19.93
C ASP A 745 5.58 1.19 -19.85
N SER A 746 5.08 1.47 -18.65
CA SER A 746 3.77 2.09 -18.52
C SER A 746 3.82 3.12 -17.40
N THR A 747 3.44 4.36 -17.72
CA THR A 747 3.57 5.43 -16.75
C THR A 747 2.57 5.28 -15.61
N GLU A 748 1.41 4.69 -15.88
CA GLU A 748 0.42 4.48 -14.83
C GLU A 748 1.06 3.83 -13.61
N CYS A 749 1.86 2.79 -13.84
CA CYS A 749 2.60 2.19 -12.75
C CYS A 749 3.84 3.01 -12.40
N SER A 750 4.43 3.70 -13.37
CA SER A 750 5.64 4.46 -13.09
C SER A 750 5.37 5.56 -12.08
N ASN A 751 4.21 6.21 -12.17
CA ASN A 751 3.87 7.27 -11.22
C ASN A 751 3.88 6.74 -9.80
N LEU A 752 3.16 5.65 -9.55
CA LEU A 752 3.08 5.10 -8.21
C LEU A 752 4.44 4.76 -7.66
N LEU A 753 5.33 4.23 -8.50
CA LEU A 753 6.66 3.86 -8.04
C LEU A 753 7.40 5.05 -7.45
N LEU A 754 7.08 6.25 -7.91
CA LEU A 754 7.70 7.44 -7.36
C LEU A 754 7.36 7.61 -5.89
N GLN A 755 6.26 7.03 -5.44
CA GLN A 755 5.84 7.21 -4.07
C GLN A 755 6.61 6.33 -3.10
N TYR A 756 7.22 5.27 -3.58
CA TYR A 756 8.09 4.45 -2.75
C TYR A 756 9.51 4.97 -2.69
N GLY A 757 9.78 6.09 -3.34
CA GLY A 757 11.05 6.76 -3.19
C GLY A 757 12.25 6.00 -3.72
N SER A 758 13.21 5.78 -2.84
CA SER A 758 14.51 5.25 -3.22
C SER A 758 14.49 3.75 -3.47
N PHE A 759 13.42 3.06 -3.10
CA PHE A 759 13.35 1.61 -3.32
C PHE A 759 13.76 1.26 -4.73
N CYS A 760 13.33 2.05 -5.70
CA CYS A 760 13.75 1.81 -7.07
C CYS A 760 15.26 2.00 -7.19
N THR A 761 15.76 3.16 -6.77
CA THR A 761 17.16 3.47 -7.01
C THR A 761 18.08 2.61 -6.15
N GLN A 762 17.85 2.60 -4.83
CA GLN A 762 18.83 1.99 -3.95
C GLN A 762 19.11 0.54 -4.30
N LEU A 763 18.17 -0.14 -4.95
CA LEU A 763 18.47 -1.47 -5.44
C LEU A 763 19.61 -1.42 -6.45
N ASN A 764 19.51 -0.54 -7.44
CA ASN A 764 20.61 -0.35 -8.36
C ASN A 764 21.90 -0.07 -7.62
N ARG A 765 21.84 0.79 -6.61
CA ARG A 765 23.03 1.02 -5.80
C ARG A 765 23.52 -0.26 -5.16
N ALA A 766 22.60 -1.10 -4.69
CA ALA A 766 23.01 -2.38 -4.14
C ALA A 766 23.63 -3.27 -5.21
N LEU A 767 22.91 -3.46 -6.32
CA LEU A 767 23.41 -4.33 -7.38
C LEU A 767 24.72 -3.79 -7.94
N THR A 768 24.76 -2.51 -8.28
CA THR A 768 26.02 -1.91 -8.69
C THR A 768 27.08 -2.13 -7.63
N GLY A 769 26.71 -1.99 -6.36
CA GLY A 769 27.66 -2.28 -5.29
C GLY A 769 28.22 -3.68 -5.40
N ILE A 770 27.39 -4.64 -5.79
CA ILE A 770 27.88 -5.99 -6.05
C ILE A 770 28.75 -6.00 -7.30
N ALA A 771 28.19 -5.57 -8.42
CA ALA A 771 28.87 -5.76 -9.69
C ALA A 771 30.19 -5.01 -9.75
N VAL A 772 30.28 -3.87 -9.06
CA VAL A 772 31.55 -3.16 -9.00
C VAL A 772 32.63 -4.05 -8.41
N GLU A 773 32.38 -4.60 -7.22
CA GLU A 773 33.42 -5.39 -6.58
C GLU A 773 33.60 -6.74 -7.24
N GLN A 774 32.61 -7.24 -7.97
CA GLN A 774 32.78 -8.51 -8.66
C GLN A 774 34.02 -8.51 -9.52
N ASP A 775 34.37 -7.35 -10.08
CA ASP A 775 35.64 -7.25 -10.79
C ASP A 775 36.80 -6.99 -9.86
N LYS A 776 36.55 -6.49 -8.65
CA LYS A 776 37.64 -6.41 -7.69
C LYS A 776 38.08 -7.80 -7.25
N ASN A 777 37.13 -8.72 -7.10
CA ASN A 777 37.48 -10.10 -6.84
C ASN A 777 38.46 -10.62 -7.88
N THR A 778 38.00 -10.71 -9.12
CA THR A 778 38.86 -11.15 -10.20
C THR A 778 40.12 -10.32 -10.30
N GLN A 779 40.05 -9.05 -9.88
CA GLN A 779 41.23 -8.20 -9.91
C GLN A 779 42.32 -8.76 -9.02
N GLU A 780 42.01 -8.94 -7.74
CA GLU A 780 43.05 -9.33 -6.79
C GLU A 780 43.41 -10.79 -6.91
N VAL A 781 42.47 -11.65 -7.26
CA VAL A 781 42.79 -13.06 -7.40
C VAL A 781 43.78 -13.27 -8.54
N PHE A 782 43.38 -12.90 -9.75
CA PHE A 782 44.19 -13.25 -10.91
C PHE A 782 45.34 -12.28 -11.14
N ALA A 783 45.12 -10.98 -11.03
CA ALA A 783 46.22 -10.07 -11.30
C ALA A 783 46.78 -9.63 -9.97
N GLN A 784 47.79 -10.38 -9.52
CA GLN A 784 48.76 -9.95 -8.55
C GLN A 784 50.10 -9.66 -9.19
N VAL A 785 50.20 -9.91 -10.49
CA VAL A 785 51.48 -9.97 -11.16
C VAL A 785 51.71 -8.66 -11.89
N LYS A 786 52.92 -8.13 -11.74
CA LYS A 786 53.23 -6.83 -12.32
C LYS A 786 53.32 -6.90 -13.84
N GLN A 787 53.94 -7.96 -14.36
CA GLN A 787 54.24 -8.06 -15.77
C GLN A 787 53.74 -9.40 -16.28
N ILE A 788 53.46 -9.46 -17.58
CA ILE A 788 53.00 -10.71 -18.17
C ILE A 788 54.23 -11.46 -18.66
N TYR A 789 54.59 -12.51 -17.95
CA TYR A 789 55.67 -13.37 -18.37
C TYR A 789 55.20 -14.30 -19.46
N LYS A 790 56.16 -14.85 -20.20
CA LYS A 790 55.86 -15.96 -21.07
C LYS A 790 57.06 -16.90 -21.08
N THR A 791 56.77 -18.19 -21.14
CA THR A 791 57.80 -19.20 -21.10
C THR A 791 58.78 -19.00 -22.25
N PRO A 792 60.01 -19.47 -22.11
CA PRO A 792 60.92 -19.44 -23.23
C PRO A 792 60.39 -20.31 -24.36
N PRO A 793 60.92 -20.17 -25.56
CA PRO A 793 60.43 -21.00 -26.67
C PRO A 793 60.65 -22.47 -26.43
N ILE A 794 61.74 -22.84 -25.76
CA ILE A 794 62.13 -24.24 -25.61
C ILE A 794 62.02 -24.64 -24.15
N LYS A 795 61.53 -25.85 -23.91
CA LYS A 795 61.30 -26.35 -22.57
C LYS A 795 62.26 -27.51 -22.29
N ASP A 796 63.24 -27.28 -21.43
CA ASP A 796 63.85 -28.37 -20.68
C ASP A 796 63.68 -28.06 -19.20
N PHE A 797 62.75 -28.72 -18.56
CA PHE A 797 62.52 -28.57 -17.14
C PHE A 797 63.10 -29.71 -16.34
N GLY A 798 63.80 -30.62 -16.99
CA GLY A 798 64.28 -31.82 -16.33
C GLY A 798 63.38 -33.00 -16.49
N GLY A 799 62.49 -33.00 -17.48
CA GLY A 799 61.56 -34.08 -17.66
C GLY A 799 60.17 -33.80 -17.16
N PHE A 800 59.96 -32.60 -16.60
CA PHE A 800 58.64 -32.23 -16.05
C PHE A 800 57.75 -31.73 -17.19
N ASN A 801 56.92 -32.61 -17.73
CA ASN A 801 56.01 -32.21 -18.84
C ASN A 801 55.02 -31.19 -18.30
N PHE A 802 54.81 -30.10 -19.04
CA PHE A 802 53.87 -29.02 -18.63
C PHE A 802 53.03 -28.62 -19.84
N SER A 803 53.30 -29.23 -21.00
CA SER A 803 52.57 -28.90 -22.20
C SER A 803 51.07 -29.08 -22.02
N GLN A 804 50.65 -29.74 -20.96
CA GLN A 804 49.23 -29.73 -20.62
C GLN A 804 48.81 -28.37 -20.05
N ILE A 805 49.53 -27.89 -19.05
CA ILE A 805 49.11 -26.68 -18.34
C ILE A 805 49.50 -25.39 -19.04
N LEU A 806 50.48 -25.39 -19.92
CA LEU A 806 50.88 -24.15 -20.54
C LEU A 806 49.85 -23.74 -21.58
N PRO A 807 49.83 -22.48 -21.97
CA PRO A 807 48.85 -22.03 -22.97
C PRO A 807 49.00 -22.84 -24.25
N ASP A 808 47.87 -23.25 -24.80
CA ASP A 808 47.92 -23.92 -26.09
C ASP A 808 48.18 -22.88 -27.16
N PRO A 809 49.32 -22.93 -27.85
CA PRO A 809 49.61 -21.90 -28.85
C PRO A 809 48.65 -21.94 -30.01
N SER A 810 48.12 -23.13 -30.32
CA SER A 810 47.26 -23.31 -31.52
C SER A 810 45.82 -22.87 -31.29
N LYS A 811 45.23 -23.17 -30.14
CA LYS A 811 43.86 -22.64 -29.92
C LYS A 811 43.79 -21.12 -30.16
N PRO A 812 42.77 -20.55 -30.85
CA PRO A 812 42.65 -19.10 -31.01
C PRO A 812 42.75 -18.37 -29.68
N SER A 813 42.00 -18.82 -28.68
CA SER A 813 42.23 -18.38 -27.32
C SER A 813 43.28 -19.28 -26.72
N LYS A 814 44.41 -18.71 -26.33
CA LYS A 814 45.49 -19.53 -25.82
C LYS A 814 45.14 -19.94 -24.40
N ARG A 815 44.91 -21.23 -24.21
CA ARG A 815 44.42 -21.78 -22.96
C ARG A 815 45.01 -23.17 -22.83
N SER A 816 45.38 -23.55 -21.62
CA SER A 816 45.96 -24.86 -21.42
C SER A 816 44.97 -25.92 -21.87
N PHE A 817 45.51 -27.04 -22.34
CA PHE A 817 44.64 -28.17 -22.68
C PHE A 817 43.69 -28.48 -21.54
N ILE A 818 44.15 -28.29 -20.30
CA ILE A 818 43.30 -28.57 -19.16
C ILE A 818 42.15 -27.59 -19.11
N GLU A 819 42.44 -26.29 -19.19
CA GLU A 819 41.39 -25.29 -19.05
C GLU A 819 40.21 -25.57 -19.96
N ASP A 820 40.47 -26.02 -21.18
CA ASP A 820 39.38 -26.27 -22.11
C ASP A 820 38.48 -27.40 -21.63
N LEU A 821 39.05 -28.38 -20.94
CA LEU A 821 38.21 -29.40 -20.31
C LEU A 821 37.18 -28.74 -19.40
N LEU A 822 37.64 -27.76 -18.61
CA LEU A 822 36.74 -27.06 -17.71
C LEU A 822 35.63 -26.36 -18.48
N PHE A 823 36.01 -25.55 -19.47
CA PHE A 823 35.03 -24.79 -20.21
C PHE A 823 34.00 -25.69 -20.89
N ASN A 824 34.32 -26.96 -21.09
CA ASN A 824 33.30 -27.91 -21.52
C ASN A 824 32.38 -28.26 -20.36
N LYS A 825 32.96 -28.62 -19.22
CA LYS A 825 32.17 -29.20 -18.15
C LYS A 825 31.20 -28.19 -17.55
N VAL A 826 31.63 -26.96 -17.39
CA VAL A 826 30.73 -25.91 -16.98
C VAL A 826 29.94 -25.42 -18.19
N THR A 827 28.75 -24.90 -17.95
CA THR A 827 27.95 -24.32 -19.02
C THR A 827 27.61 -22.86 -18.72
N ASP A 848 16.08 -17.94 -25.45
CA ASP A 848 17.14 -18.40 -24.49
C ASP A 848 16.87 -17.79 -23.11
N LEU A 849 17.49 -18.35 -22.07
CA LEU A 849 17.24 -17.86 -20.69
C LEU A 849 17.63 -16.39 -20.61
N ILE A 850 18.81 -16.08 -21.13
CA ILE A 850 19.31 -14.67 -21.10
C ILE A 850 18.29 -13.80 -21.83
N CYS A 851 17.72 -14.29 -22.94
CA CYS A 851 16.83 -13.40 -23.73
C CYS A 851 15.62 -12.92 -22.90
N ALA A 852 14.92 -13.81 -22.20
CA ALA A 852 13.70 -13.37 -21.46
C ALA A 852 14.16 -12.41 -20.36
N GLN A 853 15.22 -12.76 -19.66
CA GLN A 853 15.88 -11.89 -18.68
C GLN A 853 16.19 -10.54 -19.32
N LYS A 854 16.92 -10.57 -20.44
CA LYS A 854 17.24 -9.36 -21.17
C LYS A 854 15.99 -8.58 -21.50
N PHE A 855 14.83 -9.23 -21.51
CA PHE A 855 13.61 -8.60 -21.94
C PHE A 855 12.83 -7.90 -20.83
N ASN A 856 13.07 -8.24 -19.56
CA ASN A 856 12.31 -7.62 -18.48
C ASN A 856 13.06 -6.52 -17.76
N GLY A 857 14.25 -6.17 -18.21
CA GLY A 857 15.10 -5.26 -17.48
C GLY A 857 16.24 -5.93 -16.77
N LEU A 858 16.39 -7.24 -16.92
CA LEU A 858 17.48 -7.99 -16.31
C LEU A 858 18.61 -8.07 -17.32
N THR A 859 19.72 -7.39 -17.02
CA THR A 859 20.85 -7.33 -17.93
C THR A 859 22.04 -8.00 -17.28
N VAL A 860 22.93 -8.57 -18.09
CA VAL A 860 24.06 -9.31 -17.46
C VAL A 860 25.29 -8.61 -17.98
N LEU A 861 25.82 -7.68 -17.20
CA LEU A 861 26.96 -6.89 -17.69
C LEU A 861 28.18 -7.77 -18.00
N PRO A 862 29.11 -7.41 -18.91
CA PRO A 862 30.20 -8.29 -19.25
C PRO A 862 31.28 -8.26 -18.19
N PRO A 863 31.86 -9.41 -17.85
CA PRO A 863 32.97 -9.40 -16.91
C PRO A 863 34.12 -8.59 -17.48
N LEU A 864 34.62 -7.66 -16.66
CA LEU A 864 35.63 -6.72 -17.13
C LEU A 864 36.79 -7.40 -17.83
N LEU A 865 37.17 -8.57 -17.35
CA LEU A 865 38.27 -9.33 -17.93
C LEU A 865 37.70 -10.48 -18.74
N THR A 866 37.93 -10.45 -20.04
CA THR A 866 37.52 -11.57 -20.88
C THR A 866 38.35 -12.81 -20.55
N ASP A 867 37.81 -13.96 -20.91
CA ASP A 867 38.50 -15.22 -20.65
C ASP A 867 39.88 -15.24 -21.28
N GLU A 868 40.04 -14.61 -22.44
CA GLU A 868 41.36 -14.55 -23.05
C GLU A 868 42.32 -13.74 -22.20
N MET A 869 41.81 -12.77 -21.43
CA MET A 869 42.69 -12.01 -20.55
C MET A 869 43.06 -12.83 -19.33
N ILE A 870 42.07 -13.44 -18.68
CA ILE A 870 42.34 -14.33 -17.56
C ILE A 870 43.41 -15.34 -17.94
N ALA A 871 43.30 -15.87 -19.15
CA ALA A 871 44.26 -16.86 -19.63
C ALA A 871 45.64 -16.28 -19.86
N GLN A 872 45.79 -14.96 -19.91
CA GLN A 872 47.14 -14.42 -19.89
C GLN A 872 47.69 -14.38 -18.48
N TYR A 873 46.90 -13.91 -17.52
CA TYR A 873 47.34 -13.96 -16.12
C TYR A 873 47.71 -15.37 -15.71
N THR A 874 46.73 -16.27 -15.72
CA THR A 874 47.01 -17.65 -15.34
C THR A 874 48.06 -18.28 -16.24
N SER A 875 48.42 -17.63 -17.34
CA SER A 875 49.65 -18.00 -18.03
C SER A 875 50.86 -17.37 -17.36
N ALA A 876 50.77 -16.08 -17.03
CA ALA A 876 51.93 -15.38 -16.48
C ALA A 876 52.34 -15.97 -15.15
N LEU A 877 51.42 -15.98 -14.18
CA LEU A 877 51.68 -16.61 -12.90
C LEU A 877 52.23 -18.01 -13.10
N LEU A 878 51.61 -18.77 -14.00
CA LEU A 878 52.08 -20.11 -14.27
C LEU A 878 53.42 -20.11 -14.98
N ALA A 879 53.67 -19.12 -15.84
CA ALA A 879 54.96 -19.07 -16.50
C ALA A 879 56.03 -18.45 -15.61
N GLY A 880 55.63 -17.67 -14.62
CA GLY A 880 56.62 -17.12 -13.72
C GLY A 880 57.07 -18.17 -12.74
N THR A 881 56.10 -18.91 -12.20
CA THR A 881 56.40 -19.93 -11.21
C THR A 881 57.35 -20.97 -11.77
N ILE A 882 57.19 -21.33 -13.03
CA ILE A 882 58.04 -22.33 -13.65
C ILE A 882 59.48 -21.85 -13.68
N THR A 883 59.72 -20.74 -14.38
CA THR A 883 61.08 -20.28 -14.61
C THR A 883 61.67 -19.62 -13.38
N SER A 884 60.97 -18.63 -12.84
CA SER A 884 61.55 -17.66 -11.94
C SER A 884 61.50 -18.07 -10.49
N GLY A 885 61.04 -19.28 -10.20
CA GLY A 885 60.85 -19.58 -8.80
C GLY A 885 59.67 -18.79 -8.27
N TRP A 886 59.69 -18.55 -6.97
CA TRP A 886 58.65 -17.75 -6.34
C TRP A 886 58.99 -16.27 -6.29
N THR A 887 60.20 -15.90 -6.66
CA THR A 887 60.70 -14.57 -6.37
C THR A 887 59.97 -13.47 -7.12
N PHE A 888 59.10 -13.80 -8.06
CA PHE A 888 58.44 -12.72 -8.77
C PHE A 888 57.30 -12.12 -7.97
N GLY A 889 56.81 -12.80 -6.94
CA GLY A 889 55.86 -12.18 -6.04
C GLY A 889 56.49 -11.18 -5.10
N ALA A 890 57.78 -11.33 -4.82
CA ALA A 890 58.51 -10.45 -3.94
C ALA A 890 59.31 -9.38 -4.67
N GLY A 891 59.23 -9.33 -5.99
CA GLY A 891 60.07 -8.39 -6.71
C GLY A 891 60.32 -8.88 -8.12
N ALA A 892 61.46 -8.45 -8.67
CA ALA A 892 61.82 -8.83 -10.02
C ALA A 892 62.01 -10.33 -10.12
N ALA A 893 61.36 -10.92 -11.12
CA ALA A 893 61.50 -12.36 -11.34
C ALA A 893 62.94 -12.72 -11.62
N LEU A 894 63.37 -13.86 -11.09
CA LEU A 894 64.75 -14.30 -11.19
C LEU A 894 64.78 -15.65 -11.89
N GLN A 895 65.29 -15.68 -13.11
CA GLN A 895 65.41 -16.96 -13.78
C GLN A 895 66.30 -17.88 -12.95
N ILE A 896 65.80 -19.08 -12.70
CA ILE A 896 66.52 -20.07 -11.92
C ILE A 896 66.20 -21.42 -12.55
N PRO A 897 67.15 -22.34 -12.64
CA PRO A 897 66.84 -23.64 -13.23
C PRO A 897 65.73 -24.30 -12.44
N PHE A 898 64.70 -24.76 -13.15
CA PHE A 898 63.56 -25.33 -12.44
C PHE A 898 64.01 -26.49 -11.57
N ALA A 899 64.82 -27.39 -12.13
CA ALA A 899 65.29 -28.53 -11.36
C ALA A 899 66.06 -28.10 -10.12
N MET A 900 66.53 -26.86 -10.07
CA MET A 900 67.03 -26.34 -8.82
C MET A 900 65.89 -25.81 -7.96
N GLN A 901 64.92 -25.14 -8.58
CA GLN A 901 63.80 -24.60 -7.81
C GLN A 901 63.16 -25.67 -6.93
N MET A 902 63.13 -26.90 -7.42
CA MET A 902 62.61 -27.98 -6.58
C MET A 902 63.56 -28.28 -5.44
N ALA A 903 64.86 -28.19 -5.66
CA ALA A 903 65.79 -28.41 -4.56
C ALA A 903 65.55 -27.43 -3.44
N TYR A 904 64.93 -26.29 -3.71
CA TYR A 904 64.47 -25.46 -2.61
C TYR A 904 63.20 -26.01 -2.02
N ARG A 905 62.15 -26.08 -2.83
CA ARG A 905 60.82 -26.39 -2.32
C ARG A 905 60.79 -27.68 -1.53
N PHE A 906 61.82 -28.52 -1.64
CA PHE A 906 61.96 -29.60 -0.68
C PHE A 906 62.45 -29.09 0.67
N ASN A 907 63.48 -28.23 0.66
CA ASN A 907 63.90 -27.63 1.93
C ASN A 907 62.73 -26.96 2.63
N GLY A 908 61.76 -26.50 1.86
CA GLY A 908 60.56 -25.96 2.47
C GLY A 908 59.75 -27.00 3.22
N ILE A 909 59.77 -28.25 2.77
CA ILE A 909 59.07 -29.31 3.47
C ILE A 909 59.98 -30.11 4.37
N GLY A 910 61.24 -29.73 4.49
CA GLY A 910 62.14 -30.43 5.38
C GLY A 910 62.91 -31.57 4.77
N VAL A 911 62.66 -31.90 3.52
CA VAL A 911 63.40 -32.95 2.84
C VAL A 911 64.67 -32.35 2.27
N THR A 912 65.81 -32.87 2.67
CA THR A 912 67.07 -32.38 2.15
C THR A 912 67.13 -32.58 0.64
N GLN A 913 67.64 -31.56 -0.05
CA GLN A 913 67.62 -31.53 -1.51
C GLN A 913 68.37 -32.69 -2.14
N ASN A 914 69.31 -33.32 -1.44
CA ASN A 914 70.01 -34.44 -2.05
C ASN A 914 69.07 -35.55 -2.43
N VAL A 915 67.83 -35.50 -1.94
CA VAL A 915 66.83 -36.51 -2.40
C VAL A 915 66.46 -36.20 -3.86
N LEU A 916 66.17 -34.94 -4.18
CA LEU A 916 65.68 -34.60 -5.55
C LEU A 916 66.71 -34.87 -6.66
N TYR A 917 67.97 -34.46 -6.50
CA TYR A 917 68.93 -34.59 -7.64
C TYR A 917 69.13 -36.07 -7.95
N GLU A 918 69.00 -36.92 -6.95
CA GLU A 918 69.16 -38.36 -7.07
C GLU A 918 67.88 -38.99 -7.60
N ASN A 919 66.74 -38.56 -7.10
CA ASN A 919 65.45 -39.10 -7.49
C ASN A 919 64.79 -38.30 -8.61
N GLN A 920 65.50 -37.36 -9.22
CA GLN A 920 64.91 -36.43 -10.16
C GLN A 920 64.05 -37.14 -11.20
N LYS A 921 64.60 -38.14 -11.89
CA LYS A 921 63.84 -38.85 -12.91
C LYS A 921 62.58 -39.45 -12.33
N LEU A 922 62.72 -40.23 -11.26
CA LEU A 922 61.56 -40.85 -10.62
C LEU A 922 60.53 -39.81 -10.23
N ILE A 923 60.97 -38.62 -9.83
CA ILE A 923 60.00 -37.59 -9.49
C ILE A 923 59.34 -37.05 -10.74
N ALA A 924 60.06 -37.06 -11.86
CA ALA A 924 59.48 -36.57 -13.11
C ALA A 924 58.26 -37.38 -13.50
N ASN A 925 58.44 -38.69 -13.63
CA ASN A 925 57.33 -39.53 -14.05
C ASN A 925 56.19 -39.46 -13.05
N GLN A 926 56.50 -39.46 -11.75
CA GLN A 926 55.46 -39.30 -10.75
C GLN A 926 54.72 -38.00 -10.95
N PHE A 927 55.43 -36.92 -11.28
CA PHE A 927 54.73 -35.68 -11.59
C PHE A 927 53.97 -35.81 -12.90
N ASN A 928 54.66 -36.18 -13.98
CA ASN A 928 54.03 -36.20 -15.30
C ASN A 928 52.81 -37.10 -15.31
N SER A 929 52.94 -38.31 -14.75
CA SER A 929 51.79 -39.21 -14.71
C SER A 929 50.67 -38.62 -13.88
N ALA A 930 51.00 -38.06 -12.71
CA ALA A 930 49.97 -37.47 -11.87
C ALA A 930 49.22 -36.36 -12.58
N ILE A 931 49.88 -35.69 -13.53
CA ILE A 931 49.16 -34.76 -14.40
C ILE A 931 48.16 -35.52 -15.25
N GLY A 932 48.61 -36.60 -15.89
CA GLY A 932 47.74 -37.35 -16.77
C GLY A 932 46.48 -37.83 -16.08
N LYS A 933 46.59 -38.17 -14.79
CA LYS A 933 45.39 -38.57 -14.05
C LYS A 933 44.39 -37.44 -13.97
N ILE A 934 44.86 -36.19 -13.86
CA ILE A 934 43.94 -35.07 -13.74
C ILE A 934 43.03 -35.00 -14.95
N GLN A 935 43.60 -35.11 -16.14
CA GLN A 935 42.83 -34.93 -17.35
C GLN A 935 41.84 -36.05 -17.59
N ASP A 936 42.15 -37.24 -17.05
CA ASP A 936 41.20 -38.38 -17.13
C ASP A 936 40.03 -38.06 -16.20
N SER A 937 40.36 -37.64 -14.97
CA SER A 937 39.29 -37.27 -14.00
C SER A 937 38.34 -36.29 -14.68
N LEU A 938 38.85 -35.14 -15.14
CA LEU A 938 37.95 -34.10 -15.69
C LEU A 938 37.19 -34.69 -16.89
N SER A 939 37.87 -35.46 -17.74
CA SER A 939 37.21 -36.07 -18.93
C SER A 939 35.84 -36.67 -18.57
N SER A 940 35.71 -37.31 -17.41
CA SER A 940 34.44 -37.95 -17.09
C SER A 940 33.78 -37.39 -15.83
N THR A 941 34.41 -36.43 -15.15
CA THR A 941 33.91 -35.93 -13.89
C THR A 941 33.10 -34.66 -14.14
N ALA A 942 31.78 -34.76 -13.94
CA ALA A 942 30.96 -33.56 -13.84
C ALA A 942 30.98 -32.96 -12.44
N SER A 943 31.26 -33.77 -11.41
CA SER A 943 31.05 -33.35 -10.03
C SER A 943 32.16 -32.46 -9.48
N ALA A 944 33.42 -32.71 -9.85
CA ALA A 944 34.53 -31.96 -9.27
C ALA A 944 34.34 -30.46 -9.46
N LEU A 945 33.60 -30.06 -10.48
CA LEU A 945 33.26 -28.66 -10.68
C LEU A 945 31.97 -28.28 -9.98
N GLY A 946 31.40 -29.18 -9.18
CA GLY A 946 30.16 -28.89 -8.50
C GLY A 946 30.16 -27.55 -7.80
N LYS A 947 31.30 -27.17 -7.21
CA LYS A 947 31.39 -25.87 -6.56
C LYS A 947 31.07 -24.76 -7.54
N LEU A 948 31.73 -24.76 -8.70
CA LEU A 948 31.43 -23.79 -9.74
C LEU A 948 30.03 -23.98 -10.29
N GLN A 949 29.70 -25.21 -10.69
CA GLN A 949 28.41 -25.47 -11.31
C GLN A 949 27.26 -25.05 -10.40
N ASP A 950 27.44 -25.20 -9.09
CA ASP A 950 26.41 -24.75 -8.15
C ASP A 950 26.26 -23.24 -8.20
N VAL A 951 27.38 -22.51 -8.18
CA VAL A 951 27.31 -21.06 -8.17
C VAL A 951 26.60 -20.53 -9.41
N VAL A 952 26.95 -21.07 -10.58
CA VAL A 952 26.27 -20.66 -11.80
C VAL A 952 24.78 -21.01 -11.71
N ASN A 953 24.48 -22.21 -11.21
CA ASN A 953 23.09 -22.60 -11.04
C ASN A 953 22.35 -21.61 -10.16
N GLN A 954 22.77 -21.50 -8.89
CA GLN A 954 22.01 -20.75 -7.90
C GLN A 954 21.66 -19.35 -8.36
N ASN A 955 22.51 -18.74 -9.20
CA ASN A 955 22.19 -17.43 -9.71
C ASN A 955 21.05 -17.52 -10.72
N ALA A 956 21.21 -18.33 -11.75
CA ALA A 956 20.14 -18.53 -12.72
C ALA A 956 18.88 -19.01 -12.06
N GLN A 957 19.02 -19.79 -10.98
CA GLN A 957 17.86 -20.18 -10.20
C GLN A 957 17.11 -18.95 -9.71
N ALA A 958 17.72 -18.19 -8.81
CA ALA A 958 17.08 -16.98 -8.31
C ALA A 958 16.75 -16.02 -9.44
N LEU A 959 17.53 -16.03 -10.51
CA LEU A 959 17.16 -15.23 -11.68
C LEU A 959 15.86 -15.73 -12.28
N ASN A 960 15.75 -17.05 -12.50
CA ASN A 960 14.48 -17.61 -12.94
C ASN A 960 13.35 -17.19 -12.02
N THR A 961 13.42 -17.61 -10.76
CA THR A 961 12.39 -17.28 -9.79
C THR A 961 12.05 -15.80 -9.79
N LEU A 962 13.06 -14.95 -9.93
CA LEU A 962 12.78 -13.53 -10.07
C LEU A 962 11.86 -13.27 -11.25
N VAL A 963 12.07 -13.99 -12.35
CA VAL A 963 11.25 -13.75 -13.53
C VAL A 963 9.84 -14.28 -13.32
N LYS A 964 9.72 -15.54 -12.85
CA LYS A 964 8.40 -16.10 -12.63
C LYS A 964 7.54 -15.20 -11.76
N GLN A 965 8.14 -14.48 -10.82
CA GLN A 965 7.37 -13.57 -10.00
C GLN A 965 6.67 -12.50 -10.82
N LEU A 966 7.01 -12.33 -12.09
CA LEU A 966 6.24 -11.43 -12.93
C LEU A 966 4.92 -12.02 -13.37
N SER A 967 4.72 -13.32 -13.20
CA SER A 967 3.48 -13.96 -13.59
C SER A 967 2.51 -14.15 -12.43
N SER A 968 2.86 -13.71 -11.23
CA SER A 968 2.05 -13.99 -10.06
C SER A 968 1.06 -12.87 -9.80
N ASN A 969 -0.13 -13.25 -9.34
CA ASN A 969 -1.19 -12.27 -9.09
C ASN A 969 -0.83 -11.35 -7.93
N PHE A 970 -0.20 -11.90 -6.89
CA PHE A 970 0.08 -11.16 -5.66
C PHE A 970 -1.19 -10.64 -5.01
N GLY A 971 -2.32 -11.27 -5.29
CA GLY A 971 -3.61 -10.81 -4.82
C GLY A 971 -4.35 -9.91 -5.78
N ALA A 972 -3.64 -9.26 -6.69
CA ALA A 972 -4.30 -8.42 -7.68
C ALA A 972 -4.99 -9.29 -8.72
N ILE A 973 -5.93 -8.68 -9.44
CA ILE A 973 -6.82 -9.46 -10.30
C ILE A 973 -6.11 -10.06 -11.48
N SER A 974 -4.91 -9.58 -11.83
CA SER A 974 -4.13 -10.24 -12.88
C SER A 974 -2.68 -9.85 -12.73
N SER A 975 -1.82 -10.65 -13.36
CA SER A 975 -0.38 -10.40 -13.33
C SER A 975 0.11 -9.64 -14.55
N VAL A 976 -0.77 -9.32 -15.48
CA VAL A 976 -0.42 -8.45 -16.60
C VAL A 976 -0.74 -7.02 -16.18
N LEU A 977 0.22 -6.12 -16.38
CA LEU A 977 0.03 -4.75 -15.92
C LEU A 977 -1.09 -4.07 -16.67
N ASN A 978 -1.04 -4.11 -18.00
CA ASN A 978 -2.03 -3.37 -18.78
C ASN A 978 -3.40 -3.98 -18.69
N ASP A 979 -3.48 -5.31 -18.57
CA ASP A 979 -4.79 -5.97 -18.58
C ASP A 979 -5.59 -5.64 -17.33
N ILE A 980 -4.94 -5.16 -16.28
CA ILE A 980 -5.69 -4.59 -15.18
C ILE A 980 -6.24 -3.23 -15.58
N LEU A 981 -5.42 -2.43 -16.25
CA LEU A 981 -5.84 -1.11 -16.69
C LEU A 981 -7.07 -1.19 -17.58
N SER A 982 -6.90 -1.72 -18.79
CA SER A 982 -7.97 -1.67 -19.76
C SER A 982 -9.23 -2.38 -19.29
N ARG A 983 -9.17 -3.16 -18.23
CA ARG A 983 -10.38 -3.74 -17.67
C ARG A 983 -11.15 -2.75 -16.80
N LEU A 984 -10.44 -1.86 -16.09
CA LEU A 984 -11.05 -1.06 -15.05
C LEU A 984 -10.74 0.42 -15.23
N ASP A 985 -11.55 1.23 -14.61
CA ASP A 985 -11.19 2.64 -14.66
C ASP A 985 -10.09 2.95 -13.65
N LYS A 986 -9.11 3.72 -14.07
CA LYS A 986 -7.82 3.78 -13.37
C LYS A 986 -7.94 4.00 -11.87
N VAL A 987 -8.84 4.87 -11.37
CA VAL A 987 -8.92 5.03 -9.92
C VAL A 987 -9.04 3.73 -9.16
N GLU A 988 -9.52 2.67 -9.81
CA GLU A 988 -9.41 1.34 -9.22
C GLU A 988 -8.03 0.74 -9.45
N ALA A 989 -7.48 0.94 -10.65
CA ALA A 989 -6.17 0.37 -10.96
C ALA A 989 -5.10 0.87 -10.00
N GLU A 990 -5.20 2.13 -9.58
CA GLU A 990 -4.26 2.65 -8.59
C GLU A 990 -4.24 1.76 -7.36
N VAL A 991 -5.38 1.16 -7.02
CA VAL A 991 -5.42 0.24 -5.88
C VAL A 991 -4.76 -1.08 -6.25
N GLN A 992 -5.16 -1.66 -7.37
CA GLN A 992 -4.64 -2.96 -7.75
C GLN A 992 -3.14 -2.90 -7.96
N ILE A 993 -2.68 -1.96 -8.79
CA ILE A 993 -1.27 -1.87 -9.13
C ILE A 993 -0.40 -1.81 -7.89
N ASP A 994 -0.93 -1.34 -6.77
CA ASP A 994 -0.24 -1.53 -5.50
C ASP A 994 0.11 -2.99 -5.30
N ARG A 995 -0.91 -3.85 -5.20
CA ARG A 995 -0.67 -5.26 -4.96
C ARG A 995 0.23 -5.88 -6.01
N LEU A 996 0.32 -5.30 -7.20
CA LEU A 996 1.38 -5.70 -8.11
C LEU A 996 2.72 -5.15 -7.64
N ILE A 997 2.80 -3.83 -7.45
CA ILE A 997 4.07 -3.23 -7.06
C ILE A 997 4.52 -3.77 -5.72
N THR A 998 3.64 -3.70 -4.72
CA THR A 998 3.97 -4.25 -3.42
C THR A 998 4.48 -5.67 -3.53
N GLY A 999 3.90 -6.45 -4.44
CA GLY A 999 4.42 -7.77 -4.68
C GLY A 999 5.77 -7.77 -5.35
N ARG A 1000 5.86 -7.13 -6.52
CA ARG A 1000 7.10 -7.19 -7.28
C ARG A 1000 8.23 -6.51 -6.55
N LEU A 1001 7.97 -5.32 -6.02
CA LEU A 1001 9.00 -4.60 -5.28
C LEU A 1001 9.58 -5.48 -4.18
N GLN A 1002 8.70 -6.16 -3.45
CA GLN A 1002 9.18 -7.13 -2.48
C GLN A 1002 10.05 -8.18 -3.14
N SER A 1003 9.53 -8.82 -4.19
CA SER A 1003 10.24 -9.91 -4.83
C SER A 1003 11.63 -9.48 -5.29
N LEU A 1004 11.81 -8.21 -5.65
CA LEU A 1004 13.15 -7.71 -5.87
C LEU A 1004 13.94 -7.75 -4.58
N GLN A 1005 13.43 -7.09 -3.54
CA GLN A 1005 14.19 -6.99 -2.30
C GLN A 1005 14.52 -8.36 -1.74
N THR A 1006 13.66 -9.34 -1.97
CA THR A 1006 14.07 -10.71 -1.69
C THR A 1006 15.26 -11.09 -2.54
N TYR A 1007 15.13 -10.97 -3.87
CA TYR A 1007 16.22 -11.35 -4.76
C TYR A 1007 17.47 -10.55 -4.47
N VAL A 1008 17.32 -9.24 -4.28
CA VAL A 1008 18.50 -8.42 -4.04
C VAL A 1008 19.19 -8.84 -2.77
N THR A 1009 18.45 -8.86 -1.65
CA THR A 1009 19.04 -9.25 -0.38
C THR A 1009 19.67 -10.63 -0.47
N GLN A 1010 19.12 -11.52 -1.29
CA GLN A 1010 19.82 -12.76 -1.59
C GLN A 1010 21.20 -12.47 -2.14
N GLN A 1011 21.25 -11.79 -3.29
CA GLN A 1011 22.51 -11.56 -3.98
C GLN A 1011 23.57 -11.02 -3.03
N LEU A 1012 23.21 -10.00 -2.23
CA LEU A 1012 24.15 -9.45 -1.28
C LEU A 1012 24.74 -10.54 -0.39
N ILE A 1013 23.88 -11.37 0.18
CA ILE A 1013 24.35 -12.48 1.00
C ILE A 1013 25.20 -13.40 0.16
N ARG A 1014 24.68 -13.80 -1.01
CA ARG A 1014 25.44 -14.69 -1.87
C ARG A 1014 26.72 -14.04 -2.34
N ALA A 1015 26.69 -12.74 -2.59
CA ALA A 1015 27.90 -12.04 -3.00
C ALA A 1015 28.99 -12.20 -1.95
N ALA A 1016 28.64 -11.95 -0.69
CA ALA A 1016 29.62 -12.10 0.37
C ALA A 1016 30.16 -13.52 0.44
N GLU A 1017 29.30 -14.51 0.19
CA GLU A 1017 29.76 -15.88 0.17
C GLU A 1017 30.86 -16.08 -0.87
N ILE A 1018 30.65 -15.56 -2.08
CA ILE A 1018 31.72 -15.56 -3.08
C ILE A 1018 32.88 -14.70 -2.60
N ARG A 1019 32.53 -13.55 -2.02
CA ARG A 1019 33.51 -12.56 -1.48
C ARG A 1019 34.55 -13.28 -0.59
N ALA A 1020 34.07 -14.04 0.40
CA ALA A 1020 34.98 -14.80 1.30
C ALA A 1020 35.78 -15.81 0.48
N SER A 1021 35.12 -16.49 -0.46
CA SER A 1021 35.76 -17.49 -1.34
C SER A 1021 36.84 -16.81 -2.19
N ALA A 1022 36.55 -15.61 -2.70
CA ALA A 1022 37.49 -14.82 -3.53
C ALA A 1022 38.70 -14.45 -2.66
N ASN A 1023 38.46 -14.08 -1.40
CA ASN A 1023 39.55 -13.74 -0.46
C ASN A 1023 40.43 -14.98 -0.27
N LEU A 1024 39.79 -16.15 -0.12
CA LEU A 1024 40.53 -17.43 0.06
C LEU A 1024 41.38 -17.70 -1.18
N ALA A 1025 40.82 -17.45 -2.37
CA ALA A 1025 41.52 -17.67 -3.65
C ALA A 1025 42.74 -16.74 -3.72
N ALA A 1026 42.58 -15.48 -3.29
CA ALA A 1026 43.70 -14.51 -3.28
C ALA A 1026 44.77 -15.01 -2.32
N THR A 1027 44.33 -15.52 -1.16
CA THR A 1027 45.23 -16.08 -0.13
C THR A 1027 45.99 -17.27 -0.72
N LYS A 1028 45.28 -18.17 -1.42
CA LYS A 1028 45.98 -19.32 -1.98
C LYS A 1028 46.85 -18.89 -3.14
N MET A 1029 46.30 -18.08 -4.03
CA MET A 1029 47.09 -17.53 -5.13
C MET A 1029 48.34 -16.87 -4.61
N SER A 1030 48.20 -16.06 -3.56
CA SER A 1030 49.35 -15.37 -2.99
C SER A 1030 50.30 -16.35 -2.35
N GLU A 1031 49.81 -17.13 -1.38
CA GLU A 1031 50.70 -17.95 -0.56
C GLU A 1031 51.10 -19.24 -1.26
N CYS A 1032 50.14 -19.91 -1.89
CA CYS A 1032 50.42 -21.26 -2.36
C CYS A 1032 51.24 -21.11 -3.64
N VAL A 1033 50.67 -20.44 -4.65
CA VAL A 1033 51.37 -20.36 -5.96
C VAL A 1033 52.64 -19.50 -5.85
N LEU A 1034 52.51 -18.27 -5.34
CA LEU A 1034 53.67 -17.31 -5.37
C LEU A 1034 54.67 -17.64 -4.28
N GLY A 1035 54.25 -18.39 -3.26
CA GLY A 1035 55.16 -18.84 -2.23
C GLY A 1035 55.30 -20.35 -2.20
N GLN A 1036 55.66 -20.84 -1.01
CA GLN A 1036 55.46 -22.23 -0.63
C GLN A 1036 54.86 -22.23 0.76
N SER A 1037 53.69 -22.82 0.91
CA SER A 1037 52.91 -22.63 2.12
C SER A 1037 53.39 -23.58 3.21
N LYS A 1038 53.92 -23.01 4.28
CA LYS A 1038 54.22 -23.79 5.47
C LYS A 1038 52.95 -24.25 6.17
N ARG A 1039 51.84 -23.54 5.96
CA ARG A 1039 50.57 -23.96 6.51
C ARG A 1039 50.26 -25.37 6.07
N VAL A 1040 49.67 -26.15 6.96
CA VAL A 1040 49.41 -27.56 6.70
C VAL A 1040 47.99 -27.72 6.18
N ASP A 1041 47.84 -28.49 5.11
CA ASP A 1041 46.56 -28.80 4.51
C ASP A 1041 45.78 -27.56 4.12
N PHE A 1042 46.48 -26.45 3.96
CA PHE A 1042 45.88 -25.30 3.32
C PHE A 1042 45.93 -25.46 1.81
N CYS A 1043 47.02 -26.02 1.31
CA CYS A 1043 47.18 -26.32 -0.10
C CYS A 1043 46.82 -27.76 -0.45
N GLY A 1044 46.26 -28.51 0.47
CA GLY A 1044 45.88 -29.89 0.23
C GLY A 1044 46.79 -30.86 0.97
N LYS A 1045 46.30 -32.10 1.07
CA LYS A 1045 46.96 -33.10 1.89
C LYS A 1045 48.39 -33.31 1.41
N GLY A 1046 49.27 -33.58 2.36
CA GLY A 1046 50.68 -33.72 2.08
C GLY A 1046 51.40 -32.40 2.21
N TYR A 1047 52.72 -32.49 2.31
CA TYR A 1047 53.54 -31.30 2.29
C TYR A 1047 53.50 -30.68 0.90
N HIS A 1048 53.42 -29.36 0.84
CA HIS A 1048 53.17 -28.69 -0.41
C HIS A 1048 54.45 -28.26 -1.10
N LEU A 1049 54.50 -28.50 -2.41
CA LEU A 1049 55.61 -28.06 -3.25
C LEU A 1049 55.27 -26.82 -4.04
N MET A 1050 54.31 -26.91 -4.95
CA MET A 1050 53.90 -25.71 -5.69
C MET A 1050 52.49 -25.92 -6.18
N SER A 1051 51.86 -24.84 -6.60
CA SER A 1051 50.56 -24.92 -7.20
C SER A 1051 50.57 -24.23 -8.56
N PHE A 1052 49.74 -24.75 -9.45
CA PHE A 1052 49.56 -24.19 -10.78
C PHE A 1052 48.13 -23.75 -10.94
N PRO A 1053 47.81 -22.47 -10.96
CA PRO A 1053 46.43 -22.06 -11.14
C PRO A 1053 45.97 -22.33 -12.55
N GLN A 1054 44.67 -22.54 -12.70
CA GLN A 1054 44.06 -22.71 -14.01
C GLN A 1054 42.72 -22.01 -13.97
N SER A 1055 42.45 -21.16 -14.96
CA SER A 1055 41.20 -20.45 -14.98
C SER A 1055 40.05 -21.41 -15.25
N ALA A 1056 38.88 -21.04 -14.74
CA ALA A 1056 37.64 -21.74 -15.04
C ALA A 1056 36.53 -20.71 -15.01
N PRO A 1057 35.40 -20.96 -15.67
CA PRO A 1057 34.39 -19.92 -15.78
C PRO A 1057 33.94 -19.49 -14.39
N HIS A 1058 34.05 -18.20 -14.12
CA HIS A 1058 33.69 -17.65 -12.82
C HIS A 1058 34.34 -18.44 -11.70
N GLY A 1059 35.64 -18.61 -11.78
CA GLY A 1059 36.35 -19.34 -10.75
C GLY A 1059 37.79 -19.56 -11.13
N VAL A 1060 38.49 -20.27 -10.26
CA VAL A 1060 39.89 -20.61 -10.46
C VAL A 1060 40.10 -22.04 -10.01
N VAL A 1061 41.07 -22.71 -10.62
CA VAL A 1061 41.37 -24.10 -10.30
C VAL A 1061 42.86 -24.21 -10.08
N PHE A 1062 43.25 -24.60 -8.87
CA PHE A 1062 44.65 -24.82 -8.56
C PHE A 1062 44.96 -26.29 -8.76
N LEU A 1063 46.16 -26.56 -9.24
CA LEU A 1063 46.69 -27.91 -9.23
C LEU A 1063 47.80 -27.91 -8.19
N HIS A 1064 47.53 -28.53 -7.05
CA HIS A 1064 48.48 -28.52 -5.95
C HIS A 1064 49.41 -29.71 -6.12
N VAL A 1065 50.71 -29.44 -6.18
CA VAL A 1065 51.69 -30.49 -6.28
C VAL A 1065 52.25 -30.70 -4.87
N THR A 1066 51.91 -31.83 -4.27
CA THR A 1066 52.19 -32.08 -2.88
C THR A 1066 53.03 -33.33 -2.71
N TYR A 1067 53.85 -33.35 -1.68
CA TYR A 1067 54.83 -34.41 -1.44
C TYR A 1067 54.29 -35.34 -0.36
N VAL A 1068 53.90 -36.53 -0.74
CA VAL A 1068 53.28 -37.49 0.18
C VAL A 1068 54.24 -38.66 0.38
N PRO A 1069 54.67 -38.96 1.60
CA PRO A 1069 55.51 -40.13 1.83
C PRO A 1069 54.72 -41.42 1.61
N ALA A 1070 55.46 -42.52 1.43
CA ALA A 1070 54.80 -43.75 1.03
C ALA A 1070 55.14 -44.97 1.88
N GLN A 1071 56.37 -45.48 1.76
CA GLN A 1071 56.73 -46.77 2.33
C GLN A 1071 57.47 -46.58 3.64
N GLU A 1072 57.01 -47.25 4.68
CA GLU A 1072 57.53 -47.06 6.03
C GLU A 1072 58.21 -48.32 6.52
N LYS A 1073 59.10 -48.16 7.50
CA LYS A 1073 59.82 -49.32 8.08
C LYS A 1073 59.89 -49.14 9.60
N ASN A 1074 59.36 -50.11 10.35
CA ASN A 1074 59.41 -49.99 11.83
C ASN A 1074 60.89 -49.90 12.22
N PHE A 1075 61.26 -48.95 13.07
CA PHE A 1075 62.68 -48.78 13.43
C PHE A 1075 62.83 -48.29 14.87
N THR A 1076 63.61 -49.04 15.66
CA THR A 1076 63.96 -48.71 17.02
C THR A 1076 64.68 -47.37 17.00
N THR A 1077 64.32 -46.49 17.92
CA THR A 1077 64.87 -45.15 17.97
C THR A 1077 65.32 -44.82 19.38
N ALA A 1078 66.14 -43.78 19.50
CA ALA A 1078 66.45 -43.24 20.81
C ALA A 1078 66.55 -41.74 20.72
N PRO A 1079 66.05 -41.01 21.72
CA PRO A 1079 66.17 -39.55 21.70
C PRO A 1079 67.58 -39.05 21.90
N ALA A 1080 68.49 -39.89 22.35
CA ALA A 1080 69.82 -39.41 22.69
C ALA A 1080 70.80 -40.56 22.61
N ILE A 1081 72.08 -40.21 22.59
CA ILE A 1081 73.14 -41.20 22.58
C ILE A 1081 74.27 -40.74 23.50
N CYS A 1082 74.56 -41.51 24.54
CA CYS A 1082 75.76 -41.29 25.31
C CYS A 1082 76.98 -41.61 24.47
N HIS A 1083 78.05 -40.88 24.70
CA HIS A 1083 79.31 -41.36 24.17
C HIS A 1083 80.29 -41.58 25.30
N ASP A 1084 80.87 -40.49 25.80
CA ASP A 1084 81.78 -40.53 26.92
C ASP A 1084 81.09 -40.22 28.23
N GLY A 1085 79.78 -40.12 28.22
CA GLY A 1085 79.03 -39.51 29.28
C GLY A 1085 78.45 -38.18 28.89
N LYS A 1086 78.99 -37.55 27.87
CA LYS A 1086 78.25 -36.48 27.22
C LYS A 1086 77.03 -37.06 26.54
N ALA A 1087 76.04 -36.21 26.32
CA ALA A 1087 74.89 -36.61 25.53
C ALA A 1087 75.04 -36.02 24.13
N HIS A 1088 74.58 -36.76 23.13
CA HIS A 1088 74.62 -36.29 21.76
C HIS A 1088 73.20 -36.29 21.23
N PHE A 1089 72.79 -35.15 20.68
CA PHE A 1089 71.48 -35.02 20.08
C PHE A 1089 71.64 -34.67 18.61
N PRO A 1090 70.72 -35.08 17.76
CA PRO A 1090 70.84 -34.77 16.34
C PRO A 1090 70.59 -33.30 16.11
N ARG A 1091 71.36 -32.71 15.18
CA ARG A 1091 71.01 -31.36 14.75
C ARG A 1091 69.65 -31.35 14.07
N GLU A 1092 69.49 -32.19 13.06
CA GLU A 1092 68.20 -32.32 12.39
C GLU A 1092 67.96 -33.79 12.13
N GLY A 1093 66.77 -34.26 12.45
CA GLY A 1093 66.47 -35.66 12.32
C GLY A 1093 66.57 -36.37 13.65
N VAL A 1094 66.59 -37.71 13.58
CA VAL A 1094 66.55 -38.50 14.78
C VAL A 1094 67.47 -39.70 14.68
N PHE A 1095 67.98 -40.10 15.83
CA PHE A 1095 68.72 -41.33 15.95
C PHE A 1095 67.78 -42.49 15.74
N VAL A 1096 68.13 -43.38 14.82
CA VAL A 1096 67.38 -44.60 14.62
C VAL A 1096 68.37 -45.74 14.54
N SER A 1097 67.81 -46.94 14.43
CA SER A 1097 68.64 -48.16 14.27
C SER A 1097 67.74 -49.26 13.70
N ASN A 1098 68.26 -50.03 12.73
CA ASN A 1098 67.50 -51.18 12.18
C ASN A 1098 67.31 -52.17 13.34
N GLY A 1099 68.39 -52.37 14.10
CA GLY A 1099 68.43 -53.20 15.31
C GLY A 1099 69.83 -53.21 15.89
N THR A 1100 70.83 -52.70 15.14
CA THR A 1100 72.20 -52.79 15.63
C THR A 1100 72.91 -51.45 15.57
N HIS A 1101 73.12 -50.95 14.36
CA HIS A 1101 73.93 -49.77 14.15
C HIS A 1101 73.07 -48.53 14.22
N TRP A 1102 73.40 -47.62 15.11
CA TRP A 1102 72.60 -46.43 15.28
C TRP A 1102 72.88 -45.44 14.16
N PHE A 1103 71.82 -45.04 13.49
CA PHE A 1103 71.90 -44.10 12.40
C PHE A 1103 71.05 -42.88 12.73
N VAL A 1104 71.57 -41.73 12.40
CA VAL A 1104 70.80 -40.50 12.41
C VAL A 1104 70.31 -40.24 11.00
N THR A 1105 69.05 -39.87 10.86
CA THR A 1105 68.49 -39.65 9.54
C THR A 1105 67.55 -38.47 9.59
N GLN A 1106 67.37 -37.84 8.44
CA GLN A 1106 66.36 -36.80 8.30
C GLN A 1106 64.98 -37.39 8.49
N ARG A 1107 64.02 -36.53 8.86
CA ARG A 1107 62.77 -37.07 9.36
C ARG A 1107 61.85 -37.57 8.25
N ASN A 1108 61.62 -36.77 7.22
CA ASN A 1108 60.56 -37.08 6.29
C ASN A 1108 60.99 -38.02 5.18
N PHE A 1109 62.22 -38.53 5.23
CA PHE A 1109 62.69 -39.49 4.26
C PHE A 1109 63.75 -40.33 4.94
N TYR A 1110 63.86 -41.59 4.57
CA TYR A 1110 64.80 -42.48 5.25
C TYR A 1110 66.13 -42.43 4.52
N GLU A 1111 67.11 -41.81 5.15
CA GLU A 1111 68.43 -41.62 4.55
C GLU A 1111 69.45 -41.77 5.65
N PRO A 1112 69.76 -42.99 6.04
CA PRO A 1112 70.63 -43.21 7.19
C PRO A 1112 72.05 -42.74 6.94
N GLN A 1113 72.66 -42.21 7.99
CA GLN A 1113 74.03 -41.74 7.94
C GLN A 1113 74.72 -42.10 9.25
N ILE A 1114 76.00 -42.43 9.17
CA ILE A 1114 76.74 -42.75 10.37
C ILE A 1114 76.81 -41.51 11.23
N ILE A 1115 76.91 -41.72 12.54
CA ILE A 1115 76.73 -40.65 13.51
C ILE A 1115 78.09 -40.09 13.88
N THR A 1116 78.32 -38.83 13.52
CA THR A 1116 79.54 -38.13 13.86
C THR A 1116 79.19 -36.78 14.43
N THR A 1117 80.18 -36.11 14.99
CA THR A 1117 79.94 -34.81 15.62
C THR A 1117 79.25 -33.84 14.67
N ASP A 1118 79.55 -33.91 13.37
CA ASP A 1118 78.85 -33.01 12.46
C ASP A 1118 77.36 -33.30 12.43
N ASN A 1119 76.96 -34.52 12.78
CA ASN A 1119 75.54 -34.83 12.88
C ASN A 1119 74.93 -34.38 14.20
N THR A 1120 75.72 -34.35 15.27
CA THR A 1120 75.19 -34.28 16.61
C THR A 1120 75.87 -33.18 17.42
N PHE A 1121 75.10 -32.55 18.28
CA PHE A 1121 75.64 -31.57 19.20
C PHE A 1121 75.55 -32.07 20.62
N VAL A 1122 76.45 -31.59 21.47
CA VAL A 1122 76.59 -32.06 22.83
C VAL A 1122 75.81 -31.16 23.77
N SER A 1123 75.05 -31.76 24.69
CA SER A 1123 74.37 -31.00 25.72
C SER A 1123 74.19 -31.88 26.95
N GLY A 1124 74.33 -31.28 28.12
CA GLY A 1124 74.07 -32.01 29.35
C GLY A 1124 75.00 -33.18 29.54
N ASN A 1125 74.50 -34.23 30.18
CA ASN A 1125 75.22 -35.49 30.30
C ASN A 1125 74.21 -36.62 30.43
N CYS A 1126 74.71 -37.82 30.71
CA CYS A 1126 73.92 -39.04 30.51
C CYS A 1126 72.86 -39.31 31.55
N ASP A 1127 72.79 -38.53 32.63
CA ASP A 1127 71.81 -38.87 33.65
C ASP A 1127 70.40 -38.52 33.24
N VAL A 1128 70.20 -37.31 32.72
CA VAL A 1128 68.87 -36.72 32.74
C VAL A 1128 67.99 -37.32 31.66
N VAL A 1129 68.53 -37.47 30.45
CA VAL A 1129 67.71 -37.91 29.33
C VAL A 1129 67.03 -39.22 29.66
N ILE A 1130 65.77 -39.32 29.27
CA ILE A 1130 64.99 -40.54 29.47
C ILE A 1130 64.94 -41.27 28.14
N GLY A 1131 65.64 -42.38 28.05
CA GLY A 1131 65.73 -43.12 26.81
C GLY A 1131 67.06 -43.06 26.11
N ILE A 1132 68.04 -42.38 26.67
CA ILE A 1132 69.35 -42.38 26.05
C ILE A 1132 69.91 -43.79 26.04
N VAL A 1133 70.65 -44.11 24.98
CA VAL A 1133 71.32 -45.44 24.88
C VAL A 1133 72.82 -45.23 25.15
N ASN A 1134 73.63 -46.23 24.83
CA ASN A 1134 75.10 -46.09 24.99
C ASN A 1134 75.63 -45.61 23.63
N ASN A 1135 76.31 -46.52 22.91
CA ASN A 1135 76.86 -46.31 21.53
C ASN A 1135 78.14 -45.46 21.53
N THR A 1136 78.72 -45.32 20.33
CA THR A 1136 79.97 -44.63 20.05
C THR A 1136 79.75 -43.75 18.85
N VAL A 1137 79.91 -42.44 19.02
CA VAL A 1137 79.74 -41.48 17.94
C VAL A 1137 81.09 -41.30 17.27
N TYR A 1138 81.20 -41.80 16.06
CA TYR A 1138 82.44 -41.73 15.32
C TYR A 1138 82.85 -40.28 15.14
N ASP A 1139 84.15 -40.04 15.08
CA ASP A 1139 84.71 -38.72 14.95
C ASP A 1139 85.32 -38.53 13.58
N PRO A 1140 84.91 -37.52 12.82
CA PRO A 1140 85.63 -37.22 11.57
C PRO A 1140 87.10 -36.97 11.81
N LEU A 1141 87.40 -36.23 12.88
CA LEU A 1141 88.73 -35.66 13.01
C LEU A 1141 89.75 -36.68 13.47
N GLN A 1142 89.41 -37.51 14.46
CA GLN A 1142 90.36 -38.47 15.02
C GLN A 1142 91.17 -39.25 14.00
N PRO A 1143 90.57 -39.90 12.99
CA PRO A 1143 91.42 -40.58 12.01
C PRO A 1143 92.29 -39.61 11.24
N GLU A 1144 91.74 -38.45 10.87
CA GLU A 1144 92.50 -37.46 10.11
C GLU A 1144 93.82 -37.16 10.78
N LEU A 1145 93.85 -37.21 12.11
CA LEU A 1145 95.11 -37.01 12.82
C LEU A 1145 96.13 -38.08 12.44
N ASP A 1146 95.73 -39.34 12.53
CA ASP A 1146 96.68 -40.38 12.94
C ASP A 1146 97.98 -40.37 12.14
N SER A 1147 97.91 -39.84 10.92
CA SER A 1147 99.11 -39.76 10.04
C SER A 1147 99.85 -38.44 10.27
N GLN B 14 -35.95 0.10 59.57
CA GLN B 14 -34.77 0.17 60.43
C GLN B 14 -34.00 1.45 60.18
N CYS B 15 -32.86 1.32 59.48
CA CYS B 15 -31.97 2.44 59.20
C CYS B 15 -31.54 3.16 60.48
N VAL B 16 -31.38 2.41 61.56
CA VAL B 16 -30.80 2.97 62.77
C VAL B 16 -29.38 3.44 62.45
N ASN B 17 -29.06 4.67 62.83
CA ASN B 17 -27.85 5.34 62.39
C ASN B 17 -27.03 5.78 63.59
N LEU B 18 -25.73 5.53 63.52
CA LEU B 18 -24.77 6.15 64.43
C LEU B 18 -23.59 6.61 63.58
N THR B 19 -23.28 7.92 63.59
CA THR B 19 -22.24 8.43 62.66
C THR B 19 -21.02 9.00 63.39
N THR B 20 -21.16 9.33 64.69
CA THR B 20 -20.04 9.91 65.49
C THR B 20 -19.51 11.21 64.86
N ARG B 21 -18.19 11.36 64.75
CA ARG B 21 -17.58 12.59 64.24
C ARG B 21 -16.35 12.37 63.35
N THR B 22 -15.29 11.83 63.93
CA THR B 22 -13.94 12.10 63.45
C THR B 22 -13.59 11.27 62.22
N GLN B 23 -12.63 11.78 61.46
CA GLN B 23 -11.97 11.04 60.40
C GLN B 23 -10.57 10.62 60.86
N LEU B 24 -9.74 11.59 61.26
CA LEU B 24 -8.31 11.50 61.51
C LEU B 24 -7.60 11.45 60.15
N PRO B 25 -6.34 11.84 60.08
CA PRO B 25 -5.57 11.55 58.87
C PRO B 25 -5.53 10.06 58.65
N PRO B 26 -5.90 9.57 57.47
CA PRO B 26 -5.91 8.13 57.23
C PRO B 26 -4.51 7.57 57.41
N ALA B 27 -4.39 6.56 58.26
CA ALA B 27 -3.10 5.96 58.54
C ALA B 27 -2.72 5.12 57.33
N TYR B 28 -1.60 5.46 56.71
CA TYR B 28 -1.22 4.80 55.48
C TYR B 28 -0.25 3.66 55.78
N THR B 29 0.12 2.94 54.73
CA THR B 29 1.06 1.85 54.83
C THR B 29 1.62 1.59 53.45
N ASN B 30 2.48 0.58 53.36
CA ASN B 30 3.21 0.29 52.14
C ASN B 30 3.01 -1.20 51.84
N SER B 31 2.31 -1.49 50.75
CA SER B 31 2.18 -2.87 50.31
C SER B 31 3.46 -3.26 49.60
N PHE B 32 4.18 -4.23 50.16
CA PHE B 32 5.53 -4.50 49.70
C PHE B 32 5.46 -5.36 48.44
N THR B 33 5.10 -6.62 48.62
CA THR B 33 4.71 -7.50 47.54
C THR B 33 3.30 -7.98 47.86
N ARG B 34 2.31 -7.50 47.09
CA ARG B 34 0.95 -7.76 47.50
C ARG B 34 0.03 -7.65 46.31
N GLY B 35 -1.14 -8.27 46.43
CA GLY B 35 -2.18 -8.13 45.43
C GLY B 35 -1.86 -8.73 44.08
N VAL B 36 -1.18 -9.87 44.04
CA VAL B 36 -0.90 -10.57 42.80
C VAL B 36 -1.80 -11.79 42.72
N TYR B 37 -2.78 -11.73 41.85
CA TYR B 37 -3.72 -12.82 41.63
C TYR B 37 -3.34 -13.55 40.35
N TYR B 38 -4.12 -14.57 40.02
CA TYR B 38 -3.90 -15.31 38.78
C TYR B 38 -4.83 -14.77 37.72
N ARG B 44 0.34 -22.91 34.18
CA ARG B 44 1.69 -22.76 33.68
C ARG B 44 2.67 -23.17 34.78
N SER B 45 3.84 -23.65 34.36
CA SER B 45 4.82 -24.22 35.28
C SER B 45 6.18 -23.59 35.04
N SER B 46 6.69 -22.89 36.05
CA SER B 46 8.06 -22.36 36.06
C SER B 46 8.39 -21.61 34.79
N VAL B 47 7.55 -20.64 34.41
CA VAL B 47 7.78 -19.80 33.26
C VAL B 47 7.59 -18.35 33.71
N LEU B 48 8.15 -17.42 32.94
CA LEU B 48 7.93 -16.01 33.23
C LEU B 48 6.92 -15.45 32.24
N HIS B 49 5.72 -15.17 32.74
CA HIS B 49 4.63 -14.67 31.91
C HIS B 49 4.42 -13.21 32.22
N SER B 50 4.08 -12.43 31.19
CA SER B 50 3.98 -10.98 31.32
C SER B 50 2.67 -10.50 30.71
N THR B 51 1.83 -9.88 31.52
CA THR B 51 0.62 -9.22 31.04
C THR B 51 0.52 -7.83 31.66
N GLN B 52 -0.19 -6.95 30.97
CA GLN B 52 -0.51 -5.62 31.48
C GLN B 52 -1.98 -5.63 31.85
N ASP B 53 -2.26 -5.58 33.15
CA ASP B 53 -3.60 -5.70 33.67
C ASP B 53 -3.72 -4.82 34.91
N LEU B 54 -4.97 -4.64 35.35
CA LEU B 54 -5.21 -3.92 36.59
C LEU B 54 -4.62 -4.68 37.77
N PHE B 55 -3.78 -4.02 38.55
CA PHE B 55 -3.24 -4.58 39.78
C PHE B 55 -3.07 -3.47 40.80
N LEU B 56 -2.67 -3.85 42.01
CA LEU B 56 -2.21 -2.90 42.99
C LEU B 56 -0.69 -2.84 42.89
N PRO B 57 -0.11 -1.77 42.34
CA PRO B 57 1.34 -1.77 42.12
C PRO B 57 2.11 -1.81 43.43
N PHE B 58 3.26 -2.50 43.40
CA PHE B 58 4.06 -2.73 44.63
C PHE B 58 4.60 -1.42 45.22
N PHE B 59 5.01 -1.47 46.49
CA PHE B 59 5.57 -0.27 47.16
C PHE B 59 4.56 0.88 47.01
N SER B 60 3.27 0.59 47.22
CA SER B 60 2.23 1.62 47.01
C SER B 60 1.64 2.08 48.35
N ASN B 61 0.79 3.10 48.30
CA ASN B 61 0.16 3.67 49.50
C ASN B 61 -1.17 2.96 49.73
N VAL B 62 -1.29 2.31 50.88
CA VAL B 62 -2.54 1.59 51.20
C VAL B 62 -3.08 2.20 52.48
N THR B 63 -4.35 2.57 52.49
CA THR B 63 -4.90 3.24 53.69
C THR B 63 -5.31 2.19 54.72
N TRP B 64 -4.61 2.11 55.85
CA TRP B 64 -5.04 1.19 56.94
C TRP B 64 -6.20 1.88 57.67
N PHE B 65 -7.45 1.49 57.37
CA PHE B 65 -8.65 2.20 57.91
C PHE B 65 -8.99 1.79 59.35
N HIS B 66 -9.98 2.48 59.94
CA HIS B 66 -10.43 2.18 61.34
C HIS B 66 -11.95 2.13 61.42
N ALA B 67 -12.52 1.19 62.19
CA ALA B 67 -13.98 1.13 62.43
C ALA B 67 -14.20 0.54 63.82
N ILE B 68 -15.29 0.88 64.52
CA ILE B 68 -15.44 0.38 65.93
C ILE B 68 -14.03 0.42 66.55
N HIS B 69 -13.39 1.59 66.47
CA HIS B 69 -12.02 1.75 66.93
C HIS B 69 -11.99 2.27 68.35
N VAL B 70 -11.14 1.68 69.18
CA VAL B 70 -10.98 2.12 70.55
C VAL B 70 -9.62 2.81 70.73
N SER B 71 -9.67 4.09 71.10
CA SER B 71 -8.50 4.81 71.58
C SER B 71 -8.73 5.05 73.06
N GLY B 72 -7.97 4.36 73.90
CA GLY B 72 -8.35 4.16 75.28
C GLY B 72 -8.39 5.37 76.20
N THR B 73 -9.58 5.61 76.77
CA THR B 73 -9.72 6.28 78.05
C THR B 73 -10.69 5.42 78.88
N ASN B 74 -11.94 5.35 78.46
CA ASN B 74 -12.78 4.19 78.69
C ASN B 74 -13.70 4.05 77.48
N GLY B 75 -13.74 2.87 76.89
CA GLY B 75 -14.58 2.69 75.72
C GLY B 75 -14.09 3.53 74.56
N THR B 76 -14.95 4.43 74.09
CA THR B 76 -14.68 5.32 72.94
C THR B 76 -14.43 4.51 71.68
N LYS B 77 -15.49 3.88 71.20
CA LYS B 77 -15.48 3.16 69.94
C LYS B 77 -15.83 4.11 68.79
N ARG B 78 -14.93 4.20 67.82
CA ARG B 78 -15.02 5.18 66.74
C ARG B 78 -15.46 4.50 65.45
N PHE B 79 -16.68 4.78 65.02
CA PHE B 79 -17.25 4.24 63.79
C PHE B 79 -16.95 5.23 62.68
N ASP B 80 -15.93 4.94 61.88
CA ASP B 80 -15.48 5.86 60.84
C ASP B 80 -15.77 5.41 59.40
N ASN B 81 -16.22 4.18 59.18
CA ASN B 81 -16.03 3.62 57.84
C ASN B 81 -16.78 4.40 56.77
N PRO B 82 -16.09 5.08 55.87
CA PRO B 82 -16.77 5.94 54.89
C PRO B 82 -17.27 5.15 53.69
N VAL B 83 -18.24 5.75 53.00
CA VAL B 83 -18.50 5.34 51.63
C VAL B 83 -17.27 5.69 50.80
N LEU B 84 -16.77 4.70 50.05
CA LEU B 84 -15.52 4.94 49.35
C LEU B 84 -15.70 4.72 47.86
N PRO B 85 -15.10 5.57 47.03
CA PRO B 85 -15.20 5.38 45.58
C PRO B 85 -14.51 4.08 45.17
N PHE B 86 -15.01 3.48 44.09
CA PHE B 86 -14.38 2.29 43.55
C PHE B 86 -13.17 2.63 42.69
N ASN B 87 -13.21 3.75 41.98
CA ASN B 87 -12.14 4.21 41.08
C ASN B 87 -11.88 3.11 40.05
N ASP B 88 -10.63 2.78 39.73
CA ASP B 88 -10.32 1.75 38.74
C ASP B 88 -10.61 0.35 39.24
N GLY B 89 -9.92 -0.09 40.28
CA GLY B 89 -10.22 -1.35 40.93
C GLY B 89 -9.92 -1.23 42.40
N VAL B 90 -10.32 -2.26 43.15
CA VAL B 90 -10.25 -2.22 44.60
C VAL B 90 -9.55 -3.46 45.13
N TYR B 91 -8.69 -3.25 46.12
CA TYR B 91 -8.04 -4.30 46.88
C TYR B 91 -8.53 -4.21 48.32
N PHE B 92 -8.49 -5.33 49.04
CA PHE B 92 -8.96 -5.35 50.41
C PHE B 92 -8.16 -6.37 51.23
N ALA B 93 -7.93 -6.05 52.49
CA ALA B 93 -7.18 -6.93 53.39
C ALA B 93 -7.66 -6.71 54.81
N SER B 94 -7.68 -7.78 55.60
CA SER B 94 -8.08 -7.69 57.00
C SER B 94 -7.52 -8.88 57.76
N THR B 95 -7.49 -8.74 59.09
CA THR B 95 -7.08 -9.82 59.97
C THR B 95 -8.31 -10.39 60.69
N GLU B 96 -8.80 -9.65 61.67
CA GLU B 96 -10.11 -9.89 62.28
C GLU B 96 -10.23 -11.33 62.80
N LYS B 97 -9.40 -11.65 63.79
CA LYS B 97 -9.51 -13.00 64.42
C LYS B 97 -10.99 -13.16 64.79
N SER B 98 -11.59 -12.16 65.42
CA SER B 98 -13.06 -12.21 65.67
C SER B 98 -13.70 -11.45 64.52
N ASN B 99 -14.41 -12.15 63.64
CA ASN B 99 -14.93 -11.47 62.42
C ASN B 99 -15.94 -10.40 62.82
N ILE B 100 -15.83 -9.22 62.23
CA ILE B 100 -16.85 -8.17 62.47
C ILE B 100 -17.21 -7.72 61.05
N ILE B 101 -16.51 -8.30 60.07
CA ILE B 101 -16.69 -7.88 58.69
C ILE B 101 -17.37 -9.01 57.92
N ARG B 102 -18.28 -8.64 57.02
CA ARG B 102 -19.06 -9.65 56.32
C ARG B 102 -18.97 -9.44 54.81
N GLY B 103 -19.40 -8.27 54.34
CA GLY B 103 -19.47 -8.02 52.92
C GLY B 103 -19.37 -6.54 52.63
N TRP B 104 -19.66 -6.19 51.38
CA TRP B 104 -19.52 -4.81 50.93
C TRP B 104 -20.76 -4.42 50.14
N ILE B 105 -21.04 -3.12 50.07
CA ILE B 105 -22.29 -2.62 49.41
C ILE B 105 -21.96 -2.00 48.04
N PHE B 106 -22.57 -2.47 46.95
CA PHE B 106 -22.17 -1.85 45.66
C PHE B 106 -23.32 -1.09 44.99
N GLY B 107 -24.03 -0.25 45.75
CA GLY B 107 -25.11 0.56 45.16
C GLY B 107 -24.54 1.54 44.16
N THR B 108 -25.22 1.73 43.02
CA THR B 108 -24.70 2.66 41.98
C THR B 108 -24.63 4.08 42.55
N THR B 109 -25.68 4.51 43.27
CA THR B 109 -25.73 5.86 43.90
C THR B 109 -26.07 5.69 45.39
N LEU B 110 -25.99 4.47 45.91
CA LEU B 110 -26.35 4.13 47.32
C LEU B 110 -27.80 4.56 47.60
N ASP B 111 -28.70 4.28 46.64
CA ASP B 111 -30.13 4.67 46.71
C ASP B 111 -30.96 3.69 45.86
N SER B 112 -32.29 3.79 45.97
CA SER B 112 -33.23 2.91 45.21
C SER B 112 -33.19 3.20 43.70
N LYS B 113 -33.52 2.18 42.90
CA LYS B 113 -33.58 2.14 41.41
C LYS B 113 -32.18 1.99 40.81
N THR B 114 -31.18 1.71 41.64
CA THR B 114 -29.78 1.49 41.17
C THR B 114 -29.34 0.09 41.59
N GLN B 115 -28.82 -0.71 40.64
CA GLN B 115 -28.38 -2.10 40.95
C GLN B 115 -27.24 -2.05 41.97
N SER B 116 -27.29 -2.92 42.98
CA SER B 116 -26.24 -2.96 44.04
C SER B 116 -25.72 -4.40 44.22
N LEU B 117 -24.39 -4.56 44.30
CA LEU B 117 -23.80 -5.90 44.54
C LEU B 117 -23.65 -6.08 46.05
N LEU B 118 -24.76 -6.44 46.70
CA LEU B 118 -24.84 -6.64 48.17
C LEU B 118 -24.25 -8.02 48.43
N ILE B 119 -22.93 -8.11 48.44
CA ILE B 119 -22.37 -9.43 48.82
C ILE B 119 -22.51 -9.52 50.33
N VAL B 120 -23.23 -10.52 50.81
CA VAL B 120 -23.33 -10.74 52.28
C VAL B 120 -22.97 -12.19 52.56
N ASN B 121 -22.04 -12.41 53.48
CA ASN B 121 -21.77 -13.80 53.93
C ASN B 121 -23.02 -14.32 54.63
N ASN B 122 -23.70 -13.51 55.45
CA ASN B 122 -24.84 -14.03 56.26
C ASN B 122 -24.27 -15.11 57.20
N ALA B 123 -22.95 -15.26 57.26
CA ALA B 123 -22.26 -16.22 58.18
C ALA B 123 -22.48 -17.69 57.82
N THR B 124 -23.73 -18.17 57.80
CA THR B 124 -23.96 -19.63 57.56
C THR B 124 -23.40 -20.04 56.19
N ASN B 125 -23.60 -19.22 55.16
CA ASN B 125 -23.11 -19.52 53.79
C ASN B 125 -23.15 -18.21 53.02
N VAL B 126 -22.08 -17.87 52.31
CA VAL B 126 -22.11 -16.53 51.66
C VAL B 126 -23.32 -16.46 50.71
N VAL B 127 -24.14 -15.43 50.84
CA VAL B 127 -25.26 -15.25 49.87
C VAL B 127 -24.95 -14.00 49.03
N ILE B 128 -24.64 -14.20 47.75
CA ILE B 128 -24.25 -13.04 46.90
C ILE B 128 -25.53 -12.42 46.38
N LYS B 129 -25.68 -11.11 46.53
CA LYS B 129 -26.87 -10.49 45.98
C LYS B 129 -26.47 -9.36 45.05
N VAL B 130 -27.05 -9.39 43.84
CA VAL B 130 -26.91 -8.32 42.82
C VAL B 130 -28.29 -7.69 42.71
N CYS B 131 -28.85 -7.30 43.86
CA CYS B 131 -30.23 -6.74 43.95
C CYS B 131 -30.20 -5.23 44.22
N GLU B 132 -31.00 -4.45 43.47
CA GLU B 132 -31.07 -2.99 43.75
C GLU B 132 -31.60 -2.82 45.17
N PHE B 133 -30.83 -2.19 46.07
CA PHE B 133 -31.27 -2.06 47.48
C PHE B 133 -31.22 -0.59 47.96
N GLN B 134 -32.14 -0.23 48.85
CA GLN B 134 -32.19 1.13 49.46
C GLN B 134 -31.31 1.10 50.71
N PHE B 135 -30.04 1.50 50.56
CA PHE B 135 -29.06 1.46 51.63
C PHE B 135 -29.18 2.68 52.52
N CYS B 136 -29.17 2.43 53.83
CA CYS B 136 -29.39 3.48 54.80
C CYS B 136 -28.20 4.42 54.84
N ASN B 137 -28.28 5.44 55.69
CA ASN B 137 -27.18 6.37 55.87
C ASN B 137 -26.01 5.74 56.63
N ASP B 138 -26.26 4.80 57.53
CA ASP B 138 -25.23 4.10 58.30
C ASP B 138 -25.47 2.60 58.20
N PRO B 139 -25.28 2.02 57.02
CA PRO B 139 -25.63 0.60 56.86
C PRO B 139 -24.60 -0.32 57.50
N PHE B 140 -25.10 -1.43 58.03
CA PHE B 140 -24.29 -2.54 58.57
C PHE B 140 -25.27 -3.61 59.03
N LEU B 141 -24.77 -4.83 59.14
CA LEU B 141 -25.59 -5.97 59.53
C LEU B 141 -25.75 -6.01 61.04
N GLY B 142 -26.99 -5.95 61.52
CA GLY B 142 -27.24 -6.14 62.93
C GLY B 142 -27.31 -7.61 63.27
N VAL B 143 -26.80 -7.95 64.45
CA VAL B 143 -26.86 -9.30 64.99
C VAL B 143 -27.48 -9.22 66.37
N TYR B 144 -28.38 -10.16 66.65
CA TYR B 144 -29.07 -10.19 67.94
C TYR B 144 -29.22 -11.65 68.33
N TYR B 145 -29.92 -11.88 69.45
CA TYR B 145 -30.15 -13.25 69.96
C TYR B 145 -31.59 -13.63 69.64
N HIS B 146 -31.81 -14.70 68.88
CA HIS B 146 -33.18 -15.09 68.44
C HIS B 146 -34.07 -15.45 69.64
N LYS B 147 -33.52 -16.16 70.64
CA LYS B 147 -34.29 -16.59 71.85
C LYS B 147 -35.16 -17.78 71.42
N ASN B 148 -35.13 -18.12 70.13
CA ASN B 148 -35.83 -19.31 69.60
C ASN B 148 -34.68 -20.12 69.02
N ASN B 149 -34.58 -21.41 69.37
CA ASN B 149 -33.37 -22.18 68.96
C ASN B 149 -32.20 -21.54 69.71
N LYS B 150 -32.44 -20.40 70.39
CA LYS B 150 -31.42 -19.79 71.23
C LYS B 150 -30.14 -19.50 70.46
N SER B 151 -30.28 -18.99 69.24
CA SER B 151 -29.13 -18.72 68.40
C SER B 151 -28.99 -17.22 68.20
N TRP B 152 -27.96 -16.84 67.46
CA TRP B 152 -27.73 -15.46 67.12
C TRP B 152 -28.12 -15.23 65.66
N MET B 153 -29.24 -14.56 65.43
CA MET B 153 -29.61 -14.23 64.06
C MET B 153 -28.86 -13.00 63.62
N GLU B 154 -29.07 -12.64 62.36
CA GLU B 154 -28.51 -11.43 61.78
C GLU B 154 -29.65 -10.65 61.16
N SER B 155 -29.94 -9.48 61.69
CA SER B 155 -30.92 -8.60 61.07
C SER B 155 -30.21 -7.93 59.90
N GLU B 156 -30.71 -8.20 58.68
CA GLU B 156 -30.19 -7.60 57.43
C GLU B 156 -31.06 -6.40 57.05
N PHE B 157 -32.17 -6.20 57.78
CA PHE B 157 -33.12 -5.08 57.56
C PHE B 157 -32.42 -3.74 57.82
N ARG B 158 -31.53 -3.70 58.81
CA ARG B 158 -30.80 -2.45 59.12
C ARG B 158 -29.96 -2.00 57.92
N VAL B 159 -29.32 -2.95 57.22
CA VAL B 159 -28.46 -2.60 56.05
C VAL B 159 -29.28 -1.97 54.93
N TYR B 160 -30.45 -2.54 54.59
CA TYR B 160 -31.29 -1.96 53.51
C TYR B 160 -32.74 -1.86 53.99
N SER B 161 -33.28 -0.64 54.05
CA SER B 161 -34.67 -0.40 54.54
C SER B 161 -35.69 -1.07 53.61
N SER B 162 -35.49 -0.97 52.29
CA SER B 162 -36.44 -1.57 51.32
C SER B 162 -35.68 -2.44 50.30
N ALA B 163 -36.16 -3.67 50.08
CA ALA B 163 -35.54 -4.58 49.09
C ALA B 163 -36.56 -4.90 48.00
N ASN B 164 -36.24 -4.59 46.73
CA ASN B 164 -37.18 -4.86 45.61
C ASN B 164 -36.43 -4.88 44.28
N ASN B 165 -37.04 -5.49 43.25
CA ASN B 165 -36.48 -5.56 41.88
C ASN B 165 -35.04 -6.06 41.88
N CYS B 166 -34.81 -7.33 42.23
CA CYS B 166 -33.48 -7.91 42.21
C CYS B 166 -33.15 -8.59 40.88
N THR B 167 -31.97 -8.26 40.34
CA THR B 167 -31.47 -8.82 39.10
C THR B 167 -30.81 -10.18 39.27
N PHE B 168 -29.99 -10.37 40.30
CA PHE B 168 -29.19 -11.59 40.40
C PHE B 168 -29.08 -12.04 41.85
N GLU B 169 -28.89 -13.35 42.01
CA GLU B 169 -28.74 -13.97 43.31
C GLU B 169 -27.80 -15.16 43.16
N TYR B 170 -27.01 -15.43 44.20
CA TYR B 170 -26.10 -16.57 44.18
C TYR B 170 -25.74 -16.96 45.61
N VAL B 171 -25.33 -18.20 45.79
CA VAL B 171 -24.90 -18.73 47.08
C VAL B 171 -23.66 -19.59 46.85
N SER B 172 -22.75 -19.59 47.82
CA SER B 172 -21.54 -20.40 47.73
C SER B 172 -21.06 -20.73 49.14
N GLN B 173 -19.97 -21.50 49.23
CA GLN B 173 -19.30 -21.75 50.49
C GLN B 173 -18.62 -20.49 51.00
N PRO B 174 -18.59 -20.30 52.32
CA PRO B 174 -18.20 -18.99 52.86
C PRO B 174 -16.79 -18.61 52.48
N PHE B 175 -16.68 -17.39 51.92
CA PHE B 175 -15.36 -16.85 51.60
C PHE B 175 -14.61 -16.52 52.88
N LEU B 176 -15.24 -15.75 53.75
CA LEU B 176 -14.77 -15.53 55.11
C LEU B 176 -14.82 -16.86 55.83
N MET B 177 -13.71 -17.24 56.45
CA MET B 177 -13.62 -18.52 57.14
C MET B 177 -12.71 -18.34 58.34
N ASP B 178 -13.03 -18.99 59.45
CA ASP B 178 -12.15 -18.96 60.60
C ASP B 178 -11.39 -20.28 60.72
N LEU B 179 -10.43 -20.29 61.62
CA LEU B 179 -9.73 -21.49 62.06
C LEU B 179 -9.63 -21.41 63.59
N GLU B 180 -8.92 -20.37 64.03
CA GLU B 180 -8.74 -19.97 65.42
C GLU B 180 -8.14 -21.09 66.26
N GLY B 181 -8.49 -21.17 67.54
CA GLY B 181 -7.76 -21.97 68.49
C GLY B 181 -6.31 -21.57 68.67
N LYS B 182 -5.84 -20.53 67.97
CA LYS B 182 -4.42 -20.23 67.83
C LYS B 182 -3.93 -19.11 68.75
N GLN B 183 -4.81 -18.54 69.57
CA GLN B 183 -4.48 -17.42 70.46
C GLN B 183 -3.62 -16.37 69.76
N GLY B 184 -3.95 -16.10 68.51
CA GLY B 184 -3.16 -15.23 67.67
C GLY B 184 -2.12 -16.01 66.88
N ASN B 185 -1.03 -15.31 66.56
CA ASN B 185 0.11 -15.85 65.82
C ASN B 185 -0.25 -16.20 64.38
N PHE B 186 -1.55 -16.22 64.08
CA PHE B 186 -2.07 -16.22 62.71
C PHE B 186 -2.68 -14.87 62.37
N LYS B 187 -3.70 -14.46 63.12
CA LYS B 187 -4.53 -13.29 62.88
C LYS B 187 -5.44 -13.57 61.69
N ASN B 188 -5.18 -14.68 61.00
CA ASN B 188 -5.92 -15.09 59.81
C ASN B 188 -6.09 -13.92 58.86
N LEU B 189 -4.96 -13.47 58.32
CA LEU B 189 -5.01 -12.34 57.40
C LEU B 189 -5.77 -12.74 56.15
N ARG B 190 -6.79 -11.96 55.81
CA ARG B 190 -7.73 -12.30 54.75
C ARG B 190 -7.79 -11.16 53.75
N GLU B 191 -7.61 -11.48 52.48
CA GLU B 191 -7.55 -10.51 51.40
C GLU B 191 -8.62 -10.80 50.37
N PHE B 192 -9.20 -9.75 49.81
CA PHE B 192 -10.20 -9.92 48.77
C PHE B 192 -10.00 -8.83 47.73
N VAL B 193 -9.87 -9.25 46.48
CA VAL B 193 -9.69 -8.34 45.36
C VAL B 193 -10.97 -8.31 44.54
N PHE B 194 -11.34 -7.12 44.12
CA PHE B 194 -12.61 -6.88 43.44
C PHE B 194 -12.33 -6.07 42.18
N LYS B 195 -12.61 -6.67 41.01
CA LYS B 195 -12.42 -6.00 39.70
C LYS B 195 -13.58 -6.38 38.77
N ASN B 196 -14.42 -5.41 38.41
CA ASN B 196 -15.59 -5.66 37.52
C ASN B 196 -15.53 -4.76 36.28
N ILE B 197 -15.70 -5.35 35.09
CA ILE B 197 -15.68 -4.61 33.79
C ILE B 197 -16.49 -5.39 32.76
N ASP B 198 -15.80 -5.91 31.74
CA ASP B 198 -16.35 -6.74 30.65
C ASP B 198 -17.52 -7.61 31.06
N GLY B 199 -18.41 -7.07 31.89
CA GLY B 199 -19.55 -7.85 32.35
C GLY B 199 -19.23 -8.89 33.40
N TYR B 200 -17.95 -9.13 33.68
CA TYR B 200 -17.53 -10.06 34.72
C TYR B 200 -16.86 -9.31 35.86
N PHE B 201 -17.55 -9.20 36.98
CA PHE B 201 -16.94 -8.77 38.23
C PHE B 201 -16.48 -10.02 38.97
N LYS B 202 -15.18 -10.18 39.09
CA LYS B 202 -14.59 -11.39 39.62
C LYS B 202 -14.03 -11.15 41.01
N ILE B 203 -14.17 -12.16 41.86
CA ILE B 203 -13.76 -12.06 43.26
C ILE B 203 -12.54 -12.95 43.46
N TYR B 204 -11.61 -12.47 44.27
CA TYR B 204 -10.39 -13.20 44.58
C TYR B 204 -10.28 -13.28 46.10
N SER B 205 -9.50 -14.24 46.59
CA SER B 205 -9.42 -14.45 48.04
C SER B 205 -8.07 -15.05 48.38
N LYS B 206 -7.85 -15.24 49.68
CA LYS B 206 -6.63 -15.80 50.23
C LYS B 206 -6.81 -15.84 51.74
N HIS B 207 -6.02 -16.70 52.39
CA HIS B 207 -5.96 -16.74 53.85
C HIS B 207 -4.51 -16.98 54.25
N THR B 208 -4.00 -16.12 55.12
CA THR B 208 -2.59 -16.20 55.46
C THR B 208 -2.37 -16.00 56.95
N PRO B 209 -1.45 -16.74 57.55
CA PRO B 209 -1.01 -16.42 58.91
C PRO B 209 -0.12 -15.19 58.90
N ILE B 210 -0.26 -14.35 59.93
CA ILE B 210 0.65 -13.22 60.14
C ILE B 210 0.92 -13.09 61.63
N ASN B 211 2.20 -13.06 62.01
CA ASN B 211 2.59 -12.85 63.39
C ASN B 211 2.86 -11.39 63.73
N LEU B 212 2.90 -10.51 62.75
CA LEU B 212 3.20 -9.11 63.02
C LEU B 212 2.00 -8.45 63.68
N VAL B 213 2.27 -7.35 64.38
CA VAL B 213 1.23 -6.69 65.18
C VAL B 213 0.07 -6.24 64.30
N ARG B 214 0.38 -5.50 63.23
CA ARG B 214 -0.68 -5.03 62.33
C ARG B 214 -0.34 -5.26 60.86
N ASP B 215 0.63 -4.51 60.36
CA ASP B 215 0.81 -4.33 58.92
C ASP B 215 1.38 -5.59 58.28
N LEU B 216 1.58 -5.52 56.97
CA LEU B 216 1.75 -6.68 56.10
C LEU B 216 3.21 -7.13 56.01
N PRO B 217 3.43 -8.42 55.75
CA PRO B 217 4.81 -8.91 55.58
C PRO B 217 5.34 -8.73 54.18
N GLN B 218 6.51 -9.31 53.91
CA GLN B 218 7.16 -9.23 52.62
C GLN B 218 6.74 -10.34 51.67
N GLY B 219 5.91 -11.28 52.11
CA GLY B 219 5.57 -12.44 51.33
C GLY B 219 4.60 -12.13 50.20
N PHE B 220 4.56 -13.02 49.22
CA PHE B 220 3.66 -12.92 48.08
C PHE B 220 2.35 -13.65 48.40
N SER B 221 1.25 -13.06 47.96
CA SER B 221 -0.08 -13.62 48.18
C SER B 221 -0.75 -13.84 46.82
N ALA B 222 -0.96 -15.09 46.46
CA ALA B 222 -1.65 -15.40 45.21
C ALA B 222 -3.13 -15.61 45.47
N LEU B 223 -3.96 -14.97 44.65
CA LEU B 223 -5.40 -14.96 44.85
C LEU B 223 -6.07 -15.63 43.66
N GLU B 224 -6.76 -16.72 43.90
CA GLU B 224 -7.45 -17.35 42.79
C GLU B 224 -8.78 -16.65 42.57
N PRO B 225 -9.31 -16.64 41.34
CA PRO B 225 -10.67 -16.15 41.15
C PRO B 225 -11.67 -17.10 41.79
N LEU B 226 -12.58 -16.55 42.58
CA LEU B 226 -13.61 -17.37 43.20
C LEU B 226 -14.71 -17.69 42.20
N VAL B 227 -15.48 -16.67 41.82
CA VAL B 227 -16.55 -16.81 40.85
C VAL B 227 -16.43 -15.66 39.84
N ASP B 228 -16.62 -15.98 38.57
CA ASP B 228 -16.66 -14.97 37.52
C ASP B 228 -18.11 -14.71 37.18
N LEU B 229 -18.67 -13.59 37.66
CA LEU B 229 -20.14 -13.43 37.52
C LEU B 229 -20.59 -12.39 36.50
N PRO B 230 -21.73 -12.62 35.81
CA PRO B 230 -22.28 -11.62 34.90
C PRO B 230 -22.87 -10.52 35.80
N ILE B 231 -22.20 -9.37 35.82
CA ILE B 231 -22.63 -8.26 36.71
C ILE B 231 -23.20 -7.15 35.83
N GLY B 232 -22.40 -6.72 34.84
CA GLY B 232 -22.83 -5.68 33.88
C GLY B 232 -22.88 -4.28 34.48
N ILE B 233 -23.76 -4.07 35.48
CA ILE B 233 -23.93 -2.72 36.11
C ILE B 233 -22.63 -2.28 36.80
N ASN B 234 -22.22 -1.04 36.57
CA ASN B 234 -21.00 -0.46 37.19
C ASN B 234 -21.34 0.07 38.59
N ILE B 235 -20.34 0.25 39.45
CA ILE B 235 -20.57 0.77 40.83
C ILE B 235 -19.79 2.09 40.99
N THR B 236 -20.48 3.18 41.30
CA THR B 236 -19.83 4.51 41.47
C THR B 236 -18.89 4.50 42.69
N ARG B 237 -19.34 3.90 43.79
CA ARG B 237 -18.54 3.84 45.06
C ARG B 237 -19.02 2.63 45.89
N PHE B 238 -18.54 2.53 47.13
CA PHE B 238 -18.92 1.42 48.01
C PHE B 238 -18.62 1.78 49.45
N GLN B 239 -18.92 0.85 50.34
CA GLN B 239 -18.56 0.85 51.75
C GLN B 239 -18.62 -0.60 52.22
N THR B 240 -17.94 -0.91 53.31
CA THR B 240 -17.92 -2.27 53.83
C THR B 240 -19.17 -2.50 54.69
N LEU B 241 -19.28 -3.72 55.24
CA LEU B 241 -20.39 -4.07 56.13
C LEU B 241 -19.83 -4.56 57.45
N LEU B 242 -20.71 -4.61 58.44
CA LEU B 242 -20.30 -4.85 59.81
C LEU B 242 -21.26 -5.82 60.48
N ALA B 243 -20.79 -6.41 61.57
CA ALA B 243 -21.62 -7.26 62.41
C ALA B 243 -21.47 -6.77 63.85
N LEU B 244 -22.56 -6.26 64.41
CA LEU B 244 -22.57 -5.72 65.77
C LEU B 244 -23.70 -6.43 66.51
N HIS B 245 -23.86 -6.15 67.79
CA HIS B 245 -24.88 -6.82 68.58
C HIS B 245 -25.45 -5.93 69.65
N ARG B 246 -26.21 -6.53 70.56
CA ARG B 246 -26.83 -5.79 71.65
C ARG B 246 -26.28 -6.26 72.99
N SER B 247 -26.13 -5.32 73.92
CA SER B 247 -25.79 -5.67 75.29
C SER B 247 -26.92 -5.26 76.23
N TYR B 248 -26.76 -5.59 77.51
CA TYR B 248 -27.80 -5.36 78.50
C TYR B 248 -27.17 -4.88 79.79
N LEU B 249 -28.01 -4.44 80.74
CA LEU B 249 -27.67 -3.29 81.57
C LEU B 249 -26.29 -3.43 82.21
N THR B 250 -25.44 -2.46 81.88
CA THR B 250 -24.10 -2.28 82.41
C THR B 250 -23.83 -0.78 82.41
N PRO B 251 -22.96 -0.29 83.29
CA PRO B 251 -22.67 1.16 83.26
C PRO B 251 -21.87 1.56 82.02
N SER B 256 -28.20 1.96 73.75
CA SER B 256 -28.28 0.48 73.64
C SER B 256 -26.86 -0.10 73.50
N GLY B 257 -26.66 -1.38 73.82
CA GLY B 257 -25.35 -2.03 73.63
C GLY B 257 -24.96 -2.14 72.16
N TRP B 258 -23.68 -1.88 71.83
CA TRP B 258 -23.22 -1.87 70.41
C TRP B 258 -21.70 -2.04 70.33
N THR B 259 -21.12 -1.99 69.12
CA THR B 259 -19.63 -1.98 68.93
C THR B 259 -18.88 -3.20 69.49
N ALA B 260 -19.04 -4.39 68.89
CA ALA B 260 -18.30 -5.60 69.31
C ALA B 260 -16.82 -5.54 68.92
N GLY B 261 -15.90 -5.92 69.81
CA GLY B 261 -14.48 -5.95 69.56
C GLY B 261 -13.94 -4.71 68.85
N ALA B 262 -12.82 -4.92 68.17
CA ALA B 262 -12.19 -3.87 67.37
C ALA B 262 -12.23 -4.28 65.92
N ALA B 263 -12.20 -3.29 65.02
CA ALA B 263 -12.24 -3.54 63.59
C ALA B 263 -11.31 -2.60 62.85
N ALA B 264 -10.47 -3.17 61.99
CA ALA B 264 -9.63 -2.40 61.10
C ALA B 264 -9.32 -3.24 59.87
N TYR B 265 -9.10 -2.56 58.74
CA TYR B 265 -8.81 -3.26 57.50
C TYR B 265 -7.96 -2.39 56.60
N TYR B 266 -7.60 -2.95 55.46
CA TYR B 266 -6.70 -2.33 54.50
C TYR B 266 -7.41 -2.19 53.16
N VAL B 267 -7.20 -1.05 52.50
CA VAL B 267 -7.78 -0.79 51.20
C VAL B 267 -6.74 -0.10 50.32
N GLY B 268 -6.70 -0.51 49.06
CA GLY B 268 -5.88 0.14 48.06
C GLY B 268 -6.54 0.01 46.71
N TYR B 269 -6.21 0.90 45.78
CA TYR B 269 -6.87 0.93 44.49
C TYR B 269 -6.00 0.28 43.44
N LEU B 270 -6.63 -0.39 42.48
CA LEU B 270 -5.92 -1.07 41.42
C LEU B 270 -5.48 -0.06 40.36
N GLN B 271 -4.83 -0.57 39.31
CA GLN B 271 -4.15 0.24 38.32
C GLN B 271 -3.55 -0.66 37.25
N PRO B 272 -3.63 -0.28 35.97
CA PRO B 272 -2.99 -1.10 34.93
C PRO B 272 -1.47 -1.05 35.08
N ARG B 273 -0.86 -2.23 35.12
CA ARG B 273 0.59 -2.38 35.20
C ARG B 273 0.97 -3.70 34.55
N THR B 274 2.20 -3.76 34.04
CA THR B 274 2.71 -4.97 33.42
C THR B 274 3.53 -5.72 34.44
N PHE B 275 3.07 -6.90 34.84
CA PHE B 275 3.81 -7.77 35.74
C PHE B 275 4.42 -8.93 34.99
N LEU B 276 5.64 -9.30 35.37
CA LEU B 276 6.20 -10.59 34.99
C LEU B 276 5.87 -11.59 36.09
N LEU B 277 5.30 -12.72 35.67
CA LEU B 277 4.74 -13.69 36.60
C LEU B 277 5.59 -14.95 36.56
N LYS B 278 6.15 -15.35 37.71
CA LYS B 278 6.96 -16.60 37.77
C LYS B 278 6.19 -17.71 38.47
N TYR B 279 5.37 -18.36 37.63
CA TYR B 279 4.52 -19.42 38.16
C TYR B 279 5.46 -20.49 38.64
N ASN B 280 5.28 -21.03 39.85
CA ASN B 280 6.28 -21.99 40.39
C ASN B 280 6.38 -23.27 39.54
N GLU B 281 7.32 -24.16 39.86
CA GLU B 281 7.56 -25.39 39.05
C GLU B 281 6.29 -26.26 39.05
N ASN B 282 5.58 -26.32 40.17
CA ASN B 282 4.33 -27.12 40.26
C ASN B 282 3.14 -26.19 39.98
N GLY B 283 3.41 -24.99 39.47
CA GLY B 283 2.34 -23.99 39.26
C GLY B 283 2.33 -23.03 40.45
N THR B 284 1.42 -22.04 40.45
CA THR B 284 1.30 -21.06 41.55
C THR B 284 2.31 -19.90 41.36
N ILE B 285 1.86 -18.65 41.16
CA ILE B 285 2.83 -17.51 41.10
C ILE B 285 3.61 -17.47 42.42
N THR B 286 4.94 -17.60 42.36
CA THR B 286 5.77 -17.49 43.59
C THR B 286 6.43 -16.10 43.66
N ASP B 287 6.48 -15.37 42.54
CA ASP B 287 7.18 -14.05 42.53
C ASP B 287 6.65 -13.19 41.37
N ALA B 288 6.61 -11.86 41.54
CA ALA B 288 6.07 -10.99 40.52
C ALA B 288 6.84 -9.68 40.57
N VAL B 289 7.00 -9.05 39.41
CA VAL B 289 7.76 -7.81 39.31
C VAL B 289 6.99 -6.85 38.43
N ASP B 290 6.77 -5.64 38.93
CA ASP B 290 6.21 -4.57 38.12
C ASP B 290 7.29 -3.99 37.21
N CYS B 291 6.90 -3.68 35.97
CA CYS B 291 7.84 -3.07 35.04
C CYS B 291 8.06 -1.60 35.37
N ALA B 292 6.96 -0.85 35.46
CA ALA B 292 7.06 0.62 35.71
C ALA B 292 7.17 0.88 37.21
N LEU B 293 7.81 -0.01 37.96
CA LEU B 293 8.02 0.25 39.40
C LEU B 293 9.14 1.29 39.54
N ASP B 294 10.29 1.02 38.91
CA ASP B 294 11.44 1.96 38.88
C ASP B 294 12.28 1.56 37.67
N PRO B 295 13.11 2.45 37.07
CA PRO B 295 13.98 2.04 35.96
C PRO B 295 14.72 0.75 36.35
N LEU B 296 14.88 0.51 37.65
CA LEU B 296 15.59 -0.70 38.16
C LEU B 296 14.86 -1.99 37.75
N SER B 297 13.53 -2.02 37.90
CA SER B 297 12.76 -3.26 37.62
C SER B 297 12.58 -3.41 36.11
N GLU B 298 12.47 -2.29 35.39
CA GLU B 298 12.36 -2.32 33.91
C GLU B 298 13.47 -3.20 33.31
N THR B 299 14.62 -3.39 33.96
CA THR B 299 15.63 -4.24 33.28
C THR B 299 15.24 -5.71 33.41
N LYS B 300 14.74 -6.14 34.56
CA LYS B 300 14.29 -7.54 34.70
C LYS B 300 13.12 -7.72 33.76
N CYS B 301 12.20 -6.76 33.68
CA CYS B 301 11.04 -6.83 32.75
C CYS B 301 11.51 -6.88 31.30
N THR B 302 12.37 -5.94 30.87
CA THR B 302 12.81 -5.88 29.45
C THR B 302 13.55 -7.16 29.08
N LEU B 303 14.43 -7.63 29.97
CA LEU B 303 15.17 -8.90 29.72
C LEU B 303 14.16 -10.05 29.63
N LYS B 304 13.07 -10.00 30.40
CA LYS B 304 12.08 -11.11 30.47
C LYS B 304 12.71 -12.22 31.31
N SER B 305 13.78 -11.90 32.05
CA SER B 305 14.51 -12.92 32.86
C SER B 305 14.78 -12.40 34.28
N PHE B 306 14.51 -13.21 35.31
CA PHE B 306 14.67 -12.78 36.72
C PHE B 306 16.14 -12.50 37.07
N THR B 307 17.06 -13.38 36.67
CA THR B 307 18.48 -13.20 37.08
C THR B 307 19.09 -12.14 36.16
N VAL B 308 19.44 -10.96 36.70
CA VAL B 308 19.95 -9.96 35.79
C VAL B 308 21.46 -10.04 35.82
N GLU B 309 22.05 -10.47 34.72
CA GLU B 309 23.47 -10.68 34.66
C GLU B 309 24.22 -9.36 34.69
N LYS B 310 25.42 -9.39 35.25
CA LYS B 310 26.25 -8.21 35.34
C LYS B 310 26.48 -7.62 33.96
N GLY B 311 26.15 -6.35 33.80
CA GLY B 311 26.33 -5.70 32.52
C GLY B 311 25.36 -4.53 32.38
N ILE B 312 25.34 -3.98 31.18
CA ILE B 312 24.51 -2.84 30.84
C ILE B 312 23.41 -3.30 29.89
N TYR B 313 22.19 -2.89 30.16
CA TYR B 313 21.03 -3.28 29.38
C TYR B 313 20.28 -2.03 28.99
N GLN B 314 19.66 -2.05 27.82
CA GLN B 314 18.98 -0.88 27.30
C GLN B 314 17.50 -1.00 27.56
N THR B 315 17.02 -0.25 28.55
CA THR B 315 15.63 -0.07 28.89
C THR B 315 14.98 0.90 27.90
N SER B 316 13.65 0.92 27.90
CA SER B 316 12.89 1.74 26.97
C SER B 316 13.35 3.18 26.99
N ASN B 317 13.26 3.82 25.83
CA ASN B 317 13.74 5.17 25.64
C ASN B 317 12.89 6.15 26.43
N PHE B 318 13.44 7.34 26.65
CA PHE B 318 12.68 8.43 27.24
C PHE B 318 12.65 9.59 26.27
N ARG B 319 11.66 10.45 26.45
CA ARG B 319 11.51 11.65 25.64
C ARG B 319 11.24 12.82 26.56
N VAL B 320 11.63 13.98 26.07
CA VAL B 320 11.29 15.18 26.87
C VAL B 320 9.93 15.54 26.33
N GLN B 321 9.09 16.12 27.16
CA GLN B 321 7.72 16.36 26.70
C GLN B 321 7.49 17.86 26.56
N PRO B 322 6.58 18.35 25.69
CA PRO B 322 6.44 19.79 25.44
C PRO B 322 5.72 20.48 26.58
N THR B 323 6.18 21.68 26.90
CA THR B 323 5.54 22.49 27.93
C THR B 323 4.25 23.11 27.43
N GLU B 324 4.25 23.68 26.23
CA GLU B 324 3.16 24.51 25.77
C GLU B 324 3.15 24.53 24.25
N SER B 325 2.06 25.03 23.70
CA SER B 325 1.93 25.29 22.27
C SER B 325 2.21 26.76 21.99
N ILE B 326 2.92 27.04 20.90
CA ILE B 326 3.28 28.44 20.54
C ILE B 326 3.03 28.66 19.04
N VAL B 327 1.77 28.65 18.62
CA VAL B 327 1.45 28.90 17.17
C VAL B 327 1.88 30.33 16.85
N ARG B 328 2.51 30.55 15.69
CA ARG B 328 2.98 31.90 15.32
C ARG B 328 2.35 32.33 14.00
N PHE B 329 1.60 33.44 14.03
CA PHE B 329 0.95 33.98 12.80
C PHE B 329 1.52 35.38 12.60
N PRO B 330 1.52 35.95 11.38
CA PRO B 330 2.18 37.23 11.12
C PRO B 330 1.67 38.47 11.87
N ASN B 331 2.56 39.43 12.16
CA ASN B 331 2.18 40.68 12.87
C ASN B 331 1.19 41.52 12.05
N LEU B 335 -6.10 45.20 5.41
CA LEU B 335 -7.26 45.27 6.28
C LEU B 335 -8.48 45.50 5.40
N CYS B 336 -9.60 44.91 5.78
CA CYS B 336 -10.79 45.08 4.97
C CYS B 336 -11.54 46.34 5.42
N PRO B 337 -12.08 47.15 4.49
CA PRO B 337 -12.59 48.48 4.83
C PRO B 337 -13.95 48.47 5.53
N PHE B 338 -14.03 47.80 6.67
CA PHE B 338 -15.27 47.78 7.44
C PHE B 338 -15.47 49.08 8.19
N GLY B 339 -14.37 49.81 8.45
CA GLY B 339 -14.51 51.16 8.92
C GLY B 339 -14.95 52.11 7.82
N GLU B 340 -14.78 51.71 6.57
CA GLU B 340 -15.22 52.51 5.44
C GLU B 340 -16.58 52.10 4.92
N VAL B 341 -17.06 50.91 5.28
CA VAL B 341 -18.37 50.44 4.86
C VAL B 341 -19.35 50.67 5.99
N PHE B 342 -18.98 50.26 7.19
CA PHE B 342 -19.94 50.24 8.29
C PHE B 342 -20.05 51.60 8.95
N ASN B 343 -18.97 52.38 8.94
CA ASN B 343 -19.02 53.76 9.38
C ASN B 343 -19.16 54.73 8.21
N ALA B 344 -19.68 54.28 7.07
CA ALA B 344 -19.80 55.13 5.90
C ALA B 344 -20.87 56.19 6.12
N THR B 345 -20.76 57.28 5.36
CA THR B 345 -21.55 58.47 5.67
C THR B 345 -22.81 58.57 4.82
N ARG B 346 -22.92 57.80 3.74
CA ARG B 346 -23.98 58.02 2.77
C ARG B 346 -24.30 56.71 2.06
N PHE B 347 -25.36 56.04 2.51
CA PHE B 347 -25.88 54.88 1.83
C PHE B 347 -26.95 55.31 0.85
N ALA B 348 -26.95 54.70 -0.32
CA ALA B 348 -27.99 54.98 -1.29
C ALA B 348 -29.26 54.22 -0.94
N SER B 349 -30.30 54.45 -1.73
CA SER B 349 -31.54 53.75 -1.52
C SER B 349 -31.49 52.35 -2.12
N VAL B 350 -32.66 51.72 -2.19
CA VAL B 350 -32.70 50.31 -2.56
C VAL B 350 -32.93 50.18 -4.06
N TYR B 351 -33.32 51.26 -4.73
CA TYR B 351 -33.50 51.18 -6.18
C TYR B 351 -32.15 51.23 -6.88
N ALA B 352 -31.14 51.80 -6.22
CA ALA B 352 -29.79 51.92 -6.74
C ALA B 352 -28.75 51.58 -5.70
N TRP B 353 -28.90 50.44 -5.02
CA TRP B 353 -28.06 50.09 -3.89
C TRP B 353 -26.60 49.90 -4.27
N ASN B 354 -25.72 50.32 -3.36
CA ASN B 354 -24.29 50.28 -3.60
C ASN B 354 -23.73 48.90 -3.28
N ARG B 355 -22.82 48.45 -4.13
CA ARG B 355 -22.22 47.13 -4.03
C ARG B 355 -20.71 47.27 -4.10
N LYS B 356 -20.01 46.62 -3.19
CA LYS B 356 -18.57 46.77 -3.06
C LYS B 356 -17.96 45.37 -2.99
N ARG B 357 -17.33 44.96 -4.09
CA ARG B 357 -16.60 43.69 -4.11
C ARG B 357 -15.35 43.81 -3.25
N ILE B 358 -15.25 42.95 -2.24
CA ILE B 358 -14.15 43.02 -1.31
C ILE B 358 -13.42 41.68 -1.28
N SER B 359 -12.09 41.75 -1.38
CA SER B 359 -11.18 40.61 -1.35
C SER B 359 -9.80 41.17 -1.00
N ASN B 360 -8.85 40.25 -0.79
CA ASN B 360 -7.43 40.54 -0.62
C ASN B 360 -7.16 41.44 0.59
N CYS B 361 -7.73 41.06 1.72
CA CYS B 361 -7.58 41.77 2.98
C CYS B 361 -7.92 40.80 4.11
N VAL B 362 -8.05 41.32 5.33
CA VAL B 362 -8.31 40.46 6.48
C VAL B 362 -9.54 40.95 7.25
N ALA B 363 -10.24 40.00 7.84
CA ALA B 363 -11.55 40.25 8.43
C ALA B 363 -11.39 40.63 9.90
N ASP B 364 -12.11 41.67 10.31
CA ASP B 364 -12.10 42.14 11.68
C ASP B 364 -13.36 41.72 12.43
N TYR B 365 -13.79 40.47 12.23
CA TYR B 365 -15.08 39.94 12.69
C TYR B 365 -15.38 40.05 14.18
N SER B 366 -14.35 40.33 14.99
CA SER B 366 -14.51 40.53 16.42
C SER B 366 -15.47 41.67 16.76
N VAL B 367 -15.15 42.89 16.31
CA VAL B 367 -15.90 44.07 16.74
C VAL B 367 -17.27 44.15 16.09
N LEU B 368 -17.52 43.31 15.09
CA LEU B 368 -18.86 43.09 14.58
C LEU B 368 -19.80 42.65 15.69
N TYR B 369 -19.34 41.70 16.50
CA TYR B 369 -20.16 41.22 17.60
C TYR B 369 -20.02 42.15 18.80
N ASN B 370 -18.86 42.80 18.91
CA ASN B 370 -18.63 43.71 20.02
C ASN B 370 -19.28 45.06 19.79
N SER B 371 -19.84 45.29 18.60
CA SER B 371 -20.57 46.53 18.34
C SER B 371 -21.81 46.65 19.22
N ALA B 372 -22.75 45.70 19.06
CA ALA B 372 -23.91 45.50 19.94
C ALA B 372 -24.82 46.73 20.04
N SER B 373 -24.76 47.60 19.05
CA SER B 373 -25.73 48.67 18.87
C SER B 373 -26.65 48.40 17.69
N PHE B 374 -26.71 47.15 17.24
CA PHE B 374 -27.35 46.78 15.98
C PHE B 374 -28.65 46.05 16.28
N SER B 375 -29.74 46.52 15.68
CA SER B 375 -31.06 45.94 15.93
C SER B 375 -31.20 44.50 15.48
N THR B 376 -31.10 44.25 14.19
CA THR B 376 -31.37 42.93 13.64
C THR B 376 -30.11 42.43 12.94
N PHE B 377 -29.47 41.44 13.54
CA PHE B 377 -28.15 40.99 13.14
C PHE B 377 -28.21 39.47 13.02
N LYS B 378 -28.40 38.95 11.82
CA LYS B 378 -28.51 37.51 11.68
C LYS B 378 -27.56 36.99 10.63
N CYS B 379 -27.32 35.69 10.66
CA CYS B 379 -26.33 35.08 9.80
C CYS B 379 -26.82 33.72 9.33
N TYR B 380 -26.06 33.13 8.41
CA TYR B 380 -26.40 31.86 7.79
C TYR B 380 -25.10 31.14 7.47
N GLY B 381 -25.22 30.09 6.65
CA GLY B 381 -24.09 29.32 6.21
C GLY B 381 -23.53 28.39 7.25
N VAL B 382 -22.87 28.92 8.28
CA VAL B 382 -22.56 28.21 9.52
C VAL B 382 -22.49 29.33 10.56
N SER B 383 -22.52 28.96 11.84
CA SER B 383 -22.76 29.80 13.02
C SER B 383 -21.94 31.09 13.05
N PRO B 384 -22.45 32.17 13.66
CA PRO B 384 -21.68 33.43 13.68
C PRO B 384 -20.42 33.37 14.51
N THR B 385 -20.40 32.58 15.57
CA THR B 385 -19.16 32.41 16.32
C THR B 385 -18.14 31.61 15.51
N LYS B 386 -18.62 30.76 14.62
CA LYS B 386 -17.71 29.94 13.84
C LYS B 386 -17.10 30.70 12.68
N LEU B 387 -17.70 31.83 12.28
CA LEU B 387 -17.24 32.45 11.04
C LEU B 387 -16.03 33.34 11.23
N ASN B 388 -15.49 33.43 12.44
CA ASN B 388 -14.31 34.25 12.72
C ASN B 388 -13.11 33.79 11.90
N ASP B 389 -12.95 32.48 11.76
CA ASP B 389 -11.81 31.95 11.03
C ASP B 389 -12.20 31.33 9.70
N LEU B 390 -13.40 30.75 9.63
CA LEU B 390 -13.86 30.08 8.42
C LEU B 390 -14.10 31.11 7.33
N CYS B 391 -13.19 31.18 6.36
CA CYS B 391 -13.02 32.39 5.58
C CYS B 391 -13.26 32.13 4.09
N PHE B 392 -13.12 33.21 3.32
CA PHE B 392 -13.91 33.44 2.11
C PHE B 392 -13.03 33.77 0.93
N THR B 393 -13.49 33.35 -0.26
CA THR B 393 -12.76 33.66 -1.48
C THR B 393 -12.97 35.11 -1.89
N ASN B 394 -14.23 35.53 -1.94
CA ASN B 394 -14.59 36.82 -2.51
C ASN B 394 -15.95 37.28 -1.99
N VAL B 395 -15.97 38.36 -1.23
CA VAL B 395 -17.20 38.73 -0.58
C VAL B 395 -17.81 39.92 -1.31
N TYR B 396 -19.12 40.02 -1.21
CA TYR B 396 -19.87 41.12 -1.80
C TYR B 396 -20.55 41.86 -0.66
N ALA B 397 -20.11 43.09 -0.44
CA ALA B 397 -20.70 43.93 0.60
C ALA B 397 -21.60 44.95 -0.04
N ASP B 398 -22.92 44.74 0.04
CA ASP B 398 -23.83 45.70 -0.57
C ASP B 398 -24.81 46.23 0.46
N SER B 399 -25.03 47.54 0.44
CA SER B 399 -25.79 48.17 1.51
C SER B 399 -26.84 49.11 0.94
N PHE B 400 -27.86 49.36 1.74
CA PHE B 400 -28.95 50.26 1.39
C PHE B 400 -29.70 50.64 2.66
N VAL B 401 -30.73 51.46 2.50
CA VAL B 401 -31.53 51.98 3.61
C VAL B 401 -32.99 51.68 3.35
N ILE B 402 -33.64 51.00 4.29
CA ILE B 402 -35.05 50.64 4.17
C ILE B 402 -35.76 51.01 5.46
N ARG B 403 -37.05 50.69 5.51
CA ARG B 403 -37.89 51.10 6.63
C ARG B 403 -37.81 50.10 7.77
N GLY B 404 -38.21 50.55 8.95
CA GLY B 404 -38.11 49.71 10.13
C GLY B 404 -39.16 48.62 10.19
N ASP B 405 -40.18 48.71 9.33
CA ASP B 405 -41.18 47.66 9.27
C ASP B 405 -40.83 46.62 8.20
N GLU B 406 -40.28 47.05 7.08
CA GLU B 406 -40.09 46.16 5.94
C GLU B 406 -38.84 45.29 6.06
N VAL B 407 -38.08 45.41 7.14
CA VAL B 407 -36.79 44.75 7.21
C VAL B 407 -36.96 43.24 7.39
N ARG B 408 -38.11 42.81 7.88
CA ARG B 408 -38.40 41.39 7.98
C ARG B 408 -38.64 40.80 6.59
N GLN B 409 -38.99 41.64 5.62
CA GLN B 409 -38.96 41.22 4.22
C GLN B 409 -37.56 40.81 3.81
N ILE B 410 -36.55 41.53 4.29
CA ILE B 410 -35.17 41.11 4.04
C ILE B 410 -34.90 39.87 4.85
N ALA B 411 -34.90 38.74 4.17
CA ALA B 411 -34.63 37.40 4.64
C ALA B 411 -34.54 36.57 3.37
N PRO B 412 -33.61 35.62 3.30
CA PRO B 412 -33.43 34.86 2.05
C PRO B 412 -34.61 33.94 1.78
N GLY B 413 -35.39 34.30 0.77
CA GLY B 413 -36.58 33.55 0.43
C GLY B 413 -37.83 34.00 1.15
N GLN B 414 -38.15 35.29 1.04
CA GLN B 414 -39.43 35.81 1.52
C GLN B 414 -40.04 36.69 0.43
N THR B 415 -41.19 37.28 0.75
CA THR B 415 -41.88 38.16 -0.16
C THR B 415 -42.04 39.53 0.51
N GLY B 416 -42.79 40.39 -0.16
CA GLY B 416 -42.87 41.78 0.24
C GLY B 416 -41.96 42.65 -0.61
N LYS B 417 -42.28 43.96 -0.60
CA LYS B 417 -41.93 44.87 -1.71
C LYS B 417 -40.44 44.96 -1.95
N ILE B 418 -39.66 45.06 -0.87
CA ILE B 418 -38.22 45.20 -0.97
C ILE B 418 -37.60 43.94 -1.55
N ALA B 419 -38.12 42.79 -1.14
CA ALA B 419 -37.64 41.56 -1.75
C ALA B 419 -38.42 41.20 -3.01
N ASP B 420 -39.40 41.99 -3.41
CA ASP B 420 -40.14 41.63 -4.61
C ASP B 420 -39.63 42.38 -5.82
N TYR B 421 -39.38 43.67 -5.67
CA TYR B 421 -39.04 44.49 -6.81
C TYR B 421 -37.79 45.32 -6.62
N ASN B 422 -37.21 45.32 -5.42
CA ASN B 422 -36.15 46.25 -5.07
C ASN B 422 -34.80 45.55 -4.93
N TYR B 423 -34.71 44.53 -4.11
CA TYR B 423 -33.45 43.85 -3.85
C TYR B 423 -33.73 42.41 -3.46
N LYS B 424 -33.09 41.46 -4.12
CA LYS B 424 -33.51 40.08 -4.00
C LYS B 424 -32.38 39.20 -3.49
N LEU B 425 -32.54 38.70 -2.27
CA LEU B 425 -31.71 37.63 -1.77
C LEU B 425 -32.00 36.34 -2.55
N PRO B 426 -30.99 35.50 -2.76
CA PRO B 426 -31.19 34.34 -3.63
C PRO B 426 -31.96 33.22 -2.96
N ASP B 427 -32.07 32.08 -3.64
CA ASP B 427 -32.73 30.92 -3.05
C ASP B 427 -31.80 30.18 -2.10
N ASP B 428 -30.50 30.19 -2.38
CA ASP B 428 -29.50 29.58 -1.52
C ASP B 428 -28.47 30.63 -1.18
N PHE B 429 -28.39 31.01 0.08
CA PHE B 429 -27.67 32.20 0.51
C PHE B 429 -26.75 31.83 1.66
N THR B 430 -25.66 32.58 1.82
CA THR B 430 -24.67 32.29 2.83
C THR B 430 -24.53 33.41 3.85
N GLY B 431 -24.63 34.66 3.42
CA GLY B 431 -24.12 35.78 4.17
C GLY B 431 -24.96 36.20 5.35
N CYS B 432 -24.57 37.32 5.94
CA CYS B 432 -25.22 37.88 7.11
C CYS B 432 -25.98 39.14 6.73
N VAL B 433 -27.13 39.32 7.38
CA VAL B 433 -27.90 40.55 7.26
C VAL B 433 -27.61 41.36 8.50
N ILE B 434 -27.03 42.52 8.31
CA ILE B 434 -26.73 43.41 9.41
C ILE B 434 -27.64 44.62 9.29
N ALA B 435 -28.35 44.92 10.37
CA ALA B 435 -29.41 45.91 10.33
C ALA B 435 -29.40 46.71 11.62
N TRP B 436 -29.41 48.03 11.48
CA TRP B 436 -29.57 48.89 12.64
C TRP B 436 -30.31 50.16 12.23
N ASN B 437 -30.68 50.92 13.24
CA ASN B 437 -31.35 52.19 13.05
C ASN B 437 -30.34 53.31 12.91
N SER B 438 -30.63 54.22 12.00
CA SER B 438 -29.91 55.47 11.89
C SER B 438 -30.85 56.65 11.96
N ASN B 439 -31.76 56.66 12.95
CA ASN B 439 -32.80 57.68 13.02
C ASN B 439 -32.24 59.06 13.30
N ASN B 440 -31.12 59.13 14.03
CA ASN B 440 -30.52 60.41 14.35
C ASN B 440 -29.81 61.07 13.18
N LEU B 441 -29.65 60.36 12.06
CA LEU B 441 -28.97 60.90 10.90
C LEU B 441 -29.92 61.11 9.72
N ASP B 442 -30.63 60.05 9.33
CA ASP B 442 -31.40 60.04 8.09
C ASP B 442 -32.64 60.89 8.20
N SER B 443 -33.51 60.57 9.17
CA SER B 443 -34.78 61.28 9.30
C SER B 443 -34.54 62.68 9.85
N LYS B 444 -34.93 63.67 9.07
CA LYS B 444 -34.64 65.06 9.38
C LYS B 444 -35.94 65.83 9.55
N VAL B 445 -35.92 66.84 10.42
CA VAL B 445 -37.05 67.74 10.55
C VAL B 445 -37.12 68.60 9.30
N GLY B 446 -38.35 68.94 8.91
CA GLY B 446 -38.60 69.45 7.59
C GLY B 446 -38.78 68.37 6.54
N GLY B 447 -38.57 67.11 6.89
CA GLY B 447 -38.83 65.98 6.05
C GLY B 447 -37.59 65.45 5.35
N ASN B 448 -37.40 64.14 5.42
CA ASN B 448 -36.41 63.44 4.61
C ASN B 448 -37.16 62.79 3.47
N TYR B 449 -36.81 63.18 2.24
CA TYR B 449 -37.32 62.56 1.04
C TYR B 449 -36.20 62.32 0.03
N ASN B 450 -34.97 62.24 0.51
CA ASN B 450 -33.86 61.81 -0.33
C ASN B 450 -34.05 60.36 -0.77
N TYR B 451 -34.54 59.53 0.13
CA TYR B 451 -34.56 58.09 -0.13
C TYR B 451 -35.73 57.72 -1.03
N LEU B 452 -35.55 56.61 -1.74
CA LEU B 452 -36.50 56.14 -2.74
C LEU B 452 -36.57 54.63 -2.70
N TYR B 453 -37.41 54.06 -3.55
CA TYR B 453 -37.56 52.64 -3.77
C TYR B 453 -38.43 52.45 -4.99
N ARG B 454 -38.40 51.24 -5.55
CA ARG B 454 -39.26 50.89 -6.66
C ARG B 454 -40.48 50.16 -6.12
N LEU B 455 -41.66 50.58 -6.54
CA LEU B 455 -42.90 50.00 -6.05
C LEU B 455 -43.52 49.02 -7.03
N PHE B 456 -43.15 49.07 -8.32
CA PHE B 456 -43.76 48.17 -9.30
C PHE B 456 -42.77 47.82 -10.39
N ARG B 457 -42.99 46.65 -10.97
CA ARG B 457 -42.23 46.09 -12.10
C ARG B 457 -43.07 44.93 -12.62
N LYS B 458 -42.90 44.62 -13.89
CA LYS B 458 -43.73 43.60 -14.55
C LYS B 458 -43.27 42.17 -14.27
N SER B 459 -42.33 41.97 -13.35
CA SER B 459 -41.97 40.63 -12.88
C SER B 459 -41.31 40.76 -11.52
N ASN B 460 -41.23 39.65 -10.82
CA ASN B 460 -40.38 39.59 -9.62
C ASN B 460 -38.91 39.71 -10.02
N LEU B 461 -38.10 40.12 -9.06
CA LEU B 461 -36.75 40.55 -9.35
C LEU B 461 -35.77 39.39 -9.25
N LYS B 462 -34.88 39.32 -10.24
CA LYS B 462 -33.83 38.32 -10.25
C LYS B 462 -32.85 38.59 -9.10
N PRO B 463 -32.22 37.56 -8.55
CA PRO B 463 -31.45 37.75 -7.30
C PRO B 463 -30.18 38.56 -7.51
N PHE B 464 -29.94 39.49 -6.57
CA PHE B 464 -28.84 40.44 -6.52
C PHE B 464 -28.77 41.42 -7.67
N GLU B 465 -29.80 41.56 -8.48
CA GLU B 465 -29.72 42.48 -9.60
C GLU B 465 -30.56 43.71 -9.30
N ARG B 466 -29.92 44.88 -9.30
CA ARG B 466 -30.62 46.13 -9.06
C ARG B 466 -31.48 46.50 -10.26
N ASP B 467 -32.28 47.53 -10.10
CA ASP B 467 -33.15 48.02 -11.15
C ASP B 467 -33.14 49.54 -11.11
N ILE B 468 -32.30 50.14 -11.93
CA ILE B 468 -32.20 51.59 -12.01
C ILE B 468 -33.06 52.14 -13.15
N SER B 469 -33.66 51.26 -13.94
CA SER B 469 -34.48 51.67 -15.08
C SER B 469 -35.77 52.32 -14.58
N THR B 470 -35.80 53.64 -14.63
CA THR B 470 -36.91 54.42 -14.10
C THR B 470 -37.97 54.74 -15.15
N GLU B 471 -38.09 53.92 -16.19
CA GLU B 471 -39.12 54.13 -17.21
C GLU B 471 -40.49 53.77 -16.64
N ILE B 472 -41.53 54.18 -17.34
CA ILE B 472 -42.90 53.96 -16.91
C ILE B 472 -43.31 52.54 -17.24
N TYR B 473 -43.86 51.85 -16.25
CA TYR B 473 -44.48 50.54 -16.48
C TYR B 473 -45.94 50.77 -16.84
N GLN B 474 -46.46 49.94 -17.73
CA GLN B 474 -47.83 50.07 -18.22
C GLN B 474 -48.64 48.89 -17.68
N ALA B 475 -49.35 49.12 -16.57
CA ALA B 475 -50.10 48.03 -15.95
C ALA B 475 -51.26 47.61 -16.81
N GLY B 476 -52.12 48.55 -17.18
CA GLY B 476 -53.11 48.29 -18.18
C GLY B 476 -52.52 48.33 -19.58
N SER B 477 -53.35 47.97 -20.55
CA SER B 477 -52.88 47.80 -21.91
C SER B 477 -52.68 49.11 -22.66
N THR B 478 -53.16 50.23 -22.13
CA THR B 478 -53.09 51.51 -22.84
C THR B 478 -51.66 52.04 -22.83
N PRO B 479 -51.01 52.20 -23.99
CA PRO B 479 -49.59 52.54 -24.00
C PRO B 479 -49.35 54.00 -23.66
N CYS B 480 -48.62 54.22 -22.56
CA CYS B 480 -48.22 55.56 -22.16
C CYS B 480 -46.93 56.01 -22.82
N ASN B 481 -46.02 55.06 -23.06
CA ASN B 481 -44.81 55.23 -23.89
C ASN B 481 -43.90 56.34 -23.35
N GLY B 482 -43.38 56.11 -22.15
CA GLY B 482 -42.36 56.95 -21.57
C GLY B 482 -42.88 58.08 -20.71
N VAL B 483 -43.91 58.79 -21.17
CA VAL B 483 -44.56 59.81 -20.36
C VAL B 483 -45.59 59.10 -19.50
N GLU B 484 -45.97 59.74 -18.41
CA GLU B 484 -46.97 59.18 -17.51
C GLU B 484 -48.35 59.25 -18.14
N GLY B 485 -49.32 58.60 -17.52
CA GLY B 485 -50.68 58.67 -18.02
C GLY B 485 -51.66 57.80 -17.28
N PHE B 486 -52.64 57.25 -18.00
CA PHE B 486 -53.65 56.38 -17.41
C PHE B 486 -53.32 54.92 -17.67
N ASN B 487 -53.64 54.10 -16.66
CA ASN B 487 -53.36 52.67 -16.47
C ASN B 487 -51.90 52.43 -16.14
N CYS B 488 -51.09 53.49 -16.18
CA CYS B 488 -49.67 53.40 -15.95
C CYS B 488 -49.30 54.35 -14.82
N TYR B 489 -48.35 53.95 -13.99
CA TYR B 489 -47.89 54.78 -12.89
C TYR B 489 -46.42 55.08 -13.07
N PHE B 490 -45.93 55.97 -12.22
CA PHE B 490 -44.50 56.17 -12.12
C PHE B 490 -43.89 54.98 -11.41
N PRO B 491 -42.65 54.59 -11.74
CA PRO B 491 -42.07 53.42 -11.07
C PRO B 491 -41.69 53.65 -9.62
N LEU B 492 -41.05 54.78 -9.31
CA LEU B 492 -40.40 54.95 -8.02
C LEU B 492 -41.28 55.73 -7.06
N GLN B 493 -40.94 55.65 -5.78
CA GLN B 493 -41.61 56.43 -4.75
C GLN B 493 -40.60 56.67 -3.65
N SER B 494 -40.78 57.74 -2.91
CA SER B 494 -39.93 58.01 -1.76
C SER B 494 -40.42 57.24 -0.54
N TYR B 495 -39.66 57.35 0.54
CA TYR B 495 -40.12 57.10 1.89
C TYR B 495 -40.42 58.44 2.53
N GLY B 496 -41.20 58.44 3.60
CA GLY B 496 -41.36 59.63 4.41
C GLY B 496 -40.65 59.47 5.74
N PHE B 497 -39.50 60.12 5.90
CA PHE B 497 -38.76 60.04 7.15
C PHE B 497 -38.72 61.39 7.83
N GLN B 498 -39.13 61.41 9.09
CA GLN B 498 -38.94 62.47 10.06
C GLN B 498 -38.72 61.79 11.41
N PRO B 499 -38.11 62.46 12.37
CA PRO B 499 -38.08 61.90 13.74
C PRO B 499 -39.43 61.93 14.45
N THR B 500 -40.47 62.50 13.82
CA THR B 500 -41.83 62.37 14.30
C THR B 500 -42.42 60.99 14.02
N ASN B 501 -41.71 60.14 13.27
CA ASN B 501 -42.19 58.80 13.02
C ASN B 501 -42.12 57.96 14.29
N GLY B 502 -42.93 56.92 14.36
CA GLY B 502 -42.80 55.94 15.41
C GLY B 502 -41.60 55.03 15.21
N VAL B 503 -41.44 54.10 16.15
CA VAL B 503 -40.25 53.25 16.16
C VAL B 503 -40.32 52.23 15.02
N GLY B 504 -41.53 51.91 14.55
CA GLY B 504 -41.66 50.99 13.45
C GLY B 504 -41.34 51.62 12.10
N TYR B 505 -41.31 52.95 12.06
CA TYR B 505 -41.07 53.67 10.81
C TYR B 505 -39.70 54.33 10.78
N GLN B 506 -38.74 53.77 11.50
CA GLN B 506 -37.42 54.37 11.58
C GLN B 506 -36.50 53.80 10.51
N PRO B 507 -35.58 54.58 9.96
CA PRO B 507 -34.75 54.10 8.86
C PRO B 507 -33.64 53.17 9.35
N TYR B 508 -33.57 52.02 8.70
CA TYR B 508 -32.50 51.06 8.94
C TYR B 508 -31.49 51.18 7.82
N ARG B 509 -30.22 51.19 8.20
CA ARG B 509 -29.13 51.14 7.23
C ARG B 509 -28.69 49.69 7.12
N VAL B 510 -29.42 48.91 6.34
CA VAL B 510 -29.16 47.49 6.21
C VAL B 510 -27.97 47.31 5.30
N VAL B 511 -26.91 46.73 5.83
CA VAL B 511 -25.80 46.28 5.02
C VAL B 511 -25.86 44.76 5.00
N VAL B 512 -25.67 44.19 3.81
CA VAL B 512 -25.76 42.76 3.61
C VAL B 512 -24.40 42.27 3.16
N LEU B 513 -23.90 41.25 3.83
CA LEU B 513 -22.64 40.63 3.44
C LEU B 513 -22.92 39.27 2.84
N SER B 514 -22.35 39.03 1.66
CA SER B 514 -22.63 37.79 0.96
C SER B 514 -21.31 37.14 0.61
N PHE B 515 -21.28 35.81 0.67
CA PHE B 515 -20.01 35.12 0.61
C PHE B 515 -20.10 34.01 -0.44
N GLU B 516 -18.95 33.42 -0.75
CA GLU B 516 -18.87 32.40 -1.79
C GLU B 516 -17.62 31.55 -1.57
N LEU B 517 -17.40 30.60 -2.49
CA LEU B 517 -16.23 29.74 -2.47
C LEU B 517 -15.99 29.21 -3.88
N LEU B 518 -14.73 29.25 -4.32
CA LEU B 518 -14.40 28.99 -5.71
C LEU B 518 -13.05 28.27 -5.82
N HIS B 519 -12.66 27.98 -7.07
CA HIS B 519 -11.29 27.61 -7.42
C HIS B 519 -10.27 28.67 -7.01
N ALA B 520 -10.70 29.92 -6.92
CA ALA B 520 -9.95 31.03 -6.34
C ALA B 520 -9.66 30.74 -4.87
N PRO B 521 -8.52 31.21 -4.36
CA PRO B 521 -8.19 30.97 -2.95
C PRO B 521 -8.97 31.91 -2.05
N ALA B 522 -8.86 31.64 -0.76
CA ALA B 522 -9.50 32.46 0.27
C ALA B 522 -8.72 33.77 0.38
N THR B 523 -9.02 34.70 -0.53
CA THR B 523 -8.27 35.94 -0.59
C THR B 523 -8.57 36.88 0.56
N VAL B 524 -9.78 36.85 1.11
CA VAL B 524 -10.12 37.58 2.31
C VAL B 524 -10.25 36.61 3.46
N CYS B 525 -9.43 36.79 4.50
CA CYS B 525 -9.42 35.78 5.54
C CYS B 525 -9.03 36.38 6.88
N GLY B 526 -9.72 35.95 7.93
CA GLY B 526 -9.53 36.45 9.30
C GLY B 526 -8.19 36.08 9.93
N PRO B 527 -7.52 37.03 10.64
CA PRO B 527 -6.24 36.79 11.32
C PRO B 527 -6.44 36.09 12.68
N LYS B 528 -5.34 35.55 13.25
CA LYS B 528 -5.40 34.84 14.56
C LYS B 528 -4.31 35.39 15.50
N LYS B 529 -4.53 35.25 16.82
CA LYS B 529 -3.60 35.74 17.88
C LYS B 529 -2.32 34.88 17.92
N SER B 530 -1.23 35.46 18.43
CA SER B 530 0.08 34.76 18.53
C SER B 530 0.34 34.24 19.95
N THR B 531 1.46 33.53 20.14
CA THR B 531 1.89 32.91 21.42
C THR B 531 3.32 33.34 21.72
N ASN B 532 3.61 33.82 22.94
CA ASN B 532 4.94 34.40 23.25
C ASN B 532 6.06 33.41 22.94
N LEU B 533 7.16 33.90 22.40
CA LEU B 533 8.22 32.97 21.95
C LEU B 533 8.90 32.34 23.14
N VAL B 534 9.18 31.04 23.11
CA VAL B 534 9.96 30.43 24.22
C VAL B 534 11.31 29.98 23.69
N LYS B 535 12.39 30.39 24.36
CA LYS B 535 13.75 30.05 23.88
C LYS B 535 14.31 28.86 24.66
N ASN B 536 14.84 27.85 23.97
CA ASN B 536 15.49 26.70 24.66
C ASN B 536 14.49 25.96 25.54
N LYS B 537 13.22 25.86 25.16
CA LYS B 537 12.32 25.03 25.99
C LYS B 537 11.70 23.99 25.07
N CYS B 538 11.59 22.74 25.52
CA CYS B 538 10.89 21.80 24.61
C CYS B 538 9.48 22.37 24.53
N VAL B 539 9.03 22.71 23.32
CA VAL B 539 7.71 23.39 23.23
C VAL B 539 7.03 23.03 21.92
N ASN B 540 5.77 22.62 21.99
CA ASN B 540 5.04 22.47 20.75
C ASN B 540 4.89 23.85 20.12
N PHE B 541 4.75 23.88 18.80
CA PHE B 541 4.70 25.19 18.16
C PHE B 541 3.94 25.14 16.86
N ASN B 542 3.49 26.32 16.43
CA ASN B 542 3.05 26.57 15.07
C ASN B 542 3.57 27.93 14.65
N PHE B 543 4.22 27.98 13.50
CA PHE B 543 4.60 29.24 12.84
C PHE B 543 3.96 29.27 11.47
N ASN B 544 3.07 30.22 11.25
CA ASN B 544 2.49 30.44 9.92
C ASN B 544 1.82 29.20 9.38
N GLY B 545 1.36 28.32 10.27
CA GLY B 545 0.81 27.05 9.90
C GLY B 545 1.84 25.92 9.93
N LEU B 546 3.11 26.22 9.78
CA LEU B 546 4.14 25.20 9.97
C LEU B 546 4.09 24.71 11.41
N THR B 547 4.01 23.40 11.59
CA THR B 547 3.91 22.84 12.93
C THR B 547 5.00 21.81 13.17
N GLY B 548 5.41 21.72 14.42
CA GLY B 548 6.36 20.72 14.85
C GLY B 548 6.59 20.86 16.34
N THR B 549 7.61 20.18 16.83
CA THR B 549 7.97 20.30 18.24
C THR B 549 9.48 20.34 18.36
N GLY B 550 9.99 21.36 19.04
CA GLY B 550 11.42 21.51 19.14
C GLY B 550 11.82 22.45 20.25
N VAL B 551 13.10 22.79 20.25
CA VAL B 551 13.67 23.74 21.20
C VAL B 551 14.08 24.96 20.40
N LEU B 552 13.35 26.06 20.58
CA LEU B 552 13.58 27.25 19.79
C LEU B 552 14.68 28.10 20.43
N THR B 553 15.66 28.50 19.65
CA THR B 553 16.79 29.27 20.14
C THR B 553 17.07 30.43 19.21
N GLU B 554 17.92 31.33 19.66
CA GLU B 554 18.48 32.35 18.78
C GLU B 554 19.55 31.73 17.90
N SER B 555 19.56 32.10 16.63
CA SER B 555 20.47 31.51 15.66
C SER B 555 20.95 32.56 14.68
N ASN B 556 22.20 32.44 14.26
CA ASN B 556 22.87 33.44 13.45
C ASN B 556 22.84 33.13 11.95
N LYS B 557 22.27 32.00 11.53
CA LYS B 557 22.13 31.77 10.10
C LYS B 557 21.24 32.84 9.49
N LYS B 558 21.57 33.25 8.27
CA LYS B 558 21.11 34.52 7.72
C LYS B 558 20.27 34.26 6.49
N PHE B 559 18.97 34.52 6.58
CA PHE B 559 18.05 34.30 5.47
C PHE B 559 18.18 35.36 4.39
N LEU B 560 17.67 35.02 3.22
CA LEU B 560 17.26 36.02 2.26
C LEU B 560 15.84 36.48 2.60
N PRO B 561 15.54 37.76 2.37
CA PRO B 561 14.30 38.34 2.95
C PRO B 561 13.01 37.60 2.64
N PHE B 562 12.79 37.25 1.37
CA PHE B 562 11.51 36.65 1.01
C PHE B 562 11.30 35.29 1.64
N GLN B 563 12.37 34.67 2.12
CA GLN B 563 12.36 33.29 2.55
C GLN B 563 11.49 33.08 3.78
N GLN B 564 11.13 31.82 4.01
CA GLN B 564 10.40 31.46 5.21
C GLN B 564 11.19 30.46 6.05
N PHE B 565 11.20 29.21 5.63
CA PHE B 565 11.87 28.15 6.35
C PHE B 565 13.38 28.21 6.14
N GLY B 566 14.09 27.55 7.03
CA GLY B 566 15.33 26.89 6.68
C GLY B 566 15.09 25.39 6.63
N ARG B 567 16.07 24.67 6.07
CA ARG B 567 16.01 23.23 6.09
C ARG B 567 17.41 22.65 6.14
N ASP B 568 17.48 21.38 6.53
CA ASP B 568 18.71 20.66 6.68
C ASP B 568 18.83 19.65 5.54
N ILE B 569 19.91 18.86 5.55
CA ILE B 569 20.16 17.89 4.50
C ILE B 569 19.01 16.89 4.40
N ALA B 570 18.35 16.60 5.51
CA ALA B 570 17.41 15.50 5.61
C ALA B 570 15.98 15.88 5.29
N ASP B 571 15.74 17.11 4.81
CA ASP B 571 14.40 17.63 4.54
C ASP B 571 13.57 17.76 5.82
N THR B 572 14.24 17.82 6.97
CA THR B 572 13.62 18.26 8.20
C THR B 572 13.44 19.77 8.16
N THR B 573 12.62 20.29 9.07
CA THR B 573 12.54 21.75 9.21
C THR B 573 13.52 22.15 10.30
N ASP B 574 14.67 22.69 9.89
CA ASP B 574 15.76 22.99 10.82
C ASP B 574 15.64 24.34 11.50
N ALA B 575 15.31 25.37 10.75
CA ALA B 575 15.35 26.74 11.26
C ALA B 575 14.21 27.51 10.65
N VAL B 576 13.51 28.29 11.48
CA VAL B 576 12.39 29.07 11.02
C VAL B 576 12.56 30.50 11.49
N ARG B 577 11.86 31.40 10.83
CA ARG B 577 11.93 32.81 11.14
C ARG B 577 10.63 33.23 11.80
N ASP B 578 10.74 33.89 12.94
CA ASP B 578 9.55 34.33 13.65
C ASP B 578 8.83 35.34 12.77
N PRO B 579 7.60 35.12 12.26
CA PRO B 579 6.95 36.16 11.46
C PRO B 579 6.73 37.52 12.15
N GLN B 580 6.23 37.53 13.40
CA GLN B 580 5.90 38.82 14.07
C GLN B 580 7.14 39.69 14.27
N THR B 581 8.24 39.11 14.75
CA THR B 581 9.52 39.85 14.89
C THR B 581 10.56 39.03 14.14
N LEU B 582 11.11 39.57 13.04
CA LEU B 582 11.95 38.73 12.22
C LEU B 582 13.18 38.32 13.00
N GLU B 583 13.34 37.03 13.24
CA GLU B 583 14.54 36.52 13.86
C GLU B 583 14.70 35.07 13.44
N ILE B 584 15.94 34.61 13.42
CA ILE B 584 16.26 33.29 12.90
C ILE B 584 16.25 32.34 14.09
N LEU B 585 15.27 31.46 14.12
CA LEU B 585 15.06 30.57 15.25
C LEU B 585 15.37 29.15 14.83
N ASP B 586 16.36 28.55 15.47
CA ASP B 586 16.59 27.13 15.25
C ASP B 586 15.43 26.31 15.76
N ILE B 587 15.34 25.09 15.24
CA ILE B 587 14.44 24.09 15.79
C ILE B 587 15.29 22.85 16.05
N THR B 588 15.48 22.54 17.31
CA THR B 588 16.07 21.26 17.73
C THR B 588 14.99 20.54 18.51
N PRO B 589 14.45 19.44 18.01
CA PRO B 589 13.45 18.70 18.79
C PRO B 589 14.06 18.24 20.10
N CYS B 590 13.22 18.18 21.13
CA CYS B 590 13.69 17.92 22.47
C CYS B 590 14.53 16.66 22.51
N SER B 591 15.58 16.70 23.31
CA SER B 591 16.53 15.60 23.33
C SER B 591 15.86 14.32 23.79
N PHE B 592 16.41 13.20 23.34
CA PHE B 592 15.93 11.90 23.81
C PHE B 592 17.07 10.92 23.62
N GLY B 593 16.98 9.80 24.32
CA GLY B 593 18.04 8.82 24.26
C GLY B 593 17.62 7.55 24.96
N GLY B 594 18.38 6.49 24.69
CA GLY B 594 18.11 5.22 25.34
C GLY B 594 18.48 5.29 26.81
N VAL B 595 17.54 4.90 27.66
CA VAL B 595 17.90 4.61 29.04
C VAL B 595 18.73 3.34 29.06
N SER B 596 19.80 3.35 29.84
CA SER B 596 20.63 2.17 30.01
C SER B 596 20.75 1.92 31.50
N VAL B 597 20.30 0.75 31.94
CA VAL B 597 20.39 0.39 33.35
C VAL B 597 21.70 -0.33 33.54
N ILE B 598 22.64 0.31 34.22
CA ILE B 598 23.91 -0.30 34.54
C ILE B 598 23.77 -0.99 35.87
N THR B 599 24.03 -2.29 35.90
CA THR B 599 23.92 -3.02 37.12
C THR B 599 25.01 -4.07 37.20
N PRO B 600 25.54 -4.33 38.39
CA PRO B 600 26.22 -5.60 38.61
C PRO B 600 25.17 -6.68 38.56
N GLY B 601 25.55 -7.94 38.68
CA GLY B 601 24.55 -8.98 38.71
C GLY B 601 23.55 -8.72 39.82
N THR B 602 22.26 -8.99 39.53
CA THR B 602 21.18 -8.78 40.52
C THR B 602 21.40 -9.74 41.70
N ASN B 603 22.19 -10.79 41.47
CA ASN B 603 22.52 -11.80 42.51
C ASN B 603 23.29 -11.10 43.63
N THR B 604 24.22 -10.20 43.24
CA THR B 604 25.07 -9.46 44.20
C THR B 604 24.30 -8.29 44.83
N SER B 605 23.86 -7.33 44.02
CA SER B 605 23.16 -6.17 44.55
C SER B 605 21.85 -5.96 43.84
N ASN B 606 20.98 -5.18 44.48
CA ASN B 606 19.77 -4.65 43.88
C ASN B 606 19.95 -3.22 43.40
N GLN B 607 21.16 -2.67 43.52
CA GLN B 607 21.40 -1.27 43.22
C GLN B 607 21.75 -1.10 41.76
N VAL B 608 21.14 -0.11 41.12
CA VAL B 608 21.40 0.17 39.71
C VAL B 608 21.85 1.61 39.57
N ALA B 609 22.64 1.85 38.53
CA ALA B 609 23.05 3.20 38.15
C ALA B 609 22.56 3.45 36.74
N VAL B 610 21.62 4.34 36.58
CA VAL B 610 21.00 4.56 35.28
C VAL B 610 21.85 5.52 34.47
N LEU B 611 22.00 5.22 33.19
CA LEU B 611 22.66 6.10 32.25
C LEU B 611 21.64 6.59 31.24
N TYR B 612 21.31 7.87 31.30
CA TYR B 612 20.58 8.49 30.21
C TYR B 612 21.56 8.84 29.11
N GLN B 613 21.38 8.26 27.94
CA GLN B 613 22.35 8.45 26.87
C GLN B 613 22.11 9.76 26.14
N ASP B 614 23.19 10.50 25.93
CA ASP B 614 23.20 11.62 25.00
C ASP B 614 22.18 12.68 25.38
N VAL B 615 22.19 13.09 26.64
CA VAL B 615 21.20 14.10 27.14
C VAL B 615 21.85 14.98 28.22
N ASN B 616 21.60 16.29 28.17
CA ASN B 616 22.14 17.23 29.18
C ASN B 616 21.54 16.84 30.53
N CYS B 617 22.34 16.88 31.60
CA CYS B 617 21.87 16.44 32.94
C CYS B 617 20.83 17.41 33.53
N THR B 618 19.94 17.99 32.71
CA THR B 618 18.90 18.81 33.27
C THR B 618 17.63 17.99 33.29
N GLU B 619 17.20 17.57 32.10
CA GLU B 619 15.88 17.02 31.82
C GLU B 619 15.53 15.82 32.69
N VAL B 620 16.48 15.28 33.42
CA VAL B 620 16.18 14.34 34.48
C VAL B 620 15.01 14.79 35.34
N ASN B 641 22.52 11.01 43.16
CA ASN B 641 23.79 11.57 42.71
C ASN B 641 23.85 11.61 41.19
N VAL B 642 24.36 12.72 40.65
CA VAL B 642 24.39 12.95 39.22
C VAL B 642 25.82 13.20 38.77
N PHE B 643 26.22 12.56 37.68
CA PHE B 643 27.53 12.75 37.09
C PHE B 643 27.39 12.87 35.58
N GLN B 644 27.77 14.02 35.04
CA GLN B 644 27.76 14.22 33.59
C GLN B 644 28.93 13.48 32.98
N THR B 645 28.74 12.98 31.76
CA THR B 645 29.74 12.15 31.10
C THR B 645 29.94 12.65 29.68
N ARG B 646 30.81 11.95 28.96
CA ARG B 646 30.88 12.11 27.52
C ARG B 646 29.78 11.32 26.82
N ALA B 647 29.37 10.20 27.40
CA ALA B 647 28.36 9.35 26.76
C ALA B 647 26.95 9.88 27.00
N GLY B 648 26.68 10.34 28.20
CA GLY B 648 25.34 10.80 28.51
C GLY B 648 25.25 11.20 29.97
N CYS B 649 24.03 11.28 30.47
CA CYS B 649 23.80 11.69 31.85
C CYS B 649 23.70 10.43 32.70
N LEU B 650 24.67 10.23 33.58
CA LEU B 650 24.79 9.02 34.37
C LEU B 650 24.34 9.31 35.79
N ILE B 651 23.29 8.65 36.23
CA ILE B 651 22.68 8.87 37.53
C ILE B 651 22.94 7.67 38.42
N GLY B 652 23.41 7.92 39.62
CA GLY B 652 23.45 6.87 40.63
C GLY B 652 24.78 6.21 40.83
N ALA B 653 25.84 6.72 40.23
CA ALA B 653 27.17 6.18 40.47
C ALA B 653 28.14 7.32 40.72
N GLU B 654 28.75 7.34 41.89
CA GLU B 654 29.71 8.37 42.21
C GLU B 654 30.94 8.25 41.30
N HIS B 655 31.41 9.38 40.83
CA HIS B 655 32.60 9.42 39.99
C HIS B 655 33.80 8.95 40.78
N VAL B 656 34.63 8.07 40.22
CA VAL B 656 35.89 7.57 40.87
C VAL B 656 37.09 8.00 40.02
N ASN B 657 37.96 8.85 40.58
CA ASN B 657 39.14 9.40 39.87
C ASN B 657 40.18 8.33 39.49
N ASN B 658 40.52 7.41 40.41
CA ASN B 658 41.52 6.35 40.12
C ASN B 658 41.00 5.48 38.97
N SER B 659 41.83 5.08 38.01
CA SER B 659 41.23 4.31 36.95
C SER B 659 41.70 2.87 37.00
N TYR B 660 40.78 1.94 36.77
CA TYR B 660 41.04 0.53 36.89
C TYR B 660 40.74 -0.14 35.55
N GLU B 661 41.00 -1.43 35.47
CA GLU B 661 40.70 -2.10 34.22
C GLU B 661 39.20 -2.14 34.01
N CYS B 662 38.81 -2.17 32.74
CA CYS B 662 37.40 -2.04 32.43
C CYS B 662 36.61 -3.22 32.98
N ASP B 663 35.36 -2.96 33.32
CA ASP B 663 34.52 -3.94 33.96
C ASP B 663 33.20 -4.08 33.23
N ILE B 664 32.38 -3.04 33.31
CA ILE B 664 31.16 -2.93 32.52
C ILE B 664 31.35 -1.76 31.56
N PRO B 665 31.57 -1.99 30.27
CA PRO B 665 31.73 -0.88 29.34
C PRO B 665 30.46 -0.05 29.27
N ILE B 666 30.63 1.24 29.02
CA ILE B 666 29.50 2.16 28.92
C ILE B 666 29.62 2.93 27.62
N GLY B 667 30.64 3.77 27.53
CA GLY B 667 30.94 4.47 26.30
C GLY B 667 32.04 5.47 26.53
N ALA B 668 32.70 5.90 25.46
CA ALA B 668 33.77 6.90 25.55
C ALA B 668 34.78 6.53 26.62
N GLY B 669 35.03 5.24 26.79
CA GLY B 669 35.99 4.80 27.78
C GLY B 669 35.60 5.10 29.21
N ILE B 670 34.35 4.85 29.55
CA ILE B 670 33.86 4.96 30.92
C ILE B 670 33.36 3.59 31.32
N CYS B 671 34.03 2.97 32.29
CA CYS B 671 33.69 1.61 32.70
C CYS B 671 33.30 1.62 34.17
N ALA B 672 32.14 1.03 34.46
CA ALA B 672 31.58 1.02 35.80
C ALA B 672 31.78 -0.35 36.44
N SER B 673 32.16 -0.35 37.71
CA SER B 673 32.27 -1.57 38.49
C SER B 673 31.63 -1.35 39.84
N TYR B 674 31.37 -2.44 40.54
CA TYR B 674 30.47 -2.36 41.69
C TYR B 674 31.16 -1.88 42.96
N GLN B 675 32.38 -2.31 43.21
CA GLN B 675 32.96 -2.19 44.55
C GLN B 675 33.14 -0.74 44.95
N THR B 676 33.30 -0.52 46.26
CA THR B 676 33.71 0.77 46.81
C THR B 676 34.79 1.44 45.97
N SER B 689 28.25 0.08 52.55
CA SER B 689 29.62 0.18 52.10
C SER B 689 29.69 0.45 50.60
N GLN B 690 29.67 -0.63 49.82
CA GLN B 690 29.92 -0.50 48.40
C GLN B 690 28.81 0.25 47.68
N SER B 691 29.19 0.87 46.57
CA SER B 691 28.28 1.57 45.70
C SER B 691 28.82 1.51 44.28
N ILE B 692 27.91 1.49 43.30
CA ILE B 692 28.32 1.49 41.91
C ILE B 692 29.14 2.74 41.62
N ILE B 693 30.31 2.56 41.02
CA ILE B 693 31.13 3.70 40.66
C ILE B 693 31.21 3.79 39.14
N ALA B 694 31.86 4.84 38.65
CA ALA B 694 32.13 4.98 37.23
C ALA B 694 33.43 5.76 37.10
N TYR B 695 34.23 5.39 36.11
CA TYR B 695 35.55 5.99 36.01
C TYR B 695 36.03 5.87 34.58
N THR B 696 37.00 6.71 34.23
CA THR B 696 37.61 6.60 32.92
C THR B 696 38.31 5.26 32.79
N MET B 697 37.97 4.52 31.74
CA MET B 697 38.54 3.20 31.55
C MET B 697 40.05 3.30 31.46
N SER B 698 40.74 2.55 32.31
CA SER B 698 42.18 2.44 32.21
C SER B 698 42.51 1.32 31.23
N LEU B 699 43.54 1.54 30.44
CA LEU B 699 43.93 0.58 29.42
C LEU B 699 45.10 -0.21 29.97
N GLY B 700 44.86 -1.48 30.28
CA GLY B 700 45.93 -2.32 30.76
C GLY B 700 46.61 -1.73 31.98
N ALA B 701 47.82 -2.22 32.23
CA ALA B 701 48.67 -1.70 33.28
C ALA B 701 49.94 -1.18 32.65
N GLU B 702 50.31 0.05 32.99
CA GLU B 702 51.44 0.69 32.32
C GLU B 702 52.73 -0.07 32.58
N ASN B 703 53.58 -0.12 31.55
CA ASN B 703 54.94 -0.58 31.67
C ASN B 703 55.81 0.27 30.77
N SER B 704 57.05 0.48 31.19
CA SER B 704 58.05 1.14 30.35
C SER B 704 59.25 0.21 30.32
N VAL B 705 59.52 -0.38 29.16
CA VAL B 705 60.56 -1.37 29.05
C VAL B 705 61.90 -0.68 29.19
N ALA B 706 62.71 -1.11 30.14
CA ALA B 706 64.04 -0.54 30.26
C ALA B 706 64.84 -0.97 29.05
N TYR B 707 65.30 -0.01 28.28
CA TYR B 707 65.82 -0.27 26.96
C TYR B 707 67.13 0.45 26.76
N SER B 708 68.13 -0.27 26.24
CA SER B 708 69.47 0.30 25.92
C SER B 708 69.95 -0.29 24.59
N ASN B 709 71.01 0.29 24.02
CA ASN B 709 71.54 -0.19 22.71
C ASN B 709 72.04 -1.64 22.84
N ASN B 710 72.71 -1.97 23.95
CA ASN B 710 73.26 -3.33 24.14
C ASN B 710 72.48 -4.11 25.20
N SER B 711 71.32 -3.63 25.63
CA SER B 711 70.57 -4.37 26.64
C SER B 711 69.69 -5.43 26.01
N ILE B 712 69.92 -6.69 26.36
CA ILE B 712 69.07 -7.80 25.93
C ILE B 712 68.57 -8.56 27.14
N ALA B 713 67.36 -9.11 27.03
CA ALA B 713 66.74 -9.88 28.11
C ALA B 713 66.33 -11.23 27.57
N ILE B 714 67.00 -12.28 28.03
CA ILE B 714 66.76 -13.65 27.60
C ILE B 714 66.03 -14.39 28.70
N PRO B 715 64.92 -15.03 28.41
CA PRO B 715 64.26 -15.83 29.44
C PRO B 715 65.07 -17.08 29.76
N THR B 716 65.22 -17.35 31.06
CA THR B 716 66.01 -18.52 31.53
C THR B 716 65.05 -19.64 31.97
N ASN B 717 63.78 -19.30 32.20
CA ASN B 717 62.77 -20.30 32.62
C ASN B 717 61.49 -20.07 31.80
N PHE B 718 60.65 -21.11 31.65
CA PHE B 718 59.40 -20.98 30.87
C PHE B 718 58.26 -21.77 31.52
N THR B 719 57.06 -21.63 30.98
CA THR B 719 55.87 -22.31 31.45
C THR B 719 55.12 -22.87 30.25
N ILE B 720 54.35 -23.91 30.50
CA ILE B 720 53.54 -24.55 29.47
C ILE B 720 52.09 -24.33 29.85
N SER B 721 51.39 -23.48 29.12
CA SER B 721 50.01 -23.16 29.43
C SER B 721 49.10 -23.87 28.45
N VAL B 722 47.95 -24.30 28.93
CA VAL B 722 46.92 -24.91 28.10
C VAL B 722 45.75 -23.95 28.10
N THR B 723 45.40 -23.41 26.93
CA THR B 723 44.38 -22.39 26.81
C THR B 723 43.23 -22.91 25.96
N THR B 724 42.07 -23.08 26.59
CA THR B 724 40.87 -23.44 25.87
C THR B 724 40.53 -22.38 24.85
N GLU B 725 40.16 -22.82 23.65
CA GLU B 725 39.66 -21.93 22.61
C GLU B 725 38.39 -22.56 22.04
N ILE B 726 37.33 -21.77 21.99
CA ILE B 726 35.98 -22.28 21.76
C ILE B 726 35.44 -21.67 20.48
N LEU B 727 34.88 -22.50 19.61
CA LEU B 727 34.39 -22.05 18.34
C LEU B 727 33.05 -22.69 18.04
N PRO B 728 32.11 -21.97 17.45
CA PRO B 728 30.95 -22.62 16.86
C PRO B 728 31.37 -23.32 15.58
N VAL B 729 30.65 -24.38 15.25
CA VAL B 729 30.94 -25.12 14.02
C VAL B 729 29.67 -25.23 13.20
N SER B 730 28.66 -25.85 13.77
CA SER B 730 27.37 -25.95 13.12
C SER B 730 26.32 -25.27 13.98
N MET B 731 25.20 -24.95 13.36
CA MET B 731 24.04 -24.43 14.05
C MET B 731 22.89 -25.40 13.83
N THR B 732 21.90 -25.32 14.71
CA THR B 732 20.79 -26.26 14.66
C THR B 732 20.12 -26.21 13.29
N LYS B 733 20.03 -27.38 12.66
CA LYS B 733 19.43 -27.47 11.33
C LYS B 733 17.92 -27.42 11.47
N THR B 734 17.31 -26.41 10.88
CA THR B 734 15.87 -26.28 10.92
C THR B 734 15.32 -26.21 9.51
N SER B 735 14.11 -26.72 9.35
CA SER B 735 13.41 -26.64 8.08
C SER B 735 11.96 -26.33 8.40
N VAL B 736 11.43 -25.30 7.76
CA VAL B 736 10.10 -24.79 8.04
C VAL B 736 9.18 -25.14 6.89
N ASP B 737 7.95 -25.52 7.22
CA ASP B 737 6.94 -25.81 6.21
C ASP B 737 6.20 -24.51 5.92
N CYS B 738 6.43 -23.95 4.73
CA CYS B 738 5.92 -22.63 4.43
C CYS B 738 4.41 -22.62 4.32
N THR B 739 3.88 -23.58 3.55
CA THR B 739 2.42 -23.70 3.33
C THR B 739 1.71 -23.91 4.68
N MET B 740 2.12 -24.96 5.40
CA MET B 740 1.51 -25.33 6.72
C MET B 740 1.69 -24.20 7.74
N TYR B 741 2.86 -23.56 7.76
CA TYR B 741 3.12 -22.48 8.74
C TYR B 741 2.16 -21.31 8.50
N ILE B 742 2.28 -20.67 7.33
CA ILE B 742 1.46 -19.53 6.96
C ILE B 742 -0.02 -19.88 7.13
N CYS B 743 -0.48 -20.87 6.38
CA CYS B 743 -1.89 -21.27 6.42
C CYS B 743 -1.98 -22.57 7.19
N GLY B 744 -2.51 -22.48 8.42
CA GLY B 744 -2.63 -23.66 9.31
C GLY B 744 -3.84 -24.53 9.02
N ASP B 745 -3.64 -25.60 8.25
CA ASP B 745 -4.71 -26.60 7.94
C ASP B 745 -5.95 -25.93 7.33
N SER B 746 -5.76 -24.99 6.39
CA SER B 746 -6.92 -24.31 5.76
C SER B 746 -6.68 -24.14 4.26
N THR B 747 -7.55 -24.72 3.41
CA THR B 747 -7.38 -24.58 1.98
C THR B 747 -7.66 -23.16 1.54
N GLU B 748 -8.61 -22.51 2.22
CA GLU B 748 -8.95 -21.12 1.90
C GLU B 748 -7.71 -20.26 1.88
N CYS B 749 -6.96 -20.28 2.97
CA CYS B 749 -5.69 -19.58 3.01
C CYS B 749 -4.70 -20.22 2.05
N SER B 750 -4.70 -21.56 1.98
CA SER B 750 -3.70 -22.24 1.16
C SER B 750 -3.81 -21.84 -0.30
N ASN B 751 -5.03 -21.66 -0.80
CA ASN B 751 -5.20 -21.24 -2.18
C ASN B 751 -4.63 -19.84 -2.40
N LEU B 752 -4.91 -18.92 -1.48
CA LEU B 752 -4.38 -17.56 -1.61
C LEU B 752 -2.87 -17.57 -1.71
N LEU B 753 -2.21 -18.44 -0.94
CA LEU B 753 -0.75 -18.48 -0.95
C LEU B 753 -0.21 -18.73 -2.35
N LEU B 754 -0.95 -19.50 -3.16
CA LEU B 754 -0.53 -19.76 -4.53
C LEU B 754 -0.39 -18.49 -5.34
N GLN B 755 -1.07 -17.43 -4.95
CA GLN B 755 -1.02 -16.19 -5.70
C GLN B 755 0.23 -15.38 -5.41
N TYR B 756 1.01 -15.78 -4.42
CA TYR B 756 2.34 -15.22 -4.22
C TYR B 756 3.42 -16.06 -4.88
N GLY B 757 3.03 -17.13 -5.57
CA GLY B 757 3.99 -17.85 -6.39
C GLY B 757 5.00 -18.62 -5.58
N SER B 758 6.27 -18.37 -5.89
CA SER B 758 7.37 -19.24 -5.48
C SER B 758 7.95 -18.86 -4.14
N PHE B 759 7.39 -17.88 -3.44
CA PHE B 759 7.85 -17.57 -2.10
C PHE B 759 7.92 -18.83 -1.24
N CYS B 760 6.82 -19.57 -1.17
CA CYS B 760 6.77 -20.75 -0.33
C CYS B 760 7.91 -21.71 -0.69
N THR B 761 8.11 -21.96 -1.98
CA THR B 761 9.14 -22.92 -2.36
C THR B 761 10.54 -22.36 -2.16
N GLN B 762 10.77 -21.10 -2.57
CA GLN B 762 12.13 -20.57 -2.48
C GLN B 762 12.59 -20.44 -1.04
N LEU B 763 11.68 -20.42 -0.07
CA LEU B 763 12.11 -20.44 1.32
C LEU B 763 12.71 -21.79 1.67
N ASN B 764 12.03 -22.88 1.30
CA ASN B 764 12.62 -24.19 1.51
C ASN B 764 13.94 -24.32 0.77
N ARG B 765 14.00 -23.83 -0.47
CA ARG B 765 15.27 -23.83 -1.18
C ARG B 765 16.32 -23.05 -0.41
N ALA B 766 15.92 -21.97 0.25
CA ALA B 766 16.86 -21.20 1.05
C ALA B 766 17.32 -21.99 2.27
N LEU B 767 16.38 -22.43 3.09
CA LEU B 767 16.75 -23.08 4.34
C LEU B 767 17.50 -24.37 4.10
N THR B 768 17.14 -25.10 3.04
CA THR B 768 17.88 -26.31 2.74
C THR B 768 19.33 -26.01 2.44
N GLY B 769 19.60 -24.93 1.71
CA GLY B 769 20.98 -24.52 1.49
C GLY B 769 21.75 -24.37 2.79
N ILE B 770 21.15 -23.71 3.77
CA ILE B 770 21.71 -23.70 5.11
C ILE B 770 21.85 -25.12 5.63
N ALA B 771 20.73 -25.81 5.78
CA ALA B 771 20.72 -27.11 6.44
C ALA B 771 21.72 -28.07 5.81
N VAL B 772 21.91 -27.99 4.50
CA VAL B 772 22.89 -28.86 3.85
C VAL B 772 24.29 -28.54 4.35
N GLU B 773 24.71 -27.28 4.20
CA GLU B 773 26.09 -26.96 4.48
C GLU B 773 26.43 -27.07 5.96
N GLN B 774 25.44 -27.07 6.84
CA GLN B 774 25.72 -27.31 8.24
C GLN B 774 26.42 -28.65 8.42
N ASP B 775 25.90 -29.68 7.79
CA ASP B 775 26.57 -30.97 7.82
C ASP B 775 27.78 -31.00 6.91
N LYS B 776 27.98 -29.97 6.09
CA LYS B 776 29.25 -29.81 5.40
C LYS B 776 30.28 -29.17 6.31
N ASN B 777 29.87 -28.17 7.10
CA ASN B 777 30.75 -27.58 8.09
C ASN B 777 31.30 -28.65 9.01
N THR B 778 30.42 -29.30 9.76
CA THR B 778 30.81 -30.39 10.65
C THR B 778 31.64 -31.43 9.91
N GLN B 779 31.40 -31.58 8.61
CA GLN B 779 32.20 -32.52 7.84
C GLN B 779 33.61 -32.00 7.63
N GLU B 780 33.74 -30.74 7.24
CA GLU B 780 35.06 -30.18 6.96
C GLU B 780 35.90 -30.15 8.22
N VAL B 781 35.33 -29.65 9.31
CA VAL B 781 36.05 -29.51 10.57
C VAL B 781 36.55 -30.85 11.04
N PHE B 782 35.62 -31.72 11.44
CA PHE B 782 35.99 -32.87 12.25
C PHE B 782 36.68 -33.94 11.45
N ALA B 783 36.15 -34.31 10.28
CA ALA B 783 36.75 -35.41 9.55
C ALA B 783 37.62 -34.82 8.47
N GLN B 784 38.89 -34.63 8.81
CA GLN B 784 39.96 -34.43 7.87
C GLN B 784 40.86 -35.65 7.76
N VAL B 785 40.59 -36.68 8.56
CA VAL B 785 41.48 -37.81 8.71
C VAL B 785 40.87 -38.99 7.97
N LYS B 786 41.73 -39.71 7.25
CA LYS B 786 41.24 -40.80 6.41
C LYS B 786 40.73 -41.96 7.24
N GLN B 787 41.44 -42.31 8.30
CA GLN B 787 41.15 -43.49 9.09
C GLN B 787 40.80 -43.08 10.51
N ILE B 788 40.13 -43.97 11.23
CA ILE B 788 39.91 -43.78 12.65
C ILE B 788 41.04 -44.48 13.39
N TYR B 789 41.94 -43.70 13.96
CA TYR B 789 42.96 -44.22 14.84
C TYR B 789 42.38 -44.38 16.24
N LYS B 790 42.96 -45.29 17.01
CA LYS B 790 42.59 -45.38 18.41
C LYS B 790 43.86 -45.52 19.24
N THR B 791 43.83 -44.92 20.42
CA THR B 791 44.99 -44.94 21.30
C THR B 791 45.41 -46.38 21.58
N PRO B 792 46.69 -46.61 21.84
CA PRO B 792 47.13 -47.94 22.20
C PRO B 792 46.51 -48.37 23.52
N PRO B 793 46.53 -49.65 23.85
CA PRO B 793 45.91 -50.09 25.10
C PRO B 793 46.56 -49.49 26.34
N ILE B 794 47.88 -49.35 26.35
CA ILE B 794 48.60 -48.90 27.53
C ILE B 794 49.17 -47.51 27.28
N LYS B 795 49.05 -46.64 28.26
CA LYS B 795 49.45 -45.25 28.14
C LYS B 795 50.78 -45.06 28.84
N ASP B 796 51.86 -44.92 28.06
CA ASP B 796 53.10 -44.35 28.57
C ASP B 796 53.52 -43.27 27.59
N PHE B 797 53.32 -42.01 27.98
CA PHE B 797 53.69 -40.88 27.17
C PHE B 797 54.93 -40.15 27.66
N GLY B 798 55.56 -40.66 28.70
CA GLY B 798 56.67 -39.97 29.31
C GLY B 798 56.27 -39.10 30.48
N GLY B 799 55.12 -39.36 31.07
CA GLY B 799 54.62 -38.56 32.17
C GLY B 799 53.44 -37.68 31.86
N PHE B 800 53.17 -37.48 30.56
CA PHE B 800 52.06 -36.60 30.12
C PHE B 800 50.72 -37.35 30.27
N ASN B 801 49.96 -37.00 31.31
CA ASN B 801 48.64 -37.65 31.54
C ASN B 801 47.70 -37.23 30.41
N PHE B 802 46.95 -38.20 29.86
CA PHE B 802 46.00 -37.90 28.75
C PHE B 802 44.62 -38.47 29.09
N SER B 803 44.51 -39.12 30.25
CA SER B 803 43.23 -39.70 30.67
C SER B 803 42.16 -38.64 30.79
N GLN B 804 42.57 -37.40 31.05
CA GLN B 804 41.63 -36.28 30.99
C GLN B 804 40.99 -36.19 29.62
N ILE B 805 41.82 -36.06 28.58
CA ILE B 805 41.33 -35.74 27.24
C ILE B 805 41.05 -36.94 26.37
N LEU B 806 41.44 -38.12 26.77
CA LEU B 806 41.17 -39.23 25.90
C LEU B 806 39.80 -39.83 26.15
N PRO B 807 39.22 -40.51 25.17
CA PRO B 807 37.89 -41.07 25.36
C PRO B 807 37.81 -41.91 26.61
N ASP B 808 36.69 -41.80 27.30
CA ASP B 808 36.49 -42.49 28.57
C ASP B 808 35.98 -43.88 28.26
N PRO B 809 36.75 -44.94 28.49
CA PRO B 809 36.29 -46.28 28.12
C PRO B 809 35.07 -46.74 28.88
N SER B 810 34.77 -46.12 30.02
CA SER B 810 33.66 -46.55 30.86
C SER B 810 32.38 -45.75 30.65
N LYS B 811 32.39 -44.81 29.77
CA LYS B 811 31.09 -44.22 29.51
C LYS B 811 30.38 -44.97 28.39
N PRO B 812 29.05 -45.05 28.44
CA PRO B 812 28.33 -45.72 27.34
C PRO B 812 28.54 -45.02 26.01
N SER B 813 28.39 -43.71 25.97
CA SER B 813 28.87 -42.92 24.84
C SER B 813 30.27 -42.47 25.21
N LYS B 814 31.26 -42.97 24.49
CA LYS B 814 32.63 -42.73 24.92
C LYS B 814 32.99 -41.29 24.55
N ARG B 815 33.21 -40.48 25.57
CA ARG B 815 33.58 -39.09 25.43
C ARG B 815 34.53 -38.75 26.55
N SER B 816 35.59 -38.03 26.23
CA SER B 816 36.63 -37.75 27.21
C SER B 816 36.03 -37.02 28.41
N PHE B 817 36.66 -37.23 29.56
CA PHE B 817 36.15 -36.67 30.80
C PHE B 817 35.81 -35.20 30.66
N ILE B 818 36.62 -34.46 29.92
CA ILE B 818 36.37 -33.03 29.75
C ILE B 818 35.06 -32.81 28.99
N GLU B 819 34.86 -33.51 27.89
CA GLU B 819 33.72 -33.22 27.04
C GLU B 819 32.41 -33.30 27.81
N ASP B 820 32.35 -34.13 28.84
CA ASP B 820 31.13 -34.18 29.66
C ASP B 820 30.91 -32.88 30.39
N LEU B 821 31.98 -32.24 30.87
CA LEU B 821 31.84 -30.93 31.47
C LEU B 821 31.18 -29.96 30.49
N LEU B 822 31.48 -30.10 29.21
CA LEU B 822 30.94 -29.19 28.21
C LEU B 822 29.47 -29.46 27.94
N PHE B 823 29.12 -30.73 27.71
CA PHE B 823 27.75 -31.06 27.38
C PHE B 823 26.79 -30.77 28.52
N ASN B 824 27.29 -30.61 29.74
CA ASN B 824 26.41 -30.21 30.83
C ASN B 824 26.15 -28.70 30.80
N LYS B 825 27.20 -27.92 30.54
CA LYS B 825 27.04 -26.47 30.51
C LYS B 825 26.04 -26.05 29.44
N VAL B 826 26.31 -26.42 28.19
CA VAL B 826 25.41 -26.09 27.10
C VAL B 826 24.10 -26.86 27.28
N THR B 827 23.03 -26.27 26.77
CA THR B 827 21.72 -26.93 26.80
C THR B 827 21.11 -27.02 25.41
N ASP B 848 7.76 -27.14 25.88
CA ASP B 848 9.13 -26.70 25.71
C ASP B 848 9.38 -26.25 24.27
N LEU B 849 10.65 -26.13 23.89
CA LEU B 849 10.96 -25.84 22.47
C LEU B 849 10.99 -27.19 21.75
N ILE B 850 10.80 -28.28 22.50
CA ILE B 850 10.90 -29.66 21.93
C ILE B 850 9.81 -29.93 20.89
N CYS B 851 8.56 -29.53 21.12
CA CYS B 851 7.47 -29.89 20.18
C CYS B 851 6.66 -28.65 19.79
N ALA B 852 6.66 -27.60 20.61
CA ALA B 852 5.95 -26.35 20.36
C ALA B 852 6.25 -25.83 18.96
N GLN B 853 7.53 -25.53 18.69
CA GLN B 853 7.94 -25.21 17.33
C GLN B 853 7.41 -26.26 16.36
N LYS B 854 7.60 -27.53 16.71
CA LYS B 854 7.19 -28.63 15.85
C LYS B 854 5.69 -28.70 15.66
N PHE B 855 4.91 -27.89 16.39
CA PHE B 855 3.50 -27.79 16.10
C PHE B 855 3.28 -27.23 14.70
N ASN B 856 3.83 -26.05 14.43
CA ASN B 856 3.41 -25.23 13.30
C ASN B 856 4.18 -25.51 12.02
N GLY B 857 5.04 -26.51 12.02
CA GLY B 857 5.89 -26.76 10.89
C GLY B 857 7.30 -26.28 11.05
N LEU B 858 7.70 -25.90 12.26
CA LEU B 858 9.09 -25.59 12.54
C LEU B 858 9.73 -26.88 13.01
N THR B 859 10.60 -27.44 12.18
CA THR B 859 11.17 -28.74 12.45
C THR B 859 12.66 -28.59 12.72
N VAL B 860 13.17 -29.44 13.59
CA VAL B 860 14.59 -29.52 13.87
C VAL B 860 15.09 -30.84 13.31
N LEU B 861 15.83 -30.76 12.24
CA LEU B 861 16.30 -31.99 11.65
C LEU B 861 17.53 -32.49 12.40
N PRO B 862 17.72 -33.79 12.51
CA PRO B 862 18.87 -34.31 13.22
C PRO B 862 20.14 -34.01 12.46
N PRO B 863 21.18 -33.56 13.15
CA PRO B 863 22.48 -33.39 12.49
C PRO B 863 22.97 -34.73 11.97
N LEU B 864 23.47 -34.73 10.73
CA LEU B 864 23.88 -35.98 10.09
C LEU B 864 24.77 -36.82 11.00
N LEU B 865 25.68 -36.18 11.71
CA LEU B 865 26.64 -36.88 12.54
C LEU B 865 26.16 -36.86 13.99
N THR B 866 25.91 -38.02 14.56
CA THR B 866 25.58 -38.09 15.96
C THR B 866 26.77 -37.65 16.81
N ASP B 867 26.46 -37.17 18.01
CA ASP B 867 27.53 -36.73 18.90
C ASP B 867 28.52 -37.84 19.18
N GLU B 868 28.05 -39.08 19.26
CA GLU B 868 28.98 -40.18 19.48
C GLU B 868 29.96 -40.31 18.33
N MET B 869 29.53 -39.99 17.12
CA MET B 869 30.46 -40.02 16.01
C MET B 869 31.46 -38.88 16.09
N ILE B 870 30.98 -37.68 16.41
CA ILE B 870 31.87 -36.54 16.58
C ILE B 870 32.96 -36.89 17.58
N ALA B 871 32.60 -37.62 18.63
CA ALA B 871 33.58 -38.04 19.62
C ALA B 871 34.50 -39.14 19.11
N GLN B 872 34.16 -39.80 18.00
CA GLN B 872 35.14 -40.72 17.44
C GLN B 872 36.16 -40.00 16.59
N TYR B 873 35.72 -39.05 15.76
CA TYR B 873 36.67 -38.19 15.08
C TYR B 873 37.64 -37.57 16.06
N THR B 874 37.12 -36.73 16.96
CA THR B 874 37.99 -36.08 17.93
C THR B 874 38.73 -37.07 18.80
N SER B 875 38.37 -38.34 18.76
CA SER B 875 39.28 -39.36 19.29
C SER B 875 40.39 -39.66 18.29
N ALA B 876 40.02 -39.89 17.04
CA ALA B 876 41.01 -40.18 16.01
C ALA B 876 42.04 -39.06 15.93
N LEU B 877 41.59 -37.85 15.58
CA LEU B 877 42.48 -36.70 15.52
C LEU B 877 43.35 -36.61 16.75
N LEU B 878 42.77 -36.89 17.91
CA LEU B 878 43.56 -36.88 19.13
C LEU B 878 44.36 -38.15 19.30
N ALA B 879 43.94 -39.26 18.71
CA ALA B 879 44.76 -40.46 18.83
C ALA B 879 45.98 -40.38 17.92
N GLY B 880 45.81 -39.84 16.72
CA GLY B 880 46.95 -39.71 15.83
C GLY B 880 47.90 -38.61 16.26
N THR B 881 47.36 -37.51 16.78
CA THR B 881 48.21 -36.44 17.26
C THR B 881 49.19 -36.93 18.31
N ILE B 882 48.70 -37.78 19.22
CA ILE B 882 49.52 -38.25 20.31
C ILE B 882 50.58 -39.23 19.81
N THR B 883 50.13 -40.28 19.13
CA THR B 883 51.05 -41.34 18.73
C THR B 883 51.88 -40.92 17.52
N SER B 884 51.23 -40.44 16.47
CA SER B 884 51.83 -40.33 15.16
C SER B 884 52.41 -38.95 14.87
N GLY B 885 52.40 -38.05 15.83
CA GLY B 885 52.92 -36.72 15.55
C GLY B 885 51.98 -35.96 14.62
N TRP B 886 52.56 -35.19 13.72
CA TRP B 886 51.77 -34.47 12.75
C TRP B 886 51.68 -35.17 11.40
N THR B 887 52.35 -36.30 11.24
CA THR B 887 52.44 -36.91 9.92
C THR B 887 51.13 -37.52 9.45
N PHE B 888 50.19 -37.76 10.35
CA PHE B 888 48.97 -38.44 9.90
C PHE B 888 48.12 -37.54 9.03
N GLY B 889 48.31 -36.22 9.13
CA GLY B 889 47.62 -35.33 8.22
C GLY B 889 48.20 -35.31 6.82
N ALA B 890 49.47 -35.68 6.69
CA ALA B 890 50.14 -35.69 5.39
C ALA B 890 50.14 -37.06 4.73
N GLY B 891 49.51 -38.05 5.31
CA GLY B 891 49.57 -39.39 4.75
C GLY B 891 49.34 -40.43 5.82
N ALA B 892 49.89 -41.61 5.59
CA ALA B 892 49.84 -42.67 6.57
C ALA B 892 50.48 -42.23 7.86
N ALA B 893 49.79 -42.45 8.98
CA ALA B 893 50.32 -42.07 10.27
C ALA B 893 51.62 -42.82 10.56
N LEU B 894 52.54 -42.16 11.23
CA LEU B 894 53.84 -42.74 11.53
C LEU B 894 54.02 -42.74 13.04
N GLN B 895 54.03 -43.93 13.65
CA GLN B 895 54.23 -43.97 15.08
C GLN B 895 55.59 -43.37 15.42
N ILE B 896 55.60 -42.50 16.41
CA ILE B 896 56.83 -41.86 16.86
C ILE B 896 56.73 -41.70 18.37
N PRO B 897 57.81 -41.89 19.11
CA PRO B 897 57.73 -41.74 20.56
C PRO B 897 57.29 -40.34 20.92
N PHE B 898 56.28 -40.24 21.77
CA PHE B 898 55.69 -38.94 22.03
C PHE B 898 56.74 -37.97 22.56
N ALA B 899 57.61 -38.43 23.45
CA ALA B 899 58.67 -37.57 23.94
C ALA B 899 59.61 -37.16 22.82
N MET B 900 59.74 -37.98 21.78
CA MET B 900 60.49 -37.55 20.61
C MET B 900 59.64 -36.75 19.63
N GLN B 901 58.34 -36.72 19.83
CA GLN B 901 57.54 -35.74 19.12
C GLN B 901 57.82 -34.34 19.65
N MET B 902 57.71 -34.17 20.96
CA MET B 902 57.90 -32.86 21.56
C MET B 902 59.30 -32.30 21.37
N ALA B 903 60.27 -33.12 20.99
CA ALA B 903 61.55 -32.54 20.62
C ALA B 903 61.43 -31.77 19.34
N TYR B 904 60.59 -32.23 18.41
CA TYR B 904 60.40 -31.46 17.18
C TYR B 904 59.63 -30.19 17.48
N ARG B 905 58.50 -30.31 18.15
CA ARG B 905 57.66 -29.14 18.37
C ARG B 905 58.37 -28.05 19.15
N PHE B 906 59.48 -28.36 19.81
CA PHE B 906 60.35 -27.29 20.29
C PHE B 906 61.20 -26.71 19.17
N ASN B 907 61.79 -27.57 18.34
CA ASN B 907 62.52 -27.05 17.20
C ASN B 907 61.62 -26.16 16.35
N GLY B 908 60.32 -26.45 16.31
CA GLY B 908 59.41 -25.59 15.59
C GLY B 908 59.40 -24.18 16.12
N ILE B 909 59.43 -24.03 17.45
CA ILE B 909 59.39 -22.71 18.07
C ILE B 909 60.77 -22.16 18.37
N GLY B 910 61.82 -22.86 17.95
CA GLY B 910 63.16 -22.33 18.10
C GLY B 910 63.88 -22.73 19.36
N VAL B 911 63.23 -23.45 20.26
CA VAL B 911 63.88 -23.98 21.45
C VAL B 911 64.54 -25.30 21.07
N THR B 912 65.86 -25.36 21.23
CA THR B 912 66.58 -26.57 20.87
C THR B 912 66.08 -27.73 21.73
N GLN B 913 65.98 -28.90 21.09
CA GLN B 913 65.41 -30.07 21.72
C GLN B 913 66.12 -30.49 22.99
N ASN B 914 67.39 -30.12 23.17
CA ASN B 914 68.07 -30.50 24.39
C ASN B 914 67.40 -29.92 25.62
N VAL B 915 66.52 -28.94 25.43
CA VAL B 915 65.76 -28.43 26.61
C VAL B 915 64.80 -29.53 27.10
N LEU B 916 63.98 -30.09 26.20
CA LEU B 916 62.97 -31.10 26.62
C LEU B 916 63.62 -32.37 27.18
N TYR B 917 64.67 -32.89 26.53
CA TYR B 917 65.27 -34.18 26.98
C TYR B 917 65.81 -34.01 28.40
N GLU B 918 66.06 -32.77 28.82
CA GLU B 918 66.57 -32.48 30.13
C GLU B 918 65.47 -32.07 31.09
N ASN B 919 64.47 -31.34 30.61
CA ASN B 919 63.39 -30.85 31.44
C ASN B 919 62.14 -31.72 31.40
N GLN B 920 62.22 -32.90 30.77
CA GLN B 920 61.02 -33.67 30.50
C GLN B 920 60.14 -33.83 31.73
N LYS B 921 60.71 -34.31 32.84
CA LYS B 921 59.92 -34.52 34.05
C LYS B 921 59.20 -33.26 34.46
N LEU B 922 59.92 -32.14 34.51
CA LEU B 922 59.29 -30.88 34.83
C LEU B 922 58.16 -30.56 33.86
N ILE B 923 58.45 -30.64 32.56
CA ILE B 923 57.44 -30.30 31.57
C ILE B 923 56.24 -31.21 31.71
N ALA B 924 56.47 -32.44 32.14
CA ALA B 924 55.35 -33.35 32.39
C ALA B 924 54.39 -32.74 33.40
N ASN B 925 54.90 -32.35 34.56
CA ASN B 925 54.04 -31.84 35.61
C ASN B 925 53.33 -30.57 35.19
N GLN B 926 54.08 -29.64 34.60
CA GLN B 926 53.45 -28.41 34.12
C GLN B 926 52.33 -28.71 33.17
N PHE B 927 52.52 -29.70 32.30
CA PHE B 927 51.43 -30.08 31.41
C PHE B 927 50.23 -30.58 32.20
N ASN B 928 50.45 -31.62 33.01
CA ASN B 928 49.35 -32.25 33.73
C ASN B 928 48.63 -31.25 34.60
N SER B 929 49.37 -30.51 35.42
CA SER B 929 48.77 -29.51 36.29
C SER B 929 48.06 -28.44 35.48
N ALA B 930 48.48 -28.22 34.24
CA ALA B 930 47.74 -27.31 33.38
C ALA B 930 46.44 -27.92 32.94
N ILE B 931 46.45 -29.21 32.60
CA ILE B 931 45.21 -29.85 32.18
C ILE B 931 44.18 -29.83 33.28
N GLY B 932 44.62 -30.06 34.52
CA GLY B 932 43.70 -30.07 35.64
C GLY B 932 42.88 -28.81 35.72
N LYS B 933 43.55 -27.66 35.69
CA LYS B 933 42.86 -26.39 35.81
C LYS B 933 41.89 -26.15 34.68
N ILE B 934 42.06 -26.84 33.55
CA ILE B 934 41.10 -26.69 32.46
C ILE B 934 39.73 -27.21 32.90
N GLN B 935 39.72 -28.25 33.72
CA GLN B 935 38.48 -28.75 34.28
C GLN B 935 37.75 -27.64 35.02
N ASP B 936 38.41 -27.06 36.02
CA ASP B 936 37.75 -26.07 36.86
C ASP B 936 37.47 -24.78 36.09
N SER B 937 38.36 -24.41 35.17
CA SER B 937 38.06 -23.30 34.28
C SER B 937 36.71 -23.46 33.62
N LEU B 938 36.42 -24.68 33.18
CA LEU B 938 35.09 -25.00 32.68
C LEU B 938 34.12 -25.28 33.82
N SER B 939 34.58 -26.02 34.83
CA SER B 939 33.67 -26.53 35.85
C SER B 939 33.07 -25.40 36.68
N SER B 940 33.88 -24.40 37.03
CA SER B 940 33.48 -23.39 38.01
C SER B 940 32.91 -22.12 37.36
N THR B 941 32.91 -22.02 36.05
CA THR B 941 32.39 -20.84 35.37
C THR B 941 31.61 -21.26 34.14
N ALA B 942 30.39 -20.76 34.00
CA ALA B 942 29.51 -21.11 32.90
C ALA B 942 29.58 -20.13 31.74
N SER B 943 30.39 -19.07 31.83
CA SER B 943 30.46 -18.07 30.78
C SER B 943 31.53 -18.36 29.73
N ALA B 944 32.39 -19.37 29.96
CA ALA B 944 33.42 -19.68 28.98
C ALA B 944 32.81 -20.14 27.67
N LEU B 945 31.69 -20.85 27.74
CA LEU B 945 31.03 -21.41 26.57
C LEU B 945 30.05 -20.45 25.94
N GLY B 946 30.03 -19.19 26.38
CA GLY B 946 29.06 -18.24 25.85
C GLY B 946 28.97 -18.25 24.34
N LYS B 947 30.11 -18.37 23.66
CA LYS B 947 30.10 -18.39 22.20
C LYS B 947 29.13 -19.45 21.67
N LEU B 948 29.30 -20.69 22.12
CA LEU B 948 28.32 -21.72 21.82
C LEU B 948 26.96 -21.34 22.36
N GLN B 949 26.90 -20.98 23.63
CA GLN B 949 25.63 -20.69 24.27
C GLN B 949 24.88 -19.58 23.53
N ASP B 950 25.62 -18.62 22.99
CA ASP B 950 24.95 -17.55 22.24
C ASP B 950 24.35 -18.08 20.95
N VAL B 951 25.08 -18.93 20.25
CA VAL B 951 24.56 -19.51 19.01
C VAL B 951 23.26 -20.25 19.28
N VAL B 952 23.27 -21.14 20.27
CA VAL B 952 22.08 -21.93 20.54
C VAL B 952 20.91 -21.05 20.93
N ASN B 953 21.17 -20.03 21.75
CA ASN B 953 20.10 -19.13 22.16
C ASN B 953 19.51 -18.39 20.98
N GLN B 954 20.36 -17.75 20.17
CA GLN B 954 19.86 -16.95 19.06
C GLN B 954 19.00 -17.78 18.12
N ASN B 955 19.37 -19.04 17.91
CA ASN B 955 18.52 -19.92 17.12
C ASN B 955 17.19 -20.12 17.79
N ALA B 956 17.20 -20.60 19.04
CA ALA B 956 15.95 -20.76 19.77
C ALA B 956 15.27 -19.41 19.97
N GLN B 957 16.03 -18.33 20.01
CA GLN B 957 15.42 -17.00 20.08
C GLN B 957 14.50 -16.76 18.91
N ALA B 958 15.05 -16.68 17.71
CA ALA B 958 14.26 -16.32 16.55
C ALA B 958 13.08 -17.25 16.36
N LEU B 959 13.25 -18.54 16.68
CA LEU B 959 12.14 -19.47 16.60
C LEU B 959 10.99 -19.01 17.48
N ASN B 960 11.28 -18.68 18.74
CA ASN B 960 10.25 -18.11 19.60
C ASN B 960 9.60 -16.91 18.94
N THR B 961 10.42 -15.95 18.52
CA THR B 961 9.89 -14.79 17.81
C THR B 961 9.07 -15.20 16.61
N LEU B 962 9.60 -16.13 15.81
CA LEU B 962 8.88 -16.58 14.63
C LEU B 962 7.54 -17.18 15.01
N VAL B 963 7.50 -17.92 16.11
CA VAL B 963 6.23 -18.48 16.58
C VAL B 963 5.30 -17.38 17.04
N LYS B 964 5.78 -16.51 17.92
CA LYS B 964 4.93 -15.46 18.45
C LYS B 964 4.34 -14.60 17.35
N GLN B 965 4.97 -14.55 16.18
CA GLN B 965 4.38 -13.81 15.07
C GLN B 965 3.08 -14.43 14.61
N LEU B 966 2.83 -15.71 14.93
CA LEU B 966 1.56 -16.30 14.56
C LEU B 966 0.41 -15.66 15.31
N SER B 967 0.65 -15.16 16.51
CA SER B 967 -0.41 -14.62 17.34
C SER B 967 -0.65 -13.14 17.12
N SER B 968 0.02 -12.52 16.16
CA SER B 968 -0.14 -11.09 15.93
C SER B 968 -1.22 -10.84 14.88
N ASN B 969 -1.97 -9.76 15.08
CA ASN B 969 -3.10 -9.47 14.19
C ASN B 969 -2.63 -9.05 12.81
N PHE B 970 -1.52 -8.31 12.73
CA PHE B 970 -1.03 -7.78 11.46
C PHE B 970 -2.10 -6.96 10.75
N GLY B 971 -2.97 -6.32 11.53
CA GLY B 971 -4.07 -5.57 10.98
C GLY B 971 -5.31 -6.38 10.71
N ALA B 972 -5.17 -7.71 10.74
CA ALA B 972 -6.32 -8.64 10.53
C ALA B 972 -7.23 -8.60 11.77
N ILE B 973 -8.51 -8.91 11.59
CA ILE B 973 -9.50 -8.88 12.71
C ILE B 973 -9.09 -9.89 13.78
N SER B 974 -8.63 -11.08 13.37
CA SER B 974 -8.21 -12.14 14.34
C SER B 974 -6.90 -12.79 13.88
N SER B 975 -6.12 -13.30 14.84
CA SER B 975 -4.84 -13.97 14.52
C SER B 975 -5.12 -15.43 14.15
N VAL B 976 -6.20 -15.99 14.70
CA VAL B 976 -6.61 -17.36 14.42
C VAL B 976 -7.15 -17.41 13.01
N LEU B 977 -6.47 -18.18 12.15
CA LEU B 977 -6.86 -18.33 10.72
C LEU B 977 -8.15 -19.13 10.61
N ASN B 978 -8.26 -20.24 11.35
CA ASN B 978 -9.47 -21.10 11.29
C ASN B 978 -10.69 -20.30 11.76
N ASP B 979 -10.53 -19.54 12.85
CA ASP B 979 -11.66 -18.72 13.38
C ASP B 979 -12.04 -17.65 12.36
N ILE B 980 -11.04 -17.02 11.73
CA ILE B 980 -11.30 -15.95 10.74
C ILE B 980 -12.05 -16.53 9.53
N LEU B 981 -11.62 -17.70 9.05
CA LEU B 981 -12.28 -18.34 7.89
C LEU B 981 -13.72 -18.71 8.25
N SER B 982 -13.90 -19.25 9.46
CA SER B 982 -15.23 -19.71 9.95
C SER B 982 -16.21 -18.55 10.14
N ARG B 983 -15.76 -17.40 10.66
CA ARG B 983 -16.70 -16.29 10.95
C ARG B 983 -16.78 -15.26 9.81
N LEU B 984 -15.64 -14.75 9.33
CA LEU B 984 -15.66 -13.69 8.27
C LEU B 984 -16.19 -14.25 6.95
N ASP B 985 -16.96 -13.44 6.21
CA ASP B 985 -17.55 -13.86 4.91
C ASP B 985 -16.42 -14.00 3.88
N LYS B 986 -16.44 -15.10 3.12
CA LYS B 986 -15.40 -15.44 2.10
C LYS B 986 -15.02 -14.24 1.24
N VAL B 987 -16.00 -13.41 0.85
CA VAL B 987 -15.70 -12.26 -0.05
C VAL B 987 -14.76 -11.29 0.64
N GLU B 988 -15.09 -10.90 1.86
CA GLU B 988 -14.33 -9.93 2.62
C GLU B 988 -13.16 -10.60 3.34
N ALA B 989 -13.38 -11.79 3.89
CA ALA B 989 -12.33 -12.48 4.62
C ALA B 989 -11.08 -12.69 3.77
N GLU B 990 -11.23 -12.69 2.45
CA GLU B 990 -10.06 -12.75 1.58
C GLU B 990 -9.09 -11.62 1.90
N VAL B 991 -9.59 -10.39 1.95
CA VAL B 991 -8.72 -9.24 2.20
C VAL B 991 -8.09 -9.35 3.58
N GLN B 992 -8.86 -9.83 4.55
CA GLN B 992 -8.30 -10.02 5.89
C GLN B 992 -7.12 -10.98 5.87
N ILE B 993 -7.33 -12.17 5.32
CA ILE B 993 -6.29 -13.19 5.35
C ILE B 993 -5.02 -12.71 4.67
N ASP B 994 -5.16 -11.81 3.69
CA ASP B 994 -3.98 -11.18 3.11
C ASP B 994 -3.11 -10.58 4.19
N ARG B 995 -3.70 -9.72 5.03
CA ARG B 995 -2.92 -9.07 6.07
C ARG B 995 -2.27 -10.10 6.99
N LEU B 996 -2.92 -11.24 7.22
CA LEU B 996 -2.22 -12.31 7.90
C LEU B 996 -1.10 -12.86 7.04
N ILE B 997 -1.43 -13.29 5.82
CA ILE B 997 -0.42 -13.89 4.96
C ILE B 997 0.72 -12.90 4.72
N THR B 998 0.39 -11.73 4.18
CA THR B 998 1.40 -10.73 3.94
C THR B 998 2.25 -10.51 5.18
N GLY B 999 1.61 -10.44 6.33
CA GLY B 999 2.36 -10.32 7.56
C GLY B 999 3.21 -11.54 7.83
N ARG B 1000 2.59 -12.71 7.86
CA ARG B 1000 3.33 -13.92 8.19
C ARG B 1000 4.36 -14.22 7.12
N LEU B 1001 3.94 -14.22 5.85
CA LEU B 1001 4.86 -14.53 4.76
C LEU B 1001 6.07 -13.62 4.80
N GLN B 1002 5.86 -12.33 5.06
CA GLN B 1002 6.98 -11.46 5.32
C GLN B 1002 7.77 -11.95 6.52
N SER B 1003 7.07 -12.30 7.60
CA SER B 1003 7.74 -12.65 8.85
C SER B 1003 8.64 -13.87 8.68
N LEU B 1004 8.36 -14.72 7.69
CA LEU B 1004 9.30 -15.78 7.37
C LEU B 1004 10.56 -15.21 6.74
N GLN B 1005 10.39 -14.39 5.71
CA GLN B 1005 11.56 -13.86 5.02
C GLN B 1005 12.47 -13.14 5.98
N THR B 1006 11.90 -12.46 6.98
CA THR B 1006 12.72 -11.92 8.05
C THR B 1006 13.50 -13.04 8.72
N TYR B 1007 12.80 -14.08 9.18
CA TYR B 1007 13.50 -15.17 9.85
C TYR B 1007 14.50 -15.84 8.92
N VAL B 1008 14.09 -16.12 7.69
CA VAL B 1008 14.99 -16.79 6.75
C VAL B 1008 16.24 -15.95 6.53
N THR B 1009 16.05 -14.67 6.24
CA THR B 1009 17.19 -13.81 6.00
C THR B 1009 18.13 -13.79 7.18
N GLN B 1010 17.58 -13.75 8.40
CA GLN B 1010 18.42 -13.82 9.58
C GLN B 1010 19.27 -15.08 9.57
N GLN B 1011 18.64 -16.22 9.32
CA GLN B 1011 19.37 -17.48 9.34
C GLN B 1011 20.48 -17.47 8.29
N LEU B 1012 20.17 -17.03 7.07
CA LEU B 1012 21.18 -16.93 6.04
C LEU B 1012 22.36 -16.10 6.52
N ILE B 1013 22.08 -14.91 7.02
CA ILE B 1013 23.14 -14.04 7.52
C ILE B 1013 23.87 -14.73 8.67
N ARG B 1014 23.12 -15.27 9.63
CA ARG B 1014 23.74 -15.88 10.78
C ARG B 1014 24.54 -17.10 10.37
N ALA B 1015 24.01 -17.92 9.46
CA ALA B 1015 24.77 -19.07 8.99
C ALA B 1015 26.07 -18.63 8.32
N ALA B 1016 26.00 -17.54 7.56
CA ALA B 1016 27.21 -17.04 6.90
C ALA B 1016 28.28 -16.66 7.90
N GLU B 1017 27.88 -16.27 9.11
CA GLU B 1017 28.86 -16.08 10.17
C GLU B 1017 29.44 -17.41 10.61
N ILE B 1018 28.56 -18.37 10.95
CA ILE B 1018 29.03 -19.69 11.32
C ILE B 1018 29.90 -20.28 10.22
N ARG B 1019 29.45 -20.16 8.96
CA ARG B 1019 30.25 -20.61 7.84
C ARG B 1019 31.65 -20.01 7.89
N ALA B 1020 31.76 -18.77 8.33
CA ALA B 1020 33.08 -18.17 8.49
C ALA B 1020 33.79 -18.76 9.70
N SER B 1021 33.07 -18.93 10.80
CA SER B 1021 33.67 -19.52 11.99
C SER B 1021 34.06 -20.97 11.74
N ALA B 1022 33.28 -21.70 10.95
CA ALA B 1022 33.62 -23.08 10.66
C ALA B 1022 34.97 -23.18 9.97
N ASN B 1023 35.20 -22.33 8.97
CA ASN B 1023 36.49 -22.34 8.29
C ASN B 1023 37.62 -22.03 9.25
N LEU B 1024 37.38 -21.09 10.17
CA LEU B 1024 38.40 -20.80 11.17
C LEU B 1024 38.75 -22.06 11.96
N ALA B 1025 37.75 -22.85 12.33
CA ALA B 1025 38.02 -24.12 12.98
C ALA B 1025 38.78 -25.03 12.04
N ALA B 1026 38.19 -25.31 10.87
CA ALA B 1026 38.84 -26.19 9.90
C ALA B 1026 40.24 -25.72 9.58
N THR B 1027 40.49 -24.42 9.65
CA THR B 1027 41.85 -23.93 9.50
C THR B 1027 42.71 -24.33 10.69
N LYS B 1028 42.22 -24.05 11.89
CA LYS B 1028 42.95 -24.44 13.09
C LYS B 1028 43.12 -25.95 13.13
N MET B 1029 42.02 -26.68 12.96
CA MET B 1029 42.09 -28.14 13.00
C MET B 1029 43.16 -28.67 12.06
N SER B 1030 43.25 -28.10 10.87
CA SER B 1030 44.27 -28.54 9.94
C SER B 1030 45.64 -28.05 10.36
N GLU B 1031 45.78 -26.75 10.58
CA GLU B 1031 47.10 -26.21 10.84
C GLU B 1031 47.54 -26.46 12.27
N CYS B 1032 46.67 -26.17 13.23
CA CYS B 1032 47.07 -26.18 14.62
C CYS B 1032 47.14 -27.61 15.14
N VAL B 1033 46.03 -28.33 15.11
CA VAL B 1033 46.01 -29.72 15.57
C VAL B 1033 46.90 -30.59 14.70
N LEU B 1034 46.59 -30.68 13.40
CA LEU B 1034 47.28 -31.65 12.56
C LEU B 1034 48.74 -31.27 12.33
N GLY B 1035 49.03 -29.99 12.22
CA GLY B 1035 50.42 -29.57 12.08
C GLY B 1035 50.91 -28.87 13.32
N GLN B 1036 51.92 -28.02 13.16
CA GLN B 1036 52.31 -27.07 14.18
C GLN B 1036 52.30 -25.69 13.55
N SER B 1037 51.66 -24.74 14.19
CA SER B 1037 51.43 -23.44 13.59
C SER B 1037 52.59 -22.50 13.87
N LYS B 1038 53.06 -21.83 12.83
CA LYS B 1038 54.03 -20.75 12.96
C LYS B 1038 53.37 -19.38 13.01
N ARG B 1039 52.05 -19.34 12.95
CA ARG B 1039 51.33 -18.07 12.91
C ARG B 1039 51.16 -17.57 14.33
N VAL B 1040 51.74 -16.41 14.63
CA VAL B 1040 51.76 -15.94 16.01
C VAL B 1040 50.35 -15.65 16.47
N ASP B 1041 49.98 -16.22 17.61
CA ASP B 1041 48.70 -15.99 18.26
C ASP B 1041 47.52 -16.35 17.38
N PHE B 1042 47.73 -17.23 16.41
CA PHE B 1042 46.60 -17.84 15.73
C PHE B 1042 46.05 -18.99 16.56
N CYS B 1043 46.93 -19.78 17.17
CA CYS B 1043 46.56 -20.85 18.06
C CYS B 1043 46.40 -20.40 19.50
N GLY B 1044 46.48 -19.11 19.78
CA GLY B 1044 46.41 -18.67 21.14
C GLY B 1044 47.76 -18.23 21.66
N LYS B 1045 47.72 -17.35 22.66
CA LYS B 1045 48.90 -16.61 23.08
C LYS B 1045 50.05 -17.54 23.43
N GLY B 1046 51.23 -17.20 22.94
CA GLY B 1046 52.43 -17.96 23.18
C GLY B 1046 52.88 -18.72 21.94
N TYR B 1047 54.11 -19.21 22.03
CA TYR B 1047 54.60 -20.14 21.02
C TYR B 1047 53.82 -21.43 21.13
N HIS B 1048 53.35 -21.94 20.00
CA HIS B 1048 52.43 -23.06 20.00
C HIS B 1048 53.16 -24.39 19.87
N LEU B 1049 52.77 -25.35 20.70
CA LEU B 1049 53.32 -26.70 20.61
C LEU B 1049 52.35 -27.63 19.90
N MET B 1050 51.21 -27.89 20.51
CA MET B 1050 50.25 -28.80 19.90
C MET B 1050 48.86 -28.40 20.38
N SER B 1051 47.85 -28.89 19.68
CA SER B 1051 46.47 -28.61 20.05
C SER B 1051 45.67 -29.90 20.11
N PHE B 1052 44.73 -29.92 21.03
CA PHE B 1052 43.88 -31.08 21.27
C PHE B 1052 42.45 -30.70 20.99
N PRO B 1053 41.83 -31.21 19.93
CA PRO B 1053 40.43 -30.88 19.68
C PRO B 1053 39.55 -31.57 20.69
N GLN B 1054 38.44 -30.92 21.03
CA GLN B 1054 37.43 -31.51 21.88
C GLN B 1054 36.08 -31.06 21.37
N SER B 1055 35.14 -31.98 21.26
CA SER B 1055 33.84 -31.62 20.73
C SER B 1055 33.01 -30.93 21.79
N ALA B 1056 32.11 -30.07 21.35
CA ALA B 1056 31.14 -29.43 22.20
C ALA B 1056 29.88 -29.21 21.37
N PRO B 1057 28.72 -29.09 22.00
CA PRO B 1057 27.48 -29.15 21.22
C PRO B 1057 27.46 -28.07 20.15
N HIS B 1058 27.25 -28.49 18.91
CA HIS B 1058 27.26 -27.58 17.78
C HIS B 1058 28.48 -26.68 17.80
N GLY B 1059 29.62 -27.25 18.15
CA GLY B 1059 30.83 -26.46 18.24
C GLY B 1059 32.03 -27.35 18.41
N VAL B 1060 33.18 -26.72 18.63
CA VAL B 1060 34.41 -27.46 18.90
C VAL B 1060 35.25 -26.63 19.84
N VAL B 1061 36.06 -27.33 20.64
CA VAL B 1061 36.91 -26.70 21.65
C VAL B 1061 38.31 -27.24 21.51
N PHE B 1062 39.28 -26.35 21.39
CA PHE B 1062 40.67 -26.71 21.24
C PHE B 1062 41.39 -26.46 22.54
N LEU B 1063 42.28 -27.37 22.91
CA LEU B 1063 43.17 -27.16 24.03
C LEU B 1063 44.55 -26.91 23.43
N HIS B 1064 45.00 -25.67 23.48
CA HIS B 1064 46.26 -25.30 22.87
C HIS B 1064 47.36 -25.41 23.91
N VAL B 1065 48.31 -26.29 23.67
CA VAL B 1065 49.44 -26.43 24.57
C VAL B 1065 50.54 -25.52 24.04
N THR B 1066 50.82 -24.44 24.78
CA THR B 1066 51.69 -23.40 24.28
C THR B 1066 52.86 -23.21 25.22
N TYR B 1067 53.90 -22.59 24.69
CA TYR B 1067 55.18 -22.44 25.37
C TYR B 1067 55.38 -20.97 25.69
N VAL B 1068 55.30 -20.60 26.96
CA VAL B 1068 55.42 -19.21 27.38
C VAL B 1068 56.68 -19.07 28.23
N PRO B 1069 57.64 -18.26 27.83
CA PRO B 1069 58.84 -18.06 28.64
C PRO B 1069 58.52 -17.31 29.92
N ALA B 1070 59.42 -17.44 30.91
CA ALA B 1070 59.12 -16.89 32.22
C ALA B 1070 60.15 -15.89 32.74
N GLN B 1071 61.29 -16.38 33.20
CA GLN B 1071 62.19 -15.61 34.04
C GLN B 1071 63.30 -15.00 33.21
N GLU B 1072 63.51 -13.70 33.38
CA GLU B 1072 64.44 -12.93 32.56
C GLU B 1072 65.70 -12.61 33.34
N LYS B 1073 66.80 -12.41 32.60
CA LYS B 1073 68.09 -12.04 33.22
C LYS B 1073 68.71 -10.91 32.38
N ASN B 1074 68.86 -9.73 32.96
CA ASN B 1074 69.45 -8.60 32.20
C ASN B 1074 70.85 -9.04 31.76
N PHE B 1075 71.18 -8.84 30.48
CA PHE B 1075 72.51 -9.29 30.00
C PHE B 1075 73.00 -8.42 28.83
N THR B 1076 74.14 -7.76 29.05
CA THR B 1076 74.81 -6.94 28.06
C THR B 1076 75.07 -7.80 26.83
N THR B 1077 74.72 -7.28 25.67
CA THR B 1077 74.83 -8.02 24.43
C THR B 1077 75.70 -7.28 23.44
N ALA B 1078 76.16 -8.01 22.42
CA ALA B 1078 76.85 -7.39 21.32
C ALA B 1078 76.44 -8.12 20.04
N PRO B 1079 76.25 -7.38 18.94
CA PRO B 1079 75.84 -8.05 17.70
C PRO B 1079 76.95 -8.88 17.07
N ALA B 1080 78.20 -8.67 17.43
CA ALA B 1080 79.30 -9.34 16.78
C ALA B 1080 80.50 -9.31 17.69
N ILE B 1081 81.50 -10.13 17.38
CA ILE B 1081 82.72 -10.17 18.16
C ILE B 1081 83.92 -10.15 17.23
N CYS B 1082 84.75 -9.13 17.36
CA CYS B 1082 86.06 -9.15 16.68
C CYS B 1082 86.92 -10.22 17.31
N HIS B 1083 87.55 -11.03 16.47
CA HIS B 1083 88.58 -11.88 17.04
C HIS B 1083 89.95 -11.41 16.58
N ASP B 1084 90.29 -11.72 15.35
CA ASP B 1084 91.56 -11.30 14.80
C ASP B 1084 91.44 -10.02 14.00
N GLY B 1085 90.28 -9.38 14.03
CA GLY B 1085 89.90 -8.37 13.08
C GLY B 1085 88.84 -8.85 12.12
N LYS B 1086 88.70 -10.16 11.98
CA LYS B 1086 87.50 -10.70 11.41
C LYS B 1086 86.34 -10.48 12.38
N ALA B 1087 85.13 -10.54 11.86
CA ALA B 1087 83.95 -10.47 12.69
C ALA B 1087 83.35 -11.86 12.78
N HIS B 1088 82.78 -12.18 13.94
CA HIS B 1088 82.11 -13.46 14.15
C HIS B 1088 80.67 -13.20 14.51
N PHE B 1089 79.75 -13.77 13.74
CA PHE B 1089 78.39 -13.53 14.14
C PHE B 1089 77.77 -14.84 14.59
N PRO B 1090 76.81 -14.80 15.51
CA PRO B 1090 76.20 -16.05 15.99
C PRO B 1090 75.52 -16.78 14.85
N ARG B 1091 75.82 -18.07 14.70
CA ARG B 1091 75.14 -18.83 13.65
C ARG B 1091 73.65 -18.89 13.92
N GLU B 1092 73.27 -19.21 15.14
CA GLU B 1092 71.86 -19.20 15.55
C GLU B 1092 71.79 -18.69 16.96
N GLY B 1093 70.82 -17.83 17.24
CA GLY B 1093 70.78 -17.15 18.50
C GLY B 1093 71.66 -15.93 18.48
N VAL B 1094 72.13 -15.51 19.66
CA VAL B 1094 72.90 -14.29 19.81
C VAL B 1094 73.96 -14.41 20.88
N PHE B 1095 74.90 -13.46 20.81
CA PHE B 1095 75.92 -13.30 21.84
C PHE B 1095 75.32 -12.59 23.04
N VAL B 1096 75.72 -13.00 24.23
CA VAL B 1096 75.43 -12.27 25.44
C VAL B 1096 76.63 -12.41 26.36
N SER B 1097 76.69 -11.56 27.39
CA SER B 1097 77.83 -11.60 28.35
C SER B 1097 77.36 -11.36 29.78
N ASN B 1098 77.37 -12.41 30.61
CA ASN B 1098 76.99 -12.26 32.05
C ASN B 1098 77.98 -11.31 32.72
N GLY B 1099 79.28 -11.44 32.42
CA GLY B 1099 80.32 -10.56 32.99
C GLY B 1099 81.37 -10.29 31.94
N THR B 1100 82.51 -10.98 31.99
CA THR B 1100 83.50 -10.82 30.89
C THR B 1100 83.26 -11.88 29.80
N HIS B 1101 82.92 -13.12 30.18
CA HIS B 1101 82.81 -14.21 29.18
C HIS B 1101 81.60 -14.08 28.24
N TRP B 1102 81.84 -13.63 27.00
CA TRP B 1102 80.80 -13.54 25.95
C TRP B 1102 80.23 -14.94 25.65
N PHE B 1103 78.93 -15.11 25.85
CA PHE B 1103 78.24 -16.37 25.64
C PHE B 1103 77.31 -16.23 24.45
N VAL B 1104 77.45 -17.13 23.52
CA VAL B 1104 76.45 -17.32 22.48
C VAL B 1104 75.38 -18.23 23.05
N THR B 1105 74.13 -17.96 22.69
CA THR B 1105 73.05 -18.81 23.19
C THR B 1105 71.87 -18.70 22.26
N GLN B 1106 70.97 -19.66 22.38
CA GLN B 1106 69.73 -19.64 21.64
C GLN B 1106 68.83 -18.53 22.19
N ARG B 1107 67.91 -18.09 21.34
CA ARG B 1107 67.16 -16.88 21.64
C ARG B 1107 66.16 -17.08 22.77
N ASN B 1108 65.28 -18.06 22.65
CA ASN B 1108 64.09 -18.15 23.49
C ASN B 1108 64.29 -18.93 24.77
N PHE B 1109 65.50 -19.37 25.06
CA PHE B 1109 65.79 -20.02 26.33
C PHE B 1109 67.26 -19.78 26.62
N TYR B 1110 67.60 -19.68 27.89
CA TYR B 1110 68.96 -19.31 28.26
C TYR B 1110 69.76 -20.58 28.48
N GLU B 1111 70.71 -20.84 27.58
CA GLU B 1111 71.64 -21.94 27.73
C GLU B 1111 73.00 -21.44 27.28
N PRO B 1112 73.74 -20.79 28.16
CA PRO B 1112 75.00 -20.19 27.76
C PRO B 1112 75.98 -21.24 27.28
N GLN B 1113 76.76 -20.89 26.26
CA GLN B 1113 77.72 -21.81 25.67
C GLN B 1113 78.99 -21.05 25.33
N ILE B 1114 80.13 -21.68 25.62
CA ILE B 1114 81.39 -21.06 25.25
C ILE B 1114 81.41 -20.84 23.75
N ILE B 1115 82.00 -19.72 23.34
CA ILE B 1115 81.97 -19.32 21.94
C ILE B 1115 83.09 -20.03 21.19
N THR B 1116 82.74 -20.82 20.19
CA THR B 1116 83.71 -21.45 19.33
C THR B 1116 83.28 -21.24 17.89
N THR B 1117 84.23 -21.42 16.97
CA THR B 1117 83.94 -21.17 15.58
C THR B 1117 82.78 -22.00 15.06
N ASP B 1118 82.46 -23.11 15.69
CA ASP B 1118 81.30 -23.85 15.28
C ASP B 1118 80.00 -23.18 15.71
N ASN B 1119 80.08 -22.17 16.55
CA ASN B 1119 78.91 -21.37 16.87
C ASN B 1119 78.76 -20.13 16.01
N THR B 1120 79.79 -19.77 15.25
CA THR B 1120 79.84 -18.47 14.61
C THR B 1120 80.43 -18.57 13.22
N PHE B 1121 79.84 -17.85 12.28
CA PHE B 1121 80.39 -17.74 10.94
C PHE B 1121 81.03 -16.38 10.78
N VAL B 1122 82.14 -16.34 10.07
CA VAL B 1122 82.89 -15.11 9.88
C VAL B 1122 82.29 -14.32 8.72
N SER B 1123 82.30 -13.00 8.84
CA SER B 1123 81.90 -12.16 7.72
C SER B 1123 82.60 -10.81 7.82
N GLY B 1124 82.95 -10.26 6.65
CA GLY B 1124 83.54 -8.94 6.58
C GLY B 1124 84.74 -8.80 7.49
N ASN B 1125 84.83 -7.64 8.14
CA ASN B 1125 85.80 -7.41 9.19
C ASN B 1125 85.26 -6.32 10.11
N CYS B 1126 86.11 -5.85 11.01
CA CYS B 1126 85.59 -5.14 12.20
C CYS B 1126 85.07 -3.74 11.93
N ASP B 1127 85.76 -2.93 11.13
CA ASP B 1127 85.52 -1.51 11.14
C ASP B 1127 84.08 -1.11 10.82
N VAL B 1128 83.27 -2.02 10.30
CA VAL B 1128 81.92 -1.69 9.86
C VAL B 1128 80.90 -1.92 10.95
N VAL B 1129 80.78 -3.16 11.42
CA VAL B 1129 79.67 -3.52 12.31
C VAL B 1129 79.63 -2.61 13.51
N ILE B 1130 78.47 -1.99 13.75
CA ILE B 1130 78.32 -1.11 14.88
C ILE B 1130 78.26 -1.91 16.17
N GLY B 1131 78.99 -1.46 17.18
CA GLY B 1131 78.88 -2.08 18.48
C GLY B 1131 79.54 -3.43 18.61
N ILE B 1132 80.39 -3.81 17.66
CA ILE B 1132 81.13 -5.05 17.82
C ILE B 1132 82.10 -4.90 18.98
N VAL B 1133 82.31 -5.98 19.74
CA VAL B 1133 83.20 -5.93 20.94
C VAL B 1133 84.49 -6.73 20.66
N ASN B 1134 85.39 -6.74 21.64
CA ASN B 1134 86.68 -7.48 21.53
C ASN B 1134 86.61 -8.72 22.44
N ASN B 1135 86.85 -9.89 21.87
CA ASN B 1135 86.81 -11.17 22.63
C ASN B 1135 87.60 -12.24 21.86
N THR B 1136 87.91 -13.36 22.51
CA THR B 1136 88.65 -14.42 21.85
C THR B 1136 87.70 -15.58 21.62
N VAL B 1137 87.49 -15.94 20.36
CA VAL B 1137 86.59 -17.04 20.04
C VAL B 1137 87.41 -18.32 20.06
N TYR B 1138 87.10 -19.17 21.02
CA TYR B 1138 87.87 -20.38 21.23
C TYR B 1138 87.79 -21.28 20.01
N ASP B 1139 88.88 -21.99 19.75
CA ASP B 1139 88.92 -22.93 18.64
C ASP B 1139 88.70 -24.34 19.14
N PRO B 1140 87.75 -25.08 18.56
CA PRO B 1140 87.72 -26.52 18.84
C PRO B 1140 88.99 -27.22 18.41
N LEU B 1141 89.51 -26.85 17.24
CA LEU B 1141 90.57 -27.63 16.63
C LEU B 1141 91.91 -27.39 17.32
N GLN B 1142 92.29 -26.13 17.53
CA GLN B 1142 93.59 -25.77 18.10
C GLN B 1142 94.05 -26.63 19.26
N PRO B 1143 93.23 -26.88 20.29
CA PRO B 1143 93.71 -27.75 21.38
C PRO B 1143 93.97 -29.16 20.92
N GLU B 1144 93.10 -29.68 20.04
CA GLU B 1144 93.28 -31.04 19.53
C GLU B 1144 94.66 -31.23 18.95
N LEU B 1145 95.24 -30.15 18.41
CA LEU B 1145 96.53 -30.26 17.76
C LEU B 1145 97.60 -30.80 18.68
N ASP B 1146 97.93 -30.05 19.73
CA ASP B 1146 99.33 -29.92 20.14
C ASP B 1146 100.04 -31.26 20.26
N SER B 1147 99.28 -32.29 20.63
CA SER B 1147 99.84 -33.66 20.79
C SER B 1147 99.22 -34.60 19.73
N GLN C 14 -9.93 56.25 -26.71
CA GLN C 14 -8.58 56.32 -27.28
C GLN C 14 -8.39 55.24 -28.35
N CYS C 15 -7.65 54.20 -27.99
CA CYS C 15 -7.32 53.11 -28.90
C CYS C 15 -6.67 53.62 -30.18
N VAL C 16 -5.87 54.67 -30.06
CA VAL C 16 -5.06 55.12 -31.19
C VAL C 16 -4.10 53.99 -31.56
N ASN C 17 -3.98 53.72 -32.86
CA ASN C 17 -3.19 52.52 -33.26
C ASN C 17 -2.25 52.75 -34.44
N LEU C 18 -1.03 52.19 -34.37
CA LEU C 18 -0.05 52.28 -35.49
C LEU C 18 0.63 50.92 -35.65
N THR C 19 0.03 50.00 -36.42
CA THR C 19 0.58 48.62 -36.50
C THR C 19 2.00 48.61 -37.07
N THR C 20 2.26 49.33 -38.17
CA THR C 20 3.64 49.44 -38.71
C THR C 20 4.28 48.05 -38.81
N ARG C 21 3.58 47.07 -39.41
CA ARG C 21 4.08 45.67 -39.43
C ARG C 21 5.42 45.60 -40.18
N THR C 22 6.36 44.78 -39.70
CA THR C 22 7.70 44.67 -40.33
C THR C 22 8.04 43.19 -40.60
N GLN C 23 8.85 42.93 -41.62
CA GLN C 23 9.21 41.53 -42.01
C GLN C 23 10.50 41.10 -41.30
N LEU C 24 11.13 40.01 -41.76
CA LEU C 24 12.42 39.47 -41.23
C LEU C 24 12.17 38.40 -40.15
N PRO C 25 13.10 37.43 -39.95
CA PRO C 25 12.89 36.36 -38.98
C PRO C 25 13.16 36.77 -37.51
N PRO C 26 12.47 36.23 -36.46
CA PRO C 26 12.81 36.62 -35.09
C PRO C 26 14.26 36.28 -34.80
N ALA C 27 15.00 37.29 -34.34
CA ALA C 27 16.42 37.10 -34.06
C ALA C 27 16.52 36.29 -32.78
N TYR C 28 17.15 35.12 -32.87
CA TYR C 28 17.20 34.24 -31.73
C TYR C 28 18.49 34.44 -30.97
N THR C 29 18.62 33.71 -29.86
CA THR C 29 19.81 33.76 -29.03
C THR C 29 19.82 32.50 -28.18
N ASN C 30 20.84 32.40 -27.35
CA ASN C 30 21.08 31.21 -26.55
C ASN C 30 21.24 31.65 -25.10
N SER C 31 20.29 31.25 -24.26
CA SER C 31 20.44 31.51 -22.83
C SER C 31 21.38 30.47 -22.25
N PHE C 32 22.51 30.94 -21.74
CA PHE C 32 23.58 30.02 -21.38
C PHE C 32 23.29 29.40 -20.03
N THR C 33 23.43 30.20 -18.99
CA THR C 33 22.92 29.89 -17.66
C THR C 33 21.97 31.01 -17.29
N ARG C 34 20.67 30.73 -17.25
CA ARG C 34 19.72 31.81 -17.11
C ARG C 34 18.42 31.28 -16.55
N GLY C 35 17.64 32.18 -15.97
CA GLY C 35 16.30 31.87 -15.51
C GLY C 35 16.23 30.89 -14.37
N VAL C 36 17.15 30.97 -13.42
CA VAL C 36 17.11 30.12 -12.23
C VAL C 36 16.68 30.98 -11.06
N TYR C 37 15.46 30.75 -10.59
CA TYR C 37 14.88 31.46 -9.47
C TYR C 37 14.93 30.56 -8.25
N TYR C 38 14.43 31.08 -7.13
CA TYR C 38 14.37 30.29 -5.91
C TYR C 38 12.97 29.71 -5.78
N PRO C 39 12.77 28.42 -6.00
CA PRO C 39 11.43 27.86 -5.93
C PRO C 39 11.04 27.40 -4.53
N ASP C 40 11.25 28.25 -3.52
CA ASP C 40 10.87 28.07 -2.12
C ASP C 40 11.37 29.27 -1.34
N LYS C 41 10.80 29.46 -0.15
CA LYS C 41 11.27 30.43 0.82
C LYS C 41 12.33 29.84 1.74
N VAL C 42 12.48 28.52 1.75
CA VAL C 42 13.29 27.83 2.73
C VAL C 42 14.75 28.20 2.51
N PHE C 43 15.41 28.63 3.58
CA PHE C 43 16.81 29.00 3.52
C PHE C 43 17.69 27.76 3.60
N ARG C 44 18.52 27.56 2.59
CA ARG C 44 19.46 26.45 2.58
C ARG C 44 20.86 26.98 2.33
N SER C 45 21.86 26.27 2.85
CA SER C 45 23.24 26.74 2.83
C SER C 45 24.14 25.64 2.28
N SER C 46 24.77 25.90 1.14
CA SER C 46 25.81 25.04 0.56
C SER C 46 25.36 23.59 0.49
N VAL C 47 24.19 23.34 -0.09
CA VAL C 47 23.68 22.00 -0.30
C VAL C 47 23.26 21.88 -1.75
N LEU C 48 23.15 20.65 -2.25
CA LEU C 48 22.65 20.42 -3.59
C LEU C 48 21.22 19.94 -3.53
N HIS C 49 20.28 20.81 -3.91
CA HIS C 49 18.87 20.50 -3.84
C HIS C 49 18.35 20.27 -5.25
N SER C 50 17.43 19.35 -5.41
CA SER C 50 16.95 18.93 -6.73
C SER C 50 15.43 18.91 -6.73
N THR C 51 14.83 19.70 -7.60
CA THR C 51 13.41 19.67 -7.84
C THR C 51 13.14 19.67 -9.35
N GLN C 52 11.99 19.13 -9.72
CA GLN C 52 11.51 19.16 -11.10
C GLN C 52 10.37 20.18 -11.15
N ASP C 53 10.63 21.31 -11.79
CA ASP C 53 9.70 22.43 -11.83
C ASP C 53 9.82 23.11 -13.18
N LEU C 54 8.86 24.00 -13.46
CA LEU C 54 8.92 24.81 -14.66
C LEU C 54 10.12 25.74 -14.61
N PHE C 55 10.97 25.68 -15.64
CA PHE C 55 12.09 26.59 -15.79
C PHE C 55 12.30 26.88 -17.26
N LEU C 56 13.24 27.77 -17.54
CA LEU C 56 13.75 27.94 -18.90
C LEU C 56 15.00 27.10 -19.02
N PRO C 57 14.97 25.97 -19.73
CA PRO C 57 16.14 25.09 -19.76
C PRO C 57 17.34 25.75 -20.41
N PHE C 58 18.53 25.41 -19.91
CA PHE C 58 19.78 26.05 -20.37
C PHE C 58 20.06 25.77 -21.86
N PHE C 59 20.92 26.59 -22.46
CA PHE C 59 21.24 26.42 -23.91
C PHE C 59 19.92 26.44 -24.68
N SER C 60 19.04 27.37 -24.33
CA SER C 60 17.70 27.41 -24.97
C SER C 60 17.61 28.49 -26.04
N ASN C 61 16.64 28.35 -26.94
CA ASN C 61 16.40 29.34 -28.01
C ASN C 61 15.54 30.45 -27.42
N VAL C 62 16.09 31.66 -27.38
CA VAL C 62 15.37 32.80 -26.77
C VAL C 62 15.23 33.87 -27.84
N THR C 63 14.02 34.42 -28.01
CA THR C 63 13.84 35.36 -29.12
C THR C 63 14.20 36.78 -28.68
N TRP C 64 15.27 37.36 -29.24
CA TRP C 64 15.61 38.77 -28.95
C TRP C 64 14.68 39.63 -29.80
N PHE C 65 13.51 39.99 -29.23
CA PHE C 65 12.49 40.80 -29.97
C PHE C 65 12.82 42.29 -29.85
N HIS C 66 12.28 43.12 -30.74
CA HIS C 66 12.44 44.59 -30.59
C HIS C 66 11.06 45.25 -30.64
N ALA C 67 10.62 45.90 -29.55
CA ALA C 67 9.33 46.62 -29.56
C ALA C 67 9.41 47.81 -30.54
N ILE C 68 10.50 48.57 -30.48
CA ILE C 68 10.72 49.70 -31.44
C ILE C 68 12.12 49.48 -32.05
N HIS C 69 12.24 49.50 -33.38
CA HIS C 69 13.56 49.15 -33.96
C HIS C 69 13.99 50.10 -35.08
N VAL C 70 14.92 51.02 -34.81
CA VAL C 70 15.47 51.83 -35.87
C VAL C 70 16.50 51.04 -36.67
N SER C 71 16.23 50.86 -37.96
CA SER C 71 17.21 50.38 -38.93
C SER C 71 17.52 51.56 -39.83
N GLY C 72 18.73 52.10 -39.70
CA GLY C 72 18.99 53.45 -40.17
C GLY C 72 18.95 53.72 -41.65
N THR C 73 18.08 54.65 -42.04
CA THR C 73 18.25 55.46 -43.23
C THR C 73 18.01 56.90 -42.80
N ASN C 74 16.76 57.23 -42.43
CA ASN C 74 16.48 58.27 -41.45
C ASN C 74 15.26 57.82 -40.68
N GLY C 75 15.34 57.85 -39.37
CA GLY C 75 14.20 57.41 -38.57
C GLY C 75 13.93 55.94 -38.79
N THR C 76 12.72 55.64 -39.27
CA THR C 76 12.23 54.28 -39.51
C THR C 76 12.20 53.47 -38.21
N LYS C 77 11.26 53.86 -37.35
CA LYS C 77 11.00 53.15 -36.10
C LYS C 77 9.97 52.06 -36.36
N ARG C 78 10.33 50.82 -36.03
CA ARG C 78 9.54 49.65 -36.36
C ARG C 78 8.85 49.11 -35.11
N PHE C 79 7.53 49.27 -35.04
CA PHE C 79 6.73 48.79 -33.91
C PHE C 79 6.23 47.39 -34.27
N ASP C 80 6.90 46.37 -33.72
CA ASP C 80 6.59 44.99 -34.05
C ASP C 80 5.93 44.19 -32.94
N ASN C 81 5.81 44.70 -31.73
CA ASN C 81 5.63 43.78 -30.60
C ASN C 81 4.31 43.01 -30.70
N PRO C 82 4.34 41.71 -30.92
CA PRO C 82 3.12 40.95 -31.14
C PRO C 82 2.45 40.55 -29.84
N VAL C 83 1.15 40.27 -29.93
CA VAL C 83 0.51 39.47 -28.89
C VAL C 83 1.14 38.09 -28.89
N LEU C 84 1.58 37.64 -27.72
CA LEU C 84 2.32 36.40 -27.68
C LEU C 84 1.64 35.40 -26.76
N PRO C 85 1.59 34.12 -27.15
CA PRO C 85 0.98 33.12 -26.27
C PRO C 85 1.81 32.96 -25.01
N PHE C 86 1.13 32.59 -23.92
CA PHE C 86 1.83 32.32 -22.67
C PHE C 86 2.44 30.93 -22.65
N ASN C 87 1.79 29.96 -23.28
CA ASN C 87 2.22 28.56 -23.33
C ASN C 87 2.36 28.05 -21.89
N ASP C 88 3.43 27.33 -21.56
CA ASP C 88 3.62 26.80 -20.22
C ASP C 88 4.00 27.87 -19.21
N GLY C 89 5.14 28.52 -19.39
CA GLY C 89 5.51 29.66 -18.58
C GLY C 89 6.31 30.61 -19.42
N VAL C 90 6.57 31.78 -18.85
CA VAL C 90 7.18 32.88 -19.60
C VAL C 90 8.37 33.43 -18.84
N TYR C 91 9.45 33.70 -19.57
CA TYR C 91 10.64 34.38 -19.07
C TYR C 91 10.74 35.71 -19.80
N PHE C 92 11.40 36.68 -19.18
CA PHE C 92 11.55 38.00 -19.78
C PHE C 92 12.87 38.64 -19.35
N ALA C 93 13.47 39.39 -20.27
CA ALA C 93 14.73 40.06 -20.00
C ALA C 93 14.82 41.32 -20.84
N SER C 94 15.44 42.36 -20.28
CA SER C 94 15.61 43.62 -21.01
C SER C 94 16.75 44.41 -20.38
N THR C 95 17.26 45.37 -21.15
CA THR C 95 18.28 46.28 -20.67
C THR C 95 17.68 47.65 -20.42
N GLU C 96 17.41 48.39 -21.51
CA GLU C 96 16.59 49.60 -21.48
C GLU C 96 17.13 50.61 -20.48
N LYS C 97 18.35 51.08 -20.73
CA LYS C 97 18.93 52.13 -19.84
C LYS C 97 17.85 53.20 -19.68
N SER C 98 17.22 53.62 -20.78
CA SER C 98 16.08 54.56 -20.69
C SER C 98 14.81 53.71 -20.75
N ASN C 99 14.02 53.69 -19.69
CA ASN C 99 12.86 52.76 -19.67
C ASN C 99 11.87 53.14 -20.77
N ILE C 100 11.37 52.13 -21.47
CA ILE C 100 10.30 52.38 -22.47
C ILE C 100 9.29 51.28 -22.18
N ILE C 101 9.68 50.38 -21.27
CA ILE C 101 8.86 49.23 -20.93
C ILE C 101 8.31 49.39 -19.53
N ARG C 102 7.05 49.00 -19.34
CA ARG C 102 6.40 49.21 -18.06
C ARG C 102 5.82 47.92 -17.52
N GLY C 103 4.91 47.30 -18.27
CA GLY C 103 4.22 46.13 -17.79
C GLY C 103 3.74 45.28 -18.96
N TRP C 104 2.89 44.31 -18.63
CA TRP C 104 2.41 43.35 -19.62
C TRP C 104 0.91 43.19 -19.48
N ILE C 105 0.26 42.71 -20.53
CA ILE C 105 -1.19 42.73 -20.64
C ILE C 105 -1.83 41.40 -20.24
N PHE C 106 -1.07 40.52 -19.57
CA PHE C 106 -1.34 39.08 -19.56
C PHE C 106 -2.81 38.78 -19.40
N GLY C 107 -3.36 37.89 -20.24
CA GLY C 107 -4.81 37.61 -20.16
C GLY C 107 -5.27 36.34 -20.86
N THR C 108 -6.58 36.18 -21.06
CA THR C 108 -7.14 34.98 -21.72
C THR C 108 -7.63 35.31 -23.14
N THR C 109 -8.41 36.39 -23.30
CA THR C 109 -8.98 36.77 -24.63
C THR C 109 -8.49 38.17 -25.02
N LEU C 110 -7.66 38.77 -24.17
CA LEU C 110 -7.07 40.09 -24.36
C LEU C 110 -8.18 41.13 -24.55
N ASP C 111 -9.27 40.91 -23.83
CA ASP C 111 -10.54 41.57 -24.05
C ASP C 111 -11.35 41.38 -22.78
N SER C 112 -12.63 41.71 -22.82
CA SER C 112 -13.54 41.28 -21.77
C SER C 112 -13.82 39.79 -21.92
N LYS C 113 -14.75 39.28 -21.11
CA LYS C 113 -15.18 37.89 -21.00
C LYS C 113 -14.20 37.07 -20.18
N THR C 114 -12.98 37.56 -19.94
CA THR C 114 -12.04 36.93 -19.02
C THR C 114 -11.47 38.04 -18.14
N GLN C 115 -10.77 37.63 -17.09
CA GLN C 115 -10.06 38.63 -16.32
C GLN C 115 -8.88 39.16 -17.14
N SER C 116 -8.16 40.12 -16.56
CA SER C 116 -7.00 40.67 -17.25
C SER C 116 -5.92 40.95 -16.22
N LEU C 117 -4.71 40.49 -16.51
CA LEU C 117 -3.59 40.88 -15.68
C LEU C 117 -2.91 42.11 -16.27
N LEU C 118 -3.05 43.22 -15.57
CA LEU C 118 -2.52 44.48 -16.06
C LEU C 118 -1.48 45.00 -15.09
N ILE C 119 -0.23 44.86 -15.50
CA ILE C 119 0.86 45.35 -14.61
C ILE C 119 1.23 46.73 -15.12
N VAL C 120 0.96 47.76 -14.34
CA VAL C 120 1.45 49.09 -14.77
C VAL C 120 2.45 49.59 -13.76
N ASN C 121 3.71 49.74 -14.16
CA ASN C 121 4.71 50.34 -13.24
C ASN C 121 4.65 51.84 -13.51
N ASN C 122 3.47 52.45 -13.35
CA ASN C 122 3.39 53.91 -13.52
C ASN C 122 4.27 54.51 -12.43
N ALA C 123 5.14 55.47 -12.79
CA ALA C 123 6.07 55.99 -11.78
C ALA C 123 5.25 56.68 -10.68
N THR C 124 5.67 56.52 -9.43
CA THR C 124 6.62 55.47 -9.01
C THR C 124 5.85 54.28 -8.47
N ASN C 125 4.55 54.44 -8.23
CA ASN C 125 3.81 53.34 -7.58
C ASN C 125 3.24 52.43 -8.65
N VAL C 126 3.90 51.28 -8.84
CA VAL C 126 3.32 50.31 -9.80
C VAL C 126 1.96 49.95 -9.22
N VAL C 127 0.90 50.01 -10.03
CA VAL C 127 -0.42 49.56 -9.50
C VAL C 127 -0.77 48.25 -10.20
N ILE C 128 -0.26 47.13 -9.71
CA ILE C 128 -0.69 45.89 -10.34
C ILE C 128 -2.22 45.88 -10.39
N LYS C 129 -2.76 45.37 -11.50
CA LYS C 129 -4.19 45.28 -11.67
C LYS C 129 -4.56 43.92 -12.23
N VAL C 130 -5.47 43.24 -11.55
CA VAL C 130 -6.15 42.07 -12.09
C VAL C 130 -7.61 42.46 -12.21
N CYS C 131 -8.09 42.68 -13.44
CA CYS C 131 -9.40 43.25 -13.66
C CYS C 131 -9.97 42.66 -14.95
N GLU C 132 -11.07 43.26 -15.42
CA GLU C 132 -11.58 43.00 -16.77
C GLU C 132 -11.49 44.30 -17.55
N PHE C 133 -10.64 44.34 -18.57
CA PHE C 133 -10.44 45.53 -19.37
C PHE C 133 -10.92 45.29 -20.80
N GLN C 134 -10.84 46.35 -21.60
CA GLN C 134 -10.93 46.25 -23.05
C GLN C 134 -9.58 46.71 -23.61
N PHE C 135 -8.76 45.77 -24.07
CA PHE C 135 -7.48 46.14 -24.62
C PHE C 135 -7.61 46.44 -26.11
N CYS C 136 -7.01 47.54 -26.52
CA CYS C 136 -7.14 48.01 -27.90
C CYS C 136 -6.36 47.09 -28.84
N ASN C 137 -6.41 47.41 -30.13
CA ASN C 137 -5.66 46.64 -31.11
C ASN C 137 -4.16 46.90 -31.04
N ASP C 138 -3.74 48.11 -30.63
CA ASP C 138 -2.33 48.46 -30.48
C ASP C 138 -2.13 49.08 -29.10
N PRO C 139 -2.25 48.30 -28.04
CA PRO C 139 -2.19 48.88 -26.70
C PRO C 139 -0.76 49.24 -26.30
N PHE C 140 -0.65 50.33 -25.53
CA PHE C 140 0.59 50.79 -24.91
C PHE C 140 0.25 52.04 -24.11
N LEU C 141 1.10 52.35 -23.14
CA LEU C 141 0.88 53.50 -22.26
C LEU C 141 1.36 54.77 -22.96
N GLY C 142 0.45 55.73 -23.14
CA GLY C 142 0.85 57.02 -23.64
C GLY C 142 1.36 57.90 -22.51
N VAL C 143 2.38 58.70 -22.83
CA VAL C 143 2.94 59.68 -21.91
C VAL C 143 2.92 61.03 -22.59
N TYR C 144 2.54 62.05 -21.83
CA TYR C 144 2.45 63.41 -22.36
C TYR C 144 2.93 64.36 -21.28
N TYR C 145 2.78 65.65 -21.54
CA TYR C 145 3.23 66.70 -20.63
C TYR C 145 2.03 67.51 -20.16
N HIS C 146 1.81 67.55 -18.84
CA HIS C 146 0.57 68.16 -18.28
C HIS C 146 0.51 69.69 -18.38
N LYS C 147 1.64 70.40 -18.28
CA LYS C 147 1.68 71.90 -18.37
C LYS C 147 1.18 72.46 -17.04
N ASN C 148 0.51 71.62 -16.25
CA ASN C 148 0.06 72.03 -14.89
C ASN C 148 0.98 71.29 -13.91
N ASN C 149 1.85 72.03 -13.21
CA ASN C 149 2.85 71.41 -12.28
C ASN C 149 4.03 70.89 -13.11
N LYS C 150 4.03 71.13 -14.43
CA LYS C 150 5.17 70.76 -15.30
C LYS C 150 5.53 69.27 -15.13
N SER C 151 4.55 68.38 -15.14
CA SER C 151 4.83 66.94 -14.89
C SER C 151 4.42 66.07 -16.10
N TRP C 152 5.24 65.07 -16.44
CA TRP C 152 4.89 64.14 -17.50
C TRP C 152 3.90 63.12 -16.95
N MET C 153 2.64 63.22 -17.34
CA MET C 153 1.68 62.21 -16.94
C MET C 153 1.78 61.00 -17.86
N GLU C 154 0.99 59.99 -17.54
CA GLU C 154 0.89 58.80 -18.36
C GLU C 154 -0.58 58.57 -18.64
N SER C 155 -0.98 58.67 -19.90
CA SER C 155 -2.34 58.32 -20.28
C SER C 155 -2.40 56.81 -20.36
N GLU C 156 -3.19 56.21 -19.48
CA GLU C 156 -3.24 54.75 -19.37
C GLU C 156 -4.30 54.13 -20.23
N PHE C 157 -5.19 54.94 -20.82
CA PHE C 157 -6.25 54.38 -21.64
C PHE C 157 -5.86 54.34 -23.12
N ARG C 158 -4.63 54.71 -23.45
CA ARG C 158 -4.10 54.38 -24.76
C ARG C 158 -3.82 52.89 -24.84
N VAL C 159 -3.69 52.23 -23.68
CA VAL C 159 -3.62 50.78 -23.61
C VAL C 159 -5.02 50.24 -23.85
N TYR C 160 -5.91 50.51 -22.91
CA TYR C 160 -7.21 49.88 -22.83
C TYR C 160 -8.31 50.94 -22.69
N SER C 161 -9.45 50.68 -23.32
CA SER C 161 -10.56 51.63 -23.23
C SER C 161 -11.27 51.50 -21.89
N SER C 162 -11.92 50.36 -21.66
CA SER C 162 -12.75 50.18 -20.47
C SER C 162 -11.92 49.62 -19.32
N ALA C 163 -12.24 50.07 -18.12
CA ALA C 163 -11.79 49.45 -16.88
C ALA C 163 -12.98 49.32 -15.97
N ASN C 164 -13.38 48.07 -15.66
CA ASN C 164 -14.57 47.80 -14.88
C ASN C 164 -14.51 46.37 -14.37
N ASN C 165 -15.50 46.01 -13.55
CA ASN C 165 -15.70 44.65 -13.04
C ASN C 165 -14.54 44.18 -12.15
N CYS C 166 -13.52 45.02 -11.94
CA CYS C 166 -12.20 44.57 -11.54
C CYS C 166 -12.24 43.64 -10.33
N THR C 167 -11.52 42.51 -10.45
CA THR C 167 -11.41 41.51 -9.41
C THR C 167 -10.35 41.85 -8.36
N PHE C 168 -9.18 42.33 -8.77
CA PHE C 168 -8.09 42.49 -7.81
C PHE C 168 -7.28 43.74 -8.13
N GLU C 169 -6.65 44.28 -7.09
CA GLU C 169 -5.81 45.47 -7.19
C GLU C 169 -4.70 45.35 -6.15
N TYR C 170 -3.53 45.88 -6.49
CA TYR C 170 -2.40 45.87 -5.57
C TYR C 170 -1.41 46.95 -5.96
N VAL C 171 -0.61 47.37 -4.98
CA VAL C 171 0.43 48.37 -5.19
C VAL C 171 1.68 47.92 -4.42
N SER C 172 2.85 48.23 -4.98
CA SER C 172 4.11 47.89 -4.33
C SER C 172 5.19 48.88 -4.77
N GLN C 173 6.39 48.72 -4.23
CA GLN C 173 7.56 49.46 -4.67
C GLN C 173 7.96 49.05 -6.08
N PRO C 174 8.45 49.99 -6.88
CA PRO C 174 8.61 49.72 -8.31
C PRO C 174 9.57 48.58 -8.59
N PHE C 175 9.08 47.61 -9.39
CA PHE C 175 9.92 46.51 -9.81
C PHE C 175 10.99 47.01 -10.78
N LEU C 176 10.54 47.71 -11.82
CA LEU C 176 11.42 48.45 -12.71
C LEU C 176 12.07 49.56 -11.90
N MET C 177 13.39 49.64 -11.95
CA MET C 177 14.13 50.63 -11.18
C MET C 177 15.33 51.05 -11.99
N ASP C 178 15.69 52.33 -11.94
CA ASP C 178 16.90 52.78 -12.60
C ASP C 178 17.99 53.01 -11.57
N LEU C 179 19.20 53.26 -12.08
CA LEU C 179 20.33 53.73 -11.31
C LEU C 179 21.00 54.83 -12.12
N GLU C 180 21.48 54.44 -13.30
CA GLU C 180 22.06 55.28 -14.34
C GLU C 180 23.26 56.07 -13.82
N GLY C 181 23.48 57.28 -14.34
CA GLY C 181 24.73 57.98 -14.16
C GLY C 181 25.95 57.24 -14.71
N LYS C 182 25.76 56.07 -15.32
CA LYS C 182 26.84 55.15 -15.64
C LYS C 182 27.29 55.19 -17.09
N GLN C 183 26.68 56.03 -17.92
CA GLN C 183 26.98 56.14 -19.35
C GLN C 183 27.13 54.77 -20.00
N GLY C 184 26.28 53.85 -19.59
CA GLY C 184 26.37 52.46 -20.01
C GLY C 184 27.18 51.64 -19.04
N ASN C 185 27.79 50.59 -19.58
CA ASN C 185 28.66 49.67 -18.85
C ASN C 185 27.88 48.85 -17.83
N PHE C 186 26.64 49.25 -17.55
CA PHE C 186 25.66 48.44 -16.85
C PHE C 186 24.58 47.96 -17.80
N LYS C 187 23.87 48.89 -18.45
CA LYS C 187 22.70 48.64 -19.27
C LYS C 187 21.52 48.26 -18.37
N ASN C 188 21.81 48.03 -17.11
CA ASN C 188 20.82 47.63 -16.11
C ASN C 188 19.95 46.51 -16.65
N LEU C 189 20.57 45.37 -16.88
CA LEU C 189 19.83 44.23 -17.42
C LEU C 189 18.80 43.79 -16.39
N ARG C 190 17.55 43.71 -16.82
CA ARG C 190 16.42 43.47 -15.93
C ARG C 190 15.63 42.29 -16.44
N GLU C 191 15.38 41.33 -15.55
CA GLU C 191 14.72 40.08 -15.89
C GLU C 191 13.46 39.91 -15.04
N PHE C 192 12.43 39.35 -15.64
CA PHE C 192 11.20 39.10 -14.91
C PHE C 192 10.63 37.76 -15.36
N VAL C 193 10.38 36.88 -14.41
CA VAL C 193 9.82 35.56 -14.67
C VAL C 193 8.38 35.53 -14.20
N PHE C 194 7.53 34.93 -15.00
CA PHE C 194 6.09 34.93 -14.77
C PHE C 194 5.60 33.49 -14.90
N LYS C 195 5.16 32.92 -13.77
CA LYS C 195 4.64 31.53 -13.75
C LYS C 195 3.25 31.54 -13.09
N ASN C 196 2.20 31.26 -13.88
CA ASN C 196 0.81 31.26 -13.32
C ASN C 196 0.33 29.82 -13.17
N ILE C 197 0.03 29.42 -11.94
CA ILE C 197 -0.47 28.06 -11.57
C ILE C 197 -1.16 28.14 -10.19
N ASP C 198 -1.59 26.97 -9.69
CA ASP C 198 -2.24 26.70 -8.40
C ASP C 198 -2.83 27.95 -7.74
N GLY C 199 -3.44 28.83 -8.54
CA GLY C 199 -4.00 30.04 -7.98
C GLY C 199 -3.00 31.10 -7.62
N TYR C 200 -1.71 30.79 -7.64
CA TYR C 200 -0.66 31.76 -7.37
C TYR C 200 0.14 32.01 -8.63
N PHE C 201 -0.03 33.20 -9.21
CA PHE C 201 0.85 33.71 -10.24
C PHE C 201 1.91 34.54 -9.56
N LYS C 202 3.14 34.06 -9.58
CA LYS C 202 4.23 34.66 -8.83
C LYS C 202 5.19 35.38 -9.75
N ILE C 203 5.71 36.51 -9.29
CA ILE C 203 6.59 37.35 -10.07
C ILE C 203 7.99 37.25 -9.50
N TYR C 204 8.97 37.25 -10.39
CA TYR C 204 10.38 37.18 -10.01
C TYR C 204 11.09 38.34 -10.68
N SER C 205 12.25 38.72 -10.15
CA SER C 205 12.95 39.89 -10.67
C SER C 205 14.44 39.73 -10.42
N LYS C 206 15.20 40.71 -10.91
CA LYS C 206 16.65 40.76 -10.79
C LYS C 206 17.11 42.05 -11.47
N HIS C 207 18.31 42.50 -11.11
CA HIS C 207 18.95 43.61 -11.78
C HIS C 207 20.43 43.32 -11.89
N THR C 208 20.97 43.42 -13.10
CA THR C 208 22.34 43.02 -13.31
C THR C 208 23.05 44.01 -14.23
N PRO C 209 24.32 44.31 -13.95
CA PRO C 209 25.14 45.03 -14.92
C PRO C 209 25.54 44.11 -16.07
N ILE C 210 25.57 44.66 -17.28
CA ILE C 210 26.10 43.94 -18.44
C ILE C 210 26.87 44.93 -19.30
N ASN C 211 28.12 44.57 -19.62
CA ASN C 211 28.95 45.39 -20.49
C ASN C 211 28.87 44.97 -21.95
N LEU C 212 28.26 43.83 -22.26
CA LEU C 212 28.20 43.36 -23.63
C LEU C 212 27.22 44.20 -24.43
N VAL C 213 27.40 44.20 -25.75
CA VAL C 213 26.61 45.08 -26.61
C VAL C 213 25.13 44.76 -26.48
N ARG C 214 24.74 43.50 -26.65
CA ARG C 214 23.33 43.14 -26.52
C ARG C 214 23.11 41.91 -25.65
N ASP C 215 23.54 40.75 -26.13
CA ASP C 215 23.06 39.47 -25.62
C ASP C 215 23.70 39.17 -24.26
N LEU C 216 23.33 38.03 -23.69
CA LEU C 216 23.47 37.72 -22.28
C LEU C 216 24.85 37.11 -21.96
N PRO C 217 25.33 37.29 -20.73
CA PRO C 217 26.61 36.68 -20.34
C PRO C 217 26.46 35.25 -19.86
N GLN C 218 27.54 34.69 -19.33
CA GLN C 218 27.57 33.33 -18.82
C GLN C 218 27.18 33.22 -17.35
N GLY C 219 26.92 34.34 -16.69
CA GLY C 219 26.66 34.35 -15.26
C GLY C 219 25.27 33.83 -14.92
N PHE C 220 25.13 33.42 -13.65
CA PHE C 220 23.86 32.94 -13.12
C PHE C 220 23.07 34.10 -12.54
N SER C 221 21.76 34.06 -12.74
CA SER C 221 20.87 35.10 -12.24
C SER C 221 19.82 34.46 -11.34
N ALA C 222 19.87 34.77 -10.05
CA ALA C 222 18.88 34.25 -9.13
C ALA C 222 17.76 35.25 -8.94
N LEU C 223 16.52 34.77 -9.04
CA LEU C 223 15.34 35.63 -9.02
C LEU C 223 14.50 35.28 -7.80
N GLU C 224 14.33 36.24 -6.91
CA GLU C 224 13.47 35.95 -5.77
C GLU C 224 12.02 36.16 -6.15
N PRO C 225 11.08 35.46 -5.54
CA PRO C 225 9.67 35.77 -5.75
C PRO C 225 9.34 37.14 -5.15
N LEU C 226 8.70 37.99 -5.95
CA LEU C 226 8.30 39.29 -5.44
C LEU C 226 7.04 39.17 -4.59
N VAL C 227 5.92 38.86 -5.22
CA VAL C 227 4.65 38.67 -4.54
C VAL C 227 4.01 37.39 -5.07
N ASP C 228 3.44 36.61 -4.15
CA ASP C 228 2.69 35.42 -4.52
C ASP C 228 1.21 35.76 -4.46
N LEU C 229 0.58 35.98 -5.63
CA LEU C 229 -0.80 36.54 -5.56
C LEU C 229 -1.92 35.59 -5.97
N PRO C 230 -3.11 35.68 -5.35
CA PRO C 230 -4.26 34.89 -5.77
C PRO C 230 -4.68 35.45 -7.12
N ILE C 231 -4.51 34.64 -8.18
CA ILE C 231 -4.91 35.05 -9.56
C ILE C 231 -6.21 34.32 -9.92
N GLY C 232 -6.12 33.00 -10.13
CA GLY C 232 -7.30 32.16 -10.44
C GLY C 232 -7.68 32.19 -11.92
N ILE C 233 -6.92 32.91 -12.75
CA ILE C 233 -7.22 32.96 -14.21
C ILE C 233 -6.00 32.48 -15.00
N ASN C 234 -6.18 31.48 -15.86
CA ASN C 234 -5.08 30.94 -16.70
C ASN C 234 -4.77 31.95 -17.82
N ILE C 235 -3.48 32.17 -18.11
CA ILE C 235 -3.09 33.13 -19.18
C ILE C 235 -2.57 32.32 -20.38
N THR C 236 -3.26 32.41 -21.53
CA THR C 236 -2.86 31.66 -22.75
C THR C 236 -2.19 32.60 -23.76
N ARG C 237 -2.15 33.91 -23.48
CA ARG C 237 -1.55 34.89 -24.43
C ARG C 237 -1.30 36.21 -23.70
N PHE C 238 -0.44 37.07 -24.26
CA PHE C 238 -0.11 38.36 -23.69
C PHE C 238 0.63 39.21 -24.74
N GLN C 239 1.00 40.42 -24.32
CA GLN C 239 1.87 41.33 -25.03
C GLN C 239 2.43 42.29 -23.99
N THR C 240 3.56 42.93 -24.30
CA THR C 240 4.18 43.87 -23.38
C THR C 240 3.50 45.23 -23.49
N LEU C 241 3.98 46.18 -22.69
CA LEU C 241 3.50 47.55 -22.71
C LEU C 241 4.64 48.51 -22.97
N LEU C 242 4.28 49.73 -23.33
CA LEU C 242 5.25 50.70 -23.83
C LEU C 242 4.97 52.06 -23.22
N ALA C 243 5.98 52.91 -23.27
CA ALA C 243 5.86 54.31 -22.88
C ALA C 243 6.41 55.17 -24.00
N LEU C 244 5.52 55.94 -24.64
CA LEU C 244 5.89 56.81 -25.76
C LEU C 244 5.41 58.21 -25.41
N HIS C 245 5.70 59.18 -26.27
CA HIS C 245 5.33 60.55 -25.96
C HIS C 245 4.99 61.33 -27.23
N ARG C 246 4.85 62.65 -27.07
CA ARG C 246 4.53 63.51 -28.20
C ARG C 246 5.67 64.47 -28.48
N SER C 247 5.89 64.76 -29.75
CA SER C 247 6.82 65.79 -30.15
C SER C 247 6.09 66.92 -30.86
N TYR C 248 6.84 67.97 -31.21
CA TYR C 248 6.25 69.17 -31.79
C TYR C 248 7.17 69.68 -32.91
N LEU C 249 6.68 70.67 -33.67
CA LEU C 249 6.95 70.70 -35.10
C LEU C 249 8.43 70.58 -35.41
N THR C 250 8.76 69.53 -36.15
CA THR C 250 10.07 69.22 -36.69
C THR C 250 9.86 68.51 -38.02
N PRO C 251 10.81 68.58 -38.95
CA PRO C 251 10.62 67.85 -40.21
C PRO C 251 10.70 66.34 -40.04
N SER C 256 2.58 62.95 -35.41
CA SER C 256 3.21 63.52 -34.18
C SER C 256 4.42 62.66 -33.78
N GLY C 257 5.22 63.14 -32.81
CA GLY C 257 6.38 62.37 -32.34
C GLY C 257 5.94 61.09 -31.64
N TRP C 258 6.71 60.01 -31.78
CA TRP C 258 6.36 58.69 -31.18
C TRP C 258 7.63 57.85 -31.04
N THR C 259 7.54 56.64 -30.47
CA THR C 259 8.69 55.70 -30.41
C THR C 259 9.95 56.29 -29.74
N ALA C 260 9.80 56.87 -28.54
CA ALA C 260 10.97 57.40 -27.79
C ALA C 260 12.11 56.37 -27.74
N GLY C 261 13.34 56.77 -28.10
CA GLY C 261 14.49 55.88 -28.07
C GLY C 261 14.29 54.59 -28.85
N ALA C 262 15.05 53.59 -28.44
CA ALA C 262 14.97 52.26 -29.02
C ALA C 262 14.48 51.29 -27.94
N ALA C 263 13.87 50.20 -28.38
CA ALA C 263 13.34 49.20 -27.46
C ALA C 263 13.57 47.80 -28.02
N ALA C 264 14.13 46.94 -27.17
CA ALA C 264 14.28 45.52 -27.48
C ALA C 264 14.32 44.74 -26.18
N TYR C 265 13.86 43.50 -26.24
CA TYR C 265 13.83 42.65 -25.05
C TYR C 265 13.96 41.19 -25.45
N TYR C 266 13.99 40.34 -24.44
CA TYR C 266 14.20 38.91 -24.59
C TYR C 266 13.02 38.16 -24.00
N VAL C 267 12.60 37.10 -24.69
CA VAL C 267 11.49 36.26 -24.24
C VAL C 267 11.85 34.81 -24.50
N GLY C 268 11.50 33.95 -23.54
CA GLY C 268 11.63 32.52 -23.69
C GLY C 268 10.56 31.84 -22.86
N TYR C 269 10.21 30.61 -23.22
CA TYR C 269 9.13 29.91 -22.57
C TYR C 269 9.66 28.92 -21.56
N LEU C 270 8.94 28.74 -20.46
CA LEU C 270 9.34 27.82 -19.42
C LEU C 270 9.00 26.39 -19.82
N GLN C 271 9.32 25.45 -18.92
CA GLN C 271 9.25 24.03 -19.21
C GLN C 271 9.63 23.24 -17.96
N PRO C 272 8.94 22.14 -17.66
CA PRO C 272 9.35 21.33 -16.50
C PRO C 272 10.70 20.68 -16.74
N ARG C 273 11.61 20.88 -15.78
CA ARG C 273 12.94 20.29 -15.81
C ARG C 273 13.41 20.10 -14.38
N THR C 274 14.30 19.13 -14.18
CA THR C 274 14.87 18.85 -12.87
C THR C 274 16.21 19.55 -12.78
N PHE C 275 16.32 20.54 -11.90
CA PHE C 275 17.59 21.22 -11.65
C PHE C 275 18.17 20.78 -10.32
N LEU C 276 19.49 20.64 -10.28
CA LEU C 276 20.22 20.56 -9.03
C LEU C 276 20.66 21.96 -8.65
N LEU C 277 20.34 22.36 -7.43
CA LEU C 277 20.52 23.73 -6.98
C LEU C 277 21.63 23.77 -5.94
N LYS C 278 22.68 24.53 -6.22
CA LYS C 278 23.77 24.68 -5.27
C LYS C 278 23.63 26.01 -4.57
N TYR C 279 23.21 25.98 -3.31
CA TYR C 279 23.18 27.17 -2.49
C TYR C 279 24.59 27.52 -2.04
N ASN C 280 24.76 28.77 -1.63
CA ASN C 280 26.04 29.20 -1.08
C ASN C 280 25.96 29.21 0.45
N GLU C 281 27.07 29.53 1.12
CA GLU C 281 27.04 29.66 2.60
C GLU C 281 25.94 30.66 2.98
N ASN C 282 25.67 31.65 2.11
CA ASN C 282 24.65 32.68 2.40
C ASN C 282 23.32 32.34 1.69
N GLY C 283 23.26 31.17 1.03
CA GLY C 283 22.01 30.74 0.36
C GLY C 283 21.88 31.32 -1.04
N THR C 284 22.92 31.99 -1.54
CA THR C 284 22.89 32.56 -2.92
C THR C 284 23.22 31.47 -3.93
N ILE C 285 22.22 30.98 -4.68
CA ILE C 285 22.46 29.92 -5.65
C ILE C 285 23.34 30.45 -6.76
N THR C 286 24.47 29.76 -6.99
CA THR C 286 25.25 30.02 -8.20
C THR C 286 25.02 28.94 -9.24
N ASP C 287 25.62 27.77 -9.06
CA ASP C 287 25.56 26.72 -10.06
C ASP C 287 24.23 25.98 -9.98
N ALA C 288 23.54 25.97 -11.12
CA ALA C 288 22.39 25.10 -11.34
C ALA C 288 22.69 24.25 -12.57
N VAL C 289 22.19 23.01 -12.57
CA VAL C 289 22.43 22.09 -13.66
C VAL C 289 21.11 21.40 -14.02
N ASP C 290 20.76 21.44 -15.30
CA ASP C 290 19.63 20.66 -15.78
C ASP C 290 20.03 19.20 -15.94
N CYS C 291 19.11 18.31 -15.58
CA CYS C 291 19.38 16.88 -15.73
C CYS C 291 19.21 16.37 -17.15
N ALA C 292 18.15 16.81 -17.83
CA ALA C 292 17.85 16.33 -19.19
C ALA C 292 18.66 17.05 -20.26
N LEU C 293 19.51 18.02 -19.91
CA LEU C 293 20.16 18.84 -20.97
C LEU C 293 20.94 17.97 -21.97
N ASP C 294 21.80 17.09 -21.47
CA ASP C 294 22.56 16.20 -22.38
C ASP C 294 22.78 14.88 -21.63
N PRO C 295 23.23 13.77 -22.27
CA PRO C 295 23.52 12.56 -21.49
C PRO C 295 24.60 12.77 -20.44
N LEU C 296 25.38 13.84 -20.56
CA LEU C 296 26.38 14.13 -19.54
C LEU C 296 25.74 14.81 -18.33
N SER C 297 24.78 15.70 -18.57
CA SER C 297 24.14 16.45 -17.51
C SER C 297 23.26 15.57 -16.62
N GLU C 298 22.78 14.44 -17.11
CA GLU C 298 21.86 13.62 -16.35
C GLU C 298 22.55 12.77 -15.30
N THR C 299 23.86 12.54 -15.50
CA THR C 299 24.68 11.76 -14.53
C THR C 299 25.03 12.65 -13.34
N LYS C 300 25.30 13.93 -13.59
CA LYS C 300 25.66 14.86 -12.49
C LYS C 300 24.47 14.99 -11.55
N CYS C 301 23.28 14.55 -11.99
CA CYS C 301 22.09 14.74 -11.18
C CYS C 301 22.03 13.46 -10.38
N THR C 302 22.68 12.42 -10.87
CA THR C 302 22.73 11.16 -10.10
C THR C 302 23.73 11.29 -8.95
N LEU C 303 24.89 11.88 -9.18
CA LEU C 303 25.85 12.08 -8.07
C LEU C 303 25.48 13.31 -7.22
N LYS C 304 24.55 14.15 -7.64
CA LYS C 304 24.16 15.36 -6.90
C LYS C 304 25.32 16.34 -6.80
N SER C 305 26.50 16.01 -7.31
CA SER C 305 27.68 16.86 -7.17
C SER C 305 28.00 17.60 -8.46
N PHE C 306 28.55 18.80 -8.32
CA PHE C 306 29.11 19.49 -9.47
C PHE C 306 30.50 19.00 -9.83
N THR C 307 31.17 18.31 -8.92
CA THR C 307 32.42 17.64 -9.23
C THR C 307 32.09 16.20 -9.56
N VAL C 308 32.58 15.74 -10.69
CA VAL C 308 32.36 14.38 -11.17
C VAL C 308 33.70 13.69 -11.24
N GLU C 309 33.90 12.71 -10.38
CA GLU C 309 35.18 12.04 -10.28
C GLU C 309 35.45 11.19 -11.51
N LYS C 310 36.72 11.06 -11.85
CA LYS C 310 37.11 10.25 -12.99
C LYS C 310 36.58 8.84 -12.86
N GLY C 311 35.85 8.39 -13.86
CA GLY C 311 35.29 7.05 -13.84
C GLY C 311 34.05 6.97 -14.70
N ILE C 312 33.40 5.81 -14.60
CA ILE C 312 32.19 5.53 -15.36
C ILE C 312 31.01 5.50 -14.41
N TYR C 313 29.93 6.16 -14.80
CA TYR C 313 28.73 6.28 -13.99
C TYR C 313 27.54 5.85 -14.83
N GLN C 314 26.55 5.26 -14.19
CA GLN C 314 25.40 4.74 -14.93
C GLN C 314 24.26 5.73 -14.81
N THR C 315 24.01 6.44 -15.91
CA THR C 315 22.89 7.32 -16.12
C THR C 315 21.64 6.49 -16.43
N SER C 316 20.48 7.14 -16.34
CA SER C 316 19.21 6.48 -16.53
C SER C 316 19.18 5.70 -17.85
N ASN C 317 18.45 4.60 -17.84
CA ASN C 317 18.38 3.69 -18.96
C ASN C 317 17.66 4.34 -20.13
N PHE C 318 17.87 3.78 -21.32
CA PHE C 318 17.12 4.20 -22.48
C PHE C 318 16.36 3.02 -23.05
N ARG C 319 15.31 3.31 -23.79
CA ARG C 319 14.50 2.29 -24.42
C ARG C 319 14.28 2.69 -25.88
N VAL C 320 14.10 1.64 -26.66
CA VAL C 320 13.77 1.89 -28.07
C VAL C 320 12.27 1.98 -27.99
N GLN C 321 11.68 2.79 -28.83
CA GLN C 321 10.24 3.01 -28.69
C GLN C 321 9.54 2.47 -29.92
N PRO C 322 8.23 2.16 -29.89
CA PRO C 322 7.57 1.49 -31.02
C PRO C 322 7.18 2.47 -32.12
N THR C 323 7.35 2.02 -33.35
CA THR C 323 6.96 2.84 -34.50
C THR C 323 5.45 2.85 -34.69
N GLU C 324 4.83 1.68 -34.62
CA GLU C 324 3.44 1.54 -35.03
C GLU C 324 2.83 0.35 -34.32
N SER C 325 1.50 0.27 -34.39
CA SER C 325 0.75 -0.88 -33.93
C SER C 325 0.44 -1.80 -35.09
N ILE C 326 0.47 -3.10 -34.85
CA ILE C 326 0.16 -4.09 -35.87
C ILE C 326 -1.02 -4.90 -35.37
N VAL C 327 -2.21 -4.70 -35.92
CA VAL C 327 -3.33 -5.59 -35.52
C VAL C 327 -3.38 -6.71 -36.57
N ARG C 328 -3.43 -7.97 -36.15
CA ARG C 328 -3.56 -9.08 -37.14
C ARG C 328 -4.64 -10.08 -36.72
N PHE C 329 -5.62 -10.31 -37.60
CA PHE C 329 -6.68 -11.31 -37.33
C PHE C 329 -6.67 -12.24 -38.54
N PRO C 330 -6.94 -13.56 -38.36
CA PRO C 330 -6.82 -14.52 -39.47
C PRO C 330 -7.50 -14.08 -40.78
N ASN C 331 -7.11 -14.68 -41.90
CA ASN C 331 -7.79 -14.32 -43.17
C ASN C 331 -9.19 -14.95 -43.21
N ASN C 334 -15.67 -15.43 -40.58
CA ASN C 334 -16.82 -15.55 -41.46
C ASN C 334 -17.23 -14.20 -42.01
N LEU C 335 -18.51 -14.10 -42.36
CA LEU C 335 -19.20 -12.85 -42.64
C LEU C 335 -20.65 -13.02 -42.25
N CYS C 336 -21.25 -11.95 -41.73
CA CYS C 336 -22.65 -12.07 -41.33
C CYS C 336 -23.55 -11.76 -42.52
N PRO C 337 -24.65 -12.50 -42.72
CA PRO C 337 -25.44 -12.43 -43.95
C PRO C 337 -26.32 -11.20 -44.07
N PHE C 338 -25.71 -10.01 -44.01
CA PHE C 338 -26.48 -8.78 -44.15
C PHE C 338 -26.81 -8.53 -45.62
N GLY C 339 -26.03 -9.10 -46.53
CA GLY C 339 -26.45 -9.12 -47.92
C GLY C 339 -27.57 -10.10 -48.17
N GLU C 340 -27.78 -11.05 -47.26
CA GLU C 340 -28.87 -12.01 -47.37
C GLU C 340 -30.08 -11.60 -46.55
N VAL C 341 -29.93 -10.67 -45.61
CA VAL C 341 -31.04 -10.19 -44.81
C VAL C 341 -31.53 -8.87 -45.39
N PHE C 342 -30.61 -7.97 -45.65
CA PHE C 342 -31.00 -6.61 -45.99
C PHE C 342 -31.31 -6.48 -47.47
N ASN C 343 -30.67 -7.29 -48.30
CA ASN C 343 -31.04 -7.38 -49.70
C ASN C 343 -31.95 -8.58 -49.99
N ALA C 344 -32.67 -9.07 -48.98
CA ALA C 344 -33.53 -10.23 -49.17
C ALA C 344 -34.74 -9.88 -50.03
N THR C 345 -35.31 -10.91 -50.65
CA THR C 345 -36.28 -10.68 -51.71
C THR C 345 -37.72 -10.75 -51.20
N ARG C 346 -37.95 -11.30 -50.02
CA ARG C 346 -39.31 -11.63 -49.59
C ARG C 346 -39.40 -11.58 -48.08
N PHE C 347 -39.88 -10.47 -47.54
CA PHE C 347 -40.18 -10.36 -46.12
C PHE C 347 -41.63 -10.75 -45.89
N ALA C 348 -41.86 -11.49 -44.81
CA ALA C 348 -43.22 -11.83 -44.45
C ALA C 348 -43.89 -10.66 -43.75
N SER C 349 -45.16 -10.85 -43.43
CA SER C 349 -45.90 -9.83 -42.72
C SER C 349 -45.59 -9.86 -41.24
N VAL C 350 -46.39 -9.12 -40.48
CA VAL C 350 -46.07 -8.92 -39.07
C VAL C 350 -46.80 -9.96 -38.21
N TYR C 351 -47.78 -10.66 -38.80
CA TYR C 351 -48.45 -11.70 -38.02
C TYR C 351 -47.59 -12.94 -37.95
N ALA C 352 -46.68 -13.12 -38.91
CA ALA C 352 -45.76 -14.25 -38.97
C ALA C 352 -44.35 -13.82 -39.31
N TRP C 353 -43.82 -12.82 -38.62
CA TRP C 353 -42.54 -12.22 -38.96
C TRP C 353 -41.38 -13.19 -38.84
N ASN C 354 -40.43 -13.04 -39.77
CA ASN C 354 -39.29 -13.92 -39.84
C ASN C 354 -38.21 -13.48 -38.87
N ARG C 355 -37.59 -14.46 -38.22
CA ARG C 355 -36.57 -14.24 -37.20
C ARG C 355 -35.37 -15.09 -37.53
N LYS C 356 -34.18 -14.49 -37.48
CA LYS C 356 -32.95 -15.17 -37.88
C LYS C 356 -31.92 -14.94 -36.80
N ARG C 357 -31.65 -15.99 -36.02
CA ARG C 357 -30.60 -15.94 -35.01
C ARG C 357 -29.25 -15.91 -35.70
N ILE C 358 -28.46 -14.88 -35.44
CA ILE C 358 -27.18 -14.70 -36.11
C ILE C 358 -26.09 -14.59 -35.07
N SER C 359 -25.02 -15.36 -35.28
CA SER C 359 -23.82 -15.40 -34.45
C SER C 359 -22.71 -16.01 -35.29
N ASN C 360 -21.50 -15.99 -34.74
CA ASN C 360 -20.32 -16.66 -35.28
C ASN C 360 -19.94 -16.14 -36.67
N CYS C 361 -19.86 -14.82 -36.78
CA CYS C 361 -19.50 -14.14 -38.00
C CYS C 361 -19.02 -12.73 -37.64
N VAL C 362 -18.84 -11.87 -38.64
CA VAL C 362 -18.31 -10.54 -38.38
C VAL C 362 -19.23 -9.48 -38.98
N ALA C 363 -19.27 -8.34 -38.32
CA ALA C 363 -20.25 -7.29 -38.61
C ALA C 363 -19.70 -6.33 -39.65
N ASP C 364 -20.51 -6.00 -40.64
CA ASP C 364 -20.15 -5.07 -41.70
C ASP C 364 -20.78 -3.71 -41.49
N TYR C 365 -20.79 -3.22 -40.24
CA TYR C 365 -21.53 -2.04 -39.78
C TYR C 365 -21.24 -0.73 -40.52
N SER C 366 -20.17 -0.70 -41.31
CA SER C 366 -19.82 0.47 -42.12
C SER C 366 -20.90 0.81 -43.13
N VAL C 367 -21.24 -0.11 -44.03
CA VAL C 367 -22.12 0.21 -45.15
C VAL C 367 -23.57 0.35 -44.71
N LEU C 368 -23.87 -0.03 -43.47
CA LEU C 368 -25.14 0.30 -42.84
C LEU C 368 -25.36 1.80 -42.84
N TYR C 369 -24.33 2.54 -42.45
CA TYR C 369 -24.42 3.99 -42.42
C TYR C 369 -24.17 4.55 -43.80
N ASN C 370 -23.37 3.85 -44.60
CA ASN C 370 -23.07 4.32 -45.95
C ASN C 370 -24.20 4.00 -46.93
N SER C 371 -25.21 3.25 -46.49
CA SER C 371 -26.37 2.98 -47.33
C SER C 371 -27.12 4.27 -47.66
N ALA C 372 -27.65 4.92 -46.62
CA ALA C 372 -28.23 6.28 -46.68
C ALA C 372 -29.41 6.39 -47.65
N SER C 373 -30.05 5.27 -47.96
CA SER C 373 -31.32 5.25 -48.66
C SER C 373 -32.47 4.87 -47.74
N PHE C 374 -32.25 4.96 -46.43
CA PHE C 374 -33.14 4.40 -45.43
C PHE C 374 -33.88 5.54 -44.73
N SER C 375 -35.21 5.44 -44.69
CA SER C 375 -36.04 6.49 -44.11
C SER C 375 -35.81 6.70 -42.63
N THR C 376 -36.14 5.70 -41.82
CA THR C 376 -36.11 5.85 -40.37
C THR C 376 -35.13 4.83 -39.80
N PHE C 377 -34.01 5.32 -39.31
CA PHE C 377 -32.87 4.50 -38.93
C PHE C 377 -32.43 4.95 -37.55
N LYS C 378 -32.87 4.26 -36.50
CA LYS C 378 -32.51 4.70 -35.17
C LYS C 378 -31.92 3.55 -34.37
N CYS C 379 -31.24 3.90 -33.28
CA CYS C 379 -30.52 2.92 -32.50
C CYS C 379 -30.63 3.26 -31.02
N TYR C 380 -30.13 2.35 -30.20
CA TYR C 380 -30.22 2.45 -28.75
C TYR C 380 -28.97 1.79 -28.16
N GLY C 381 -29.02 1.54 -26.85
CA GLY C 381 -27.94 0.89 -26.15
C GLY C 381 -26.74 1.77 -25.90
N VAL C 382 -25.98 2.08 -26.95
CA VAL C 382 -24.98 3.15 -26.95
C VAL C 382 -24.91 3.57 -28.42
N SER C 383 -24.32 4.73 -28.70
CA SER C 383 -24.36 5.50 -29.93
C SER C 383 -24.12 4.68 -31.20
N PRO C 384 -24.70 5.05 -32.35
CA PRO C 384 -24.48 4.25 -33.57
C PRO C 384 -23.06 4.32 -34.10
N THR C 385 -22.35 5.42 -33.90
CA THR C 385 -20.95 5.45 -34.29
C THR C 385 -20.11 4.57 -33.38
N LYS C 386 -20.57 4.38 -32.15
CA LYS C 386 -19.79 3.59 -31.20
C LYS C 386 -19.98 2.10 -31.43
N LEU C 387 -21.04 1.70 -32.13
CA LEU C 387 -21.35 0.28 -32.17
C LEU C 387 -20.56 -0.48 -33.20
N ASN C 388 -19.66 0.18 -33.94
CA ASN C 388 -18.85 -0.46 -34.96
C ASN C 388 -17.97 -1.56 -34.36
N ASP C 389 -17.43 -1.31 -33.17
CA ASP C 389 -16.54 -2.28 -32.55
C ASP C 389 -17.18 -2.93 -31.33
N LEU C 390 -18.03 -2.20 -30.61
CA LEU C 390 -18.63 -2.70 -29.39
C LEU C 390 -19.63 -3.80 -29.75
N CYS C 391 -19.25 -5.05 -29.50
CA CYS C 391 -19.83 -6.18 -30.21
C CYS C 391 -20.51 -7.15 -29.26
N PHE C 392 -21.08 -8.20 -29.86
CA PHE C 392 -22.30 -8.85 -29.38
C PHE C 392 -22.12 -10.35 -29.24
N THR C 393 -22.81 -10.92 -28.26
CA THR C 393 -22.76 -12.36 -28.08
C THR C 393 -23.62 -13.08 -29.12
N ASN C 394 -24.86 -12.63 -29.27
CA ASN C 394 -25.85 -13.35 -30.08
C ASN C 394 -26.96 -12.40 -30.50
N VAL C 395 -27.06 -12.16 -31.80
CA VAL C 395 -28.01 -11.14 -32.25
C VAL C 395 -29.22 -11.83 -32.84
N TYR C 396 -30.34 -11.13 -32.78
CA TYR C 396 -31.59 -11.59 -33.36
C TYR C 396 -31.98 -10.60 -34.43
N ALA C 397 -31.97 -11.05 -35.67
CA ALA C 397 -32.36 -10.22 -36.79
C ALA C 397 -33.75 -10.62 -37.25
N ASP C 398 -34.76 -9.84 -36.92
CA ASP C 398 -36.12 -10.19 -37.32
C ASP C 398 -36.74 -9.05 -38.11
N SER C 399 -37.40 -9.40 -39.21
CA SER C 399 -37.86 -8.40 -40.15
C SER C 399 -39.30 -8.64 -40.54
N PHE C 400 -39.96 -7.58 -40.98
CA PHE C 400 -41.34 -7.62 -41.44
C PHE C 400 -41.62 -6.36 -42.24
N VAL C 401 -42.86 -6.25 -42.73
CA VAL C 401 -43.29 -5.14 -43.58
C VAL C 401 -44.54 -4.52 -42.98
N ILE C 402 -44.49 -3.21 -42.71
CA ILE C 402 -45.61 -2.49 -42.13
C ILE C 402 -45.85 -1.23 -42.95
N ARG C 403 -46.83 -0.44 -42.51
CA ARG C 403 -47.25 0.74 -43.25
C ARG C 403 -46.39 1.94 -42.91
N GLY C 404 -46.43 2.94 -43.80
CA GLY C 404 -45.61 4.12 -43.63
C GLY C 404 -46.10 5.05 -42.54
N ASP C 405 -47.32 4.83 -42.06
CA ASP C 405 -47.84 5.64 -40.97
C ASP C 405 -47.57 4.99 -39.62
N GLU C 406 -47.68 3.66 -39.57
CA GLU C 406 -47.65 2.96 -38.29
C GLU C 406 -46.24 2.73 -37.77
N VAL C 407 -45.20 3.17 -38.49
CA VAL C 407 -43.84 2.80 -38.14
C VAL C 407 -43.39 3.53 -36.89
N ARG C 408 -44.04 4.66 -36.57
CA ARG C 408 -43.73 5.35 -35.33
C ARG C 408 -44.27 4.58 -34.13
N GLN C 409 -45.24 3.68 -34.36
CA GLN C 409 -45.60 2.69 -33.34
C GLN C 409 -44.41 1.81 -33.01
N ILE C 410 -43.62 1.45 -34.01
CA ILE C 410 -42.40 0.70 -33.74
C ILE C 410 -41.42 1.64 -33.07
N ALA C 411 -41.28 1.47 -31.77
CA ALA C 411 -40.40 2.17 -30.86
C ALA C 411 -40.50 1.39 -29.56
N PRO C 412 -39.41 1.19 -28.85
CA PRO C 412 -39.47 0.37 -27.63
C PRO C 412 -40.26 1.05 -26.52
N GLY C 413 -41.44 0.51 -26.25
CA GLY C 413 -42.32 1.08 -25.25
C GLY C 413 -43.26 2.13 -25.80
N GLN C 414 -44.04 1.77 -26.81
CA GLN C 414 -45.13 2.60 -27.30
C GLN C 414 -46.38 1.75 -27.47
N THR C 415 -47.45 2.38 -27.96
CA THR C 415 -48.71 1.69 -28.20
C THR C 415 -49.06 1.84 -29.67
N GLY C 416 -50.26 1.40 -30.01
CA GLY C 416 -50.67 1.28 -31.39
C GLY C 416 -50.52 -0.15 -31.90
N LYS C 417 -51.25 -0.43 -32.99
CA LYS C 417 -51.70 -1.78 -33.32
C LYS C 417 -50.55 -2.76 -33.51
N ILE C 418 -49.51 -2.31 -34.23
CA ILE C 418 -48.37 -3.17 -34.52
C ILE C 418 -47.62 -3.51 -33.24
N ALA C 419 -47.50 -2.54 -32.35
CA ALA C 419 -46.90 -2.84 -31.06
C ALA C 419 -47.91 -3.33 -30.05
N ASP C 420 -49.18 -3.43 -30.41
CA ASP C 420 -50.14 -3.89 -29.42
C ASP C 420 -50.44 -5.37 -29.58
N TYR C 421 -50.62 -5.82 -30.82
CA TYR C 421 -51.06 -7.17 -31.06
C TYR C 421 -50.21 -7.92 -32.07
N ASN C 422 -49.25 -7.25 -32.70
CA ASN C 422 -48.54 -7.81 -33.84
C ASN C 422 -47.10 -8.15 -33.50
N TYR C 423 -46.34 -7.19 -33.00
CA TYR C 423 -44.93 -7.38 -32.73
C TYR C 423 -44.51 -6.44 -31.61
N LYS C 424 -43.89 -6.97 -30.57
CA LYS C 424 -43.71 -6.18 -29.35
C LYS C 424 -42.23 -6.05 -29.00
N LEU C 425 -41.73 -4.83 -29.11
CA LEU C 425 -40.45 -4.48 -28.53
C LEU C 425 -40.54 -4.53 -27.01
N PRO C 426 -39.47 -4.91 -26.32
CA PRO C 426 -39.56 -5.11 -24.87
C PRO C 426 -39.56 -3.81 -24.09
N ASP C 427 -39.52 -3.92 -22.76
CA ASP C 427 -39.44 -2.72 -21.93
C ASP C 427 -38.02 -2.18 -21.86
N ASP C 428 -37.03 -3.05 -21.94
CA ASP C 428 -35.62 -2.65 -21.95
C ASP C 428 -34.99 -3.26 -23.19
N PHE C 429 -34.57 -2.42 -24.12
CA PHE C 429 -34.21 -2.85 -25.46
C PHE C 429 -32.86 -2.26 -25.82
N THR C 430 -32.13 -2.94 -26.71
CA THR C 430 -30.79 -2.52 -27.08
C THR C 430 -30.68 -2.14 -28.55
N GLY C 431 -31.36 -2.88 -29.43
CA GLY C 431 -31.04 -2.91 -30.83
C GLY C 431 -31.45 -1.68 -31.62
N CYS C 432 -31.29 -1.78 -32.93
CA CYS C 432 -31.59 -0.72 -33.87
C CYS C 432 -32.82 -1.07 -34.67
N VAL C 433 -33.63 -0.05 -34.95
CA VAL C 433 -34.76 -0.17 -35.85
C VAL C 433 -34.33 0.39 -37.18
N ILE C 434 -34.31 -0.44 -38.19
CA ILE C 434 -33.96 -0.01 -39.52
C ILE C 434 -35.19 -0.05 -40.39
N ALA C 435 -35.50 1.06 -41.04
CA ALA C 435 -36.76 1.22 -41.72
C ALA C 435 -36.55 1.97 -43.03
N TRP C 436 -37.08 1.42 -44.11
CA TRP C 436 -37.06 2.13 -45.38
C TRP C 436 -38.30 1.74 -46.17
N ASN C 437 -38.50 2.47 -47.26
CA ASN C 437 -39.59 2.22 -48.18
C ASN C 437 -39.18 1.23 -49.24
N SER C 438 -40.10 0.34 -49.56
CA SER C 438 -39.97 -0.53 -50.71
C SER C 438 -41.17 -0.40 -51.63
N ASN C 439 -41.56 0.83 -51.97
CA ASN C 439 -42.78 1.07 -52.73
C ASN C 439 -42.68 0.54 -54.15
N ASN C 440 -41.47 0.54 -54.71
CA ASN C 440 -41.29 0.08 -56.08
C ASN C 440 -41.37 -1.45 -56.21
N LEU C 441 -41.41 -2.18 -55.11
CA LEU C 441 -41.47 -3.63 -55.14
C LEU C 441 -42.80 -4.16 -54.63
N ASP C 442 -43.18 -3.77 -53.41
CA ASP C 442 -44.31 -4.35 -52.71
C ASP C 442 -45.63 -3.94 -53.31
N SER C 443 -45.89 -2.64 -53.35
CA SER C 443 -47.16 -2.14 -53.84
C SER C 443 -47.25 -2.28 -55.35
N LYS C 444 -48.23 -3.05 -55.79
CA LYS C 444 -48.35 -3.42 -57.19
C LYS C 444 -49.67 -2.90 -57.74
N VAL C 445 -49.66 -2.55 -59.04
CA VAL C 445 -50.90 -2.20 -59.72
C VAL C 445 -51.76 -3.44 -59.87
N GLY C 446 -53.07 -3.25 -59.80
CA GLY C 446 -53.97 -4.35 -59.59
C GLY C 446 -54.14 -4.73 -58.14
N GLY C 447 -53.38 -4.13 -57.23
CA GLY C 447 -53.53 -4.28 -55.81
C GLY C 447 -52.56 -5.29 -55.22
N ASN C 448 -51.90 -4.88 -54.13
CA ASN C 448 -51.11 -5.78 -53.29
C ASN C 448 -51.97 -6.11 -52.07
N TYR C 449 -52.28 -7.39 -51.91
CA TYR C 449 -52.95 -7.89 -50.73
C TYR C 449 -52.31 -9.17 -50.22
N ASN C 450 -51.04 -9.38 -50.56
CA ASN C 450 -50.27 -10.45 -49.96
C ASN C 450 -50.09 -10.22 -48.47
N TYR C 451 -49.86 -8.97 -48.07
CA TYR C 451 -49.48 -8.68 -46.70
C TYR C 451 -50.68 -8.70 -45.78
N LEU C 452 -50.42 -8.97 -44.51
CA LEU C 452 -51.45 -9.14 -43.50
C LEU C 452 -50.95 -8.55 -42.19
N TYR C 453 -51.80 -8.62 -41.17
CA TYR C 453 -51.50 -8.24 -39.79
C TYR C 453 -52.65 -8.73 -38.93
N ARG C 454 -52.41 -8.77 -37.63
CA ARG C 454 -53.45 -9.10 -36.68
C ARG C 454 -54.02 -7.82 -36.11
N LEU C 455 -55.34 -7.71 -36.10
CA LEU C 455 -56.00 -6.50 -35.63
C LEU C 455 -56.56 -6.65 -34.22
N PHE C 456 -56.76 -7.87 -33.72
CA PHE C 456 -57.34 -8.04 -32.40
C PHE C 456 -56.78 -9.29 -31.73
N ARG C 457 -56.79 -9.25 -30.40
CA ARG C 457 -56.37 -10.34 -29.52
C ARG C 457 -56.88 -9.95 -28.14
N LYS C 458 -57.12 -10.94 -27.28
CA LYS C 458 -57.71 -10.70 -25.98
C LYS C 458 -56.71 -10.22 -24.93
N SER C 459 -55.49 -9.90 -25.31
CA SER C 459 -54.53 -9.24 -24.42
C SER C 459 -53.49 -8.54 -25.27
N ASN C 460 -52.74 -7.63 -24.64
CA ASN C 460 -51.56 -7.09 -25.27
C ASN C 460 -50.50 -8.17 -25.41
N LEU C 461 -49.57 -7.95 -26.34
CA LEU C 461 -48.69 -9.01 -26.78
C LEU C 461 -47.41 -9.03 -25.97
N LYS C 462 -47.00 -10.23 -25.58
CA LYS C 462 -45.75 -10.42 -24.86
C LYS C 462 -44.58 -10.09 -25.78
N PRO C 463 -43.45 -9.61 -25.23
CA PRO C 463 -42.39 -9.07 -26.09
C PRO C 463 -41.68 -10.14 -26.90
N PHE C 464 -41.45 -9.83 -28.18
CA PHE C 464 -40.82 -10.65 -29.21
C PHE C 464 -41.54 -11.95 -29.53
N GLU C 465 -42.79 -12.12 -29.13
CA GLU C 465 -43.48 -13.37 -29.42
C GLU C 465 -44.50 -13.12 -30.51
N ARG C 466 -44.37 -13.84 -31.62
CA ARG C 466 -45.32 -13.73 -32.72
C ARG C 466 -46.64 -14.38 -32.34
N ASP C 467 -47.63 -14.19 -33.21
CA ASP C 467 -48.96 -14.76 -33.01
C ASP C 467 -49.45 -15.25 -34.35
N ILE C 468 -49.27 -16.54 -34.62
CA ILE C 468 -49.73 -17.14 -35.86
C ILE C 468 -51.09 -17.79 -35.68
N SER C 469 -51.60 -17.83 -34.46
CA SER C 469 -52.88 -18.47 -34.17
C SER C 469 -54.01 -17.65 -34.76
N THR C 470 -54.54 -18.12 -35.90
CA THR C 470 -55.55 -17.41 -36.65
C THR C 470 -56.97 -17.82 -36.27
N GLU C 471 -57.19 -18.32 -35.07
CA GLU C 471 -58.52 -18.69 -34.62
C GLU C 471 -59.35 -17.44 -34.35
N ILE C 472 -60.64 -17.61 -34.23
CA ILE C 472 -61.58 -16.51 -34.04
C ILE C 472 -61.55 -16.08 -32.58
N TYR C 473 -61.39 -14.78 -32.35
CA TYR C 473 -61.55 -14.22 -31.02
C TYR C 473 -63.01 -13.85 -30.83
N GLN C 474 -63.51 -14.02 -29.61
CA GLN C 474 -64.91 -13.77 -29.29
C GLN C 474 -64.97 -12.55 -28.38
N ALA C 475 -65.23 -11.38 -28.98
CA ALA C 475 -65.25 -10.14 -28.22
C ALA C 475 -66.43 -10.10 -27.27
N GLY C 476 -67.63 -10.28 -27.79
CA GLY C 476 -68.78 -10.50 -26.94
C GLY C 476 -68.82 -11.93 -26.42
N SER C 477 -69.77 -12.16 -25.53
CA SER C 477 -69.84 -13.42 -24.82
C SER C 477 -70.41 -14.57 -25.65
N THR C 478 -71.01 -14.28 -26.79
CA THR C 478 -71.68 -15.32 -27.60
C THR C 478 -70.64 -16.21 -28.28
N PRO C 479 -70.59 -17.51 -27.97
CA PRO C 479 -69.50 -18.34 -28.47
C PRO C 479 -69.69 -18.68 -29.95
N CYS C 480 -68.71 -18.25 -30.76
CA CYS C 480 -68.69 -18.57 -32.18
C CYS C 480 -68.00 -19.90 -32.45
N ASN C 481 -66.98 -20.23 -31.66
CA ASN C 481 -66.33 -21.54 -31.60
C ASN C 481 -65.74 -21.94 -32.96
N GLY C 482 -64.75 -21.18 -33.39
CA GLY C 482 -63.96 -21.51 -34.56
C GLY C 482 -64.48 -20.94 -35.86
N VAL C 483 -65.77 -21.03 -36.11
CA VAL C 483 -66.38 -20.42 -37.28
C VAL C 483 -66.67 -18.97 -36.90
N GLU C 484 -66.81 -18.12 -37.91
CA GLU C 484 -67.12 -16.71 -37.68
C GLU C 484 -68.56 -16.56 -37.24
N GLY C 485 -68.93 -15.35 -36.82
CA GLY C 485 -70.30 -15.10 -36.44
C GLY C 485 -70.55 -13.72 -35.87
N PHE C 486 -71.47 -13.63 -34.91
CA PHE C 486 -71.80 -12.36 -34.28
C PHE C 486 -71.10 -12.24 -32.93
N ASN C 487 -70.69 -10.99 -32.64
CA ASN C 487 -69.87 -10.50 -31.53
C ASN C 487 -68.42 -10.89 -31.69
N CYS C 488 -68.12 -11.67 -32.71
CA CYS C 488 -66.78 -12.18 -32.96
C CYS C 488 -66.38 -11.77 -34.37
N TYR C 489 -65.10 -11.46 -34.55
CA TYR C 489 -64.59 -11.09 -35.85
C TYR C 489 -63.50 -12.06 -36.26
N PHE C 490 -63.07 -11.94 -37.51
CA PHE C 490 -61.89 -12.64 -37.96
C PHE C 490 -60.67 -11.97 -37.32
N PRO C 491 -59.61 -12.72 -37.02
CA PRO C 491 -58.43 -12.08 -36.40
C PRO C 491 -57.64 -11.20 -37.34
N LEU C 492 -57.36 -11.63 -38.56
CA LEU C 492 -56.37 -10.99 -39.40
C LEU C 492 -57.04 -10.06 -40.41
N GLN C 493 -56.23 -9.17 -40.98
CA GLN C 493 -56.68 -8.28 -42.03
C GLN C 493 -55.47 -8.00 -42.92
N SER C 494 -55.73 -7.68 -44.17
CA SER C 494 -54.66 -7.28 -45.06
C SER C 494 -54.33 -5.80 -44.88
N TYR C 495 -53.31 -5.35 -45.60
CA TYR C 495 -53.10 -3.96 -45.94
C TYR C 495 -53.59 -3.76 -47.36
N GLY C 496 -53.84 -2.51 -47.73
CA GLY C 496 -54.08 -2.18 -49.13
C GLY C 496 -52.91 -1.43 -49.72
N PHE C 497 -52.09 -2.10 -50.52
CA PHE C 497 -50.95 -1.44 -51.14
C PHE C 497 -51.12 -1.37 -52.65
N GLN C 498 -51.00 -0.18 -53.19
CA GLN C 498 -50.85 0.15 -54.60
C GLN C 498 -49.90 1.35 -54.66
N PRO C 499 -49.24 1.59 -55.80
CA PRO C 499 -48.51 2.85 -55.95
C PRO C 499 -49.38 4.09 -56.09
N THR C 500 -50.71 3.90 -56.14
CA THR C 500 -51.66 5.01 -56.04
C THR C 500 -51.77 5.55 -54.62
N ASN C 501 -51.17 4.88 -53.64
CA ASN C 501 -51.19 5.38 -52.27
C ASN C 501 -50.34 6.63 -52.15
N GLY C 502 -50.65 7.45 -51.15
CA GLY C 502 -49.79 8.55 -50.80
C GLY C 502 -48.52 8.10 -50.10
N VAL C 503 -47.69 9.09 -49.75
CA VAL C 503 -46.37 8.79 -49.19
C VAL C 503 -46.51 8.26 -47.76
N GLY C 504 -47.60 8.60 -47.09
CA GLY C 504 -47.81 8.10 -45.74
C GLY C 504 -48.28 6.65 -45.72
N TYR C 505 -48.74 6.14 -46.86
CA TYR C 505 -49.27 4.79 -46.96
C TYR C 505 -48.35 3.87 -47.71
N GLN C 506 -47.05 4.14 -47.71
CA GLN C 506 -46.10 3.35 -48.48
C GLN C 506 -45.53 2.23 -47.61
N PRO C 507 -45.24 1.07 -48.18
CA PRO C 507 -44.77 -0.06 -47.38
C PRO C 507 -43.32 0.10 -46.96
N TYR C 508 -43.09 -0.07 -45.67
CA TYR C 508 -41.75 -0.09 -45.11
C TYR C 508 -41.37 -1.53 -44.84
N ARG C 509 -40.13 -1.86 -45.22
CA ARG C 509 -39.56 -3.16 -44.89
C ARG C 509 -38.71 -2.99 -43.64
N VAL C 510 -39.36 -2.97 -42.49
CA VAL C 510 -38.70 -2.73 -41.22
C VAL C 510 -37.97 -3.99 -40.83
N VAL C 511 -36.65 -3.89 -40.74
CA VAL C 511 -35.85 -4.94 -40.12
C VAL C 511 -35.37 -4.42 -38.78
N VAL C 512 -35.47 -5.26 -37.76
CA VAL C 512 -35.12 -4.90 -36.40
C VAL C 512 -33.96 -5.78 -35.98
N LEU C 513 -32.91 -5.15 -35.47
CA LEU C 513 -31.77 -5.86 -34.95
C LEU C 513 -31.76 -5.75 -33.43
N SER C 514 -31.64 -6.88 -32.76
CA SER C 514 -31.71 -6.90 -31.32
C SER C 514 -30.49 -7.61 -30.78
N PHE C 515 -29.97 -7.12 -29.66
CA PHE C 515 -28.67 -7.58 -29.21
C PHE C 515 -28.74 -7.99 -27.76
N GLU C 516 -27.68 -8.62 -27.27
CA GLU C 516 -27.65 -9.12 -25.90
C GLU C 516 -26.20 -9.30 -25.46
N LEU C 517 -26.03 -9.81 -24.24
CA LEU C 517 -24.72 -10.08 -23.66
C LEU C 517 -24.87 -11.16 -22.59
N LEU C 518 -23.98 -12.15 -22.61
CA LEU C 518 -24.14 -13.34 -21.78
C LEU C 518 -22.78 -13.84 -21.31
N HIS C 519 -22.82 -14.95 -20.54
CA HIS C 519 -21.65 -15.79 -20.26
C HIS C 519 -21.01 -16.33 -21.52
N ALA C 520 -21.78 -16.46 -22.60
CA ALA C 520 -21.30 -16.76 -23.94
C ALA C 520 -20.39 -15.63 -24.42
N PRO C 521 -19.38 -15.95 -25.25
CA PRO C 521 -18.49 -14.91 -25.74
C PRO C 521 -19.14 -14.11 -26.85
N ALA C 522 -18.45 -13.05 -27.25
CA ALA C 522 -18.89 -12.19 -28.34
C ALA C 522 -18.65 -12.93 -29.65
N THR C 523 -19.58 -13.82 -29.99
CA THR C 523 -19.41 -14.67 -31.15
C THR C 523 -19.54 -13.91 -32.47
N VAL C 524 -20.35 -12.87 -32.51
CA VAL C 524 -20.45 -11.99 -33.67
C VAL C 524 -19.77 -10.67 -33.33
N CYS C 525 -18.74 -10.31 -34.09
CA CYS C 525 -17.97 -9.15 -33.70
C CYS C 525 -17.33 -8.48 -34.90
N GLY C 526 -17.36 -7.15 -34.89
CA GLY C 526 -16.80 -6.38 -35.96
C GLY C 526 -15.28 -6.38 -35.94
N PRO C 527 -14.68 -5.62 -36.87
CA PRO C 527 -13.22 -5.56 -37.01
C PRO C 527 -12.52 -4.85 -35.86
N SER C 530 -7.26 -5.40 -39.60
CA SER C 530 -6.00 -6.12 -39.86
C SER C 530 -4.98 -5.09 -40.39
N THR C 531 -3.80 -4.98 -39.78
CA THR C 531 -2.85 -3.91 -40.20
C THR C 531 -1.56 -4.52 -40.74
N ASN C 532 -0.97 -3.89 -41.75
CA ASN C 532 0.23 -4.49 -42.41
C ASN C 532 1.29 -4.82 -41.38
N LEU C 533 1.86 -6.00 -41.49
CA LEU C 533 2.87 -6.51 -40.51
C LEU C 533 4.18 -5.75 -40.69
N VAL C 534 4.93 -5.56 -39.59
CA VAL C 534 6.23 -4.84 -39.63
C VAL C 534 7.36 -5.85 -39.36
N LYS C 535 8.38 -5.86 -40.22
CA LYS C 535 9.52 -6.81 -40.08
C LYS C 535 10.82 -6.05 -39.84
N ASN C 536 11.61 -6.51 -38.86
CA ASN C 536 12.93 -5.91 -38.51
C ASN C 536 12.76 -4.44 -38.11
N LYS C 537 11.79 -4.13 -37.26
CA LYS C 537 11.55 -2.78 -36.80
C LYS C 537 10.69 -2.83 -35.56
N CYS C 538 11.08 -2.09 -34.53
CA CYS C 538 10.32 -2.09 -33.29
C CYS C 538 8.89 -1.69 -33.55
N VAL C 539 7.95 -2.53 -33.13
CA VAL C 539 6.54 -2.30 -33.38
C VAL C 539 5.74 -2.77 -32.18
N ASN C 540 4.77 -1.96 -31.77
CA ASN C 540 3.68 -2.52 -30.98
C ASN C 540 2.89 -3.47 -31.87
N PHE C 541 2.23 -4.44 -31.25
CA PHE C 541 1.54 -5.42 -32.08
C PHE C 541 0.37 -6.03 -31.33
N ASN C 542 -0.53 -6.61 -32.12
CA ASN C 542 -1.54 -7.55 -31.65
C ASN C 542 -1.67 -8.65 -32.68
N PHE C 543 -1.57 -9.89 -32.23
CA PHE C 543 -1.88 -11.08 -33.03
C PHE C 543 -2.99 -11.84 -32.33
N ASN C 544 -4.14 -11.95 -32.99
CA ASN C 544 -5.24 -12.78 -32.50
C ASN C 544 -5.66 -12.39 -31.09
N GLY C 545 -5.44 -11.13 -30.73
CA GLY C 545 -5.67 -10.66 -29.39
C GLY C 545 -4.44 -10.70 -28.50
N LEU C 546 -3.48 -11.57 -28.81
CA LEU C 546 -2.21 -11.53 -28.09
C LEU C 546 -1.53 -10.21 -28.36
N THR C 547 -1.14 -9.51 -27.29
CA THR C 547 -0.52 -8.20 -27.44
C THR C 547 0.82 -8.15 -26.74
N GLY C 548 1.71 -7.35 -27.31
CA GLY C 548 3.01 -7.08 -26.71
C GLY C 548 3.76 -6.10 -27.57
N THR C 549 5.04 -5.95 -27.30
CA THR C 549 5.88 -5.08 -28.12
C THR C 549 7.23 -5.73 -28.34
N GLY C 550 7.63 -5.86 -29.60
CA GLY C 550 8.85 -6.54 -29.89
C GLY C 550 9.36 -6.24 -31.28
N VAL C 551 10.38 -6.99 -31.68
CA VAL C 551 10.96 -6.90 -33.00
C VAL C 551 10.63 -8.20 -33.72
N LEU C 552 9.74 -8.12 -34.71
CA LEU C 552 9.27 -9.31 -35.39
C LEU C 552 10.22 -9.66 -36.52
N THR C 553 10.63 -10.93 -36.57
CA THR C 553 11.58 -11.39 -37.56
C THR C 553 11.09 -12.71 -38.16
N GLU C 554 11.74 -13.13 -39.24
CA GLU C 554 11.57 -14.48 -39.74
C GLU C 554 12.33 -15.45 -38.85
N SER C 555 11.72 -16.59 -38.57
CA SER C 555 12.30 -17.57 -37.67
C SER C 555 12.00 -18.97 -38.15
N ASN C 556 12.97 -19.87 -37.94
CA ASN C 556 12.92 -21.22 -38.47
C ASN C 556 12.40 -22.26 -37.48
N LYS C 557 12.06 -21.87 -36.25
CA LYS C 557 11.46 -22.82 -35.35
C LYS C 557 10.11 -23.28 -35.91
N LYS C 558 9.80 -24.55 -35.71
CA LYS C 558 8.79 -25.24 -36.51
C LYS C 558 7.64 -25.69 -35.62
N PHE C 559 6.48 -25.07 -35.79
CA PHE C 559 5.31 -25.40 -34.98
C PHE C 559 4.68 -26.72 -35.40
N LEU C 560 3.87 -27.25 -34.50
CA LEU C 560 2.82 -28.18 -34.88
C LEU C 560 1.60 -27.40 -35.32
N PRO C 561 0.86 -27.91 -36.30
CA PRO C 561 -0.16 -27.08 -36.99
C PRO C 561 -1.18 -26.41 -36.09
N PHE C 562 -1.77 -27.14 -35.15
CA PHE C 562 -2.84 -26.57 -34.34
C PHE C 562 -2.35 -25.45 -33.45
N GLN C 563 -1.05 -25.36 -33.23
CA GLN C 563 -0.48 -24.49 -32.23
C GLN C 563 -0.68 -23.02 -32.57
N GLN C 564 -0.51 -22.18 -31.56
CA GLN C 564 -0.56 -20.74 -31.76
C GLN C 564 0.76 -20.10 -31.35
N PHE C 565 0.97 -19.95 -30.07
CA PHE C 565 2.17 -19.30 -29.55
C PHE C 565 3.36 -20.24 -29.62
N GLY C 566 4.53 -19.64 -29.53
CA GLY C 566 5.67 -20.27 -28.89
C GLY C 566 5.89 -19.60 -27.54
N ARG C 567 6.73 -20.24 -26.72
CA ARG C 567 7.13 -19.65 -25.45
C ARG C 567 8.53 -20.07 -25.10
N ASP C 568 9.13 -19.31 -24.19
CA ASP C 568 10.48 -19.52 -23.71
C ASP C 568 10.42 -20.09 -22.30
N ILE C 569 11.60 -20.31 -21.72
CA ILE C 569 11.68 -20.87 -20.38
C ILE C 569 10.95 -20.00 -19.37
N ALA C 570 10.92 -18.69 -19.60
CA ALA C 570 10.47 -17.72 -18.60
C ALA C 570 8.99 -17.42 -18.66
N ASP C 571 8.22 -18.14 -19.48
CA ASP C 571 6.80 -17.90 -19.70
C ASP C 571 6.55 -16.54 -20.36
N THR C 572 7.57 -16.01 -21.03
CA THR C 572 7.39 -14.91 -21.96
C THR C 572 6.77 -15.43 -23.24
N THR C 573 6.26 -14.52 -24.07
CA THR C 573 5.81 -14.93 -25.39
C THR C 573 6.96 -14.72 -26.35
N ASP C 574 7.63 -15.82 -26.73
CA ASP C 574 8.86 -15.73 -27.51
C ASP C 574 8.62 -15.67 -29.01
N ALA C 575 7.72 -16.50 -29.53
CA ALA C 575 7.56 -16.65 -30.97
C ALA C 575 6.08 -16.85 -31.25
N VAL C 576 5.59 -16.17 -32.27
CA VAL C 576 4.19 -16.26 -32.64
C VAL C 576 4.10 -16.54 -34.13
N ARG C 577 2.95 -17.06 -34.53
CA ARG C 577 2.71 -17.39 -35.93
C ARG C 577 1.73 -16.40 -36.50
N ASP C 578 2.07 -15.82 -37.64
CA ASP C 578 1.20 -14.85 -38.27
C ASP C 578 -0.08 -15.57 -38.67
N PRO C 579 -1.28 -15.20 -38.14
CA PRO C 579 -2.52 -15.85 -38.60
C PRO C 579 -2.78 -15.83 -40.12
N GLN C 580 -2.77 -14.66 -40.76
CA GLN C 580 -3.15 -14.59 -42.20
C GLN C 580 -2.19 -15.39 -43.09
N THR C 581 -0.88 -15.20 -42.94
CA THR C 581 0.11 -15.99 -43.73
C THR C 581 0.91 -16.79 -42.72
N LEU C 582 0.72 -18.11 -42.68
CA LEU C 582 1.38 -18.83 -41.60
C LEU C 582 2.88 -18.67 -41.73
N GLU C 583 3.50 -18.08 -40.73
CA GLU C 583 4.94 -17.98 -40.68
C GLU C 583 5.34 -17.84 -39.23
N ILE C 584 6.56 -18.29 -38.92
CA ILE C 584 7.02 -18.33 -37.55
C ILE C 584 7.77 -17.03 -37.28
N LEU C 585 7.20 -16.18 -36.45
CA LEU C 585 7.73 -14.86 -36.21
C LEU C 585 8.26 -14.80 -34.79
N ASP C 586 9.56 -14.55 -34.65
CA ASP C 586 10.10 -14.29 -33.33
C ASP C 586 9.54 -13.00 -32.76
N ILE C 587 9.62 -12.88 -31.45
CA ILE C 587 9.37 -11.63 -30.76
C ILE C 587 10.58 -11.38 -29.89
N THR C 588 11.34 -10.36 -30.24
CA THR C 588 12.39 -9.84 -29.38
C THR C 588 11.99 -8.42 -29.03
N PRO C 589 11.66 -8.11 -27.78
CA PRO C 589 11.33 -6.73 -27.44
C PRO C 589 12.52 -5.83 -27.70
N CYS C 590 12.21 -4.60 -28.09
CA CYS C 590 13.24 -3.68 -28.56
C CYS C 590 14.35 -3.57 -27.54
N SER C 591 15.58 -3.48 -28.04
CA SER C 591 16.73 -3.50 -27.18
C SER C 591 16.72 -2.32 -26.22
N PHE C 592 17.36 -2.50 -25.08
CA PHE C 592 17.52 -1.43 -24.13
C PHE C 592 18.74 -1.75 -23.28
N GLY C 593 19.28 -0.72 -22.63
CA GLY C 593 20.46 -0.91 -21.83
C GLY C 593 20.76 0.33 -21.02
N GLY C 594 21.62 0.15 -20.04
CA GLY C 594 22.03 1.28 -19.22
C GLY C 594 22.91 2.22 -20.01
N VAL C 595 22.56 3.50 -20.01
CA VAL C 595 23.51 4.51 -20.45
C VAL C 595 24.62 4.61 -19.42
N SER C 596 25.85 4.68 -19.90
CA SER C 596 26.99 4.87 -19.02
C SER C 596 27.77 6.07 -19.52
N VAL C 597 27.91 7.08 -18.69
CA VAL C 597 28.65 8.28 -19.06
C VAL C 597 30.09 8.06 -18.62
N ILE C 598 30.96 7.87 -19.59
CA ILE C 598 32.38 7.73 -19.32
C ILE C 598 33.00 9.12 -19.35
N THR C 599 33.62 9.50 -18.25
CA THR C 599 34.24 10.79 -18.19
C THR C 599 35.54 10.73 -17.41
N PRO C 600 36.54 11.49 -17.80
CA PRO C 600 37.61 11.82 -16.85
C PRO C 600 37.01 12.72 -15.80
N GLY C 601 37.76 13.09 -14.78
CA GLY C 601 37.21 14.02 -13.80
C GLY C 601 36.70 15.28 -14.49
N THR C 602 35.59 15.83 -13.99
CA THR C 602 35.04 17.08 -14.57
C THR C 602 36.10 18.18 -14.44
N ASN C 603 37.07 17.97 -13.53
CA ASN C 603 38.19 18.92 -13.29
C ASN C 603 39.09 19.01 -14.53
N THR C 604 39.35 17.86 -15.17
CA THR C 604 40.27 17.82 -16.35
C THR C 604 39.53 18.18 -17.66
N SER C 605 38.23 17.87 -17.75
CA SER C 605 37.49 18.18 -18.97
C SER C 605 36.00 18.18 -18.70
N ASN C 606 35.28 18.81 -19.62
CA ASN C 606 33.82 18.73 -19.70
C ASN C 606 33.36 17.72 -20.72
N GLN C 607 34.28 17.01 -21.35
CA GLN C 607 33.96 16.13 -22.45
C GLN C 607 33.63 14.73 -21.93
N VAL C 608 32.55 14.17 -22.43
CA VAL C 608 32.13 12.83 -22.02
C VAL C 608 32.03 11.93 -23.24
N ALA C 609 32.21 10.65 -23.02
CA ALA C 609 32.02 9.63 -24.04
C ALA C 609 30.96 8.68 -23.53
N VAL C 610 29.81 8.66 -24.16
CA VAL C 610 28.70 7.87 -23.67
C VAL C 610 28.82 6.45 -24.20
N LEU C 611 28.53 5.49 -23.33
CA LEU C 611 28.47 4.09 -23.69
C LEU C 611 27.03 3.62 -23.55
N TYR C 612 26.37 3.33 -24.67
CA TYR C 612 25.12 2.61 -24.62
C TYR C 612 25.43 1.13 -24.48
N GLN C 613 24.98 0.52 -23.39
CA GLN C 613 25.35 -0.85 -23.12
C GLN C 613 24.45 -1.81 -23.87
N ASP C 614 25.07 -2.80 -24.51
CA ASP C 614 24.38 -3.96 -25.05
C ASP C 614 23.32 -3.56 -26.07
N VAL C 615 23.71 -2.75 -27.05
CA VAL C 615 22.72 -2.30 -28.08
C VAL C 615 23.40 -2.17 -29.45
N ASN C 616 22.63 -2.39 -30.52
CA ASN C 616 23.15 -2.24 -31.91
C ASN C 616 23.44 -0.75 -32.12
N CYS C 617 24.57 -0.41 -32.75
CA CYS C 617 24.90 1.03 -32.94
C CYS C 617 23.97 1.67 -33.97
N THR C 618 22.71 1.21 -34.05
CA THR C 618 21.78 1.85 -34.97
C THR C 618 20.94 2.80 -34.15
N GLU C 619 20.21 2.24 -33.17
CA GLU C 619 19.13 2.90 -32.45
C GLU C 619 19.52 4.21 -31.79
N VAL C 620 20.81 4.52 -31.76
CA VAL C 620 21.26 5.85 -31.42
C VAL C 620 20.45 6.93 -32.14
N ASN C 641 31.20 10.78 -33.23
CA ASN C 641 31.95 9.59 -33.60
C ASN C 641 31.39 8.36 -32.91
N VAL C 642 31.29 7.25 -33.65
CA VAL C 642 30.67 6.04 -33.17
C VAL C 642 31.66 4.89 -33.28
N PHE C 643 31.75 4.09 -32.23
CA PHE C 643 32.60 2.91 -32.22
C PHE C 643 31.84 1.75 -31.58
N GLN C 644 31.60 0.70 -32.36
CA GLN C 644 30.97 -0.50 -31.83
C GLN C 644 31.96 -1.27 -30.99
N THR C 645 31.46 -1.93 -29.95
CA THR C 645 32.31 -2.62 -29.00
C THR C 645 31.77 -4.02 -28.75
N ARG C 646 32.45 -4.74 -27.86
CA ARG C 646 31.88 -5.95 -27.32
C ARG C 646 30.90 -5.66 -26.20
N ALA C 647 31.11 -4.57 -25.46
CA ALA C 647 30.24 -4.24 -24.34
C ALA C 647 28.96 -3.58 -24.81
N GLY C 648 29.05 -2.67 -25.76
CA GLY C 648 27.88 -1.95 -26.20
C GLY C 648 28.27 -0.93 -27.25
N CYS C 649 27.38 0.04 -27.45
CA CYS C 649 27.60 1.06 -28.46
C CYS C 649 28.23 2.27 -27.77
N LEU C 650 29.49 2.55 -28.10
CA LEU C 650 30.27 3.58 -27.44
C LEU C 650 30.35 4.79 -28.34
N ILE C 651 29.82 5.91 -27.88
CA ILE C 651 29.75 7.14 -28.66
C ILE C 651 30.68 8.17 -28.06
N GLY C 652 31.50 8.78 -28.89
CA GLY C 652 32.25 9.95 -28.47
C GLY C 652 33.69 9.70 -28.10
N ALA C 653 34.21 8.52 -28.35
CA ALA C 653 35.61 8.26 -28.09
C ALA C 653 36.21 7.53 -29.29
N GLU C 654 37.20 8.14 -29.91
CA GLU C 654 37.84 7.51 -31.05
C GLU C 654 38.59 6.26 -30.61
N HIS C 655 38.47 5.21 -31.41
CA HIS C 655 39.15 3.96 -31.12
C HIS C 655 40.65 4.17 -31.21
N VAL C 656 41.42 3.64 -30.23
CA VAL C 656 42.91 3.75 -30.21
C VAL C 656 43.51 2.33 -30.32
N ASN C 657 44.27 2.06 -31.40
CA ASN C 657 44.87 0.72 -31.66
C ASN C 657 45.91 0.30 -30.61
N ASN C 658 46.82 1.20 -30.22
CA ASN C 658 47.89 0.85 -29.23
C ASN C 658 47.22 0.56 -27.88
N SER C 659 47.67 -0.46 -27.14
CA SER C 659 46.96 -0.69 -25.90
C SER C 659 47.82 -0.33 -24.71
N TYR C 660 47.21 0.30 -23.73
CA TYR C 660 47.92 0.81 -22.56
C TYR C 660 47.33 0.17 -21.32
N GLU C 661 47.90 0.48 -20.17
CA GLU C 661 47.35 -0.09 -18.95
C GLU C 661 45.97 0.49 -18.71
N CYS C 662 45.13 -0.29 -18.03
CA CYS C 662 43.75 0.11 -17.87
C CYS C 662 43.64 1.38 -17.06
N ASP C 663 42.61 2.16 -17.35
CA ASP C 663 42.45 3.46 -16.72
C ASP C 663 41.04 3.59 -16.15
N ILE C 664 40.05 3.65 -17.02
CA ILE C 664 38.65 3.60 -16.63
C ILE C 664 38.09 2.31 -17.21
N PRO C 665 37.83 1.29 -16.40
CA PRO C 665 37.26 0.06 -16.94
C PRO C 665 35.89 0.30 -17.53
N ILE C 666 35.55 -0.48 -18.54
CA ILE C 666 34.25 -0.35 -19.20
C ILE C 666 33.60 -1.72 -19.26
N GLY C 667 34.20 -2.62 -20.02
CA GLY C 667 33.75 -3.99 -20.08
C GLY C 667 34.51 -4.75 -21.15
N ALA C 668 34.52 -6.07 -21.06
CA ALA C 668 35.18 -6.91 -22.06
C ALA C 668 36.59 -6.44 -22.34
N GLY C 669 37.27 -5.93 -21.31
CA GLY C 669 38.63 -5.46 -21.48
C GLY C 669 38.77 -4.27 -22.40
N ILE C 670 37.89 -3.28 -22.25
CA ILE C 670 37.98 -2.02 -22.97
C ILE C 670 38.13 -0.93 -21.92
N CYS C 671 39.27 -0.26 -21.91
CA CYS C 671 39.56 0.75 -20.89
C CYS C 671 39.80 2.08 -21.57
N ALA C 672 39.09 3.11 -21.12
CA ALA C 672 39.14 4.43 -21.70
C ALA C 672 39.98 5.36 -20.83
N SER C 673 40.81 6.16 -21.48
CA SER C 673 41.58 7.19 -20.79
C SER C 673 41.49 8.47 -21.59
N TYR C 674 41.89 9.57 -20.95
CA TYR C 674 41.54 10.88 -21.50
C TYR C 674 42.49 11.35 -22.59
N GLN C 675 43.79 11.11 -22.44
CA GLN C 675 44.78 11.81 -23.23
C GLN C 675 44.66 11.47 -24.71
N THR C 676 45.25 12.34 -25.54
CA THR C 676 45.43 12.07 -26.97
C THR C 676 45.83 10.63 -27.24
N SER C 689 43.20 19.51 -28.68
CA SER C 689 44.19 18.44 -28.67
C SER C 689 43.57 17.13 -28.20
N GLN C 690 43.56 16.95 -26.88
CA GLN C 690 43.17 15.67 -26.31
C GLN C 690 41.70 15.36 -26.52
N SER C 691 41.40 14.06 -26.57
CA SER C 691 40.04 13.56 -26.69
C SER C 691 39.96 12.21 -26.00
N ILE C 692 38.80 11.91 -25.44
CA ILE C 692 38.60 10.62 -24.80
C ILE C 692 38.82 9.52 -25.81
N ILE C 693 39.64 8.54 -25.45
CA ILE C 693 39.86 7.41 -26.34
C ILE C 693 39.31 6.15 -25.70
N ALA C 694 39.37 5.04 -26.43
CA ALA C 694 38.99 3.75 -25.89
C ALA C 694 39.82 2.71 -26.61
N TYR C 695 40.24 1.68 -25.88
CA TYR C 695 41.15 0.73 -26.46
C TYR C 695 41.05 -0.58 -25.70
N THR C 696 41.49 -1.65 -26.34
CA THR C 696 41.54 -2.94 -25.67
C THR C 696 42.49 -2.86 -24.49
N MET C 697 41.99 -3.24 -23.33
CA MET C 697 42.82 -3.16 -22.12
C MET C 697 44.06 -4.01 -22.28
N SER C 698 45.22 -3.39 -22.10
CA SER C 698 46.46 -4.13 -22.06
C SER C 698 46.70 -4.63 -20.65
N LEU C 699 47.21 -5.85 -20.53
CA LEU C 699 47.43 -6.46 -19.24
C LEU C 699 48.90 -6.30 -18.91
N GLY C 700 49.20 -5.46 -17.94
CA GLY C 700 50.56 -5.29 -17.53
C GLY C 700 51.47 -4.89 -18.68
N ALA C 701 52.76 -5.10 -18.47
CA ALA C 701 53.76 -4.89 -19.50
C ALA C 701 54.45 -6.22 -19.75
N GLU C 702 54.53 -6.61 -21.02
CA GLU C 702 55.06 -7.93 -21.35
C GLU C 702 56.51 -8.07 -20.91
N ASN C 703 56.84 -9.27 -20.45
CA ASN C 703 58.22 -9.68 -20.21
C ASN C 703 58.36 -11.14 -20.60
N SER C 704 59.53 -11.51 -21.09
CA SER C 704 59.86 -12.90 -21.33
C SER C 704 61.17 -13.16 -20.60
N VAL C 705 61.11 -13.97 -19.55
CA VAL C 705 62.28 -14.18 -18.72
C VAL C 705 63.29 -15.01 -19.50
N ALA C 706 64.49 -14.50 -19.64
CA ALA C 706 65.52 -15.28 -20.32
C ALA C 706 65.86 -16.45 -19.42
N TYR C 707 65.67 -17.65 -19.92
CA TYR C 707 65.67 -18.83 -19.09
C TYR C 707 66.51 -19.91 -19.73
N SER C 708 67.39 -20.52 -18.93
CA SER C 708 68.24 -21.66 -19.37
C SER C 708 68.31 -22.69 -18.23
N ASN C 709 68.77 -23.90 -18.53
CA ASN C 709 68.84 -24.96 -17.49
C ASN C 709 69.81 -24.55 -16.37
N ASN C 710 70.93 -23.92 -16.73
CA ASN C 710 71.95 -23.52 -15.72
C ASN C 710 71.93 -22.01 -15.48
N SER C 711 70.91 -21.29 -15.96
CA SER C 711 70.88 -19.85 -15.75
C SER C 711 70.19 -19.48 -14.44
N ILE C 712 70.92 -18.83 -13.54
CA ILE C 712 70.33 -18.34 -12.30
C ILE C 712 70.62 -16.84 -12.18
N ALA C 713 69.70 -16.13 -11.54
CA ALA C 713 69.82 -14.69 -11.36
C ALA C 713 69.66 -14.37 -9.87
N ILE C 714 70.74 -13.94 -9.24
CA ILE C 714 70.77 -13.65 -7.82
C ILE C 714 70.80 -12.14 -7.64
N PRO C 715 69.91 -11.56 -6.85
CA PRO C 715 69.99 -10.12 -6.59
C PRO C 715 71.19 -9.80 -5.74
N THR C 716 71.92 -8.74 -6.13
CA THR C 716 73.14 -8.31 -5.41
C THR C 716 72.82 -7.06 -4.56
N ASN C 717 71.72 -6.39 -4.87
CA ASN C 717 71.30 -5.16 -4.12
C ASN C 717 69.80 -5.27 -3.82
N PHE C 718 69.33 -4.59 -2.78
CA PHE C 718 67.89 -4.65 -2.40
C PHE C 718 67.42 -3.27 -1.93
N THR C 719 66.11 -3.15 -1.69
CA THR C 719 65.47 -1.93 -1.23
C THR C 719 64.51 -2.28 -0.11
N ILE C 720 64.26 -1.30 0.75
CA ILE C 720 63.34 -1.46 1.86
C ILE C 720 62.17 -0.53 1.61
N SER C 721 61.02 -1.09 1.27
CA SER C 721 59.86 -0.30 0.97
C SER C 721 58.88 -0.34 2.13
N VAL C 722 58.21 0.77 2.36
CA VAL C 722 57.16 0.87 3.37
C VAL C 722 55.85 1.08 2.63
N THR C 723 54.94 0.13 2.77
CA THR C 723 53.70 0.15 2.01
C THR C 723 52.53 0.25 2.96
N THR C 724 51.82 1.37 2.90
CA THR C 724 50.60 1.55 3.67
C THR C 724 49.57 0.50 3.26
N GLU C 725 48.90 -0.08 4.25
CA GLU C 725 47.79 -0.98 4.03
C GLU C 725 46.66 -0.57 4.95
N ILE C 726 45.48 -0.39 4.37
CA ILE C 726 44.38 0.29 5.04
C ILE C 726 43.21 -0.67 5.16
N LEU C 727 42.63 -0.75 6.35
CA LEU C 727 41.56 -1.68 6.61
C LEU C 727 40.48 -1.01 7.43
N PRO C 728 39.21 -1.28 7.16
CA PRO C 728 38.17 -0.92 8.11
C PRO C 728 38.23 -1.86 9.30
N VAL C 729 37.79 -1.35 10.44
CA VAL C 729 37.78 -2.16 11.65
C VAL C 729 36.39 -2.14 12.25
N SER C 730 35.92 -0.95 12.60
CA SER C 730 34.58 -0.79 13.11
C SER C 730 33.81 0.14 12.19
N MET C 731 32.49 0.08 12.30
CA MET C 731 31.60 0.99 11.61
C MET C 731 30.82 1.76 12.65
N THR C 732 30.28 2.91 12.23
CA THR C 732 29.58 3.77 13.17
C THR C 732 28.45 3.02 13.85
N LYS C 733 28.47 3.01 15.17
CA LYS C 733 27.45 2.32 15.94
C LYS C 733 26.18 3.15 15.95
N THR C 734 25.11 2.60 15.41
CA THR C 734 23.84 3.29 15.39
C THR C 734 22.79 2.43 16.06
N SER C 735 21.82 3.09 16.68
CA SER C 735 20.69 2.43 17.29
C SER C 735 19.46 3.25 16.98
N VAL C 736 18.44 2.62 16.43
CA VAL C 736 17.25 3.30 15.96
C VAL C 736 16.10 3.00 16.89
N ASP C 737 15.27 4.00 17.16
CA ASP C 737 14.08 3.83 17.98
C ASP C 737 12.94 3.46 17.05
N CYS C 738 12.49 2.22 17.12
CA CYS C 738 11.54 1.72 16.15
C CYS C 738 10.18 2.37 16.32
N THR C 739 9.68 2.44 17.55
CA THR C 739 8.36 3.02 17.77
C THR C 739 8.33 4.48 17.36
N MET C 740 9.37 5.23 17.68
CA MET C 740 9.36 6.64 17.31
C MET C 740 9.57 6.81 15.81
N TYR C 741 10.61 6.19 15.26
CA TYR C 741 10.89 6.36 13.84
C TYR C 741 9.67 6.07 13.00
N ILE C 742 8.94 5.01 13.34
CA ILE C 742 7.74 4.69 12.60
C ILE C 742 6.64 5.68 12.94
N CYS C 743 6.23 5.71 14.20
CA CYS C 743 5.15 6.58 14.63
C CYS C 743 5.77 7.74 15.40
N GLY C 744 5.83 8.91 14.78
CA GLY C 744 6.22 10.11 15.49
C GLY C 744 5.09 10.60 16.38
N ASP C 745 5.35 10.75 17.69
CA ASP C 745 4.49 11.52 18.58
C ASP C 745 3.00 11.25 18.41
N SER C 746 2.62 10.02 18.08
CA SER C 746 1.23 9.68 17.89
C SER C 746 0.96 8.35 18.55
N THR C 747 0.09 8.36 19.56
CA THR C 747 -0.37 7.10 20.12
C THR C 747 -1.22 6.36 19.11
N GLU C 748 -1.97 7.10 18.29
CA GLU C 748 -2.81 6.49 17.27
C GLU C 748 -2.01 5.52 16.43
N CYS C 749 -0.91 6.02 15.85
CA CYS C 749 -0.01 5.15 15.13
C CYS C 749 0.66 4.16 16.06
N SER C 750 1.03 4.61 17.26
CA SER C 750 1.78 3.75 18.18
C SER C 750 0.98 2.52 18.54
N ASN C 751 -0.33 2.66 18.72
CA ASN C 751 -1.15 1.49 19.03
C ASN C 751 -1.18 0.51 17.88
N LEU C 752 -1.33 1.01 16.65
CA LEU C 752 -1.32 0.13 15.49
C LEU C 752 -0.05 -0.70 15.41
N LEU C 753 1.08 -0.09 15.76
CA LEU C 753 2.35 -0.80 15.68
C LEU C 753 2.34 -2.05 16.53
N LEU C 754 1.61 -2.03 17.64
CA LEU C 754 1.52 -3.20 18.49
C LEU C 754 0.92 -4.39 17.77
N GLN C 755 0.17 -4.16 16.72
CA GLN C 755 -0.46 -5.26 16.00
C GLN C 755 0.50 -5.95 15.04
N TYR C 756 1.70 -5.41 14.85
CA TYR C 756 2.76 -6.14 14.16
C TYR C 756 3.69 -6.84 15.12
N GLY C 757 3.40 -6.79 16.41
CA GLY C 757 4.11 -7.62 17.36
C GLY C 757 5.55 -7.19 17.56
N SER C 758 6.44 -8.14 17.40
CA SER C 758 7.82 -8.04 17.86
C SER C 758 8.76 -7.43 16.84
N PHE C 759 8.25 -6.98 15.68
CA PHE C 759 9.09 -6.28 14.73
C PHE C 759 9.87 -5.17 15.40
N CYS C 760 9.16 -4.29 16.11
CA CYS C 760 9.81 -3.14 16.74
C CYS C 760 10.94 -3.61 17.65
N THR C 761 10.69 -4.62 18.48
CA THR C 761 11.71 -5.06 19.42
C THR C 761 12.83 -5.81 18.72
N GLN C 762 12.49 -6.72 17.81
CA GLN C 762 13.54 -7.52 17.19
C GLN C 762 14.48 -6.69 16.34
N LEU C 763 14.06 -5.49 15.92
CA LEU C 763 15.00 -4.60 15.24
C LEU C 763 16.07 -4.10 16.20
N ASN C 764 15.66 -3.64 17.38
CA ASN C 764 16.65 -3.27 18.38
C ASN C 764 17.53 -4.44 18.74
N ARG C 765 16.96 -5.62 18.91
CA ARG C 765 17.77 -6.80 19.14
C ARG C 765 18.75 -7.02 18.01
N ALA C 766 18.33 -6.72 16.78
CA ALA C 766 19.24 -6.86 15.65
C ALA C 766 20.36 -5.83 15.71
N LEU C 767 20.00 -4.55 15.78
CA LEU C 767 21.02 -3.51 15.70
C LEU C 767 21.97 -3.57 16.89
N THR C 768 21.45 -3.95 18.05
CA THR C 768 22.33 -4.07 19.20
C THR C 768 23.38 -5.14 18.96
N GLY C 769 23.00 -6.26 18.35
CA GLY C 769 23.98 -7.26 17.99
C GLY C 769 25.12 -6.69 17.18
N ILE C 770 24.79 -5.88 16.17
CA ILE C 770 25.80 -5.12 15.47
C ILE C 770 26.57 -4.23 16.45
N ALA C 771 25.86 -3.29 17.07
CA ALA C 771 26.51 -2.28 17.89
C ALA C 771 27.42 -2.89 18.95
N VAL C 772 27.03 -4.04 19.50
CA VAL C 772 27.88 -4.69 20.48
C VAL C 772 29.20 -5.12 19.85
N GLU C 773 29.13 -5.92 18.78
CA GLU C 773 30.35 -6.51 18.26
C GLU C 773 31.25 -5.49 17.62
N GLN C 774 30.74 -4.30 17.27
CA GLN C 774 31.62 -3.26 16.78
C GLN C 774 32.70 -2.95 17.80
N ASP C 775 32.31 -2.77 19.05
CA ASP C 775 33.29 -2.59 20.11
C ASP C 775 33.98 -3.89 20.47
N LYS C 776 33.52 -5.02 19.95
CA LYS C 776 34.30 -6.24 20.04
C LYS C 776 35.37 -6.29 18.96
N ASN C 777 35.02 -5.86 17.74
CA ASN C 777 36.00 -5.75 16.69
C ASN C 777 37.17 -4.89 17.13
N THR C 778 36.88 -3.62 17.41
CA THR C 778 37.91 -2.71 17.89
C THR C 778 38.65 -3.28 19.09
N GLN C 779 37.98 -4.12 19.87
CA GLN C 779 38.64 -4.75 20.99
C GLN C 779 39.63 -5.81 20.53
N GLU C 780 39.20 -6.67 19.60
CA GLU C 780 40.07 -7.74 19.14
C GLU C 780 41.29 -7.20 18.43
N VAL C 781 41.08 -6.26 17.53
CA VAL C 781 42.16 -5.69 16.73
C VAL C 781 43.18 -5.04 17.63
N PHE C 782 42.80 -3.94 18.28
CA PHE C 782 43.78 -3.04 18.85
C PHE C 782 44.39 -3.60 20.14
N ALA C 783 43.57 -4.09 21.05
CA ALA C 783 44.14 -4.54 22.31
C ALA C 783 44.29 -6.05 22.25
N GLN C 784 45.47 -6.47 21.83
CA GLN C 784 45.96 -7.81 22.01
C GLN C 784 47.05 -7.87 23.05
N VAL C 785 47.45 -6.72 23.58
CA VAL C 785 48.62 -6.60 24.43
C VAL C 785 48.17 -6.43 25.87
N LYS C 786 48.83 -7.13 26.77
CA LYS C 786 48.40 -7.13 28.16
C LYS C 786 48.64 -5.78 28.82
N GLN C 787 49.78 -5.17 28.56
CA GLN C 787 50.20 -3.95 29.22
C GLN C 787 50.34 -2.83 28.21
N ILE C 788 50.32 -1.60 28.69
CA ILE C 788 50.64 -0.46 27.86
C ILE C 788 52.12 -0.16 28.02
N TYR C 789 52.88 -0.46 27.00
CA TYR C 789 54.28 -0.07 26.93
C TYR C 789 54.38 1.37 26.45
N LYS C 790 55.46 2.02 26.82
CA LYS C 790 55.73 3.33 26.25
C LYS C 790 57.20 3.41 25.89
N THR C 791 57.47 4.12 24.79
CA THR C 791 58.82 4.24 24.29
C THR C 791 59.73 4.80 25.37
N PRO C 792 61.01 4.47 25.34
CA PRO C 792 61.94 5.05 26.30
C PRO C 792 62.06 6.55 26.08
N PRO C 793 62.59 7.28 27.04
CA PRO C 793 62.69 8.73 26.86
C PRO C 793 63.55 9.15 25.70
N ILE C 794 64.66 8.46 25.46
CA ILE C 794 65.63 8.85 24.44
C ILE C 794 65.60 7.83 23.31
N LYS C 795 65.62 8.33 22.08
CA LYS C 795 65.50 7.49 20.89
C LYS C 795 66.89 7.31 20.28
N ASP C 796 67.46 6.13 20.44
CA ASP C 796 68.57 5.68 19.61
C ASP C 796 68.21 4.30 19.10
N PHE C 797 67.82 4.23 17.84
CA PHE C 797 67.47 2.96 17.21
C PHE C 797 68.53 2.47 16.23
N GLY C 798 69.64 3.16 16.12
CA GLY C 798 70.63 2.82 15.12
C GLY C 798 70.49 3.60 13.84
N GLY C 799 69.80 4.73 13.88
CA GLY C 799 69.58 5.52 12.69
C GLY C 799 68.17 5.51 12.17
N PHE C 800 67.35 4.56 12.64
CA PHE C 800 65.94 4.43 12.18
C PHE C 800 65.07 5.49 12.85
N ASN C 801 64.72 6.54 12.11
CA ASN C 801 63.86 7.62 12.66
C ASN C 801 62.47 7.04 12.93
N PHE C 802 61.89 7.36 14.09
CA PHE C 802 60.54 6.84 14.45
C PHE C 802 59.65 8.01 14.89
N SER C 803 60.22 9.22 14.93
CA SER C 803 59.46 10.40 15.33
C SER C 803 58.26 10.60 14.43
N GLN C 804 58.33 10.13 13.20
CA GLN C 804 57.17 10.12 12.33
C GLN C 804 56.04 9.33 12.97
N ILE C 805 56.29 8.05 13.28
CA ILE C 805 55.24 7.13 13.69
C ILE C 805 55.02 7.05 15.18
N LEU C 806 55.88 7.62 15.98
CA LEU C 806 55.63 7.50 17.41
C LEU C 806 54.72 8.62 17.90
N PRO C 807 54.03 8.39 19.02
CA PRO C 807 53.12 9.40 19.53
C PRO C 807 53.81 10.75 19.66
N ASP C 808 53.08 11.80 19.33
CA ASP C 808 53.62 13.15 19.34
C ASP C 808 53.47 13.71 20.75
N PRO C 809 54.55 13.91 21.49
CA PRO C 809 54.40 14.36 22.88
C PRO C 809 53.78 15.74 23.00
N SER C 810 53.80 16.53 21.94
CA SER C 810 53.30 17.90 22.00
C SER C 810 51.87 18.05 21.50
N LYS C 811 51.24 17.00 21.12
CA LYS C 811 49.83 17.21 20.82
C LYS C 811 49.00 16.98 22.07
N PRO C 812 47.89 17.71 22.23
CA PRO C 812 47.03 17.46 23.40
C PRO C 812 46.48 16.05 23.43
N SER C 813 45.93 15.58 22.31
CA SER C 813 45.66 14.16 22.12
C SER C 813 46.89 13.58 21.44
N LYS C 814 47.61 12.72 22.15
CA LYS C 814 48.88 12.29 21.62
C LYS C 814 48.62 11.28 20.51
N ARG C 815 48.98 11.65 19.30
CA ARG C 815 48.81 10.82 18.12
C ARG C 815 49.98 11.10 17.20
N SER C 816 50.56 10.05 16.65
CA SER C 816 51.76 10.19 15.84
C SER C 816 51.51 11.14 14.68
N PHE C 817 52.58 11.81 14.26
CA PHE C 817 52.46 12.82 13.21
C PHE C 817 51.65 12.31 12.02
N ILE C 818 51.85 11.04 11.67
CA ILE C 818 51.13 10.48 10.53
C ILE C 818 49.64 10.45 10.79
N GLU C 819 49.24 9.96 11.97
CA GLU C 819 47.81 9.75 12.22
C GLU C 819 47.01 11.03 12.02
N ASP C 820 47.62 12.19 12.25
CA ASP C 820 46.91 13.43 12.00
C ASP C 820 46.61 13.61 10.52
N LEU C 821 47.53 13.21 9.66
CA LEU C 821 47.25 13.25 8.23
C LEU C 821 46.00 12.44 7.91
N LEU C 822 45.79 11.34 8.62
CA LEU C 822 44.66 10.48 8.36
C LEU C 822 43.36 11.09 8.85
N PHE C 823 43.35 11.58 10.09
CA PHE C 823 42.13 12.13 10.65
C PHE C 823 41.65 13.37 9.92
N ASN C 824 42.53 14.02 9.16
CA ASN C 824 42.08 15.14 8.36
C ASN C 824 41.40 14.67 7.08
N LYS C 825 41.95 13.65 6.43
CA LYS C 825 41.38 13.15 5.20
C LYS C 825 39.96 12.64 5.42
N VAL C 826 39.81 11.68 6.34
CA VAL C 826 38.49 11.14 6.64
C VAL C 826 37.65 12.22 7.34
N THR C 827 36.34 12.13 7.16
CA THR C 827 35.43 13.04 7.82
C THR C 827 34.37 12.29 8.61
N ASP C 848 23.03 19.29 9.59
CA ASP C 848 24.01 18.31 9.17
C ASP C 848 23.53 16.89 9.44
N LEU C 849 24.44 15.92 9.43
CA LEU C 849 24.04 14.55 9.83
C LEU C 849 24.20 14.48 11.35
N ILE C 850 24.67 15.58 11.96
CA ILE C 850 24.94 15.61 13.43
C ILE C 850 23.66 15.43 14.25
N CYS C 851 22.55 16.09 13.90
CA CYS C 851 21.33 16.02 14.75
C CYS C 851 20.10 15.66 13.93
N ALA C 852 20.11 15.90 12.62
CA ALA C 852 19.02 15.56 11.71
C ALA C 852 18.56 14.12 11.90
N GLN C 853 19.47 13.17 11.66
CA GLN C 853 19.20 11.78 12.01
C GLN C 853 18.66 11.70 13.43
N LYS C 854 19.34 12.36 14.36
CA LYS C 854 19.00 12.31 15.77
C LYS C 854 17.63 12.94 16.05
N PHE C 855 17.02 13.58 15.05
CA PHE C 855 15.63 14.00 15.22
C PHE C 855 14.72 12.80 15.43
N ASN C 856 14.73 11.87 14.48
CA ASN C 856 13.67 10.88 14.35
C ASN C 856 13.92 9.61 15.14
N GLY C 857 14.96 9.57 15.94
CA GLY C 857 15.32 8.36 16.64
C GLY C 857 16.46 7.61 16.02
N LEU C 858 17.17 8.21 15.09
CA LEU C 858 18.39 7.63 14.56
C LEU C 858 19.53 8.17 15.41
N THR C 859 20.11 7.32 16.23
CA THR C 859 21.12 7.74 17.18
C THR C 859 22.47 7.16 16.80
N VAL C 860 23.52 7.93 17.09
CA VAL C 860 24.87 7.47 16.89
C VAL C 860 25.48 7.29 18.26
N LEU C 861 25.68 6.07 18.67
CA LEU C 861 26.23 5.85 19.99
C LEU C 861 27.74 6.02 19.95
N PRO C 862 28.34 6.50 21.03
CA PRO C 862 29.77 6.70 21.04
C PRO C 862 30.48 5.36 21.05
N PRO C 863 31.53 5.22 20.24
CA PRO C 863 32.33 4.00 20.31
C PRO C 863 32.96 3.87 21.68
N LEU C 864 32.89 2.67 22.24
CA LEU C 864 33.37 2.44 23.60
C LEU C 864 34.75 3.03 23.82
N LEU C 865 35.64 2.88 22.85
CA LEU C 865 37.01 3.34 22.98
C LEU C 865 37.17 4.69 22.29
N THR C 866 37.53 5.70 23.06
CA THR C 866 37.82 6.99 22.47
C THR C 866 39.05 6.89 21.58
N ASP C 867 39.13 7.80 20.60
CA ASP C 867 40.26 7.81 19.70
C ASP C 867 41.57 7.95 20.45
N GLU C 868 41.58 8.72 21.54
CA GLU C 868 42.79 8.88 22.32
C GLU C 868 43.23 7.55 22.90
N MET C 869 42.28 6.68 23.24
CA MET C 869 42.65 5.36 23.73
C MET C 869 43.20 4.51 22.61
N ILE C 870 42.55 4.53 21.45
CA ILE C 870 43.05 3.79 20.31
C ILE C 870 44.49 4.16 20.03
N ALA C 871 44.82 5.44 20.19
CA ALA C 871 46.18 5.88 20.01
C ALA C 871 47.11 5.45 21.13
N GLN C 872 46.58 5.02 22.28
CA GLN C 872 47.47 4.45 23.28
C GLN C 872 47.80 3.00 22.98
N TYR C 873 46.81 2.21 22.58
CA TYR C 873 47.11 0.88 22.08
C TYR C 873 48.14 0.93 20.98
N THR C 874 47.80 1.56 19.87
CA THR C 874 48.74 1.63 18.75
C THR C 874 50.03 2.33 19.13
N SER C 875 50.10 2.98 20.29
CA SER C 875 51.40 3.33 20.86
C SER C 875 52.05 2.12 21.50
N ALA C 876 51.30 1.42 22.34
CA ALA C 876 51.83 0.24 23.01
C ALA C 876 52.36 -0.76 21.99
N LEU C 877 51.46 -1.28 21.15
CA LEU C 877 51.86 -2.22 20.10
C LEU C 877 53.09 -1.71 19.36
N LEU C 878 53.13 -0.42 19.08
CA LEU C 878 54.29 0.14 18.43
C LEU C 878 55.43 0.36 19.38
N ALA C 879 55.17 0.55 20.67
CA ALA C 879 56.29 0.69 21.59
C ALA C 879 56.97 -0.64 21.85
N GLY C 880 56.18 -1.71 21.97
CA GLY C 880 56.76 -3.01 22.21
C GLY C 880 57.43 -3.57 20.96
N THR C 881 56.84 -3.32 19.80
CA THR C 881 57.45 -3.79 18.56
C THR C 881 58.85 -3.24 18.40
N ILE C 882 59.05 -1.98 18.74
CA ILE C 882 60.34 -1.35 18.55
C ILE C 882 61.35 -1.87 19.57
N THR C 883 61.00 -1.79 20.85
CA THR C 883 61.96 -2.14 21.89
C THR C 883 62.08 -3.65 22.04
N SER C 884 60.95 -4.33 22.19
CA SER C 884 60.91 -5.71 22.67
C SER C 884 60.89 -6.75 21.56
N GLY C 885 60.99 -6.34 20.30
CA GLY C 885 60.92 -7.32 19.24
C GLY C 885 59.52 -7.87 19.10
N TRP C 886 59.44 -9.17 18.82
CA TRP C 886 58.14 -9.81 18.72
C TRP C 886 57.74 -10.53 20.00
N THR C 887 58.59 -10.56 21.01
CA THR C 887 58.33 -11.41 22.15
C THR C 887 57.20 -10.89 23.02
N PHE C 888 56.81 -9.62 22.89
CA PHE C 888 55.78 -9.12 23.79
C PHE C 888 54.42 -9.73 23.50
N GLY C 889 54.23 -10.25 22.29
CA GLY C 889 53.00 -10.97 22.00
C GLY C 889 52.94 -12.35 22.61
N ALA C 890 54.10 -12.94 22.90
CA ALA C 890 54.16 -14.27 23.48
C ALA C 890 54.32 -14.26 24.99
N GLY C 891 54.30 -13.11 25.62
CA GLY C 891 54.52 -13.07 27.05
C GLY C 891 55.07 -11.72 27.46
N ALA C 892 55.81 -11.73 28.56
CA ALA C 892 56.48 -10.51 29.02
C ALA C 892 57.42 -10.00 27.95
N ALA C 893 57.33 -8.70 27.68
CA ALA C 893 58.20 -8.09 26.67
C ALA C 893 59.65 -8.21 27.08
N LEU C 894 60.51 -8.40 26.10
CA LEU C 894 61.94 -8.58 26.35
C LEU C 894 62.70 -7.50 25.62
N GLN C 895 63.31 -6.58 26.36
CA GLN C 895 64.07 -5.53 25.69
C GLN C 895 65.20 -6.17 24.89
N ILE C 896 65.34 -5.74 23.65
CA ILE C 896 66.39 -6.24 22.79
C ILE C 896 66.85 -5.08 21.92
N PRO C 897 68.14 -4.96 21.64
CA PRO C 897 68.61 -3.84 20.81
C PRO C 897 67.94 -3.89 19.46
N PHE C 898 67.37 -2.76 19.05
CA PHE C 898 66.59 -2.77 17.83
C PHE C 898 67.41 -3.26 16.64
N ALA C 899 68.65 -2.81 16.55
CA ALA C 899 69.51 -3.28 15.48
C ALA C 899 69.76 -4.78 15.58
N MET C 900 69.70 -5.34 16.78
CA MET C 900 69.74 -6.79 16.92
C MET C 900 68.39 -7.44 16.76
N GLN C 901 67.33 -6.65 16.73
CA GLN C 901 66.06 -7.19 16.28
C GLN C 901 66.09 -7.45 14.80
N MET C 902 66.47 -6.44 14.02
CA MET C 902 66.47 -6.57 12.57
C MET C 902 67.44 -7.63 12.07
N ALA C 903 68.38 -8.09 12.89
CA ALA C 903 69.17 -9.22 12.45
C ALA C 903 68.31 -10.47 12.40
N TYR C 904 67.36 -10.60 13.32
CA TYR C 904 66.48 -11.75 13.27
C TYR C 904 65.55 -11.64 12.07
N ARG C 905 64.87 -10.51 11.94
CA ARG C 905 63.87 -10.38 10.89
C ARG C 905 64.48 -10.55 9.50
N PHE C 906 65.80 -10.45 9.36
CA PHE C 906 66.42 -10.92 8.12
C PHE C 906 66.54 -12.43 8.10
N ASN C 907 66.98 -13.05 9.19
CA ASN C 907 66.98 -14.49 9.23
C ASN C 907 65.60 -15.06 8.95
N GLY C 908 64.55 -14.33 9.32
CA GLY C 908 63.22 -14.78 8.99
C GLY C 908 63.00 -14.91 7.50
N ILE C 909 63.51 -13.95 6.73
CA ILE C 909 63.32 -13.94 5.29
C ILE C 909 64.48 -14.60 4.55
N GLY C 910 65.41 -15.18 5.28
CA GLY C 910 66.48 -15.92 4.63
C GLY C 910 67.73 -15.14 4.31
N VAL C 911 67.73 -13.83 4.57
CA VAL C 911 68.93 -13.04 4.39
C VAL C 911 69.76 -13.15 5.67
N THR C 912 70.98 -13.65 5.54
CA THR C 912 71.82 -13.81 6.71
C THR C 912 72.09 -12.45 7.36
N GLN C 913 72.10 -12.45 8.68
CA GLN C 913 72.20 -11.22 9.46
C GLN C 913 73.46 -10.42 9.15
N ASN C 914 74.51 -11.05 8.64
CA ASN C 914 75.70 -10.28 8.31
C ASN C 914 75.44 -9.22 7.29
N VAL C 915 74.31 -9.30 6.59
CA VAL C 915 73.96 -8.21 5.63
C VAL C 915 73.65 -6.94 6.44
N LEU C 916 72.75 -7.02 7.42
CA LEU C 916 72.35 -5.81 8.18
C LEU C 916 73.53 -5.20 8.96
N TYR C 917 74.33 -6.02 9.64
CA TYR C 917 75.40 -5.46 10.50
C TYR C 917 76.39 -4.68 9.63
N GLU C 918 76.41 -4.96 8.33
CA GLU C 918 77.29 -4.30 7.40
C GLU C 918 76.59 -3.16 6.67
N ASN C 919 75.31 -3.34 6.35
CA ASN C 919 74.56 -2.35 5.60
C ASN C 919 73.73 -1.43 6.48
N GLN C 920 73.90 -1.50 7.80
CA GLN C 920 72.98 -0.82 8.72
C GLN C 920 72.76 0.63 8.32
N LYS C 921 73.84 1.40 8.17
CA LYS C 921 73.70 2.82 7.83
C LYS C 921 72.86 3.00 6.59
N LEU C 922 73.17 2.26 5.54
CA LEU C 922 72.36 2.33 4.32
C LEU C 922 70.90 2.00 4.62
N ILE C 923 70.66 0.87 5.28
CA ILE C 923 69.29 0.46 5.55
C ILE C 923 68.58 1.52 6.37
N ALA C 924 69.32 2.23 7.23
CA ALA C 924 68.72 3.32 7.98
C ALA C 924 68.10 4.35 7.04
N ASN C 925 68.90 4.85 6.11
CA ASN C 925 68.42 5.90 5.22
C ASN C 925 67.25 5.42 4.38
N GLN C 926 67.38 4.24 3.78
CA GLN C 926 66.29 3.70 3.00
C GLN C 926 65.01 3.63 3.81
N PHE C 927 65.13 3.24 5.08
CA PHE C 927 63.95 3.22 5.92
C PHE C 927 63.38 4.62 6.08
N ASN C 928 64.20 5.55 6.57
CA ASN C 928 63.73 6.89 6.86
C ASN C 928 63.15 7.55 5.63
N SER C 929 63.91 7.54 4.53
CA SER C 929 63.41 8.13 3.29
C SER C 929 62.16 7.43 2.81
N ALA C 930 61.97 6.17 3.18
CA ALA C 930 60.71 5.51 2.86
C ALA C 930 59.58 6.04 3.71
N ILE C 931 59.84 6.27 5.00
CA ILE C 931 58.80 6.80 5.87
C ILE C 931 58.34 8.16 5.38
N GLY C 932 59.29 9.00 4.95
CA GLY C 932 58.93 10.33 4.51
C GLY C 932 57.87 10.31 3.43
N LYS C 933 58.10 9.52 2.39
CA LYS C 933 57.16 9.46 1.28
C LYS C 933 55.79 8.96 1.70
N ILE C 934 55.70 8.26 2.83
CA ILE C 934 54.40 7.83 3.30
C ILE C 934 53.55 9.03 3.65
N GLN C 935 54.19 10.08 4.16
CA GLN C 935 53.47 11.33 4.43
C GLN C 935 52.79 11.84 3.17
N ASP C 936 53.59 12.07 2.12
CA ASP C 936 53.06 12.66 0.90
C ASP C 936 52.13 11.72 0.19
N SER C 937 52.42 10.41 0.24
CA SER C 937 51.48 9.43 -0.28
C SER C 937 50.09 9.64 0.29
N LEU C 938 50.02 9.93 1.59
CA LEU C 938 48.76 10.31 2.21
C LEU C 938 48.47 11.78 1.98
N SER C 939 49.50 12.63 2.10
CA SER C 939 49.26 14.07 2.12
C SER C 939 48.72 14.57 0.80
N SER C 940 49.27 14.07 -0.31
CA SER C 940 49.00 14.63 -1.63
C SER C 940 47.88 13.93 -2.38
N THR C 941 47.32 12.85 -1.83
CA THR C 941 46.24 12.13 -2.50
C THR C 941 45.21 11.71 -1.47
N ALA C 942 43.95 12.02 -1.75
CA ALA C 942 42.85 11.72 -0.83
C ALA C 942 42.15 10.40 -1.13
N SER C 943 42.57 9.67 -2.16
CA SER C 943 41.91 8.43 -2.53
C SER C 943 42.51 7.20 -1.86
N ALA C 944 43.65 7.34 -1.17
CA ALA C 944 44.25 6.18 -0.51
C ALA C 944 43.33 5.65 0.58
N LEU C 945 42.61 6.52 1.25
CA LEU C 945 41.74 6.15 2.36
C LEU C 945 40.34 5.78 1.91
N GLY C 946 40.12 5.64 0.60
CA GLY C 946 38.80 5.34 0.10
C GLY C 946 38.12 4.21 0.85
N LYS C 947 38.86 3.16 1.19
CA LYS C 947 38.28 2.04 1.91
C LYS C 947 37.55 2.51 3.16
N LEU C 948 38.26 3.25 4.02
CA LEU C 948 37.60 3.90 5.14
C LEU C 948 36.51 4.84 4.66
N GLN C 949 36.86 5.72 3.73
CA GLN C 949 35.92 6.74 3.29
C GLN C 949 34.65 6.10 2.74
N ASP C 950 34.78 4.95 2.09
CA ASP C 950 33.59 4.28 1.58
C ASP C 950 32.71 3.77 2.70
N VAL C 951 33.32 3.20 3.73
CA VAL C 951 32.55 2.71 4.88
C VAL C 951 31.75 3.85 5.50
N VAL C 952 32.42 4.96 5.79
CA VAL C 952 31.74 6.07 6.45
C VAL C 952 30.62 6.60 5.58
N ASN C 953 30.86 6.71 4.28
CA ASN C 953 29.83 7.22 3.38
C ASN C 953 28.63 6.30 3.37
N GLN C 954 28.84 5.00 3.13
CA GLN C 954 27.73 4.08 3.00
C GLN C 954 26.86 4.09 4.25
N ASN C 955 27.48 4.23 5.42
CA ASN C 955 26.69 4.36 6.63
C ASN C 955 25.85 5.63 6.59
N ALA C 956 26.51 6.77 6.42
CA ALA C 956 25.77 8.03 6.29
C ALA C 956 24.84 8.00 5.08
N GLN C 957 25.20 7.23 4.06
CA GLN C 957 24.31 7.08 2.91
C GLN C 957 22.96 6.53 3.35
N ALA C 958 22.95 5.29 3.81
CA ALA C 958 21.67 4.63 4.12
C ALA C 958 20.86 5.43 5.13
N LEU C 959 21.53 6.08 6.06
CA LEU C 959 20.81 6.93 7.01
C LEU C 959 20.04 8.01 6.28
N ASN C 960 20.69 8.72 5.37
CA ASN C 960 19.96 9.68 4.54
C ASN C 960 18.77 9.01 3.86
N THR C 961 19.03 7.91 3.16
CA THR C 961 17.94 7.18 2.53
C THR C 961 16.88 6.80 3.55
N LEU C 962 17.30 6.28 4.69
CA LEU C 962 16.34 5.89 5.71
C LEU C 962 15.50 7.08 6.16
N VAL C 963 16.14 8.24 6.28
CA VAL C 963 15.39 9.43 6.65
C VAL C 963 14.43 9.84 5.55
N LYS C 964 14.95 9.95 4.32
CA LYS C 964 14.10 10.37 3.22
C LYS C 964 12.88 9.48 3.05
N GLN C 965 12.95 8.23 3.50
CA GLN C 965 11.78 7.38 3.45
C GLN C 965 10.66 7.90 4.32
N LEU C 966 10.95 8.76 5.30
CA LEU C 966 9.89 9.33 6.10
C LEU C 966 8.98 10.24 5.27
N SER C 967 9.53 10.86 4.23
CA SER C 967 8.78 11.82 3.45
C SER C 967 8.03 11.19 2.29
N SER C 968 8.05 9.87 2.15
CA SER C 968 7.38 9.22 1.04
C SER C 968 5.96 8.83 1.40
N ASN C 969 5.05 8.94 0.43
CA ASN C 969 3.64 8.69 0.69
C ASN C 969 3.38 7.23 0.96
N PHE C 970 4.08 6.33 0.27
CA PHE C 970 3.85 4.90 0.37
C PHE C 970 2.39 4.56 0.09
N GLY C 971 1.75 5.35 -0.76
CA GLY C 971 0.35 5.16 -1.07
C GLY C 971 -0.59 5.88 -0.13
N ALA C 972 -0.12 6.28 1.05
CA ALA C 972 -0.96 7.05 1.95
C ALA C 972 -1.12 8.47 1.42
N ILE C 973 -2.14 9.15 1.94
CA ILE C 973 -2.49 10.48 1.44
C ILE C 973 -1.41 11.51 1.72
N SER C 974 -0.61 11.33 2.76
CA SER C 974 0.48 12.25 3.02
C SER C 974 1.53 11.56 3.88
N SER C 975 2.72 12.14 3.88
CA SER C 975 3.83 11.59 4.64
C SER C 975 3.93 12.15 6.05
N VAL C 976 3.12 13.13 6.40
CA VAL C 976 3.07 13.65 7.75
C VAL C 976 2.05 12.83 8.53
N LEU C 977 2.51 12.14 9.56
CA LEU C 977 1.65 11.20 10.28
C LEU C 977 0.45 11.90 10.90
N ASN C 978 0.59 13.18 11.23
CA ASN C 978 -0.51 13.89 11.86
C ASN C 978 -1.56 14.35 10.85
N ASP C 979 -1.13 14.69 9.64
CA ASP C 979 -2.09 15.16 8.64
C ASP C 979 -3.15 14.12 8.35
N ILE C 980 -2.75 12.86 8.21
CA ILE C 980 -3.73 11.79 8.06
C ILE C 980 -4.67 11.77 9.25
N LEU C 981 -4.16 12.05 10.43
CA LEU C 981 -5.03 12.12 11.59
C LEU C 981 -5.83 13.41 11.60
N SER C 982 -5.27 14.50 11.09
CA SER C 982 -5.98 15.77 11.11
C SER C 982 -7.12 15.78 10.12
N ARG C 983 -6.84 15.42 8.87
CA ARG C 983 -7.88 15.54 7.84
C ARG C 983 -8.98 14.53 8.04
N LEU C 984 -8.62 13.27 8.23
CA LEU C 984 -9.58 12.18 8.13
C LEU C 984 -10.03 11.74 9.51
N ASP C 985 -11.28 11.31 9.58
CA ASP C 985 -11.76 10.61 10.75
C ASP C 985 -10.96 9.31 10.91
N LYS C 986 -10.63 8.93 12.13
CA LYS C 986 -9.73 7.79 12.35
C LYS C 986 -10.15 6.53 11.62
N VAL C 987 -11.43 6.13 11.67
CA VAL C 987 -11.78 4.79 11.13
C VAL C 987 -11.23 4.53 9.74
N GLU C 988 -11.24 5.54 8.87
CA GLU C 988 -10.55 5.39 7.59
C GLU C 988 -9.05 5.61 7.74
N ALA C 989 -8.67 6.62 8.53
CA ALA C 989 -7.26 6.94 8.69
C ALA C 989 -6.46 5.74 9.18
N GLU C 990 -7.11 4.78 9.84
CA GLU C 990 -6.42 3.55 10.21
C GLU C 990 -5.79 2.89 8.99
N VAL C 991 -6.58 2.70 7.94
CA VAL C 991 -6.08 2.03 6.75
C VAL C 991 -4.95 2.83 6.13
N GLN C 992 -5.07 4.15 6.14
CA GLN C 992 -4.01 4.99 5.60
C GLN C 992 -2.70 4.76 6.36
N ILE C 993 -2.74 4.91 7.68
CA ILE C 993 -1.52 4.81 8.47
C ILE C 993 -0.85 3.46 8.27
N ASP C 994 -1.63 2.42 7.98
CA ASP C 994 -1.01 1.15 7.61
C ASP C 994 -0.01 1.34 6.49
N ARG C 995 -0.45 1.93 5.38
CA ARG C 995 0.45 2.12 4.26
C ARG C 995 1.68 2.92 4.66
N LEU C 996 1.56 3.85 5.59
CA LEU C 996 2.76 4.46 6.14
C LEU C 996 3.55 3.45 6.95
N ILE C 997 2.91 2.82 7.93
CA ILE C 997 3.63 1.88 8.79
C ILE C 997 4.21 0.76 7.96
N THR C 998 3.36 0.04 7.23
CA THR C 998 3.84 -1.03 6.37
C THR C 998 5.00 -0.57 5.52
N GLY C 999 4.88 0.62 4.95
CA GLY C 999 5.98 1.16 4.19
C GLY C 999 7.19 1.42 5.06
N ARG C 1000 7.02 2.22 6.12
CA ARG C 1000 8.17 2.56 6.95
C ARG C 1000 8.72 1.34 7.65
N LEU C 1001 7.86 0.56 8.30
CA LEU C 1001 8.31 -0.63 9.01
C LEU C 1001 9.09 -1.54 8.10
N GLN C 1002 8.62 -1.73 6.87
CA GLN C 1002 9.45 -2.41 5.89
C GLN C 1002 10.75 -1.68 5.67
N SER C 1003 10.68 -0.35 5.51
CA SER C 1003 11.86 0.41 5.18
C SER C 1003 12.94 0.31 6.25
N LEU C 1004 12.56 0.01 7.48
CA LEU C 1004 13.57 -0.29 8.48
C LEU C 1004 14.24 -1.62 8.19
N GLN C 1005 13.43 -2.67 7.98
CA GLN C 1005 14.02 -3.99 7.76
C GLN C 1005 14.97 -3.95 6.58
N THR C 1006 14.67 -3.16 5.57
CA THR C 1006 15.65 -2.94 4.52
C THR C 1006 16.92 -2.36 5.09
N TYR C 1007 16.82 -1.27 5.85
CA TYR C 1007 18.01 -0.66 6.42
C TYR C 1007 18.71 -1.63 7.37
N VAL C 1008 17.95 -2.28 8.24
CA VAL C 1008 18.56 -3.19 9.20
C VAL C 1008 19.30 -4.30 8.47
N THR C 1009 18.63 -4.92 7.51
CA THR C 1009 19.27 -6.01 6.79
C THR C 1009 20.55 -5.56 6.11
N GLN C 1010 20.54 -4.35 5.54
CA GLN C 1010 21.76 -3.83 4.97
C GLN C 1010 22.87 -3.76 6.00
N GLN C 1011 22.57 -3.20 7.17
CA GLN C 1011 23.59 -3.07 8.20
C GLN C 1011 24.13 -4.42 8.59
N LEU C 1012 23.24 -5.40 8.83
CA LEU C 1012 23.68 -6.75 9.15
C LEU C 1012 24.64 -7.27 8.11
N ILE C 1013 24.24 -7.20 6.85
CA ILE C 1013 25.11 -7.66 5.77
C ILE C 1013 26.39 -6.86 5.76
N ARG C 1014 26.28 -5.54 5.83
CA ARG C 1014 27.48 -4.71 5.75
C ARG C 1014 28.38 -4.95 6.95
N ALA C 1015 27.80 -5.09 8.15
CA ALA C 1015 28.61 -5.39 9.31
C ALA C 1015 29.32 -6.72 9.15
N ALA C 1016 28.65 -7.70 8.56
CA ALA C 1016 29.28 -9.00 8.36
C ALA C 1016 30.50 -8.88 7.46
N GLU C 1017 30.51 -7.90 6.56
CA GLU C 1017 31.73 -7.63 5.81
C GLU C 1017 32.81 -7.06 6.71
N ILE C 1018 32.46 -6.00 7.44
CA ILE C 1018 33.41 -5.42 8.39
C ILE C 1018 33.90 -6.48 9.36
N ARG C 1019 32.98 -7.28 9.89
CA ARG C 1019 33.36 -8.39 10.76
C ARG C 1019 34.41 -9.27 10.11
N ALA C 1020 34.32 -9.46 8.79
CA ALA C 1020 35.35 -10.21 8.10
C ALA C 1020 36.61 -9.39 7.96
N SER C 1021 36.48 -8.11 7.65
CA SER C 1021 37.65 -7.26 7.54
C SER C 1021 38.34 -7.09 8.88
N ALA C 1022 37.55 -7.03 9.96
CA ALA C 1022 38.15 -6.89 11.28
C ALA C 1022 39.07 -8.06 11.60
N ASN C 1023 38.62 -9.28 11.31
CA ASN C 1023 39.47 -10.44 11.55
C ASN C 1023 40.74 -10.37 10.72
N LEU C 1024 40.62 -9.89 9.49
CA LEU C 1024 41.80 -9.72 8.66
C LEU C 1024 42.80 -8.80 9.34
N ALA C 1025 42.32 -7.71 9.93
CA ALA C 1025 43.20 -6.85 10.70
C ALA C 1025 43.76 -7.60 11.91
N ALA C 1026 42.87 -8.13 12.75
CA ALA C 1026 43.30 -8.85 13.93
C ALA C 1026 44.25 -9.99 13.57
N THR C 1027 44.11 -10.54 12.38
CA THR C 1027 45.08 -11.53 11.93
C THR C 1027 46.40 -10.86 11.62
N LYS C 1028 46.39 -9.79 10.83
CA LYS C 1028 47.61 -9.07 10.54
C LYS C 1028 48.23 -8.53 11.83
N MET C 1029 47.44 -7.84 12.63
CA MET C 1029 47.94 -7.29 13.88
C MET C 1029 48.66 -8.33 14.69
N SER C 1030 48.08 -9.54 14.78
CA SER C 1030 48.74 -10.60 15.53
C SER C 1030 49.95 -11.12 14.78
N GLU C 1031 49.76 -11.53 13.53
CA GLU C 1031 50.84 -12.18 12.82
C GLU C 1031 51.86 -11.19 12.31
N CYS C 1032 51.41 -10.13 11.68
CA CYS C 1032 52.32 -9.23 10.98
C CYS C 1032 53.02 -8.31 11.97
N VAL C 1033 52.25 -7.50 12.70
CA VAL C 1033 52.84 -6.61 13.70
C VAL C 1033 53.53 -7.39 14.81
N LEU C 1034 52.77 -8.20 15.53
CA LEU C 1034 53.33 -8.83 16.72
C LEU C 1034 54.38 -9.87 16.39
N GLY C 1035 54.21 -10.61 15.30
CA GLY C 1035 55.23 -11.56 14.89
C GLY C 1035 55.93 -11.10 13.64
N GLN C 1036 56.49 -12.05 12.90
CA GLN C 1036 56.95 -11.82 11.54
C GLN C 1036 56.28 -12.83 10.65
N SER C 1037 55.68 -12.38 9.55
CA SER C 1037 54.86 -13.24 8.73
C SER C 1037 55.70 -13.95 7.68
N LYS C 1038 55.49 -15.26 7.56
CA LYS C 1038 56.06 -16.05 6.48
C LYS C 1038 55.09 -16.21 5.32
N ARG C 1039 53.90 -15.63 5.41
CA ARG C 1039 52.89 -15.79 4.38
C ARG C 1039 53.16 -14.79 3.27
N VAL C 1040 53.42 -15.29 2.08
CA VAL C 1040 53.84 -14.41 1.00
C VAL C 1040 52.72 -13.47 0.64
N ASP C 1041 53.02 -12.17 0.62
CA ASP C 1041 52.11 -11.11 0.21
C ASP C 1041 50.84 -11.08 1.04
N PHE C 1042 50.91 -11.61 2.25
CA PHE C 1042 49.85 -11.34 3.22
C PHE C 1042 50.05 -9.99 3.85
N CYS C 1043 51.28 -9.65 4.18
CA CYS C 1043 51.63 -8.35 4.72
C CYS C 1043 51.94 -7.32 3.64
N GLY C 1044 51.73 -7.65 2.38
CA GLY C 1044 52.07 -6.71 1.33
C GLY C 1044 53.33 -7.14 0.59
N LYS C 1045 53.41 -6.68 -0.65
CA LYS C 1045 54.38 -7.22 -1.60
C LYS C 1045 55.81 -7.16 -1.04
N GLY C 1046 56.52 -8.26 -1.20
CA GLY C 1046 57.90 -8.37 -0.76
C GLY C 1046 58.02 -9.25 0.46
N TYR C 1047 59.27 -9.60 0.76
CA TYR C 1047 59.57 -10.27 2.01
C TYR C 1047 59.32 -9.30 3.15
N HIS C 1048 58.63 -9.76 4.17
CA HIS C 1048 58.17 -8.88 5.23
C HIS C 1048 59.15 -8.82 6.39
N LEU C 1049 59.43 -7.61 6.86
CA LEU C 1049 60.28 -7.45 8.02
C LEU C 1049 59.44 -7.15 9.26
N MET C 1050 58.76 -6.01 9.28
CA MET C 1050 57.96 -5.67 10.45
C MET C 1050 56.82 -4.76 10.00
N SER C 1051 55.82 -4.62 10.84
CA SER C 1051 54.69 -3.76 10.53
C SER C 1051 54.42 -2.82 11.68
N PHE C 1052 53.97 -1.64 11.33
CA PHE C 1052 53.68 -0.58 12.31
C PHE C 1052 52.21 -0.24 12.23
N PRO C 1053 51.40 -0.57 13.23
CA PRO C 1053 49.99 -0.20 13.17
C PRO C 1053 49.83 1.29 13.36
N GLN C 1054 48.82 1.84 12.72
CA GLN C 1054 48.46 3.24 12.90
C GLN C 1054 46.94 3.33 12.87
N SER C 1055 46.36 4.06 13.80
CA SER C 1055 44.92 4.15 13.86
C SER C 1055 44.41 5.12 12.80
N ALA C 1056 43.21 4.88 12.35
CA ALA C 1056 42.50 5.79 11.45
C ALA C 1056 41.03 5.66 11.77
N PRO C 1057 40.23 6.69 11.45
CA PRO C 1057 38.86 6.71 11.99
C PRO C 1057 38.09 5.47 11.56
N HIS C 1058 37.55 4.76 12.55
CA HIS C 1058 36.82 3.53 12.29
C HIS C 1058 37.62 2.60 11.40
N GLY C 1059 38.92 2.54 11.63
CA GLY C 1059 39.76 1.70 10.79
C GLY C 1059 41.14 1.59 11.39
N VAL C 1060 42.04 0.96 10.64
CA VAL C 1060 43.43 0.83 11.06
C VAL C 1060 44.29 0.83 9.82
N VAL C 1061 45.52 1.33 9.97
CA VAL C 1061 46.46 1.45 8.87
C VAL C 1061 47.79 0.87 9.30
N PHE C 1062 48.31 -0.06 8.50
CA PHE C 1062 49.57 -0.71 8.78
C PHE C 1062 50.64 -0.15 7.86
N LEU C 1063 51.81 0.05 8.40
CA LEU C 1063 52.98 0.40 7.61
C LEU C 1063 53.86 -0.83 7.57
N HIS C 1064 53.89 -1.50 6.43
CA HIS C 1064 54.63 -2.74 6.30
C HIS C 1064 56.02 -2.42 5.81
N VAL C 1065 57.03 -2.74 6.61
CA VAL C 1065 58.41 -2.54 6.20
C VAL C 1065 58.87 -3.84 5.57
N THR C 1066 59.08 -3.82 4.27
CA THR C 1066 59.32 -5.04 3.51
C THR C 1066 60.66 -4.96 2.81
N TYR C 1067 61.16 -6.12 2.44
CA TYR C 1067 62.49 -6.28 1.87
C TYR C 1067 62.35 -6.71 0.41
N VAL C 1068 62.68 -5.81 -0.51
CA VAL C 1068 62.53 -6.09 -1.94
C VAL C 1068 63.91 -6.08 -2.57
N PRO C 1069 64.36 -7.19 -3.16
CA PRO C 1069 65.66 -7.22 -3.83
C PRO C 1069 65.66 -6.35 -5.07
N ALA C 1070 66.86 -5.98 -5.51
CA ALA C 1070 66.96 -5.01 -6.60
C ALA C 1070 67.76 -5.50 -7.80
N GLN C 1071 69.08 -5.51 -7.69
CA GLN C 1071 69.97 -5.60 -8.84
C GLN C 1071 70.41 -7.03 -9.06
N GLU C 1072 70.27 -7.52 -10.29
CA GLU C 1072 70.51 -8.90 -10.65
C GLU C 1072 71.82 -9.03 -11.40
N LYS C 1073 72.42 -10.22 -11.32
CA LYS C 1073 73.68 -10.52 -12.05
C LYS C 1073 73.54 -11.90 -12.68
N ASN C 1074 73.56 -12.00 -14.00
CA ASN C 1074 73.43 -13.32 -14.66
C ASN C 1074 74.59 -14.17 -14.17
N PHE C 1075 74.31 -15.42 -13.76
CA PHE C 1075 75.38 -16.29 -13.22
C PHE C 1075 75.08 -17.77 -13.48
N THR C 1076 75.96 -18.40 -14.26
CA THR C 1076 75.91 -19.83 -14.54
C THR C 1076 75.90 -20.57 -13.22
N THR C 1077 74.98 -21.52 -13.09
CA THR C 1077 74.80 -22.26 -11.85
C THR C 1077 74.95 -23.74 -12.09
N ALA C 1078 75.15 -24.48 -11.01
CA ALA C 1078 75.13 -25.92 -11.06
C ALA C 1078 74.48 -26.44 -9.79
N PRO C 1079 73.66 -27.48 -9.88
CA PRO C 1079 73.02 -28.00 -8.67
C PRO C 1079 73.97 -28.70 -7.72
N ALA C 1080 75.14 -29.12 -8.19
CA ALA C 1080 76.03 -29.91 -7.37
C ALA C 1080 77.42 -29.80 -7.94
N ILE C 1081 78.41 -30.24 -7.15
CA ILE C 1081 79.79 -30.20 -7.59
C ILE C 1081 80.46 -31.52 -7.27
N CYS C 1082 80.93 -32.24 -8.28
CA CYS C 1082 81.79 -33.39 -8.05
C CYS C 1082 83.11 -32.92 -7.49
N HIS C 1083 83.57 -33.57 -6.42
CA HIS C 1083 84.94 -33.30 -6.04
C HIS C 1083 85.80 -34.51 -6.35
N ASP C 1084 85.71 -35.52 -5.51
CA ASP C 1084 86.46 -36.75 -5.71
C ASP C 1084 85.64 -37.80 -6.43
N GLY C 1085 84.46 -37.45 -6.90
CA GLY C 1085 83.45 -38.40 -7.29
C GLY C 1085 82.30 -38.45 -6.32
N LYS C 1086 82.51 -37.98 -5.11
CA LYS C 1086 81.40 -37.62 -4.27
C LYS C 1086 80.72 -36.38 -4.83
N ALA C 1087 79.49 -36.17 -4.42
CA ALA C 1087 78.77 -34.96 -4.79
C ALA C 1087 78.70 -34.06 -3.58
N HIS C 1088 78.76 -32.75 -3.81
CA HIS C 1088 78.66 -31.76 -2.74
C HIS C 1088 77.47 -30.88 -3.02
N PHE C 1089 76.55 -30.80 -2.08
CA PHE C 1089 75.45 -29.91 -2.38
C PHE C 1089 75.49 -28.75 -1.39
N PRO C 1090 75.01 -27.57 -1.79
CA PRO C 1090 75.06 -26.42 -0.88
C PRO C 1090 74.22 -26.69 0.36
N ARG C 1091 74.82 -26.46 1.53
CA ARG C 1091 74.04 -26.65 2.75
C ARG C 1091 72.87 -25.69 2.80
N GLU C 1092 73.12 -24.42 2.52
CA GLU C 1092 72.07 -23.41 2.43
C GLU C 1092 72.42 -22.47 1.29
N GLY C 1093 71.42 -22.11 0.51
CA GLY C 1093 71.68 -21.36 -0.70
C GLY C 1093 72.07 -22.29 -1.83
N VAL C 1094 72.83 -21.75 -2.79
CA VAL C 1094 73.17 -22.49 -4.00
C VAL C 1094 74.56 -22.14 -4.50
N PHE C 1095 75.07 -23.01 -5.36
CA PHE C 1095 76.31 -22.77 -6.08
C PHE C 1095 76.05 -21.82 -7.23
N VAL C 1096 76.99 -20.93 -7.48
CA VAL C 1096 77.01 -20.12 -8.69
C VAL C 1096 78.45 -19.94 -9.10
N SER C 1097 78.63 -19.51 -10.35
CA SER C 1097 79.88 -18.94 -10.76
C SER C 1097 79.61 -17.78 -11.71
N ASN C 1098 80.52 -16.83 -11.70
CA ASN C 1098 80.51 -15.76 -12.67
C ASN C 1098 81.17 -16.20 -13.97
N GLY C 1099 81.49 -17.48 -14.08
CA GLY C 1099 82.13 -18.05 -15.25
C GLY C 1099 83.53 -18.57 -15.03
N THR C 1100 84.12 -18.36 -13.86
CA THR C 1100 85.42 -18.94 -13.57
C THR C 1100 85.41 -19.74 -12.28
N HIS C 1101 85.17 -19.09 -11.15
CA HIS C 1101 85.28 -19.72 -9.85
C HIS C 1101 83.90 -20.00 -9.30
N TRP C 1102 83.70 -21.21 -8.82
CA TRP C 1102 82.39 -21.58 -8.32
C TRP C 1102 82.20 -21.05 -6.91
N PHE C 1103 81.05 -20.42 -6.69
CA PHE C 1103 80.75 -19.76 -5.44
C PHE C 1103 79.43 -20.29 -4.90
N VAL C 1104 79.46 -20.75 -3.68
CA VAL C 1104 78.24 -20.98 -2.94
C VAL C 1104 77.80 -19.67 -2.34
N THR C 1105 76.50 -19.43 -2.29
CA THR C 1105 76.02 -18.19 -1.71
C THR C 1105 74.60 -18.37 -1.26
N GLN C 1106 74.15 -17.47 -0.40
CA GLN C 1106 72.77 -17.44 0.03
C GLN C 1106 71.87 -17.00 -1.11
N ARG C 1107 70.61 -17.37 -1.01
CA ARG C 1107 69.72 -17.23 -2.15
C ARG C 1107 69.36 -15.78 -2.44
N ASN C 1108 68.84 -15.06 -1.45
CA ASN C 1108 68.17 -13.79 -1.69
C ASN C 1108 69.10 -12.59 -1.65
N PHE C 1109 70.39 -12.79 -1.49
CA PHE C 1109 71.35 -11.69 -1.57
C PHE C 1109 72.66 -12.29 -2.03
N TYR C 1110 73.43 -11.50 -2.77
CA TYR C 1110 74.64 -12.02 -3.37
C TYR C 1110 75.81 -11.75 -2.44
N GLU C 1111 76.35 -12.82 -1.87
CA GLU C 1111 77.55 -12.75 -1.05
C GLU C 1111 78.40 -13.96 -1.37
N PRO C 1112 79.19 -13.88 -2.42
CA PRO C 1112 79.94 -15.05 -2.86
C PRO C 1112 80.92 -15.50 -1.79
N GLN C 1113 81.09 -16.81 -1.67
CA GLN C 1113 81.95 -17.39 -0.67
C GLN C 1113 82.69 -18.57 -1.26
N ILE C 1114 83.98 -18.67 -0.95
CA ILE C 1114 84.74 -19.81 -1.42
C ILE C 1114 84.10 -21.08 -0.89
N ILE C 1115 84.10 -22.12 -1.70
CA ILE C 1115 83.40 -23.35 -1.37
C ILE C 1115 84.29 -24.21 -0.49
N THR C 1116 83.82 -24.51 0.70
CA THR C 1116 84.51 -25.43 1.59
C THR C 1116 83.50 -26.42 2.14
N THR C 1117 84.02 -27.53 2.66
CA THR C 1117 83.14 -28.58 3.14
C THR C 1117 82.17 -28.10 4.21
N ASP C 1118 82.48 -27.01 4.90
CA ASP C 1118 81.53 -26.47 5.85
C ASP C 1118 80.38 -25.76 5.16
N ASN C 1119 80.48 -25.53 3.85
CA ASN C 1119 79.35 -25.00 3.11
C ASN C 1119 78.51 -26.09 2.46
N THR C 1120 78.99 -27.33 2.43
CA THR C 1120 78.39 -28.36 1.60
C THR C 1120 78.38 -29.69 2.31
N PHE C 1121 77.27 -30.41 2.17
CA PHE C 1121 77.18 -31.77 2.68
C PHE C 1121 77.26 -32.74 1.52
N VAL C 1122 77.92 -33.85 1.73
CA VAL C 1122 78.13 -34.85 0.70
C VAL C 1122 76.92 -35.75 0.61
N SER C 1123 76.57 -36.18 -0.61
CA SER C 1123 75.52 -37.17 -0.76
C SER C 1123 75.77 -37.97 -2.03
N GLY C 1124 75.43 -39.26 -1.98
CA GLY C 1124 75.53 -40.12 -3.15
C GLY C 1124 76.88 -40.04 -3.80
N ASN C 1125 76.87 -40.03 -5.13
CA ASN C 1125 78.07 -39.78 -5.92
C ASN C 1125 77.64 -39.22 -7.27
N CYS C 1126 78.58 -39.11 -8.20
CA CYS C 1126 78.39 -38.21 -9.34
C CYS C 1126 77.41 -38.70 -10.38
N ASP C 1127 77.45 -39.97 -10.75
CA ASP C 1127 76.81 -40.40 -11.99
C ASP C 1127 75.32 -40.10 -12.06
N VAL C 1128 74.69 -39.74 -10.96
CA VAL C 1128 73.24 -39.55 -10.92
C VAL C 1128 72.86 -38.11 -11.17
N VAL C 1129 73.31 -37.20 -10.31
CA VAL C 1129 72.82 -35.83 -10.32
C VAL C 1129 72.99 -35.21 -11.70
N ILE C 1130 71.90 -34.71 -12.25
CA ILE C 1130 71.94 -34.09 -13.56
C ILE C 1130 72.65 -32.75 -13.48
N GLY C 1131 73.55 -32.50 -14.41
CA GLY C 1131 74.16 -31.18 -14.48
C GLY C 1131 75.19 -30.89 -13.44
N ILE C 1132 75.66 -31.89 -12.71
CA ILE C 1132 76.74 -31.66 -11.77
C ILE C 1132 78.00 -31.29 -12.54
N VAL C 1133 78.81 -30.39 -11.97
CA VAL C 1133 80.03 -29.91 -12.68
C VAL C 1133 81.28 -30.44 -11.98
N ASN C 1134 82.46 -30.07 -12.50
CA ASN C 1134 83.76 -30.49 -11.93
C ASN C 1134 84.41 -29.28 -11.25
N ASN C 1135 84.77 -29.42 -9.97
CA ASN C 1135 85.41 -28.32 -9.21
C ASN C 1135 86.09 -28.91 -7.97
N THR C 1136 86.98 -28.14 -7.33
CA THR C 1136 87.69 -28.61 -6.15
C THR C 1136 87.12 -27.87 -4.95
N VAL C 1137 86.55 -28.61 -4.01
CA VAL C 1137 85.96 -27.99 -2.83
C VAL C 1137 87.07 -27.88 -1.79
N TYR C 1138 87.43 -26.66 -1.48
CA TYR C 1138 88.55 -26.40 -0.59
C TYR C 1138 88.27 -26.97 0.79
N ASP C 1139 89.32 -27.43 1.44
CA ASP C 1139 89.20 -27.96 2.79
C ASP C 1139 89.63 -26.92 3.80
N PRO C 1140 88.81 -26.62 4.81
CA PRO C 1140 89.31 -25.82 5.93
C PRO C 1140 90.46 -26.52 6.64
N LEU C 1141 90.33 -27.82 6.84
CA LEU C 1141 91.25 -28.52 7.72
C LEU C 1141 92.62 -28.74 7.09
N GLN C 1142 92.64 -29.24 5.85
CA GLN C 1142 93.89 -29.60 5.16
C GLN C 1142 95.00 -28.56 5.30
N PRO C 1143 94.79 -27.27 5.09
CA PRO C 1143 95.89 -26.33 5.28
C PRO C 1143 96.35 -26.27 6.72
N GLU C 1144 95.42 -26.31 7.66
CA GLU C 1144 95.77 -26.28 9.08
C GLU C 1144 96.79 -27.35 9.42
N LEU C 1145 96.76 -28.47 8.69
CA LEU C 1145 97.65 -29.58 8.99
C LEU C 1145 99.11 -29.18 8.94
N ASP C 1146 99.59 -28.80 7.74
CA ASP C 1146 100.92 -29.22 7.32
C ASP C 1146 101.99 -28.96 8.37
N SER C 1147 101.78 -27.91 9.16
CA SER C 1147 102.73 -27.52 10.24
C SER C 1147 102.35 -28.22 11.55
N GLN D 1 -34.49 70.52 -6.55
CA GLN D 1 -34.91 71.54 -5.61
C GLN D 1 -35.30 72.83 -6.31
N GLN D 2 -34.63 73.14 -7.41
CA GLN D 2 -34.68 74.48 -7.96
C GLN D 2 -34.53 74.43 -9.47
N LEU D 3 -35.23 75.33 -10.15
CA LEU D 3 -35.25 75.38 -11.61
C LEU D 3 -34.92 76.79 -12.06
N VAL D 4 -34.04 76.92 -13.04
CA VAL D 4 -33.68 78.22 -13.60
C VAL D 4 -33.97 78.18 -15.10
N GLU D 5 -34.25 79.35 -15.68
CA GLU D 5 -34.76 79.46 -17.03
C GLU D 5 -33.85 80.34 -17.87
N SER D 6 -33.89 80.14 -19.18
CA SER D 6 -33.21 81.05 -20.10
C SER D 6 -33.95 82.37 -20.17
N GLY D 7 -33.28 83.37 -20.72
CA GLY D 7 -33.83 84.72 -20.72
C GLY D 7 -34.94 84.90 -21.73
N GLY D 8 -36.01 85.52 -21.29
CA GLY D 8 -37.08 85.92 -22.17
C GLY D 8 -36.78 87.27 -22.80
N GLY D 9 -37.59 87.61 -23.80
CA GLY D 9 -37.36 88.83 -24.54
C GLY D 9 -38.38 89.03 -25.62
N VAL D 10 -38.20 90.11 -26.37
CA VAL D 10 -39.10 90.49 -27.46
C VAL D 10 -38.50 89.96 -28.76
N VAL D 11 -39.24 89.08 -29.43
CA VAL D 11 -38.82 88.44 -30.66
C VAL D 11 -39.88 88.72 -31.73
N GLN D 12 -39.41 89.00 -32.98
CA GLN D 12 -40.35 89.18 -34.09
C GLN D 12 -41.03 87.85 -34.44
N PRO D 13 -42.27 87.90 -34.94
CA PRO D 13 -42.98 86.67 -35.29
C PRO D 13 -42.32 85.89 -36.42
N GLY D 14 -42.63 84.60 -36.47
CA GLY D 14 -42.04 83.69 -37.42
C GLY D 14 -40.66 83.20 -37.06
N ARG D 15 -40.06 83.71 -35.99
CA ARG D 15 -38.68 83.39 -35.64
C ARG D 15 -38.63 82.18 -34.70
N SER D 16 -37.46 81.98 -34.11
CA SER D 16 -37.21 80.86 -33.22
C SER D 16 -36.37 81.33 -32.03
N LEU D 17 -36.62 80.74 -30.87
CA LEU D 17 -35.87 81.09 -29.67
C LEU D 17 -35.77 79.90 -28.73
N ARG D 18 -34.56 79.33 -28.63
CA ARG D 18 -34.33 78.16 -27.79
C ARG D 18 -34.52 78.49 -26.32
N LEU D 19 -35.26 77.64 -25.62
CA LEU D 19 -35.57 77.79 -24.21
C LEU D 19 -34.76 76.80 -23.39
N SER D 20 -33.94 77.32 -22.51
CA SER D 20 -33.09 76.53 -21.63
C SER D 20 -33.63 76.60 -20.21
N CYS D 21 -33.65 75.45 -19.54
CA CYS D 21 -34.10 75.42 -18.16
C CYS D 21 -33.31 74.35 -17.42
N ALA D 22 -32.49 74.77 -16.46
CA ALA D 22 -31.60 73.87 -15.76
C ALA D 22 -32.15 73.55 -14.37
N ALA D 23 -31.91 72.31 -13.94
CA ALA D 23 -32.38 71.86 -12.64
C ALA D 23 -31.27 71.97 -11.61
N SER D 24 -31.64 71.74 -10.35
CA SER D 24 -30.73 71.78 -9.21
C SER D 24 -31.41 71.08 -8.05
N GLY D 25 -30.59 70.53 -7.16
CA GLY D 25 -31.08 69.73 -6.06
C GLY D 25 -31.28 68.27 -6.37
N PHE D 26 -32.23 67.94 -7.24
CA PHE D 26 -32.24 66.60 -7.82
C PHE D 26 -32.26 66.75 -9.34
N THR D 27 -31.75 65.71 -10.00
CA THR D 27 -31.59 65.68 -11.43
C THR D 27 -32.92 65.76 -12.17
N PHE D 28 -32.85 66.33 -13.37
CA PHE D 28 -33.83 66.06 -14.42
C PHE D 28 -33.93 64.58 -14.76
N SER D 29 -32.81 63.85 -14.70
CA SER D 29 -32.60 62.63 -15.45
C SER D 29 -33.63 61.55 -15.18
N SER D 30 -33.93 61.32 -13.91
CA SER D 30 -34.83 60.22 -13.59
C SER D 30 -36.29 60.58 -13.85
N TYR D 31 -36.60 61.85 -14.04
CA TYR D 31 -37.99 62.24 -14.19
C TYR D 31 -38.31 62.60 -15.63
N ALA D 32 -39.54 63.04 -15.84
CA ALA D 32 -39.97 63.75 -17.04
C ALA D 32 -39.81 65.23 -16.76
N MET D 33 -40.23 66.09 -17.69
CA MET D 33 -40.40 67.50 -17.38
C MET D 33 -41.36 68.09 -18.41
N HIS D 34 -41.98 69.21 -18.04
CA HIS D 34 -43.01 69.83 -18.87
C HIS D 34 -42.71 71.31 -19.07
N TRP D 35 -43.46 71.90 -19.99
CA TRP D 35 -43.58 73.32 -20.14
C TRP D 35 -45.06 73.71 -20.10
N VAL D 36 -45.36 74.81 -19.43
CA VAL D 36 -46.69 75.38 -19.49
C VAL D 36 -46.58 76.87 -19.78
N ARG D 37 -47.72 77.46 -20.12
CA ARG D 37 -47.85 78.83 -20.57
C ARG D 37 -48.85 79.55 -19.67
N GLN D 38 -48.53 80.80 -19.32
CA GLN D 38 -49.52 81.68 -18.70
C GLN D 38 -49.48 83.02 -19.41
N ALA D 39 -50.51 83.30 -20.18
CA ALA D 39 -50.77 84.63 -20.66
C ALA D 39 -51.35 85.48 -19.53
N PRO D 40 -51.16 86.80 -19.55
CA PRO D 40 -51.65 87.63 -18.44
C PRO D 40 -53.17 87.65 -18.38
N GLY D 41 -53.69 87.26 -17.23
CA GLY D 41 -55.12 87.10 -17.06
C GLY D 41 -55.69 85.81 -17.60
N LYS D 42 -54.87 84.97 -18.23
CA LYS D 42 -55.34 83.72 -18.79
C LYS D 42 -54.89 82.55 -17.90
N GLY D 43 -55.60 81.44 -18.03
CA GLY D 43 -55.29 80.28 -17.25
C GLY D 43 -53.99 79.63 -17.68
N LEU D 44 -53.54 78.69 -16.87
CA LEU D 44 -52.32 77.94 -17.14
C LEU D 44 -52.63 76.91 -18.20
N GLU D 45 -51.97 77.01 -19.35
CA GLU D 45 -52.21 76.12 -20.47
C GLU D 45 -50.97 75.28 -20.68
N TRP D 46 -51.13 73.96 -20.62
CA TRP D 46 -50.03 73.03 -20.83
C TRP D 46 -49.52 73.12 -22.27
N VAL D 47 -48.22 72.94 -22.43
CA VAL D 47 -47.58 73.10 -23.74
C VAL D 47 -47.05 71.79 -24.29
N ALA D 48 -46.05 71.21 -23.61
CA ALA D 48 -45.37 70.04 -24.16
C ALA D 48 -44.66 69.29 -23.04
N VAL D 49 -44.42 67.99 -23.28
CA VAL D 49 -43.73 67.14 -22.31
C VAL D 49 -42.31 66.91 -22.79
N ILE D 50 -41.50 66.33 -21.93
CA ILE D 50 -40.31 65.60 -22.33
C ILE D 50 -40.33 64.32 -21.50
N SER D 51 -39.79 63.25 -22.06
CA SER D 51 -39.74 61.96 -21.37
C SER D 51 -38.37 61.35 -21.59
N TYR D 52 -37.45 61.58 -20.64
CA TYR D 52 -36.09 61.10 -20.84
C TYR D 52 -35.95 59.61 -20.62
N ASP D 53 -36.81 59.00 -19.82
CA ASP D 53 -36.61 57.62 -19.39
C ASP D 53 -36.77 56.60 -20.51
N GLY D 54 -37.43 57.01 -21.59
CA GLY D 54 -37.24 56.36 -22.86
C GLY D 54 -36.64 57.36 -23.83
N SER D 55 -37.45 57.74 -24.82
CA SER D 55 -37.36 59.03 -25.50
C SER D 55 -38.66 59.24 -26.27
N ASN D 56 -39.39 60.28 -25.93
CA ASN D 56 -40.64 60.60 -26.60
C ASN D 56 -40.98 62.05 -26.31
N LYS D 57 -41.60 62.70 -27.30
CA LYS D 57 -41.96 64.10 -27.20
C LYS D 57 -43.39 64.29 -27.65
N TYR D 58 -44.23 64.84 -26.76
CA TYR D 58 -45.61 65.15 -27.08
C TYR D 58 -45.83 66.64 -26.95
N TYR D 59 -46.61 67.16 -27.92
CA TYR D 59 -46.89 68.58 -28.04
C TYR D 59 -48.39 68.78 -27.92
N ALA D 60 -48.79 69.95 -27.47
CA ALA D 60 -50.21 70.31 -27.55
C ALA D 60 -50.57 70.58 -28.99
N ASP D 61 -51.66 69.98 -29.45
CA ASP D 61 -52.16 70.31 -30.79
C ASP D 61 -52.94 71.61 -30.79
N SER D 62 -53.29 72.13 -29.61
CA SER D 62 -53.89 73.47 -29.52
C SER D 62 -52.91 74.54 -29.99
N VAL D 63 -51.65 74.44 -29.55
CA VAL D 63 -50.58 75.26 -30.09
C VAL D 63 -49.58 74.27 -30.67
N LYS D 64 -49.78 73.91 -31.92
CA LYS D 64 -48.99 72.90 -32.61
C LYS D 64 -48.08 73.65 -33.57
N GLY D 65 -46.95 74.13 -33.05
CA GLY D 65 -46.03 74.90 -33.85
C GLY D 65 -44.68 74.26 -34.03
N ARG D 66 -44.55 72.96 -33.75
CA ARG D 66 -43.28 72.24 -33.72
C ARG D 66 -42.27 72.91 -32.80
N PHE D 67 -42.75 73.29 -31.62
CA PHE D 67 -41.87 73.76 -30.56
C PHE D 67 -41.07 72.58 -30.03
N THR D 68 -39.85 72.44 -30.52
CA THR D 68 -39.11 71.20 -30.31
C THR D 68 -38.50 71.13 -28.92
N ILE D 69 -38.52 69.93 -28.36
CA ILE D 69 -38.08 69.70 -26.99
C ILE D 69 -37.08 68.55 -26.99
N SER D 70 -35.96 68.77 -26.32
CA SER D 70 -34.98 67.73 -26.04
C SER D 70 -34.16 68.18 -24.83
N ARG D 71 -33.07 67.50 -24.59
CA ARG D 71 -32.41 67.51 -23.30
C ARG D 71 -31.04 68.15 -23.38
N ASP D 72 -30.54 68.48 -22.19
CA ASP D 72 -29.13 68.33 -21.85
C ASP D 72 -29.13 67.70 -20.46
N ASN D 73 -29.22 66.37 -20.43
CA ASN D 73 -29.39 65.62 -19.19
C ASN D 73 -28.20 65.77 -18.25
N SER D 74 -27.00 65.84 -18.83
CA SER D 74 -25.79 65.89 -18.02
C SER D 74 -25.59 67.26 -17.40
N LYS D 75 -26.32 68.27 -17.87
CA LYS D 75 -26.39 69.54 -17.17
C LYS D 75 -27.71 69.73 -16.45
N ASN D 76 -28.58 68.70 -16.45
CA ASN D 76 -29.92 68.72 -15.85
C ASN D 76 -30.74 69.87 -16.41
N THR D 77 -30.72 70.00 -17.73
CA THR D 77 -31.22 71.17 -18.42
C THR D 77 -32.09 70.66 -19.57
N LEU D 78 -32.98 71.51 -20.06
CA LEU D 78 -33.96 71.11 -21.05
C LEU D 78 -34.21 72.26 -22.02
N TYR D 79 -34.35 71.92 -23.30
CA TYR D 79 -34.30 72.87 -24.41
C TYR D 79 -35.55 72.71 -25.26
N LEU D 80 -36.35 73.77 -25.36
CA LEU D 80 -37.49 73.81 -26.26
C LEU D 80 -37.41 75.07 -27.08
N GLN D 81 -37.21 74.90 -28.39
CA GLN D 81 -36.97 76.01 -29.29
C GLN D 81 -38.31 76.56 -29.77
N MET D 82 -38.52 77.86 -29.56
CA MET D 82 -39.74 78.53 -29.97
C MET D 82 -39.76 78.72 -31.48
N ASN D 83 -40.52 77.87 -32.15
CA ASN D 83 -40.58 77.86 -33.61
C ASN D 83 -41.97 78.27 -34.06
N SER D 84 -42.03 78.96 -35.20
CA SER D 84 -43.26 79.39 -35.88
C SER D 84 -44.12 80.26 -34.96
N LEU D 85 -43.58 81.42 -34.62
CA LEU D 85 -44.16 82.27 -33.61
C LEU D 85 -45.41 83.00 -34.11
N ARG D 86 -46.23 83.42 -33.15
CA ARG D 86 -47.44 84.21 -33.40
C ARG D 86 -47.83 84.87 -32.08
N ALA D 87 -48.40 86.08 -32.20
CA ALA D 87 -48.31 87.10 -31.16
C ALA D 87 -49.05 86.72 -29.89
N GLU D 88 -50.11 85.92 -30.02
CA GLU D 88 -50.89 85.49 -28.87
C GLU D 88 -50.14 84.53 -27.97
N ASP D 89 -49.01 83.98 -28.43
CA ASP D 89 -48.14 83.20 -27.58
C ASP D 89 -47.29 84.07 -26.65
N THR D 90 -47.39 85.39 -26.76
CA THR D 90 -46.70 86.31 -25.86
C THR D 90 -47.19 86.12 -24.44
N ALA D 91 -46.33 85.56 -23.59
CA ALA D 91 -46.75 85.06 -22.28
C ALA D 91 -45.52 84.76 -21.44
N VAL D 92 -45.74 84.18 -20.27
CA VAL D 92 -44.66 83.68 -19.42
C VAL D 92 -44.68 82.15 -19.51
N TYR D 93 -43.52 81.53 -19.49
CA TYR D 93 -43.48 80.07 -19.48
C TYR D 93 -42.96 79.54 -18.16
N TYR D 94 -43.35 78.30 -17.84
CA TYR D 94 -42.88 77.59 -16.66
C TYR D 94 -42.38 76.20 -17.00
N CYS D 95 -41.32 75.81 -16.30
CA CYS D 95 -40.83 74.44 -16.30
C CYS D 95 -41.61 73.66 -15.25
N ALA D 96 -42.16 72.50 -15.61
CA ALA D 96 -43.20 71.90 -14.78
C ALA D 96 -42.99 70.42 -14.54
N ARG D 97 -43.72 69.91 -13.54
CA ARG D 97 -43.73 68.50 -13.19
C ARG D 97 -45.07 68.18 -12.52
N HIS D 98 -45.60 66.99 -12.82
CA HIS D 98 -46.92 66.57 -12.37
C HIS D 98 -46.80 65.41 -11.41
N ALA D 99 -47.42 65.52 -10.24
CA ALA D 99 -47.50 64.40 -9.33
C ALA D 99 -48.51 63.39 -9.86
N THR D 100 -48.02 62.29 -10.43
CA THR D 100 -48.89 61.32 -11.12
C THR D 100 -49.19 60.20 -10.13
N LEU D 101 -49.82 60.56 -9.00
CA LEU D 101 -50.35 59.66 -7.96
C LEU D 101 -49.27 58.93 -7.19
N MET D 102 -48.01 59.05 -7.61
CA MET D 102 -46.91 58.30 -7.06
C MET D 102 -45.96 59.27 -6.37
N ASN D 103 -45.52 60.27 -7.11
CA ASN D 103 -44.52 61.18 -6.58
C ASN D 103 -45.19 62.38 -5.96
N ASN D 104 -44.37 63.22 -5.34
CA ASN D 104 -44.69 64.61 -5.08
C ASN D 104 -43.48 65.40 -5.54
N LYS D 105 -43.39 65.62 -6.84
CA LYS D 105 -42.22 66.30 -7.40
C LYS D 105 -42.56 67.55 -8.17
N ASP D 106 -43.75 68.11 -7.99
CA ASP D 106 -44.18 69.25 -8.78
C ASP D 106 -43.36 70.48 -8.44
N ILE D 107 -42.36 70.76 -9.27
CA ILE D 107 -41.44 71.86 -9.06
C ILE D 107 -41.51 72.78 -10.27
N TRP D 108 -41.53 74.08 -10.02
CA TRP D 108 -41.87 75.08 -11.02
C TRP D 108 -40.75 76.09 -11.10
N GLY D 109 -40.41 76.49 -12.32
CA GLY D 109 -39.39 77.50 -12.52
C GLY D 109 -39.84 78.88 -12.09
N GLN D 110 -38.98 79.86 -12.35
CA GLN D 110 -39.29 81.21 -11.87
C GLN D 110 -40.23 81.93 -12.83
N GLY D 111 -40.20 81.57 -14.10
CA GLY D 111 -41.04 82.20 -15.09
C GLY D 111 -40.33 83.31 -15.84
N THR D 112 -40.26 83.16 -17.16
CA THR D 112 -39.71 84.19 -18.03
C THR D 112 -40.67 84.51 -19.15
N LEU D 113 -40.65 85.77 -19.59
CA LEU D 113 -41.56 86.25 -20.61
C LEU D 113 -40.99 86.05 -22.00
N VAL D 114 -41.68 85.27 -22.80
CA VAL D 114 -41.52 85.29 -24.26
C VAL D 114 -42.49 86.32 -24.80
N THR D 115 -42.02 87.16 -25.71
CA THR D 115 -42.83 88.18 -26.34
C THR D 115 -42.73 88.00 -27.84
N VAL D 116 -43.87 87.93 -28.52
CA VAL D 116 -43.91 87.79 -29.97
C VAL D 116 -44.54 89.05 -30.54
N SER D 117 -43.70 89.94 -31.06
CA SER D 117 -44.14 91.22 -31.61
C SER D 117 -43.02 91.79 -32.46
N SER D 118 -43.42 92.55 -33.48
CA SER D 118 -42.47 93.28 -34.32
C SER D 118 -42.01 94.58 -33.68
N ALA D 119 -42.71 95.04 -32.64
CA ALA D 119 -42.36 96.26 -31.93
C ALA D 119 -41.63 95.89 -30.65
N SER D 120 -40.36 96.29 -30.56
CA SER D 120 -39.52 95.95 -29.42
C SER D 120 -39.93 96.73 -28.18
N GLN E 1 -48.57 15.92 29.02
CA GLN E 1 -49.77 16.28 28.27
C GLN E 1 -50.65 17.27 29.00
N GLN E 2 -50.66 17.17 30.33
CA GLN E 2 -51.70 17.84 31.10
C GLN E 2 -51.15 18.24 32.46
N LEU E 3 -51.62 19.38 32.96
CA LEU E 3 -51.17 19.94 34.22
C LEU E 3 -52.37 20.26 35.09
N VAL E 4 -52.30 19.88 36.36
CA VAL E 4 -53.37 20.17 37.31
C VAL E 4 -52.77 20.96 38.47
N GLU E 5 -53.60 21.78 39.12
CA GLU E 5 -53.13 22.76 40.09
C GLU E 5 -53.83 22.54 41.43
N SER E 6 -53.17 22.99 42.50
CA SER E 6 -53.82 22.99 43.81
C SER E 6 -54.88 24.09 43.85
N GLY E 7 -55.74 24.02 44.87
CA GLY E 7 -56.87 24.92 44.94
C GLY E 7 -56.48 26.31 45.37
N GLY E 8 -57.01 27.29 44.65
CA GLY E 8 -56.88 28.68 45.04
C GLY E 8 -57.95 29.06 46.04
N GLY E 9 -57.78 30.23 46.63
CA GLY E 9 -58.70 30.69 47.65
C GLY E 9 -58.31 32.04 48.19
N VAL E 10 -59.08 32.48 49.18
CA VAL E 10 -58.88 33.79 49.81
C VAL E 10 -58.06 33.58 51.08
N VAL E 11 -56.88 34.19 51.12
CA VAL E 11 -55.94 34.07 52.22
C VAL E 11 -55.64 35.48 52.74
N GLN E 12 -55.55 35.61 54.09
CA GLN E 12 -55.16 36.89 54.68
C GLN E 12 -53.69 37.19 54.36
N PRO E 13 -53.34 38.49 54.27
CA PRO E 13 -51.95 38.85 53.96
C PRO E 13 -50.97 38.43 55.05
N GLY E 14 -49.70 38.33 54.65
CA GLY E 14 -48.64 37.87 55.52
C GLY E 14 -48.57 36.37 55.71
N ARG E 15 -49.51 35.61 55.16
CA ARG E 15 -49.59 34.18 55.39
C ARG E 15 -48.82 33.42 54.32
N SER E 16 -49.05 32.11 54.28
CA SER E 16 -48.37 31.21 53.35
C SER E 16 -49.37 30.21 52.81
N LEU E 17 -49.19 29.81 51.54
CA LEU E 17 -50.07 28.83 50.92
C LEU E 17 -49.31 28.03 49.87
N ARG E 18 -49.04 26.76 50.19
CA ARG E 18 -48.29 25.89 49.28
C ARG E 18 -49.08 25.62 48.00
N LEU E 19 -48.39 25.74 46.88
CA LEU E 19 -48.97 25.56 45.56
C LEU E 19 -48.48 24.24 44.97
N SER E 20 -49.43 23.36 44.69
CA SER E 20 -49.16 22.04 44.12
C SER E 20 -49.61 22.03 42.67
N CYS E 21 -48.79 21.44 41.80
CA CYS E 21 -49.15 21.32 40.40
C CYS E 21 -48.56 20.03 39.86
N ALA E 22 -49.43 19.10 39.49
CA ALA E 22 -49.00 17.78 39.07
C ALA E 22 -49.10 17.65 37.56
N ALA E 23 -48.15 16.90 36.98
CA ALA E 23 -48.09 16.70 35.55
C ALA E 23 -48.76 15.39 35.16
N SER E 24 -48.92 15.19 33.86
CA SER E 24 -49.50 13.98 33.29
C SER E 24 -49.14 13.94 31.82
N GLY E 25 -49.09 12.72 31.28
CA GLY E 25 -48.64 12.50 29.92
C GLY E 25 -47.16 12.34 29.76
N PHE E 26 -46.37 13.39 30.01
CA PHE E 26 -44.95 13.18 30.20
C PHE E 26 -44.56 13.80 31.53
N THR E 27 -43.47 13.28 32.08
CA THR E 27 -42.97 13.65 33.39
C THR E 27 -42.55 15.11 33.46
N PHE E 28 -42.66 15.66 34.66
CA PHE E 28 -41.87 16.81 35.08
C PHE E 28 -40.38 16.56 34.97
N SER E 29 -39.94 15.33 35.24
CA SER E 29 -38.58 15.03 35.71
C SER E 29 -37.51 15.51 34.76
N SER E 30 -37.67 15.24 33.46
CA SER E 30 -36.60 15.58 32.53
C SER E 30 -36.57 17.06 32.20
N TYR E 31 -37.62 17.80 32.52
CA TYR E 31 -37.67 19.20 32.13
C TYR E 31 -37.44 20.11 33.32
N ALA E 32 -37.56 21.41 33.07
CA ALA E 32 -37.71 22.43 34.08
C ALA E 32 -39.21 22.65 34.26
N MET E 33 -39.59 23.64 35.08
CA MET E 33 -40.98 24.11 35.08
C MET E 33 -40.99 25.51 35.68
N HIS E 34 -42.03 26.27 35.35
CA HIS E 34 -42.12 27.66 35.76
C HIS E 34 -43.46 27.94 36.41
N TRP E 35 -43.55 29.11 37.02
CA TRP E 35 -44.80 29.73 37.43
C TRP E 35 -44.90 31.12 36.85
N VAL E 36 -46.08 31.48 36.38
CA VAL E 36 -46.34 32.86 35.99
C VAL E 36 -47.63 33.32 36.64
N ARG E 37 -47.84 34.63 36.57
CA ARG E 37 -48.93 35.34 37.22
C ARG E 37 -49.72 36.11 36.17
N GLN E 38 -51.04 36.10 36.30
CA GLN E 38 -51.89 37.00 35.54
C GLN E 38 -52.88 37.66 36.49
N ALA E 39 -52.69 38.92 36.76
CA ALA E 39 -53.70 39.74 37.39
C ALA E 39 -54.75 40.10 36.35
N PRO E 40 -56.01 40.35 36.77
CA PRO E 40 -57.06 40.64 35.79
C PRO E 40 -56.82 41.96 35.07
N GLY E 41 -56.77 41.88 33.74
CA GLY E 41 -56.41 43.03 32.93
C GLY E 41 -54.94 43.32 32.84
N LYS E 42 -54.10 42.57 33.54
CA LYS E 42 -52.66 42.79 33.53
C LYS E 42 -51.99 41.72 32.69
N GLY E 43 -50.79 42.04 32.22
CA GLY E 43 -50.03 41.11 31.40
C GLY E 43 -49.53 39.93 32.21
N LEU E 44 -49.04 38.94 31.47
CA LEU E 44 -48.48 37.74 32.06
C LEU E 44 -47.09 38.07 32.61
N GLU E 45 -46.92 37.95 33.91
CA GLU E 45 -45.67 38.28 34.57
C GLU E 45 -45.04 37.01 35.11
N TRP E 46 -43.83 36.72 34.67
CA TRP E 46 -43.10 35.55 35.11
C TRP E 46 -42.79 35.65 36.61
N VAL E 47 -42.80 34.50 37.28
CA VAL E 47 -42.62 34.47 38.72
C VAL E 47 -41.32 33.78 39.12
N ALA E 48 -41.19 32.49 38.84
CA ALA E 48 -40.05 31.72 39.34
C ALA E 48 -39.88 30.46 38.52
N VAL E 49 -38.64 29.93 38.51
CA VAL E 49 -38.32 28.71 37.79
C VAL E 49 -38.21 27.56 38.78
N ILE E 50 -38.12 26.35 38.25
CA ILE E 50 -37.52 25.23 38.95
C ILE E 50 -36.63 24.55 37.92
N SER E 51 -35.55 23.94 38.38
CA SER E 51 -34.61 23.25 37.50
C SER E 51 -34.23 21.93 38.15
N TYR E 52 -34.94 20.85 37.80
CA TYR E 52 -34.69 19.59 38.46
C TYR E 52 -33.40 18.91 37.98
N ASP E 53 -32.96 19.19 36.76
CA ASP E 53 -31.88 18.42 36.14
C ASP E 53 -30.52 18.67 36.80
N GLY E 54 -30.41 19.75 37.55
CA GLY E 54 -29.41 19.85 38.59
C GLY E 54 -30.10 19.98 39.92
N SER E 55 -29.96 21.18 40.51
CA SER E 55 -30.93 21.76 41.44
C SER E 55 -30.61 23.23 41.58
N ASN E 56 -31.56 24.08 41.21
CA ASN E 56 -31.39 25.52 41.31
C ASN E 56 -32.77 26.17 41.25
N LYS E 57 -32.91 27.26 41.98
CA LYS E 57 -34.17 27.98 42.09
C LYS E 57 -33.92 29.46 41.88
N TYR E 58 -34.58 30.04 40.87
CA TYR E 58 -34.49 31.46 40.60
C TYR E 58 -35.87 32.09 40.76
N TYR E 59 -35.88 33.27 41.36
CA TYR E 59 -37.09 34.01 41.69
C TYR E 59 -37.03 35.35 40.97
N ALA E 60 -38.19 35.90 40.68
CA ALA E 60 -38.24 37.28 40.20
C ALA E 60 -37.92 38.22 41.37
N ASP E 61 -37.01 39.16 41.14
CA ASP E 61 -36.76 40.18 42.14
C ASP E 61 -37.82 41.28 42.11
N SER E 62 -38.64 41.31 41.06
CA SER E 62 -39.78 42.21 41.03
C SER E 62 -40.79 41.86 42.13
N VAL E 63 -41.09 40.57 42.28
CA VAL E 63 -41.85 40.07 43.41
C VAL E 63 -40.93 39.10 44.12
N LYS E 64 -40.12 39.62 45.02
CA LYS E 64 -39.11 38.86 45.73
C LYS E 64 -39.63 38.65 47.14
N GLY E 65 -40.45 37.62 47.31
CA GLY E 65 -41.05 37.34 48.59
C GLY E 65 -40.66 36.02 49.19
N ARG E 66 -39.58 35.40 48.70
CA ARG E 66 -39.15 34.04 49.06
C ARG E 66 -40.28 33.04 48.87
N PHE E 67 -40.94 33.14 47.72
CA PHE E 67 -41.90 32.14 47.31
C PHE E 67 -41.16 30.88 46.93
N THR E 68 -41.08 29.93 47.86
CA THR E 68 -40.15 28.82 47.71
C THR E 68 -40.68 27.77 46.75
N ILE E 69 -39.76 27.20 45.98
CA ILE E 69 -40.10 26.25 44.93
C ILE E 69 -39.23 25.01 45.10
N SER E 70 -39.87 23.85 45.07
CA SER E 70 -39.19 22.57 45.02
C SER E 70 -40.17 21.56 44.44
N ARG E 71 -39.82 20.28 44.55
CA ARG E 71 -40.41 19.24 43.73
C ARG E 71 -41.22 18.26 44.56
N ASP E 72 -42.02 17.50 43.83
CA ASP E 72 -42.26 16.09 44.12
C ASP E 72 -42.16 15.40 42.77
N ASN E 73 -40.93 15.04 42.38
CA ASN E 73 -40.64 14.51 41.05
C ASN E 73 -41.32 13.17 40.81
N SER E 74 -41.40 12.35 41.85
CA SER E 74 -41.95 11.01 41.70
C SER E 74 -43.46 11.04 41.58
N LYS E 75 -44.09 12.16 41.90
CA LYS E 75 -45.50 12.37 41.57
C LYS E 75 -45.68 13.33 40.40
N ASN E 76 -44.57 13.76 39.78
CA ASN E 76 -44.55 14.73 38.68
C ASN E 76 -45.27 16.02 39.06
N THR E 77 -44.93 16.51 40.24
CA THR E 77 -45.67 17.57 40.91
C THR E 77 -44.65 18.59 41.39
N LEU E 78 -45.10 19.82 41.62
CA LEU E 78 -44.21 20.91 41.95
C LEU E 78 -44.89 21.84 42.95
N TYR E 79 -44.10 22.32 43.92
CA TYR E 79 -44.60 22.97 45.12
C TYR E 79 -43.93 24.33 45.26
N LEU E 80 -44.72 25.39 45.25
CA LEU E 80 -44.24 26.74 45.53
C LEU E 80 -45.13 27.36 46.58
N GLN E 81 -44.56 27.62 47.75
CA GLN E 81 -45.32 28.08 48.90
C GLN E 81 -45.42 29.59 48.86
N MET E 82 -46.65 30.11 48.90
CA MET E 82 -46.89 31.53 48.86
C MET E 82 -46.54 32.16 50.21
N ASN E 83 -45.38 32.81 50.26
CA ASN E 83 -44.87 33.39 51.49
C ASN E 83 -44.83 34.90 51.36
N SER E 84 -45.05 35.58 52.49
CA SER E 84 -44.99 37.04 52.63
C SER E 84 -45.96 37.74 51.66
N LEU E 85 -47.25 37.50 51.89
CA LEU E 85 -48.27 37.91 50.94
C LEU E 85 -48.53 39.41 51.00
N ARG E 86 -49.10 39.92 49.91
CA ARG E 86 -49.53 41.31 49.77
C ARG E 86 -50.51 41.39 48.62
N ALA E 87 -51.48 42.31 48.76
CA ALA E 87 -52.80 42.16 48.14
C ALA E 87 -52.75 42.24 46.63
N GLU E 88 -51.77 42.96 46.08
CA GLU E 88 -51.63 43.10 44.63
C GLU E 88 -51.20 41.81 43.96
N ASP E 89 -50.75 40.82 44.73
CA ASP E 89 -50.48 39.49 44.19
C ASP E 89 -51.75 38.68 43.97
N THR E 90 -52.92 39.23 44.34
CA THR E 90 -54.19 38.58 44.08
C THR E 90 -54.42 38.44 42.59
N ALA E 91 -54.35 37.20 42.09
CA ALA E 91 -54.27 36.93 40.66
C ALA E 91 -54.52 35.45 40.42
N VAL E 92 -54.34 35.04 39.16
CA VAL E 92 -54.37 33.63 38.79
C VAL E 92 -52.94 33.21 38.48
N TYR E 93 -52.58 31.98 38.84
CA TYR E 93 -51.24 31.50 38.50
C TYR E 93 -51.31 30.39 37.46
N TYR E 94 -50.21 30.23 36.72
CA TYR E 94 -50.05 29.17 35.74
C TYR E 94 -48.75 28.42 35.93
N CYS E 95 -48.82 27.11 35.69
CA CYS E 95 -47.65 26.26 35.59
C CYS E 95 -47.15 26.32 34.15
N ALA E 96 -45.86 26.57 33.94
CA ALA E 96 -45.40 26.99 32.63
C ALA E 96 -44.16 26.25 32.15
N ARG E 97 -43.90 26.38 30.85
CA ARG E 97 -42.73 25.82 30.21
C ARG E 97 -42.42 26.65 28.96
N HIS E 98 -41.12 26.85 28.71
CA HIS E 98 -40.64 27.72 27.64
C HIS E 98 -39.92 26.89 26.59
N ALA E 99 -40.33 27.06 25.33
CA ALA E 99 -39.59 26.45 24.23
C ALA E 99 -38.30 27.21 24.00
N THR E 100 -37.17 26.65 24.47
CA THR E 100 -35.89 27.36 24.44
C THR E 100 -35.14 26.92 23.19
N LEU E 101 -35.74 27.18 22.02
CA LEU E 101 -35.18 26.99 20.68
C LEU E 101 -34.97 25.52 20.30
N MET E 102 -35.17 24.61 21.26
CA MET E 102 -34.87 23.21 21.09
C MET E 102 -36.17 22.43 21.14
N ASN E 103 -36.91 22.62 22.22
CA ASN E 103 -38.12 21.84 22.42
C ASN E 103 -39.33 22.57 21.86
N ASN E 104 -40.46 21.89 21.89
CA ASN E 104 -41.77 22.51 21.85
C ASN E 104 -42.55 21.86 22.97
N LYS E 105 -42.33 22.33 24.20
CA LYS E 105 -42.97 21.70 25.34
C LYS E 105 -43.79 22.67 26.16
N ASP E 106 -44.17 23.83 25.61
CA ASP E 106 -44.86 24.86 26.38
C ASP E 106 -46.26 24.39 26.74
N ILE E 107 -46.42 23.90 27.96
CA ILE E 107 -47.67 23.35 28.45
C ILE E 107 -48.08 24.15 29.68
N TRP E 108 -49.36 24.48 29.76
CA TRP E 108 -49.87 25.45 30.71
C TRP E 108 -50.98 24.81 31.52
N GLY E 109 -51.00 25.08 32.81
CA GLY E 109 -52.04 24.57 33.68
C GLY E 109 -53.37 25.24 33.44
N GLN E 110 -54.35 24.88 34.27
CA GLN E 110 -55.69 25.40 34.05
C GLN E 110 -55.85 26.79 34.63
N GLY E 111 -55.08 27.12 35.66
CA GLY E 111 -55.17 28.43 36.28
C GLY E 111 -56.06 28.41 37.51
N THR E 112 -55.48 28.79 38.66
CA THR E 112 -56.23 28.93 39.89
C THR E 112 -55.97 30.29 40.51
N LEU E 113 -56.98 30.81 41.20
CA LEU E 113 -56.89 32.14 41.79
C LEU E 113 -56.34 32.08 43.20
N VAL E 114 -55.21 32.73 43.41
CA VAL E 114 -54.76 33.13 44.73
C VAL E 114 -55.34 34.50 45.02
N THR E 115 -55.88 34.67 46.23
CA THR E 115 -56.45 35.94 46.64
C THR E 115 -55.79 36.35 47.95
N VAL E 116 -55.29 37.57 48.01
CA VAL E 116 -54.64 38.08 49.22
C VAL E 116 -55.49 39.24 49.73
N SER E 117 -56.29 38.96 50.76
CA SER E 117 -57.20 39.94 51.34
C SER E 117 -57.63 39.46 52.71
N SER E 118 -57.91 40.42 53.60
CA SER E 118 -58.45 40.12 54.91
C SER E 118 -59.96 39.88 54.86
N ALA E 119 -60.61 40.26 53.78
CA ALA E 119 -62.06 40.08 53.60
C ALA E 119 -62.29 38.85 52.74
N SER E 120 -62.92 37.84 53.31
CA SER E 120 -63.15 36.58 52.61
C SER E 120 -64.23 36.72 51.54
N GLN F 1 -56.26 -18.04 -54.56
CA GLN F 1 -56.63 -17.42 -55.84
C GLN F 1 -57.68 -18.23 -56.58
N GLN F 2 -57.64 -19.55 -56.43
CA GLN F 2 -58.37 -20.41 -57.35
C GLN F 2 -58.81 -21.68 -56.61
N LEU F 3 -59.98 -22.19 -56.98
CA LEU F 3 -60.58 -23.35 -56.34
C LEU F 3 -60.96 -24.35 -57.41
N VAL F 4 -60.64 -25.62 -57.19
CA VAL F 4 -61.00 -26.69 -58.13
C VAL F 4 -61.81 -27.73 -57.35
N GLU F 5 -62.68 -28.44 -58.06
CA GLU F 5 -63.68 -29.31 -57.46
C GLU F 5 -63.53 -30.72 -57.97
N SER F 6 -64.01 -31.68 -57.18
CA SER F 6 -64.09 -33.06 -57.64
C SER F 6 -65.22 -33.20 -58.65
N GLY F 7 -65.21 -34.30 -59.37
CA GLY F 7 -66.16 -34.48 -60.46
C GLY F 7 -67.55 -34.81 -59.97
N GLY F 8 -68.53 -34.12 -60.57
CA GLY F 8 -69.92 -34.42 -60.35
C GLY F 8 -70.38 -35.54 -61.27
N GLY F 9 -71.56 -36.04 -60.98
CA GLY F 9 -72.09 -37.16 -61.75
C GLY F 9 -73.45 -37.59 -61.25
N VAL F 10 -73.96 -38.65 -61.87
CA VAL F 10 -75.28 -39.18 -61.56
C VAL F 10 -75.09 -40.35 -60.59
N VAL F 11 -75.66 -40.22 -59.40
CA VAL F 11 -75.54 -41.19 -58.32
C VAL F 11 -76.96 -41.60 -57.91
N GLN F 12 -77.15 -42.93 -57.64
CA GLN F 12 -78.43 -43.40 -57.15
C GLN F 12 -78.67 -42.89 -55.73
N PRO F 13 -79.94 -42.70 -55.35
CA PRO F 13 -80.25 -42.20 -54.00
C PRO F 13 -79.84 -43.17 -52.90
N GLY F 14 -79.68 -42.62 -51.69
CA GLY F 14 -79.21 -43.36 -50.55
C GLY F 14 -77.72 -43.59 -50.50
N ARG F 15 -76.98 -43.21 -51.53
CA ARG F 15 -75.56 -43.52 -51.62
C ARG F 15 -74.73 -42.39 -51.01
N SER F 16 -73.43 -42.43 -51.29
CA SER F 16 -72.47 -41.47 -50.76
C SER F 16 -71.47 -41.09 -51.85
N LEU F 17 -71.03 -39.84 -51.84
CA LEU F 17 -70.06 -39.37 -52.83
C LEU F 17 -69.19 -38.28 -52.24
N ARG F 18 -67.92 -38.60 -51.97
CA ARG F 18 -66.99 -37.66 -51.38
C ARG F 18 -66.70 -36.50 -52.33
N LEU F 19 -66.76 -35.29 -51.78
CA LEU F 19 -66.54 -34.06 -52.53
C LEU F 19 -65.19 -33.47 -52.17
N SER F 20 -64.32 -33.35 -53.16
CA SER F 20 -62.99 -32.81 -53.01
C SER F 20 -62.93 -31.43 -53.64
N CYS F 21 -62.28 -30.49 -52.96
CA CYS F 21 -62.13 -29.16 -53.50
C CYS F 21 -60.79 -28.61 -53.03
N ALA F 22 -59.88 -28.39 -53.97
CA ALA F 22 -58.52 -27.97 -53.64
C ALA F 22 -58.34 -26.49 -53.92
N ALA F 23 -57.53 -25.84 -53.09
CA ALA F 23 -57.28 -24.42 -53.22
C ALA F 23 -55.97 -24.17 -53.97
N SER F 24 -55.73 -22.91 -54.30
CA SER F 24 -54.53 -22.47 -55.00
C SER F 24 -54.42 -20.97 -54.83
N GLY F 25 -53.17 -20.48 -54.88
CA GLY F 25 -52.88 -19.09 -54.62
C GLY F 25 -52.67 -18.75 -53.17
N PHE F 26 -53.69 -18.85 -52.33
CA PHE F 26 -53.46 -18.86 -50.90
C PHE F 26 -54.10 -20.11 -50.33
N THR F 27 -53.56 -20.53 -49.20
CA THR F 27 -53.97 -21.75 -48.52
C THR F 27 -55.41 -21.70 -48.04
N PHE F 28 -56.01 -22.88 -47.99
CA PHE F 28 -57.15 -23.14 -47.12
C PHE F 28 -56.84 -22.85 -45.66
N SER F 29 -55.61 -23.13 -45.22
CA SER F 29 -55.28 -23.43 -43.84
C SER F 29 -55.68 -22.32 -42.87
N SER F 30 -55.37 -21.08 -43.21
CA SER F 30 -55.63 -20.00 -42.26
C SER F 30 -57.10 -19.61 -42.23
N TYR F 31 -57.89 -20.04 -43.20
CA TYR F 31 -59.27 -19.59 -43.27
C TYR F 31 -60.22 -20.70 -42.86
N ALA F 32 -61.50 -20.41 -42.96
CA ALA F 32 -62.57 -21.38 -42.96
C ALA F 32 -62.87 -21.75 -44.41
N MET F 33 -63.88 -22.57 -44.65
CA MET F 33 -64.41 -22.73 -46.00
C MET F 33 -65.83 -23.25 -45.90
N HIS F 34 -66.61 -23.03 -46.94
CA HIS F 34 -68.02 -23.38 -46.94
C HIS F 34 -68.36 -24.20 -48.18
N TRP F 35 -69.56 -24.75 -48.15
CA TRP F 35 -70.24 -25.30 -49.32
C TRP F 35 -71.61 -24.67 -49.44
N VAL F 36 -72.00 -24.35 -50.68
CA VAL F 36 -73.36 -23.92 -50.94
C VAL F 36 -73.90 -24.71 -52.13
N ARG F 37 -75.21 -24.63 -52.30
CA ARG F 37 -75.98 -25.38 -53.28
C ARG F 37 -76.74 -24.41 -54.16
N GLN F 38 -76.78 -24.71 -55.47
CA GLN F 38 -77.69 -24.02 -56.37
C GLN F 38 -78.41 -25.06 -57.22
N ALA F 39 -79.68 -25.25 -56.94
CA ALA F 39 -80.56 -25.96 -57.85
C ALA F 39 -80.91 -25.06 -59.02
N PRO F 40 -81.23 -25.62 -60.19
CA PRO F 40 -81.52 -24.77 -61.36
C PRO F 40 -82.79 -23.96 -61.17
N GLY F 41 -82.66 -22.65 -61.29
CA GLY F 41 -83.76 -21.75 -61.01
C GLY F 41 -83.99 -21.46 -59.55
N LYS F 42 -83.24 -22.08 -58.65
CA LYS F 42 -83.42 -21.87 -57.22
C LYS F 42 -82.29 -21.00 -56.69
N GLY F 43 -82.55 -20.36 -55.56
CA GLY F 43 -81.57 -19.50 -54.94
C GLY F 43 -80.40 -20.28 -54.37
N LEU F 44 -79.37 -19.53 -54.01
CA LEU F 44 -78.17 -20.10 -53.42
C LEU F 44 -78.47 -20.46 -51.97
N GLU F 45 -78.39 -21.72 -51.63
CA GLU F 45 -78.71 -22.21 -50.29
C GLU F 45 -77.43 -22.71 -49.65
N TRP F 46 -77.09 -22.13 -48.51
CA TRP F 46 -75.91 -22.54 -47.77
C TRP F 46 -76.05 -23.97 -47.26
N VAL F 47 -74.93 -24.69 -47.21
CA VAL F 47 -74.96 -26.09 -46.85
C VAL F 47 -74.23 -26.36 -45.52
N ALA F 48 -72.93 -26.12 -45.48
CA ALA F 48 -72.14 -26.50 -44.31
C ALA F 48 -70.84 -25.72 -44.28
N VAL F 49 -70.28 -25.57 -43.07
CA VAL F 49 -69.01 -24.87 -42.88
C VAL F 49 -67.90 -25.88 -42.67
N ILE F 50 -66.67 -25.40 -42.69
CA ILE F 50 -65.55 -26.06 -42.05
C ILE F 50 -64.80 -24.96 -41.32
N SER F 51 -64.17 -25.31 -40.20
CA SER F 51 -63.41 -24.35 -39.41
C SER F 51 -62.12 -25.01 -38.99
N TYR F 52 -61.05 -24.78 -39.77
CA TYR F 52 -59.80 -25.46 -39.47
C TYR F 52 -59.06 -24.85 -38.28
N ASP F 53 -59.27 -23.57 -37.99
CA ASP F 53 -58.45 -22.85 -37.02
C ASP F 53 -58.66 -23.33 -35.59
N GLY F 54 -59.78 -24.00 -35.34
CA GLY F 54 -59.88 -24.90 -34.21
C GLY F 54 -60.09 -26.30 -34.73
N SER F 55 -61.30 -26.82 -34.48
CA SER F 55 -61.94 -27.84 -35.30
C SER F 55 -63.41 -27.87 -34.92
N ASN F 56 -64.28 -27.59 -35.89
CA ASN F 56 -65.71 -27.61 -35.66
C ASN F 56 -66.40 -27.70 -37.01
N LYS F 57 -67.54 -28.39 -37.01
CA LYS F 57 -68.29 -28.62 -38.24
C LYS F 57 -69.77 -28.32 -37.97
N TYR F 58 -70.32 -27.39 -38.73
CA TYR F 58 -71.73 -27.05 -38.64
C TYR F 58 -72.41 -27.35 -39.97
N TYR F 59 -73.62 -27.91 -39.87
CA TYR F 59 -74.41 -28.34 -41.00
C TYR F 59 -75.72 -27.56 -41.00
N ALA F 60 -76.30 -27.40 -42.18
CA ALA F 60 -77.66 -26.88 -42.23
C ALA F 60 -78.63 -27.95 -41.74
N ASP F 61 -79.52 -27.57 -40.84
CA ASP F 61 -80.58 -28.49 -40.43
C ASP F 61 -81.71 -28.54 -41.44
N SER F 62 -81.74 -27.61 -42.41
CA SER F 62 -82.67 -27.69 -43.52
C SER F 62 -82.40 -28.92 -44.38
N VAL F 63 -81.13 -29.15 -44.68
CA VAL F 63 -80.71 -30.40 -45.31
C VAL F 63 -79.73 -31.02 -44.33
N LYS F 64 -80.26 -31.80 -43.40
CA LYS F 64 -79.48 -32.40 -42.32
C LYS F 64 -79.35 -33.88 -42.67
N GLY F 65 -78.36 -34.19 -43.49
CA GLY F 65 -78.15 -35.55 -43.95
C GLY F 65 -76.83 -36.15 -43.51
N ARG F 66 -76.16 -35.54 -42.53
CA ARG F 66 -74.80 -35.92 -42.10
C ARG F 66 -73.83 -35.91 -43.26
N PHE F 67 -73.92 -34.86 -44.06
CA PHE F 67 -72.93 -34.61 -45.10
C PHE F 67 -71.62 -34.20 -44.45
N THR F 68 -70.71 -35.15 -44.29
CA THR F 68 -69.58 -34.93 -43.41
C THR F 68 -68.50 -34.10 -44.09
N ILE F 69 -67.87 -33.23 -43.30
CA ILE F 69 -66.89 -32.28 -43.79
C ILE F 69 -65.62 -32.38 -42.95
N SER F 70 -64.50 -32.49 -43.63
CA SER F 70 -63.18 -32.40 -43.00
C SER F 70 -62.18 -32.00 -44.08
N ARG F 71 -60.91 -32.13 -43.76
CA ARG F 71 -59.87 -31.42 -44.47
C ARG F 71 -58.95 -32.39 -45.21
N ASP F 72 -58.18 -31.81 -46.11
CA ASP F 72 -56.79 -32.18 -46.35
C ASP F 72 -56.04 -30.87 -46.45
N ASN F 73 -55.64 -30.34 -45.30
CA ASN F 73 -55.05 -29.00 -45.20
C ASN F 73 -53.72 -28.92 -45.93
N SER F 74 -52.94 -29.99 -45.91
CA SER F 74 -51.61 -29.98 -46.51
C SER F 74 -51.69 -30.03 -48.03
N LYS F 75 -52.85 -30.39 -48.58
CA LYS F 75 -53.09 -30.23 -50.00
C LYS F 75 -54.01 -29.06 -50.30
N ASN F 76 -54.38 -28.28 -49.28
CA ASN F 76 -55.30 -27.14 -49.37
C ASN F 76 -56.63 -27.56 -49.98
N THR F 77 -57.16 -28.66 -49.49
CA THR F 77 -58.27 -29.37 -50.10
C THR F 77 -59.27 -29.68 -49.00
N LEU F 78 -60.52 -29.92 -49.38
CA LEU F 78 -61.59 -30.09 -48.42
C LEU F 78 -62.59 -31.12 -48.94
N TYR F 79 -63.08 -31.95 -48.01
CA TYR F 79 -63.80 -33.18 -48.34
C TYR F 79 -65.12 -33.18 -47.61
N LEU F 80 -66.21 -33.22 -48.37
CA LEU F 80 -67.56 -33.37 -47.81
C LEU F 80 -68.25 -34.51 -48.54
N GLN F 81 -68.53 -35.59 -47.82
CA GLN F 81 -69.06 -36.80 -48.41
C GLN F 81 -70.57 -36.71 -48.46
N MET F 82 -71.12 -36.87 -49.65
CA MET F 82 -72.57 -36.82 -49.87
C MET F 82 -73.23 -38.08 -49.33
N ASN F 83 -73.84 -37.95 -48.15
CA ASN F 83 -74.44 -39.08 -47.47
C ASN F 83 -75.95 -38.88 -47.39
N SER F 84 -76.68 -40.00 -47.45
CA SER F 84 -78.14 -40.07 -47.33
C SER F 84 -78.83 -39.20 -48.39
N LEU F 85 -78.65 -39.61 -49.64
CA LEU F 85 -79.06 -38.78 -50.77
C LEU F 85 -80.57 -38.80 -50.98
N ARG F 86 -81.05 -37.77 -51.67
CA ARG F 86 -82.46 -37.64 -52.06
C ARG F 86 -82.52 -36.61 -53.19
N ALA F 87 -83.48 -36.83 -54.09
CA ALA F 87 -83.36 -36.40 -55.49
C ALA F 87 -83.38 -34.88 -55.64
N GLU F 88 -84.04 -34.19 -54.72
CA GLU F 88 -84.12 -32.74 -54.77
C GLU F 88 -82.79 -32.07 -54.45
N ASP F 89 -81.81 -32.82 -53.94
CA ASP F 89 -80.46 -32.31 -53.78
C ASP F 89 -79.69 -32.28 -55.09
N THR F 90 -80.29 -32.77 -56.19
CA THR F 90 -79.67 -32.71 -57.51
C THR F 90 -79.48 -31.26 -57.93
N ALA F 91 -78.23 -30.82 -57.97
CA ALA F 91 -77.90 -29.40 -58.07
C ALA F 91 -76.42 -29.25 -58.39
N VAL F 92 -75.96 -28.00 -58.40
CA VAL F 92 -74.54 -27.69 -58.52
C VAL F 92 -74.05 -27.23 -57.14
N TYR F 93 -72.83 -27.59 -56.78
CA TYR F 93 -72.28 -27.11 -55.52
C TYR F 93 -71.14 -26.13 -55.75
N TYR F 94 -70.92 -25.26 -54.76
CA TYR F 94 -69.81 -24.32 -54.76
C TYR F 94 -69.02 -24.37 -53.47
N CYS F 95 -67.71 -24.19 -53.61
CA CYS F 95 -66.80 -23.99 -52.49
C CYS F 95 -66.79 -22.49 -52.18
N ALA F 96 -66.99 -22.11 -50.92
CA ALA F 96 -67.35 -20.73 -50.62
C ALA F 96 -66.54 -20.13 -49.47
N ARG F 97 -66.62 -18.81 -49.37
CA ARG F 97 -65.99 -18.04 -48.32
C ARG F 97 -66.76 -16.73 -48.15
N HIS F 98 -66.91 -16.30 -46.89
CA HIS F 98 -67.71 -15.15 -46.53
C HIS F 98 -66.82 -14.05 -45.97
N ALA F 99 -66.96 -12.85 -46.53
CA ALA F 99 -66.27 -11.69 -45.96
C ALA F 99 -66.98 -11.27 -44.68
N THR F 100 -66.40 -11.60 -43.53
CA THR F 100 -67.06 -11.39 -42.24
C THR F 100 -66.55 -10.07 -41.67
N LEU F 101 -66.78 -8.97 -42.41
CA LEU F 101 -66.52 -7.58 -42.04
C LEU F 101 -65.02 -7.25 -41.92
N MET F 102 -64.17 -8.26 -42.02
CA MET F 102 -62.74 -8.12 -41.79
C MET F 102 -62.02 -8.36 -43.10
N ASN F 103 -62.27 -9.52 -43.69
CA ASN F 103 -61.55 -9.90 -44.88
C ASN F 103 -62.30 -9.48 -46.13
N ASN F 104 -61.66 -9.69 -47.27
CA ASN F 104 -62.32 -9.78 -48.55
C ASN F 104 -61.74 -11.03 -49.20
N LYS F 105 -62.24 -12.18 -48.81
CA LYS F 105 -61.70 -13.42 -49.32
C LYS F 105 -62.73 -14.30 -49.99
N ASP F 106 -63.87 -13.75 -50.40
CA ASP F 106 -64.94 -14.56 -50.96
C ASP F 106 -64.56 -15.12 -52.31
N ILE F 107 -64.11 -16.37 -52.32
CA ILE F 107 -63.63 -17.04 -53.53
C ILE F 107 -64.48 -18.28 -53.75
N TRP F 108 -64.87 -18.50 -54.99
CA TRP F 108 -65.89 -19.47 -55.34
C TRP F 108 -65.32 -20.44 -56.36
N GLY F 109 -65.64 -21.72 -56.20
CA GLY F 109 -65.21 -22.73 -57.13
C GLY F 109 -65.91 -22.63 -58.46
N GLN F 110 -65.62 -23.59 -59.34
CA GLN F 110 -66.18 -23.51 -60.68
C GLN F 110 -67.60 -24.06 -60.73
N GLY F 111 -67.93 -24.96 -59.82
CA GLY F 111 -69.26 -25.54 -59.79
C GLY F 111 -69.34 -26.87 -60.52
N THR F 112 -69.73 -27.92 -59.78
CA THR F 112 -69.95 -29.23 -60.37
C THR F 112 -71.32 -29.76 -59.97
N LEU F 113 -71.91 -30.55 -60.87
CA LEU F 113 -73.25 -31.06 -60.68
C LEU F 113 -73.22 -32.40 -59.95
N VAL F 114 -73.85 -32.43 -58.78
CA VAL F 114 -74.27 -33.66 -58.15
C VAL F 114 -75.68 -33.96 -58.64
N THR F 115 -75.91 -35.21 -59.03
CA THR F 115 -77.22 -35.65 -59.50
C THR F 115 -77.65 -36.84 -58.65
N VAL F 116 -78.86 -36.78 -58.11
CA VAL F 116 -79.39 -37.87 -57.30
C VAL F 116 -80.59 -38.45 -58.04
N SER F 117 -80.38 -39.58 -58.71
CA SER F 117 -81.42 -40.23 -59.50
C SER F 117 -81.01 -41.67 -59.77
N SER F 118 -82.01 -42.53 -59.90
CA SER F 118 -81.78 -43.92 -60.29
C SER F 118 -81.60 -44.07 -61.79
N ALA F 119 -81.96 -43.06 -62.57
CA ALA F 119 -81.83 -43.09 -64.02
C ALA F 119 -80.57 -42.31 -64.41
N SER F 120 -79.60 -43.00 -64.98
CA SER F 120 -78.32 -42.39 -65.34
C SER F 120 -78.46 -41.46 -66.54
N GLY G 1 -28.95 45.21 35.37
CA GLY G 1 -30.39 45.31 35.62
C GLY G 1 -31.20 44.31 34.82
N ASP G 2 -32.52 44.49 34.84
CA ASP G 2 -33.41 43.62 34.08
C ASP G 2 -33.34 43.95 32.59
N ILE G 3 -33.92 43.08 31.79
CA ILE G 3 -34.04 43.32 30.36
C ILE G 3 -35.45 43.82 30.08
N GLN G 4 -35.56 45.02 29.55
CA GLN G 4 -36.85 45.62 29.25
C GLN G 4 -37.35 45.11 27.90
N LEU G 5 -38.66 44.86 27.84
CA LEU G 5 -39.32 44.59 26.57
C LEU G 5 -40.12 45.81 26.15
N THR G 6 -40.39 45.89 24.86
CA THR G 6 -41.19 46.97 24.30
C THR G 6 -42.09 46.36 23.24
N GLN G 7 -43.34 46.12 23.60
CA GLN G 7 -44.32 45.54 22.69
C GLN G 7 -45.16 46.65 22.12
N SER G 8 -45.15 46.79 20.79
CA SER G 8 -45.85 47.88 20.16
C SER G 8 -46.58 47.38 18.93
N PRO G 9 -47.84 47.80 18.72
CA PRO G 9 -48.67 48.55 19.67
C PRO G 9 -49.25 47.62 20.72
N SER G 10 -49.66 48.16 21.86
CA SER G 10 -50.22 47.32 22.91
C SER G 10 -51.66 46.91 22.64
N SER G 11 -52.28 47.46 21.61
CA SER G 11 -53.55 46.95 21.09
C SER G 11 -53.66 47.39 19.64
N LEU G 12 -54.45 46.65 18.87
CA LEU G 12 -54.78 47.05 17.52
C LEU G 12 -56.10 46.40 17.12
N SER G 13 -57.14 47.24 17.03
CA SER G 13 -58.47 46.79 16.64
C SER G 13 -58.48 46.63 15.12
N ALA G 14 -58.75 45.41 14.66
CA ALA G 14 -58.46 45.05 13.29
C ALA G 14 -59.69 44.47 12.62
N SER G 15 -59.52 44.11 11.35
CA SER G 15 -60.61 43.68 10.48
C SER G 15 -60.24 42.36 9.80
N VAL G 16 -61.15 41.89 8.94
CA VAL G 16 -61.02 40.56 8.36
C VAL G 16 -60.00 40.57 7.24
N GLY G 17 -59.07 39.60 7.28
CA GLY G 17 -58.12 39.42 6.20
C GLY G 17 -56.92 40.34 6.25
N ASP G 18 -56.64 40.96 7.39
CA ASP G 18 -55.55 41.91 7.52
C ASP G 18 -54.20 41.19 7.51
N ARG G 19 -53.15 41.99 7.61
CA ARG G 19 -51.79 41.50 7.82
C ARG G 19 -51.14 42.40 8.86
N VAL G 20 -51.30 42.02 10.12
CA VAL G 20 -50.91 42.85 11.27
C VAL G 20 -49.49 42.49 11.65
N THR G 21 -48.68 43.52 11.89
CA THR G 21 -47.30 43.36 12.33
C THR G 21 -47.20 43.82 13.77
N ILE G 22 -47.26 42.88 14.71
CA ILE G 22 -47.16 43.21 16.12
C ILE G 22 -45.70 43.11 16.52
N THR G 23 -45.12 44.25 16.86
CA THR G 23 -43.69 44.38 17.11
C THR G 23 -43.40 44.19 18.58
N CYS G 24 -42.35 43.43 18.88
CA CYS G 24 -41.82 43.33 20.23
C CYS G 24 -40.36 43.76 20.12
N ARG G 25 -40.05 44.89 20.73
CA ARG G 25 -38.69 45.41 20.73
C ARG G 25 -38.02 45.08 22.04
N ALA G 26 -36.70 45.05 22.03
CA ALA G 26 -35.94 44.61 23.18
C ALA G 26 -34.94 45.66 23.61
N SER G 27 -34.65 45.69 24.90
CA SER G 27 -33.66 46.63 25.42
C SER G 27 -32.23 46.16 25.15
N GLN G 28 -32.01 44.87 24.97
CA GLN G 28 -30.70 44.34 24.68
C GLN G 28 -30.72 43.62 23.35
N SER G 29 -29.56 43.12 22.94
CA SER G 29 -29.47 42.31 21.73
C SER G 29 -29.66 40.85 22.10
N ILE G 30 -30.85 40.33 21.83
CA ILE G 30 -31.21 38.94 22.12
C ILE G 30 -31.17 38.19 20.80
N SER G 31 -30.49 37.04 20.80
CA SER G 31 -30.17 36.29 19.58
C SER G 31 -31.38 35.92 18.73
N SER G 32 -32.21 35.02 19.23
CA SER G 32 -33.54 34.84 18.69
C SER G 32 -34.57 34.50 19.75
N TYR G 33 -34.23 34.66 21.02
CA TYR G 33 -34.93 33.98 22.10
C TYR G 33 -36.21 34.74 22.42
N LEU G 34 -37.19 34.63 21.53
CA LEU G 34 -38.46 35.33 21.73
C LEU G 34 -39.57 34.49 21.14
N ASN G 35 -40.73 34.54 21.78
CA ASN G 35 -41.82 33.66 21.44
C ASN G 35 -43.09 34.48 21.26
N TRP G 36 -44.20 33.79 21.02
CA TRP G 36 -45.49 34.44 20.81
C TRP G 36 -46.59 33.52 21.32
N TYR G 37 -47.66 34.11 21.84
CA TYR G 37 -48.71 33.31 22.47
C TYR G 37 -50.09 33.74 22.03
N GLN G 38 -51.01 32.78 21.95
CA GLN G 38 -52.43 33.08 21.82
C GLN G 38 -53.09 33.01 23.20
N GLN G 39 -53.81 34.05 23.58
CA GLN G 39 -54.66 33.99 24.76
C GLN G 39 -55.99 34.67 24.51
N LYS G 40 -57.03 33.88 24.29
CA LYS G 40 -58.32 34.48 24.57
C LYS G 40 -58.47 34.62 26.09
N PRO G 41 -59.08 35.69 26.57
CA PRO G 41 -58.98 36.01 28.00
C PRO G 41 -59.69 34.99 28.89
N GLY G 42 -58.88 34.24 29.63
CA GLY G 42 -59.34 33.11 30.40
C GLY G 42 -58.80 31.77 29.95
N LYS G 43 -58.05 31.72 28.86
CA LYS G 43 -57.52 30.48 28.32
C LYS G 43 -56.09 30.28 28.79
N ALA G 44 -55.48 29.21 28.29
CA ALA G 44 -54.06 28.99 28.52
C ALA G 44 -53.28 29.57 27.37
N PRO G 45 -52.09 30.15 27.61
CA PRO G 45 -51.34 30.78 26.52
C PRO G 45 -50.77 29.77 25.55
N LYS G 46 -51.40 29.66 24.39
CA LYS G 46 -51.03 28.72 23.34
C LYS G 46 -49.86 29.31 22.57
N LEU G 47 -48.72 28.63 22.63
CA LEU G 47 -47.49 29.08 21.97
C LEU G 47 -47.65 29.14 20.45
N LEU G 48 -47.13 30.22 19.85
CA LEU G 48 -47.28 30.43 18.42
C LEU G 48 -45.98 30.28 17.66
N ILE G 49 -44.93 31.01 18.06
CA ILE G 49 -43.63 30.95 17.41
C ILE G 49 -42.59 30.63 18.47
N TYR G 50 -41.64 29.77 18.14
CA TYR G 50 -40.51 29.55 19.03
C TYR G 50 -39.24 29.95 18.30
N ALA G 51 -38.31 30.53 19.05
CA ALA G 51 -37.05 31.12 18.58
C ALA G 51 -37.26 32.21 17.54
N ALA G 52 -38.43 32.87 17.57
CA ALA G 52 -38.79 34.06 16.80
C ALA G 52 -38.83 33.88 15.29
N SER G 53 -38.51 32.70 14.78
CA SER G 53 -38.47 32.46 13.35
C SER G 53 -38.95 31.08 12.95
N SER G 54 -39.79 30.43 13.75
CA SER G 54 -40.17 29.06 13.46
C SER G 54 -41.63 28.83 13.83
N LEU G 55 -42.38 28.18 12.94
CA LEU G 55 -43.80 27.95 13.14
C LEU G 55 -44.03 26.86 14.18
N GLN G 56 -45.31 26.56 14.41
CA GLN G 56 -45.66 25.58 15.43
C GLN G 56 -46.78 24.67 14.90
N SER G 57 -46.80 23.44 15.43
CA SER G 57 -47.85 22.47 15.13
C SER G 57 -49.22 23.02 15.48
N GLY G 58 -50.19 22.75 14.60
CA GLY G 58 -51.53 23.27 14.74
C GLY G 58 -51.73 24.69 14.28
N VAL G 59 -50.67 25.48 14.21
CA VAL G 59 -50.74 26.89 13.82
C VAL G 59 -50.18 27.02 12.41
N PRO G 60 -51.01 27.31 11.41
CA PRO G 60 -50.50 27.47 10.05
C PRO G 60 -49.67 28.74 9.88
N SER G 61 -49.25 28.96 8.62
CA SER G 61 -48.37 30.08 8.32
C SER G 61 -49.09 31.41 8.16
N ARG G 62 -50.36 31.50 8.56
CA ARG G 62 -51.00 32.80 8.74
C ARG G 62 -50.32 33.65 9.80
N PHE G 63 -49.63 33.02 10.75
CA PHE G 63 -48.69 33.67 11.64
C PHE G 63 -47.30 33.37 11.11
N SER G 64 -46.36 34.29 11.31
CA SER G 64 -45.03 34.20 10.70
C SER G 64 -44.07 35.12 11.44
N GLY G 65 -43.07 34.54 12.08
CA GLY G 65 -42.13 35.34 12.86
C GLY G 65 -40.83 35.61 12.13
N SER G 66 -40.21 36.74 12.49
CA SER G 66 -38.87 37.08 12.04
C SER G 66 -38.30 38.12 12.98
N GLY G 67 -37.01 38.38 12.81
CA GLY G 67 -36.30 39.38 13.59
C GLY G 67 -35.24 38.76 14.48
N SER G 68 -34.35 39.63 14.95
CA SER G 68 -33.25 39.23 15.83
C SER G 68 -32.70 40.47 16.50
N GLY G 69 -31.79 40.24 17.45
CA GLY G 69 -31.13 41.35 18.11
C GLY G 69 -32.06 42.04 19.09
N THR G 70 -32.47 43.25 18.73
CA THR G 70 -33.43 44.00 19.54
C THR G 70 -34.83 43.93 18.96
N ASP G 71 -34.93 43.71 17.66
CA ASP G 71 -36.15 43.93 16.91
C ASP G 71 -36.79 42.58 16.61
N PHE G 72 -38.04 42.41 17.02
CA PHE G 72 -38.75 41.15 16.79
C PHE G 72 -40.14 41.46 16.26
N THR G 73 -40.62 40.58 15.39
CA THR G 73 -41.78 40.88 14.58
C THR G 73 -42.76 39.72 14.58
N LEU G 74 -44.03 40.02 14.85
CA LEU G 74 -45.14 39.09 14.71
C LEU G 74 -45.85 39.41 13.40
N THR G 75 -45.73 38.52 12.44
CA THR G 75 -46.25 38.72 11.10
C THR G 75 -47.54 37.92 10.96
N ILE G 76 -48.64 38.50 11.37
CA ILE G 76 -49.95 37.90 11.20
C ILE G 76 -50.42 38.24 9.79
N SER G 77 -50.84 37.22 9.04
CA SER G 77 -51.25 37.41 7.66
C SER G 77 -52.59 36.71 7.43
N SER G 78 -53.42 37.33 6.59
CA SER G 78 -54.76 36.84 6.22
C SER G 78 -55.62 36.60 7.46
N LEU G 79 -55.92 37.71 8.15
CA LEU G 79 -56.39 37.66 9.53
C LEU G 79 -57.76 37.03 9.65
N GLN G 80 -57.83 35.98 10.45
CA GLN G 80 -58.95 35.07 10.55
C GLN G 80 -59.86 35.46 11.70
N PRO G 81 -61.16 35.16 11.61
CA PRO G 81 -62.10 35.52 12.70
C PRO G 81 -61.82 34.85 14.04
N GLU G 82 -61.03 33.78 14.08
CA GLU G 82 -60.63 33.20 15.35
C GLU G 82 -59.35 33.81 15.90
N ASP G 83 -58.60 34.57 15.09
CA ASP G 83 -57.32 35.08 15.53
C ASP G 83 -57.44 36.34 16.38
N PHE G 84 -58.65 36.83 16.65
CA PHE G 84 -58.84 38.06 17.40
C PHE G 84 -58.81 37.74 18.89
N ALA G 85 -57.65 37.95 19.52
CA ALA G 85 -57.45 37.62 20.93
C ALA G 85 -56.30 38.46 21.47
N THR G 86 -55.89 38.16 22.70
CA THR G 86 -54.82 38.88 23.37
C THR G 86 -53.52 38.09 23.28
N TYR G 87 -52.50 38.71 22.68
CA TYR G 87 -51.29 38.00 22.33
C TYR G 87 -50.11 38.56 23.13
N TYR G 88 -48.98 37.85 23.06
CA TYR G 88 -47.84 38.13 23.92
C TYR G 88 -46.53 37.74 23.25
N CYS G 89 -45.50 38.55 23.46
CA CYS G 89 -44.14 38.16 23.16
C CYS G 89 -43.43 37.69 24.43
N GLN G 90 -42.19 37.23 24.26
CA GLN G 90 -41.51 36.48 25.30
C GLN G 90 -40.01 36.43 25.09
N GLN G 91 -39.24 36.86 26.09
CA GLN G 91 -37.81 36.61 26.11
C GLN G 91 -37.54 35.30 26.80
N SER G 92 -36.42 34.68 26.46
CA SER G 92 -35.82 33.64 27.28
C SER G 92 -34.31 33.79 27.33
N TYR G 93 -33.82 35.01 27.14
CA TYR G 93 -32.40 35.26 27.00
C TYR G 93 -31.69 35.10 28.34
N SER G 94 -32.12 35.84 29.35
CA SER G 94 -31.51 35.82 30.66
C SER G 94 -32.53 35.42 31.70
N THR G 95 -32.10 35.41 32.92
CA THR G 95 -33.00 35.38 34.05
C THR G 95 -32.95 36.73 34.73
N PRO G 96 -34.09 37.41 34.99
CA PRO G 96 -35.51 37.04 34.84
C PRO G 96 -36.06 37.10 33.42
N ARG G 97 -37.02 36.22 33.16
CA ARG G 97 -37.81 36.31 31.95
C ARG G 97 -38.92 37.33 32.15
N THR G 98 -39.15 38.15 31.15
CA THR G 98 -40.32 39.02 31.15
C THR G 98 -41.09 38.74 29.89
N PHE G 99 -42.37 39.09 29.92
CA PHE G 99 -43.24 38.92 28.79
C PHE G 99 -43.70 40.30 28.38
N GLY G 100 -44.16 40.45 27.14
CA GLY G 100 -44.71 41.73 26.73
C GLY G 100 -46.03 42.02 27.43
N GLN G 101 -46.48 43.27 27.30
CA GLN G 101 -47.72 43.65 27.97
C GLN G 101 -48.95 43.11 27.27
N GLY G 102 -48.81 42.58 26.06
CA GLY G 102 -49.93 42.01 25.36
C GLY G 102 -50.43 42.91 24.26
N THR G 103 -50.96 42.31 23.21
CA THR G 103 -51.58 43.06 22.11
C THR G 103 -52.89 42.37 21.76
N LYS G 104 -54.00 43.07 22.01
CA LYS G 104 -55.32 42.53 21.75
C LYS G 104 -55.74 42.90 20.34
N VAL G 105 -55.73 41.92 19.45
CA VAL G 105 -56.28 42.08 18.12
C VAL G 105 -57.77 41.76 18.20
N GLU G 106 -58.60 42.70 17.76
CA GLU G 106 -60.03 42.63 18.03
C GLU G 106 -60.79 43.21 16.85
N ILE G 107 -62.07 42.83 16.76
CA ILE G 107 -62.84 43.07 15.55
C ILE G 107 -63.29 44.53 15.51
N LYS G 108 -63.05 45.17 14.36
CA LYS G 108 -63.36 46.57 14.17
C LYS G 108 -64.84 46.79 13.94
N GLY H 1 -61.01 63.09 -29.44
CA GLY H 1 -60.72 64.49 -29.21
C GLY H 1 -60.06 64.75 -27.87
N ASP H 2 -59.96 66.02 -27.50
CA ASP H 2 -59.36 66.38 -26.22
C ASP H 2 -60.33 66.08 -25.08
N ILE H 3 -59.81 66.14 -23.86
CA ILE H 3 -60.63 66.00 -22.68
C ILE H 3 -60.93 67.39 -22.13
N GLN H 4 -62.20 67.72 -22.06
CA GLN H 4 -62.62 69.04 -21.58
C GLN H 4 -62.68 69.03 -20.06
N LEU H 5 -62.25 70.12 -19.45
CA LEU H 5 -62.45 70.35 -18.03
C LEU H 5 -63.55 71.37 -17.83
N THR H 6 -64.15 71.35 -16.65
CA THR H 6 -65.19 72.28 -16.29
C THR H 6 -64.96 72.67 -14.84
N GLN H 7 -64.36 73.84 -14.63
CA GLN H 7 -64.08 74.33 -13.30
C GLN H 7 -65.15 75.33 -12.90
N SER H 8 -65.85 75.03 -11.82
CA SER H 8 -66.96 75.87 -11.42
C SER H 8 -66.93 76.10 -9.92
N PRO H 9 -67.16 77.33 -9.46
CA PRO H 9 -67.25 78.56 -10.26
C PRO H 9 -65.86 79.04 -10.64
N SER H 10 -65.76 79.86 -11.68
CA SER H 10 -64.46 80.36 -12.08
C SER H 10 -63.95 81.50 -11.21
N SER H 11 -64.78 82.00 -10.30
CA SER H 11 -64.33 82.88 -9.23
C SER H 11 -65.34 82.79 -8.09
N LEU H 12 -64.87 83.10 -6.89
CA LEU H 12 -65.77 83.21 -5.75
C LEU H 12 -65.13 84.12 -4.72
N SER H 13 -65.71 85.32 -4.58
CA SER H 13 -65.26 86.31 -3.62
C SER H 13 -65.78 85.92 -2.25
N ALA H 14 -64.86 85.67 -1.31
CA ALA H 14 -65.20 84.97 -0.10
C ALA H 14 -64.77 85.76 1.13
N SER H 15 -65.05 85.19 2.30
CA SER H 15 -64.84 85.86 3.58
C SER H 15 -64.05 84.95 4.51
N VAL H 16 -63.86 85.43 5.75
CA VAL H 16 -62.96 84.76 6.68
C VAL H 16 -63.65 83.56 7.30
N GLY H 17 -62.96 82.41 7.31
CA GLY H 17 -63.45 81.23 7.96
C GLY H 17 -64.46 80.42 7.18
N ASP H 18 -64.55 80.63 5.86
CA ASP H 18 -65.52 79.94 5.04
C ASP H 18 -65.15 78.49 4.84
N ARG H 19 -66.00 77.78 4.09
CA ARG H 19 -65.73 76.43 3.63
C ARG H 19 -66.17 76.36 2.18
N VAL H 20 -65.26 76.69 1.27
CA VAL H 20 -65.55 76.85 -0.15
C VAL H 20 -65.32 75.53 -0.85
N THR H 21 -66.27 75.15 -1.71
CA THR H 21 -66.19 73.94 -2.51
C THR H 21 -65.97 74.34 -3.96
N ILE H 22 -64.73 74.33 -4.40
CA ILE H 22 -64.40 74.67 -5.78
C ILE H 22 -64.42 73.39 -6.59
N THR H 23 -65.37 73.28 -7.51
CA THR H 23 -65.64 72.07 -8.24
C THR H 23 -64.88 72.09 -9.57
N CYS H 24 -64.26 70.97 -9.90
CA CYS H 24 -63.68 70.75 -11.22
C CYS H 24 -64.37 69.53 -11.78
N ARG H 25 -65.16 69.74 -12.83
CA ARG H 25 -65.86 68.65 -13.48
C ARG H 25 -65.11 68.24 -14.74
N ALA H 26 -65.34 67.02 -15.17
CA ALA H 26 -64.58 66.45 -16.28
C ALA H 26 -65.51 65.96 -17.37
N SER H 27 -65.01 66.00 -18.60
CA SER H 27 -65.78 65.51 -19.72
C SER H 27 -65.76 63.99 -19.81
N GLN H 28 -64.74 63.34 -19.27
CA GLN H 28 -64.65 61.89 -19.29
C GLN H 28 -64.60 61.38 -17.85
N SER H 29 -64.55 60.05 -17.73
CA SER H 29 -64.40 59.44 -16.42
C SER H 29 -62.91 59.24 -16.14
N ILE H 30 -62.35 60.10 -15.31
CA ILE H 30 -60.94 60.07 -14.93
C ILE H 30 -60.87 59.50 -13.53
N SER H 31 -59.98 58.51 -13.34
CA SER H 31 -59.93 57.69 -12.13
C SER H 31 -59.76 58.49 -10.84
N SER H 32 -58.59 59.09 -10.65
CA SER H 32 -58.44 60.13 -9.66
C SER H 32 -57.47 61.22 -10.10
N TYR H 33 -57.12 61.26 -11.38
CA TYR H 33 -55.91 61.95 -11.82
C TYR H 33 -56.20 63.44 -11.93
N LEU H 34 -56.31 64.11 -10.79
CA LEU H 34 -56.62 65.52 -10.77
C LEU H 34 -55.93 66.15 -9.57
N ASN H 35 -55.48 67.39 -9.75
CA ASN H 35 -54.66 68.03 -8.75
C ASN H 35 -55.22 69.41 -8.46
N TRP H 36 -54.52 70.17 -7.62
CA TRP H 36 -54.94 71.51 -7.24
C TRP H 36 -53.71 72.35 -6.95
N TYR H 37 -53.80 73.65 -7.25
CA TYR H 37 -52.63 74.51 -7.15
C TYR H 37 -52.95 75.81 -6.44
N GLN H 38 -51.96 76.33 -5.70
CA GLN H 38 -52.03 77.71 -5.22
C GLN H 38 -51.23 78.61 -6.15
N GLN H 39 -51.85 79.69 -6.61
CA GLN H 39 -51.11 80.73 -7.32
C GLN H 39 -51.59 82.12 -6.89
N LYS H 40 -50.80 82.78 -6.04
CA LYS H 40 -50.96 84.22 -6.06
C LYS H 40 -50.39 84.75 -7.37
N PRO H 41 -51.01 85.77 -7.98
CA PRO H 41 -50.67 86.12 -9.36
C PRO H 41 -49.25 86.66 -9.52
N GLY H 42 -48.40 85.85 -10.16
CA GLY H 42 -46.99 86.11 -10.26
C GLY H 42 -46.11 85.08 -9.57
N LYS H 43 -46.70 84.12 -8.87
CA LYS H 43 -45.94 83.12 -8.13
C LYS H 43 -45.81 81.85 -8.96
N ALA H 44 -45.21 80.85 -8.35
CA ALA H 44 -45.17 79.52 -8.96
C ALA H 44 -46.35 78.71 -8.44
N PRO H 45 -46.96 77.85 -9.27
CA PRO H 45 -48.14 77.11 -8.82
C PRO H 45 -47.77 76.03 -7.81
N LYS H 46 -48.09 76.31 -6.55
CA LYS H 46 -47.79 75.42 -5.43
C LYS H 46 -48.86 74.34 -5.38
N LEU H 47 -48.45 73.09 -5.58
CA LEU H 47 -49.37 71.95 -5.60
C LEU H 47 -50.05 71.75 -4.25
N LEU H 48 -51.36 71.47 -4.30
CA LEU H 48 -52.15 71.34 -3.08
C LEU H 48 -52.60 69.91 -2.83
N ILE H 49 -53.25 69.27 -3.79
CA ILE H 49 -53.72 67.90 -3.66
C ILE H 49 -53.17 67.09 -4.82
N TYR H 50 -52.73 65.86 -4.55
CA TYR H 50 -52.36 64.98 -5.63
C TYR H 50 -53.26 63.76 -5.58
N ALA H 51 -53.61 63.25 -6.78
CA ALA H 51 -54.56 62.17 -7.01
C ALA H 51 -55.95 62.47 -6.43
N ALA H 52 -56.29 63.75 -6.30
CA ALA H 52 -57.61 64.28 -5.94
C ALA H 52 -58.12 63.90 -4.55
N SER H 53 -57.36 63.12 -3.79
CA SER H 53 -57.79 62.66 -2.48
C SER H 53 -56.67 62.58 -1.45
N SER H 54 -55.59 63.34 -1.63
CA SER H 54 -54.44 63.20 -0.75
C SER H 54 -53.81 64.56 -0.49
N LEU H 55 -53.51 64.83 0.78
CA LEU H 55 -52.94 66.12 1.18
C LEU H 55 -51.49 66.23 0.76
N GLN H 56 -50.88 67.36 1.11
CA GLN H 56 -49.51 67.63 0.71
C GLN H 56 -48.74 68.25 1.87
N SER H 57 -47.43 68.01 1.88
CA SER H 57 -46.51 68.60 2.85
C SER H 57 -46.58 70.12 2.82
N GLY H 58 -46.56 70.72 4.01
CA GLY H 58 -46.70 72.15 4.17
C GLY H 58 -48.12 72.66 4.12
N VAL H 59 -49.04 71.91 3.52
CA VAL H 59 -50.43 72.33 3.37
C VAL H 59 -51.28 71.52 4.36
N PRO H 60 -51.82 72.14 5.40
CA PRO H 60 -52.66 71.39 6.35
C PRO H 60 -54.00 70.98 5.75
N SER H 61 -54.84 70.38 6.61
CA SER H 61 -56.11 69.83 6.16
C SER H 61 -57.21 70.89 6.06
N ARG H 62 -56.89 72.18 6.11
CA ARG H 62 -57.83 73.21 5.72
C ARG H 62 -58.23 73.09 4.25
N PHE H 63 -57.38 72.50 3.42
CA PHE H 63 -57.73 72.04 2.09
C PHE H 63 -57.95 70.54 2.18
N SER H 64 -58.85 70.01 1.34
CA SER H 64 -59.28 68.62 1.44
C SER H 64 -59.94 68.20 0.14
N GLY H 65 -59.34 67.24 -0.54
CA GLY H 65 -59.86 66.81 -1.83
C GLY H 65 -60.66 65.53 -1.75
N SER H 66 -61.61 65.39 -2.68
CA SER H 66 -62.35 64.16 -2.88
C SER H 66 -62.96 64.18 -4.27
N GLY H 67 -63.50 63.04 -4.67
CA GLY H 67 -64.16 62.89 -5.94
C GLY H 67 -63.42 61.93 -6.86
N SER H 68 -64.14 61.48 -7.89
CA SER H 68 -63.60 60.55 -8.88
C SER H 68 -64.49 60.59 -10.11
N GLY H 69 -64.04 59.91 -11.16
CA GLY H 69 -64.84 59.80 -12.37
C GLY H 69 -64.84 61.11 -13.14
N THR H 70 -65.99 61.79 -13.13
CA THR H 70 -66.11 63.09 -13.77
C THR H 70 -66.05 64.22 -12.76
N ASP H 71 -66.41 63.93 -11.52
CA ASP H 71 -66.72 64.95 -10.52
C ASP H 71 -65.55 65.04 -9.55
N PHE H 72 -64.98 66.24 -9.41
CA PHE H 72 -63.86 66.44 -8.51
C PHE H 72 -64.10 67.69 -7.69
N THR H 73 -63.62 67.66 -6.45
CA THR H 73 -64.04 68.63 -5.45
C THR H 73 -62.83 69.17 -4.70
N LEU H 74 -62.75 70.50 -4.60
CA LEU H 74 -61.79 71.19 -3.76
C LEU H 74 -62.52 71.63 -2.50
N THR H 75 -62.18 71.02 -1.38
CA THR H 75 -62.86 71.24 -0.11
C THR H 75 -61.97 72.15 0.74
N ILE H 76 -62.10 73.44 0.55
CA ILE H 76 -61.41 74.41 1.38
C ILE H 76 -62.24 74.61 2.63
N SER H 77 -61.61 74.51 3.79
CA SER H 77 -62.30 74.62 5.06
C SER H 77 -61.54 75.58 5.97
N SER H 78 -62.30 76.34 6.77
CA SER H 78 -61.80 77.33 7.72
C SER H 78 -60.88 78.35 7.03
N LEU H 79 -61.49 79.13 6.15
CA LEU H 79 -60.76 79.87 5.12
C LEU H 79 -59.90 80.97 5.72
N GLN H 80 -58.61 80.89 5.44
CA GLN H 80 -57.56 81.67 6.07
C GLN H 80 -57.23 82.89 5.25
N PRO H 81 -56.76 83.98 5.88
CA PRO H 81 -56.43 85.20 5.14
C PRO H 81 -55.29 85.06 4.12
N GLU H 82 -54.48 84.01 4.20
CA GLU H 82 -53.48 83.75 3.17
C GLU H 82 -54.01 82.89 2.04
N ASP H 83 -55.16 82.26 2.20
CA ASP H 83 -55.66 81.34 1.19
C ASP H 83 -56.38 82.05 0.04
N PHE H 84 -56.46 83.37 0.05
CA PHE H 84 -57.18 84.11 -0.97
C PHE H 84 -56.25 84.33 -2.17
N ALA H 85 -56.36 83.49 -3.18
CA ALA H 85 -55.49 83.54 -4.36
C ALA H 85 -56.20 82.86 -5.53
N THR H 86 -55.46 82.68 -6.63
CA THR H 86 -56.00 82.08 -7.84
C THR H 86 -55.59 80.62 -7.92
N TYR H 87 -56.58 79.73 -7.98
CA TYR H 87 -56.34 78.30 -7.83
C TYR H 87 -56.68 77.59 -9.14
N TYR H 88 -56.30 76.32 -9.21
CA TYR H 88 -56.39 75.55 -10.45
C TYR H 88 -56.57 74.07 -10.17
N CYS H 89 -57.38 73.43 -11.02
CA CYS H 89 -57.42 71.98 -11.09
C CYS H 89 -56.58 71.48 -12.25
N GLN H 90 -56.47 70.16 -12.36
CA GLN H 90 -55.48 69.55 -13.24
C GLN H 90 -55.82 68.09 -13.54
N GLN H 91 -55.89 67.76 -14.83
CA GLN H 91 -55.93 66.37 -15.25
C GLN H 91 -54.51 65.87 -15.47
N SER H 92 -54.33 64.56 -15.34
CA SER H 92 -53.16 63.89 -15.88
C SER H 92 -53.54 62.55 -16.49
N TYR H 93 -54.80 62.45 -16.94
CA TYR H 93 -55.33 61.18 -17.42
C TYR H 93 -54.73 60.80 -18.74
N SER H 94 -54.87 61.66 -19.73
CA SER H 94 -54.37 61.39 -21.08
C SER H 94 -53.38 62.47 -21.48
N THR H 95 -52.91 62.35 -22.68
CA THR H 95 -52.22 63.44 -23.34
C THR H 95 -53.12 63.98 -24.44
N PRO H 96 -53.38 65.30 -24.52
CA PRO H 96 -52.86 66.45 -23.76
C PRO H 96 -53.43 66.64 -22.36
N ARG H 97 -52.61 67.19 -21.49
CA ARG H 97 -53.08 67.66 -20.19
C ARG H 97 -53.67 69.04 -20.37
N THR H 98 -54.80 69.28 -19.71
CA THR H 98 -55.35 70.61 -19.63
C THR H 98 -55.52 70.95 -18.16
N PHE H 99 -55.58 72.24 -17.88
CA PHE H 99 -55.76 72.72 -16.52
C PHE H 99 -57.08 73.47 -16.52
N GLY H 100 -57.66 73.65 -15.35
CA GLY H 100 -58.87 74.46 -15.26
C GLY H 100 -58.58 75.93 -15.53
N GLN H 101 -59.65 76.70 -15.72
CA GLN H 101 -59.45 78.12 -16.00
C GLN H 101 -59.07 78.92 -14.77
N GLY H 102 -59.15 78.34 -13.58
CA GLY H 102 -58.76 79.04 -12.38
C GLY H 102 -59.96 79.51 -11.58
N THR H 103 -59.79 79.56 -10.27
CA THR H 103 -60.81 80.10 -9.39
C THR H 103 -60.13 81.01 -8.38
N LYS H 104 -60.43 82.30 -8.46
CA LYS H 104 -59.82 83.29 -7.59
C LYS H 104 -60.69 83.46 -6.36
N VAL H 105 -60.23 82.94 -5.24
CA VAL H 105 -60.87 83.19 -3.94
C VAL H 105 -60.27 84.47 -3.39
N GLU H 106 -61.13 85.42 -3.06
CA GLU H 106 -60.70 86.77 -2.77
C GLU H 106 -61.58 87.38 -1.70
N ILE H 107 -61.05 88.41 -1.04
CA ILE H 107 -61.66 88.92 0.18
C ILE H 107 -62.88 89.77 -0.15
N LYS H 108 -63.99 89.48 0.52
CA LYS H 108 -65.25 90.16 0.29
C LYS H 108 -65.27 91.53 0.92
N ASP I 2 -84.45 -20.53 -37.04
CA ASP I 2 -83.59 -19.92 -38.03
C ASP I 2 -83.86 -18.43 -38.16
N ILE I 3 -82.97 -17.74 -38.86
CA ILE I 3 -83.17 -16.33 -39.16
C ILE I 3 -83.69 -16.22 -40.58
N GLN I 4 -84.88 -15.65 -40.72
CA GLN I 4 -85.51 -15.49 -42.01
C GLN I 4 -84.98 -14.25 -42.70
N LEU I 5 -84.77 -14.35 -44.00
CA LEU I 5 -84.47 -13.20 -44.83
C LEU I 5 -85.69 -12.83 -45.66
N THR I 6 -85.74 -11.59 -46.09
CA THR I 6 -86.83 -11.09 -46.92
C THR I 6 -86.21 -10.18 -47.97
N GLN I 7 -86.03 -10.70 -49.16
CA GLN I 7 -85.44 -9.95 -50.27
C GLN I 7 -86.56 -9.44 -51.15
N SER I 8 -86.64 -8.12 -51.29
CA SER I 8 -87.73 -7.55 -52.04
C SER I 8 -87.22 -6.43 -52.94
N PRO I 9 -87.66 -6.37 -54.20
CA PRO I 9 -88.49 -7.38 -54.88
C PRO I 9 -87.62 -8.53 -55.35
N SER I 10 -88.21 -9.70 -55.59
CA SER I 10 -87.44 -10.84 -56.03
C SER I 10 -87.07 -10.78 -57.51
N SER I 11 -87.61 -9.81 -58.25
CA SER I 11 -87.12 -9.47 -59.58
C SER I 11 -87.51 -8.04 -59.87
N LEU I 12 -86.76 -7.41 -60.78
CA LEU I 12 -87.13 -6.09 -61.26
C LEU I 12 -86.52 -5.90 -62.64
N SER I 13 -87.37 -5.91 -63.66
CA SER I 13 -86.97 -5.70 -65.03
C SER I 13 -86.75 -4.21 -65.26
N ALA I 14 -85.52 -3.85 -65.62
CA ALA I 14 -85.09 -2.47 -65.52
C ALA I 14 -84.54 -1.98 -66.84
N SER I 15 -84.12 -0.71 -66.84
CA SER I 15 -83.70 -0.01 -68.05
C SER I 15 -82.34 0.65 -67.81
N VAL I 16 -81.87 1.37 -68.83
CA VAL I 16 -80.52 1.90 -68.83
C VAL I 16 -80.44 3.14 -67.96
N GLY I 17 -79.44 3.18 -67.07
CA GLY I 17 -79.20 4.36 -66.26
C GLY I 17 -80.06 4.50 -65.05
N ASP I 18 -80.72 3.43 -64.61
CA ASP I 18 -81.62 3.49 -63.47
C ASP I 18 -80.87 3.64 -62.16
N ARG I 19 -81.64 3.71 -61.08
CA ARG I 19 -81.10 3.67 -59.72
C ARG I 19 -82.01 2.75 -58.92
N VAL I 20 -81.70 1.45 -58.92
CA VAL I 20 -82.54 0.40 -58.36
C VAL I 20 -82.16 0.20 -56.90
N THR I 21 -83.17 0.11 -56.04
CA THR I 21 -82.97 -0.16 -54.62
C THR I 21 -83.49 -1.55 -54.33
N ILE I 22 -82.59 -2.54 -54.30
CA ILE I 22 -82.96 -3.91 -54.01
C ILE I 22 -82.84 -4.11 -52.50
N THR I 23 -83.95 -4.33 -51.86
CA THR I 23 -84.04 -4.39 -50.41
C THR I 23 -83.91 -5.82 -49.92
N CYS I 24 -83.12 -6.01 -48.88
CA CYS I 24 -83.05 -7.28 -48.17
C CYS I 24 -83.43 -6.97 -46.74
N ARG I 25 -84.57 -7.48 -46.31
CA ARG I 25 -85.03 -7.29 -44.95
C ARG I 25 -84.74 -8.53 -44.13
N ALA I 26 -84.67 -8.35 -42.82
CA ALA I 26 -84.24 -9.41 -41.93
C ALA I 26 -85.27 -9.66 -40.85
N SER I 27 -85.34 -10.90 -40.39
CA SER I 27 -86.25 -11.24 -39.32
C SER I 27 -85.74 -10.82 -37.96
N GLN I 28 -84.43 -10.66 -37.80
CA GLN I 28 -83.83 -10.23 -36.55
C GLN I 28 -83.07 -8.95 -36.77
N SER I 29 -82.52 -8.41 -35.69
CA SER I 29 -81.66 -7.23 -35.77
C SER I 29 -80.21 -7.69 -35.96
N ILE I 30 -79.72 -7.60 -37.18
CA ILE I 30 -78.37 -8.00 -37.55
C ILE I 30 -77.57 -6.72 -37.71
N SER I 31 -76.39 -6.67 -37.07
CA SER I 31 -75.59 -5.45 -36.93
C SER I 31 -75.23 -4.79 -38.24
N SER I 32 -74.37 -5.42 -39.03
CA SER I 32 -74.22 -5.07 -40.43
C SER I 32 -73.95 -6.26 -41.32
N TYR I 33 -74.15 -7.47 -40.82
CA TYR I 33 -73.54 -8.66 -41.40
C TYR I 33 -74.37 -9.11 -42.59
N LEU I 34 -74.26 -8.37 -43.69
CA LEU I 34 -75.00 -8.68 -44.89
C LEU I 34 -74.18 -8.28 -46.10
N ASN I 35 -74.30 -9.06 -47.16
CA ASN I 35 -73.44 -8.90 -48.32
C ASN I 35 -74.30 -8.84 -49.57
N TRP I 36 -73.64 -8.78 -50.72
CA TRP I 36 -74.32 -8.72 -52.01
C TRP I 36 -73.47 -9.40 -53.07
N TYR I 37 -74.11 -10.03 -54.04
CA TYR I 37 -73.39 -10.81 -55.01
C TYR I 37 -73.84 -10.54 -56.43
N GLN I 38 -72.91 -10.62 -57.37
CA GLN I 38 -73.26 -10.66 -58.79
C GLN I 38 -73.25 -12.11 -59.27
N GLN I 39 -74.35 -12.53 -59.91
CA GLN I 39 -74.35 -13.81 -60.60
C GLN I 39 -75.08 -13.71 -61.93
N LYS I 40 -74.31 -13.65 -63.02
CA LYS I 40 -74.97 -14.07 -64.25
C LYS I 40 -75.17 -15.59 -64.19
N PRO I 41 -76.29 -16.10 -64.70
CA PRO I 41 -76.66 -17.50 -64.41
C PRO I 41 -75.70 -18.52 -65.02
N GLY I 42 -74.94 -19.17 -64.15
CA GLY I 42 -73.86 -20.05 -64.54
C GLY I 42 -72.48 -19.59 -64.11
N LYS I 43 -72.38 -18.41 -63.51
CA LYS I 43 -71.10 -17.86 -63.09
C LYS I 43 -70.86 -18.16 -61.61
N ALA I 44 -69.76 -17.63 -61.10
CA ALA I 44 -69.49 -17.68 -59.68
C ALA I 44 -70.00 -16.41 -59.03
N PRO I 45 -70.54 -16.48 -57.81
CA PRO I 45 -71.11 -15.27 -57.19
C PRO I 45 -70.03 -14.29 -56.77
N LYS I 46 -69.91 -13.22 -57.55
CA LYS I 46 -68.91 -12.17 -57.34
C LYS I 46 -69.43 -11.23 -56.27
N LEU I 47 -68.71 -11.17 -55.15
CA LEU I 47 -69.09 -10.34 -54.00
C LEU I 47 -69.10 -8.86 -54.36
N LEU I 48 -70.13 -8.16 -53.89
CA LEU I 48 -70.29 -6.74 -54.22
C LEU I 48 -70.08 -5.83 -53.02
N ILE I 49 -70.77 -6.06 -51.92
CA ILE I 49 -70.64 -5.25 -50.71
C ILE I 49 -70.33 -6.19 -49.55
N TYR I 50 -69.42 -5.77 -48.67
CA TYR I 50 -69.20 -6.52 -47.45
C TYR I 50 -69.53 -5.62 -46.28
N ALA I 51 -70.10 -6.22 -45.23
CA ALA I 51 -70.63 -5.56 -44.03
C ALA I 51 -71.69 -4.51 -44.35
N ALA I 52 -72.39 -4.67 -45.48
CA ALA I 52 -73.55 -3.91 -45.90
C ALA I 52 -73.32 -2.43 -46.13
N SER I 53 -72.11 -1.92 -45.92
CA SER I 53 -71.81 -0.51 -46.07
C SER I 53 -70.43 -0.23 -46.65
N SER I 54 -69.85 -1.16 -47.39
CA SER I 54 -68.48 -0.99 -47.85
C SER I 54 -68.32 -1.55 -49.26
N LEU I 55 -67.67 -0.79 -50.13
CA LEU I 55 -67.49 -1.18 -51.52
C LEU I 55 -66.45 -2.28 -51.66
N GLN I 56 -66.20 -2.68 -52.89
CA GLN I 56 -65.27 -3.78 -53.14
C GLN I 56 -64.39 -3.44 -54.34
N SER I 57 -63.19 -4.02 -54.33
CA SER I 57 -62.25 -3.90 -55.44
C SER I 57 -62.84 -4.40 -56.74
N GLY I 58 -62.58 -3.66 -57.83
CA GLY I 58 -63.15 -3.96 -59.12
C GLY I 58 -64.56 -3.45 -59.33
N VAL I 59 -65.32 -3.22 -58.27
CA VAL I 59 -66.70 -2.79 -58.35
C VAL I 59 -66.75 -1.31 -57.97
N PRO I 60 -67.04 -0.41 -58.91
CA PRO I 60 -67.13 1.02 -58.58
C PRO I 60 -68.36 1.34 -57.74
N SER I 61 -68.53 2.64 -57.48
CA SER I 61 -69.60 3.11 -56.61
C SER I 61 -70.94 3.23 -57.30
N ARG I 62 -71.10 2.67 -58.51
CA ARG I 62 -72.42 2.48 -59.08
C ARG I 62 -73.29 1.54 -58.24
N PHE I 63 -72.67 0.66 -57.45
CA PHE I 63 -73.32 -0.08 -56.39
C PHE I 63 -72.94 0.62 -55.09
N SER I 64 -73.84 0.58 -54.10
CA SER I 64 -73.68 1.35 -52.87
C SER I 64 -74.59 0.78 -51.79
N GLY I 65 -74.01 0.26 -50.72
CA GLY I 65 -74.80 -0.36 -49.68
C GLY I 65 -74.99 0.53 -48.48
N SER I 66 -76.11 0.30 -47.79
CA SER I 66 -76.38 0.94 -46.51
C SER I 66 -77.45 0.13 -45.78
N GLY I 67 -77.66 0.46 -44.52
CA GLY I 67 -78.66 -0.17 -43.69
C GLY I 67 -78.03 -0.95 -42.54
N SER I 68 -78.89 -1.26 -41.57
CA SER I 68 -78.49 -2.00 -40.38
C SER I 68 -79.73 -2.55 -39.70
N GLY I 69 -79.50 -3.38 -38.68
CA GLY I 69 -80.61 -3.91 -37.91
C GLY I 69 -81.37 -4.97 -38.69
N THR I 70 -82.59 -4.61 -39.11
CA THR I 70 -83.39 -5.50 -39.93
C THR I 70 -83.36 -5.11 -41.39
N ASP I 71 -83.09 -3.84 -41.67
CA ASP I 71 -83.32 -3.25 -42.97
C ASP I 71 -81.99 -3.09 -43.68
N PHE I 72 -81.87 -3.66 -44.88
CA PHE I 72 -80.64 -3.58 -45.64
C PHE I 72 -80.97 -3.22 -47.07
N THR I 73 -80.08 -2.46 -47.70
CA THR I 73 -80.38 -1.79 -48.95
C THR I 73 -79.27 -1.96 -49.95
N LEU I 74 -79.63 -2.37 -51.16
CA LEU I 74 -78.73 -2.42 -52.31
C LEU I 74 -79.03 -1.20 -53.17
N THR I 75 -78.09 -0.27 -53.21
CA THR I 75 -78.26 1.00 -53.89
C THR I 75 -77.50 0.92 -55.20
N ILE I 76 -78.13 0.41 -56.23
CA ILE I 76 -77.57 0.40 -57.57
C ILE I 76 -77.87 1.73 -58.20
N SER I 77 -76.84 2.39 -58.74
CA SER I 77 -76.98 3.71 -59.32
C SER I 77 -76.32 3.74 -60.70
N SER I 78 -76.94 4.49 -61.62
CA SER I 78 -76.49 4.66 -63.00
C SER I 78 -76.33 3.31 -63.71
N LEU I 79 -77.47 2.65 -63.88
CA LEU I 79 -77.50 1.21 -64.17
C LEU I 79 -76.93 0.89 -65.54
N GLN I 80 -75.91 0.04 -65.53
CA GLN I 80 -75.04 -0.24 -66.66
C GLN I 80 -75.51 -1.48 -67.40
N PRO I 81 -75.25 -1.57 -68.71
CA PRO I 81 -75.68 -2.76 -69.48
C PRO I 81 -75.06 -4.08 -69.06
N GLU I 82 -73.96 -4.06 -68.29
CA GLU I 82 -73.41 -5.30 -67.75
C GLU I 82 -74.00 -5.65 -66.40
N ASP I 83 -74.70 -4.72 -65.74
CA ASP I 83 -75.18 -4.97 -64.40
C ASP I 83 -76.48 -5.77 -64.37
N PHE I 84 -77.02 -6.17 -65.51
CA PHE I 84 -78.29 -6.88 -65.57
C PHE I 84 -78.03 -8.37 -65.36
N ALA I 85 -78.22 -8.84 -64.13
CA ALA I 85 -77.93 -10.23 -63.76
C ALA I 85 -78.75 -10.57 -62.51
N THR I 86 -78.49 -11.76 -61.96
CA THR I 86 -79.20 -12.26 -60.79
C THR I 86 -78.36 -12.02 -59.54
N TYR I 87 -78.92 -11.28 -58.58
CA TYR I 87 -78.15 -10.81 -57.45
C TYR I 87 -78.69 -11.43 -56.17
N TYR I 88 -77.95 -11.25 -55.08
CA TYR I 88 -78.22 -11.93 -53.82
C TYR I 88 -77.75 -11.12 -52.63
N CYS I 89 -78.54 -11.16 -51.56
CA CYS I 89 -78.08 -10.71 -50.25
C CYS I 89 -77.65 -11.90 -49.40
N GLN I 90 -77.13 -11.60 -48.21
CA GLN I 90 -76.40 -12.58 -47.42
C GLN I 90 -76.29 -12.17 -45.97
N GLN I 91 -76.73 -13.05 -45.07
CA GLN I 91 -76.43 -12.88 -43.65
C GLN I 91 -75.13 -13.60 -43.33
N SER I 92 -74.46 -13.15 -42.28
CA SER I 92 -73.44 -13.92 -41.61
C SER I 92 -73.53 -13.77 -40.10
N TYR I 93 -74.73 -13.47 -39.61
CA TYR I 93 -74.93 -13.15 -38.21
C TYR I 93 -74.79 -14.38 -37.34
N SER I 94 -75.59 -15.40 -37.62
CA SER I 94 -75.59 -16.62 -36.84
C SER I 94 -75.27 -17.80 -37.74
N THR I 95 -75.29 -18.95 -37.15
CA THR I 95 -75.34 -20.21 -37.89
C THR I 95 -76.72 -20.80 -37.71
N PRO I 96 -77.44 -21.18 -38.79
CA PRO I 96 -77.12 -21.22 -40.23
C PRO I 96 -77.13 -19.90 -40.96
N ARG I 97 -76.29 -19.80 -41.98
CA ARG I 97 -76.36 -18.68 -42.90
C ARG I 97 -77.43 -19.00 -43.94
N THR I 98 -78.21 -17.98 -44.28
CA THR I 98 -79.12 -18.10 -45.41
C THR I 98 -78.82 -16.96 -46.35
N PHE I 99 -79.22 -17.15 -47.59
CA PHE I 99 -79.02 -16.13 -48.61
C PHE I 99 -80.41 -15.74 -49.08
N GLY I 100 -80.53 -14.56 -49.70
CA GLY I 100 -81.81 -14.17 -50.26
C GLY I 100 -82.18 -15.02 -51.46
N GLN I 101 -83.44 -14.89 -51.88
CA GLN I 101 -83.89 -15.70 -53.02
C GLN I 101 -83.36 -15.17 -54.34
N GLY I 102 -82.77 -13.99 -54.38
CA GLY I 102 -82.22 -13.47 -55.60
C GLY I 102 -83.11 -12.40 -56.20
N THR I 103 -82.48 -11.45 -56.89
CA THR I 103 -83.20 -10.41 -57.61
C THR I 103 -82.55 -10.27 -58.97
N LYS I 104 -83.29 -10.61 -60.02
CA LYS I 104 -82.79 -10.56 -61.38
C LYS I 104 -83.12 -9.19 -61.98
N VAL I 105 -82.11 -8.35 -62.11
CA VAL I 105 -82.24 -7.10 -62.83
C VAL I 105 -81.98 -7.38 -64.29
N GLU I 106 -82.93 -7.01 -65.15
CA GLU I 106 -82.91 -7.46 -66.52
C GLU I 106 -83.48 -6.37 -67.42
N ILE I 107 -83.14 -6.45 -68.71
CA ILE I 107 -83.36 -5.34 -69.63
C ILE I 107 -84.83 -5.29 -70.03
N LYS I 108 -85.42 -4.11 -69.91
CA LYS I 108 -86.83 -3.89 -70.21
C LYS I 108 -87.09 -3.85 -71.70
#